data_2BID
#
_entry.id   2BID
#
_cell.length_a   1.000
_cell.length_b   1.000
_cell.length_c   1.000
_cell.angle_alpha   90.00
_cell.angle_beta   90.00
_cell.angle_gamma   90.00
#
_symmetry.space_group_name_H-M   'P 1'
#
_entity_poly.entity_id   1
_entity_poly.type   'polypeptide(L)'
_entity_poly.pdbx_seq_one_letter_code
;GSMDCEVNNGSSLRDECITNLLVFGFLQSCSDNSFRRELDALGHELPVLAPQWEGYDELQTDGNRSSHSRLGRIEADSES
QEDIIRNIARHLAQVGDSMDRSIPPGLVNGLALQLRNTSRSEEDRNRDLATALEQLLQAYPRDMEKEKTMLVLALLLAKK
VASHTPSLLRDVFHTTVNFINQNLRTYVRSLARNGMD
;
_entity_poly.pdbx_strand_id   A
#
# COMPACT_ATOMS: atom_id res chain seq x y z
N GLY A 1 43.61 -2.60 -21.35
CA GLY A 1 42.93 -1.30 -21.62
C GLY A 1 41.46 -1.47 -21.96
N SER A 2 40.73 -0.36 -21.95
CA SER A 2 39.31 -0.39 -22.28
C SER A 2 38.52 -1.09 -21.17
N MET A 3 37.19 -1.15 -21.35
CA MET A 3 36.32 -1.78 -20.38
C MET A 3 35.49 -2.88 -21.03
N ASP A 4 36.08 -4.07 -21.18
CA ASP A 4 35.40 -5.20 -21.78
C ASP A 4 35.82 -6.50 -21.11
N CYS A 5 36.13 -6.42 -19.82
CA CYS A 5 36.55 -7.60 -19.06
C CYS A 5 35.46 -8.04 -18.10
N GLU A 6 34.47 -8.76 -18.61
CA GLU A 6 33.36 -9.23 -17.79
C GLU A 6 32.46 -8.09 -17.37
N VAL A 7 33.03 -7.11 -16.68
CA VAL A 7 32.27 -5.96 -16.21
C VAL A 7 31.64 -5.21 -17.38
N ASN A 8 30.33 -5.40 -17.56
CA ASN A 8 29.61 -4.75 -18.64
C ASN A 8 28.45 -3.93 -18.10
N ASN A 9 28.77 -2.93 -17.27
CA ASN A 9 27.76 -2.07 -16.67
C ASN A 9 28.24 -0.62 -16.65
N GLY A 10 27.38 0.28 -17.11
CA GLY A 10 27.73 1.69 -17.13
C GLY A 10 26.51 2.59 -17.20
N SER A 11 25.73 2.45 -18.27
CA SER A 11 24.53 3.25 -18.46
C SER A 11 23.67 2.69 -19.57
N SER A 12 22.42 3.14 -19.64
CA SER A 12 21.48 2.67 -20.66
C SER A 12 20.36 3.68 -20.86
N LEU A 13 20.35 4.33 -22.02
CA LEU A 13 19.32 5.32 -22.34
C LEU A 13 18.01 4.63 -22.69
N ARG A 14 17.14 4.47 -21.70
CA ARG A 14 15.84 3.84 -21.90
C ARG A 14 14.73 4.62 -21.21
N ASP A 15 14.49 5.84 -21.67
CA ASP A 15 13.46 6.69 -21.10
C ASP A 15 12.52 7.21 -22.18
N GLU A 16 11.92 6.29 -22.93
CA GLU A 16 11.00 6.65 -24.00
C GLU A 16 9.80 7.42 -23.45
N CYS A 17 9.52 7.24 -22.17
CA CYS A 17 8.39 7.91 -21.51
C CYS A 17 8.28 9.34 -22.01
N ILE A 18 9.40 9.92 -22.39
CA ILE A 18 9.44 11.29 -22.87
C ILE A 18 8.94 11.41 -24.30
N THR A 19 9.40 10.54 -25.18
CA THR A 19 8.98 10.58 -26.57
C THR A 19 7.46 10.58 -26.65
N ASN A 20 6.84 9.59 -26.02
CA ASN A 20 5.38 9.50 -26.01
C ASN A 20 4.79 10.79 -25.44
N LEU A 21 5.36 11.23 -24.32
CA LEU A 21 4.91 12.47 -23.68
C LEU A 21 4.82 13.59 -24.71
N LEU A 22 5.94 13.87 -25.33
CA LEU A 22 6.00 14.93 -26.35
C LEU A 22 4.78 14.89 -27.26
N VAL A 23 4.66 13.82 -28.05
CA VAL A 23 3.53 13.69 -28.97
C VAL A 23 2.21 14.03 -28.26
N PHE A 24 2.03 13.52 -27.05
CA PHE A 24 0.81 13.82 -26.30
C PHE A 24 0.59 15.32 -26.29
N GLY A 25 1.46 16.01 -25.58
CA GLY A 25 1.38 17.46 -25.50
C GLY A 25 1.32 18.07 -26.89
N PHE A 26 2.20 17.62 -27.77
CA PHE A 26 2.23 18.12 -29.14
C PHE A 26 0.86 18.02 -29.76
N LEU A 27 0.32 16.81 -29.79
CA LEU A 27 -1.00 16.55 -30.36
C LEU A 27 -2.09 17.07 -29.44
N GLN A 28 -1.74 17.42 -28.21
CA GLN A 28 -2.70 17.94 -27.25
C GLN A 28 -3.13 19.36 -27.62
N SER A 29 -2.15 20.23 -27.82
CA SER A 29 -2.43 21.61 -28.18
C SER A 29 -2.72 21.73 -29.67
N CYS A 30 -2.34 20.69 -30.41
CA CYS A 30 -2.56 20.66 -31.85
C CYS A 30 -3.94 21.19 -32.22
N SER A 31 -4.93 20.92 -31.38
CA SER A 31 -6.30 21.36 -31.63
C SER A 31 -6.96 21.84 -30.34
N ASP A 32 -6.15 22.05 -29.31
CA ASP A 32 -6.67 22.51 -28.02
C ASP A 32 -7.76 21.60 -27.51
N ASN A 33 -8.58 22.11 -26.59
CA ASN A 33 -9.68 21.35 -26.01
C ASN A 33 -10.64 20.88 -27.10
N SER A 34 -11.87 20.55 -26.70
CA SER A 34 -12.88 20.08 -27.62
C SER A 34 -12.46 18.78 -28.29
N PHE A 35 -11.60 18.03 -27.60
CA PHE A 35 -11.11 16.75 -28.11
C PHE A 35 -10.11 16.14 -27.14
N ARG A 36 -10.36 16.34 -25.85
CA ARG A 36 -9.49 15.83 -24.81
C ARG A 36 -9.74 14.35 -24.54
N ARG A 37 -10.97 14.03 -24.16
CA ARG A 37 -11.35 12.66 -23.87
C ARG A 37 -10.69 11.72 -24.86
N GLU A 38 -10.52 12.21 -26.07
CA GLU A 38 -9.91 11.43 -27.13
C GLU A 38 -8.48 11.06 -26.77
N LEU A 39 -7.66 12.07 -26.50
CA LEU A 39 -6.26 11.86 -26.13
C LEU A 39 -6.17 11.01 -24.87
N ASP A 40 -7.07 11.28 -23.92
CA ASP A 40 -7.11 10.54 -22.68
C ASP A 40 -7.20 9.04 -22.95
N ALA A 41 -7.92 8.69 -24.01
CA ALA A 41 -8.06 7.29 -24.40
C ALA A 41 -6.80 6.79 -25.08
N LEU A 42 -6.10 7.70 -25.75
CA LEU A 42 -4.86 7.35 -26.45
C LEU A 42 -3.86 6.75 -25.48
N GLY A 43 -3.52 7.51 -24.44
CA GLY A 43 -2.57 7.03 -23.46
C GLY A 43 -3.05 5.78 -22.75
N HIS A 44 -4.32 5.45 -22.94
CA HIS A 44 -4.91 4.26 -22.31
C HIS A 44 -4.39 2.98 -22.96
N GLU A 45 -3.58 3.14 -24.01
CA GLU A 45 -3.02 1.98 -24.71
C GLU A 45 -1.65 2.34 -25.30
N LEU A 46 -1.08 3.42 -24.78
CA LEU A 46 0.20 3.91 -25.25
C LEU A 46 1.23 3.86 -24.12
N PRO A 47 1.33 2.71 -23.44
CA PRO A 47 2.27 2.52 -22.33
C PRO A 47 3.71 2.38 -22.80
N VAL A 48 4.58 1.91 -21.90
CA VAL A 48 5.99 1.74 -22.21
C VAL A 48 6.58 0.58 -21.41
N LEU A 49 7.00 -0.46 -22.12
CA LEU A 49 7.58 -1.63 -21.47
C LEU A 49 8.49 -1.23 -20.32
N ALA A 50 9.54 -0.49 -20.63
CA ALA A 50 10.48 -0.04 -19.62
C ALA A 50 11.13 -1.21 -18.90
N PRO A 51 12.28 -0.98 -18.26
CA PRO A 51 13.01 -2.03 -17.53
C PRO A 51 12.14 -2.73 -16.50
N GLN A 52 11.05 -2.07 -16.09
CA GLN A 52 10.15 -2.63 -15.10
C GLN A 52 8.99 -1.67 -14.81
N TRP A 53 8.06 -2.13 -13.96
CA TRP A 53 6.91 -1.31 -13.61
C TRP A 53 6.89 -1.05 -12.09
N GLU A 54 6.65 -2.10 -11.31
CA GLU A 54 6.61 -1.98 -9.86
C GLU A 54 6.71 -3.35 -9.20
N GLY A 55 7.75 -4.10 -9.54
CA GLY A 55 7.95 -5.41 -8.97
C GLY A 55 8.33 -5.36 -7.50
N TYR A 56 8.89 -4.24 -7.08
CA TYR A 56 9.31 -4.08 -5.69
C TYR A 56 8.25 -4.62 -4.73
N ASP A 57 7.22 -3.81 -4.49
CA ASP A 57 6.13 -4.22 -3.59
C ASP A 57 4.87 -4.54 -4.38
N GLU A 58 3.80 -4.89 -3.67
CA GLU A 58 2.53 -5.22 -4.31
C GLU A 58 1.40 -4.37 -3.73
N LEU A 59 1.71 -3.59 -2.71
CA LEU A 59 0.73 -2.73 -2.07
C LEU A 59 0.51 -1.47 -2.89
N GLN A 60 0.12 -0.39 -2.22
CA GLN A 60 -0.13 0.89 -2.89
C GLN A 60 1.17 1.71 -2.97
N THR A 61 1.02 3.00 -3.25
CA THR A 61 2.18 3.89 -3.34
C THR A 61 1.94 5.17 -2.56
N ASP A 62 0.89 5.17 -1.74
CA ASP A 62 0.56 6.34 -0.94
C ASP A 62 0.74 7.63 -1.73
N GLY A 63 -0.18 7.87 -2.66
CA GLY A 63 -0.10 9.07 -3.47
C GLY A 63 -0.50 10.32 -2.71
N ASN A 64 -0.78 11.40 -3.44
CA ASN A 64 -1.18 12.66 -2.81
C ASN A 64 -2.37 12.46 -1.89
N ARG A 65 -3.31 11.63 -2.32
CA ARG A 65 -4.51 11.35 -1.54
C ARG A 65 -5.39 12.57 -1.42
N SER A 66 -6.71 12.37 -1.54
CA SER A 66 -7.65 13.47 -1.46
C SER A 66 -7.72 14.25 -2.77
N SER A 67 -8.61 15.22 -2.84
CA SER A 67 -8.77 16.04 -4.03
C SER A 67 -7.44 16.65 -4.45
N HIS A 68 -7.48 17.52 -5.45
CA HIS A 68 -6.27 18.18 -5.94
C HIS A 68 -6.49 19.67 -6.12
N SER A 69 -6.00 20.45 -5.16
CA SER A 69 -6.14 21.91 -5.21
C SER A 69 -5.00 22.52 -5.99
N ARG A 70 -5.13 22.54 -7.31
CA ARG A 70 -4.09 23.11 -8.18
C ARG A 70 -4.46 24.51 -8.63
N LEU A 71 -5.73 24.71 -8.98
CA LEU A 71 -6.21 26.01 -9.43
C LEU A 71 -5.35 26.51 -10.60
N GLY A 72 -4.74 25.58 -11.30
CA GLY A 72 -3.89 25.93 -12.43
C GLY A 72 -2.65 26.68 -12.01
N ARG A 73 -2.36 26.67 -10.71
CA ARG A 73 -1.19 27.35 -10.17
C ARG A 73 -0.08 26.36 -9.87
N ILE A 74 -0.19 25.18 -10.43
CA ILE A 74 0.81 24.13 -10.24
C ILE A 74 1.49 23.78 -11.55
N GLU A 75 0.93 24.26 -12.65
CA GLU A 75 1.48 24.00 -13.97
C GLU A 75 2.61 24.97 -14.29
N ALA A 76 2.77 25.97 -13.43
CA ALA A 76 3.82 26.97 -13.61
C ALA A 76 4.95 26.76 -12.62
N ASP A 77 5.26 25.49 -12.34
CA ASP A 77 6.31 25.15 -11.40
C ASP A 77 7.57 24.69 -12.12
N SER A 78 7.38 24.25 -13.36
CA SER A 78 8.47 23.78 -14.21
C SER A 78 9.63 23.24 -13.37
N GLU A 79 9.34 22.27 -12.50
CA GLU A 79 10.37 21.69 -11.64
C GLU A 79 10.70 20.27 -12.09
N SER A 80 9.69 19.41 -12.14
CA SER A 80 9.88 18.02 -12.54
C SER A 80 10.06 17.92 -14.06
N GLN A 81 11.13 17.26 -14.49
CA GLN A 81 11.40 17.09 -15.90
C GLN A 81 10.11 16.83 -16.68
N GLU A 82 9.28 15.93 -16.14
CA GLU A 82 8.01 15.61 -16.79
C GLU A 82 7.15 16.84 -16.95
N ASP A 83 7.19 17.71 -15.94
CA ASP A 83 6.43 18.94 -15.95
C ASP A 83 6.98 19.91 -17.00
N ILE A 84 8.29 19.87 -17.19
CA ILE A 84 8.96 20.73 -18.16
C ILE A 84 8.63 20.30 -19.58
N ILE A 85 9.06 19.09 -19.94
CA ILE A 85 8.81 18.55 -21.27
C ILE A 85 7.34 18.73 -21.66
N ARG A 86 6.46 18.67 -20.66
CA ARG A 86 5.03 18.81 -20.91
C ARG A 86 4.70 20.26 -21.30
N ASN A 87 5.00 21.19 -20.41
CA ASN A 87 4.73 22.61 -20.66
C ASN A 87 5.47 23.09 -21.90
N ILE A 88 6.62 22.50 -22.17
CA ILE A 88 7.43 22.88 -23.32
C ILE A 88 6.73 22.50 -24.63
N ALA A 89 6.18 21.29 -24.67
CA ALA A 89 5.49 20.81 -25.85
C ALA A 89 4.23 21.62 -26.14
N ARG A 90 3.37 21.75 -25.13
CA ARG A 90 2.13 22.51 -25.28
C ARG A 90 2.42 23.94 -25.71
N HIS A 91 3.58 24.45 -25.31
CA HIS A 91 3.97 25.82 -25.66
C HIS A 91 4.31 25.92 -27.14
N LEU A 92 5.48 25.39 -27.51
CA LEU A 92 5.91 25.43 -28.91
C LEU A 92 4.80 24.92 -29.81
N ALA A 93 4.09 23.89 -29.36
CA ALA A 93 2.99 23.32 -30.12
C ALA A 93 1.85 24.33 -30.25
N GLN A 94 1.75 25.23 -29.28
CA GLN A 94 0.72 26.25 -29.28
C GLN A 94 0.96 27.25 -30.41
N VAL A 95 2.19 27.77 -30.48
CA VAL A 95 2.55 28.71 -31.51
C VAL A 95 2.34 28.11 -32.90
N GLY A 96 2.78 26.86 -33.06
CA GLY A 96 2.62 26.19 -34.34
C GLY A 96 1.16 26.08 -34.74
N ASP A 97 0.29 25.91 -33.76
CA ASP A 97 -1.14 25.80 -34.02
C ASP A 97 -1.70 27.11 -34.57
N SER A 98 -1.46 28.19 -33.83
CA SER A 98 -1.93 29.51 -34.24
C SER A 98 -1.53 29.80 -35.69
N MET A 99 -0.30 29.45 -36.04
CA MET A 99 0.20 29.67 -37.39
C MET A 99 -0.34 28.61 -38.34
N ASP A 100 -0.88 27.53 -37.79
CA ASP A 100 -1.42 26.44 -38.60
C ASP A 100 -2.87 26.72 -38.98
N ARG A 101 -3.61 27.37 -38.07
CA ARG A 101 -5.00 27.70 -38.31
C ARG A 101 -5.23 28.08 -39.77
N SER A 102 -4.22 28.67 -40.39
CA SER A 102 -4.31 29.09 -41.78
C SER A 102 -3.67 28.04 -42.70
N ILE A 103 -4.09 26.79 -42.56
CA ILE A 103 -3.56 25.71 -43.37
C ILE A 103 -3.36 26.17 -44.82
N PRO A 104 -2.19 25.89 -45.40
CA PRO A 104 -1.87 26.26 -46.79
C PRO A 104 -2.86 25.67 -47.77
N PRO A 105 -2.55 25.76 -49.08
CA PRO A 105 -3.41 25.23 -50.14
C PRO A 105 -3.66 23.73 -49.99
N GLY A 106 -4.78 23.39 -49.35
CA GLY A 106 -5.11 22.00 -49.16
C GLY A 106 -3.90 21.13 -48.91
N LEU A 107 -3.37 21.19 -47.68
CA LEU A 107 -2.21 20.40 -47.31
C LEU A 107 -2.58 19.34 -46.28
N VAL A 108 -2.88 19.78 -45.07
CA VAL A 108 -3.27 18.87 -44.00
C VAL A 108 -4.09 17.71 -44.54
N ASN A 109 -5.12 18.05 -45.30
CA ASN A 109 -6.00 17.05 -45.87
C ASN A 109 -5.21 15.84 -46.36
N GLY A 110 -4.37 16.04 -47.37
CA GLY A 110 -3.58 14.95 -47.89
C GLY A 110 -2.86 14.19 -46.80
N LEU A 111 -2.15 14.92 -45.95
CA LEU A 111 -1.44 14.31 -44.84
C LEU A 111 -2.40 13.41 -44.08
N ALA A 112 -3.63 13.88 -43.93
CA ALA A 112 -4.67 13.13 -43.25
C ALA A 112 -5.09 11.97 -44.14
N LEU A 113 -4.94 12.16 -45.45
CA LEU A 113 -5.29 11.14 -46.43
C LEU A 113 -4.19 10.09 -46.49
N GLN A 114 -2.96 10.53 -46.25
CA GLN A 114 -1.81 9.65 -46.26
C GLN A 114 -1.74 8.89 -44.94
N LEU A 115 -1.92 9.61 -43.83
CA LEU A 115 -1.91 9.00 -42.52
C LEU A 115 -3.10 8.06 -42.36
N ARG A 116 -4.30 8.61 -42.54
CA ARG A 116 -5.53 7.83 -42.42
C ARG A 116 -5.29 6.36 -42.80
N ASN A 117 -5.00 6.13 -44.07
CA ASN A 117 -4.72 4.79 -44.59
C ASN A 117 -5.20 3.68 -43.67
N THR A 118 -6.48 3.72 -43.32
CA THR A 118 -7.07 2.70 -42.44
C THR A 118 -6.05 2.18 -41.43
N SER A 119 -5.91 0.86 -41.30
CA SER A 119 -4.96 0.27 -40.37
C SER A 119 -3.56 0.23 -40.95
N ARG A 120 -3.43 0.62 -42.22
CA ARG A 120 -2.12 0.62 -42.87
C ARG A 120 -1.26 1.73 -42.28
N SER A 121 -1.92 2.80 -41.86
CA SER A 121 -1.27 3.96 -41.25
C SER A 121 0.12 3.64 -40.73
N GLU A 122 0.20 3.07 -39.54
CA GLU A 122 1.50 2.75 -38.95
C GLU A 122 2.53 2.42 -40.03
N GLU A 123 2.11 1.64 -41.01
CA GLU A 123 2.97 1.25 -42.13
C GLU A 123 2.84 2.25 -43.27
N ASP A 124 1.64 2.34 -43.82
CA ASP A 124 1.36 3.26 -44.91
C ASP A 124 1.87 4.66 -44.56
N ARG A 125 1.72 5.02 -43.30
CA ARG A 125 2.17 6.31 -42.81
C ARG A 125 3.67 6.36 -42.78
N ASN A 126 4.26 5.38 -42.09
CA ASN A 126 5.71 5.33 -41.97
C ASN A 126 6.38 5.49 -43.33
N ARG A 127 5.99 4.66 -44.29
CA ARG A 127 6.56 4.76 -45.63
C ARG A 127 6.04 6.01 -46.33
N ASP A 128 4.98 6.59 -45.77
CA ASP A 128 4.39 7.80 -46.34
C ASP A 128 5.24 9.02 -46.02
N LEU A 129 5.42 9.30 -44.75
CA LEU A 129 6.23 10.43 -44.32
C LEU A 129 7.69 10.21 -44.69
N ALA A 130 8.20 9.03 -44.37
CA ALA A 130 9.57 8.70 -44.69
C ALA A 130 9.84 8.96 -46.16
N THR A 131 8.87 8.61 -47.01
CA THR A 131 9.00 8.81 -48.44
C THR A 131 8.75 10.28 -48.79
N ALA A 132 7.70 10.85 -48.20
CA ALA A 132 7.38 12.25 -48.45
C ALA A 132 8.51 13.14 -47.96
N LEU A 133 9.18 12.67 -46.91
CA LEU A 133 10.30 13.39 -46.33
C LEU A 133 11.46 13.43 -47.30
N GLU A 134 12.11 12.28 -47.47
CA GLU A 134 13.24 12.18 -48.38
C GLU A 134 12.91 12.84 -49.72
N GLN A 135 11.62 12.90 -50.01
CA GLN A 135 11.15 13.51 -51.26
C GLN A 135 11.46 15.00 -51.26
N LEU A 136 10.84 15.73 -50.33
CA LEU A 136 11.06 17.16 -50.22
C LEU A 136 12.53 17.45 -49.91
N LEU A 137 13.12 16.57 -49.11
CA LEU A 137 14.52 16.71 -48.73
C LEU A 137 15.43 16.43 -49.92
N GLN A 138 14.95 15.57 -50.82
CA GLN A 138 15.70 15.21 -52.01
C GLN A 138 16.16 16.44 -52.79
N ALA A 139 15.54 17.58 -52.51
CA ALA A 139 15.89 18.83 -53.18
C ALA A 139 16.64 19.73 -52.23
N TYR A 140 16.46 19.48 -50.95
CA TYR A 140 17.10 20.26 -49.91
C TYR A 140 18.41 19.61 -49.47
N PRO A 141 19.55 20.26 -49.80
CA PRO A 141 20.88 19.75 -49.45
C PRO A 141 20.99 19.37 -47.98
N ARG A 142 21.47 18.15 -47.73
CA ARG A 142 21.63 17.67 -46.36
C ARG A 142 23.07 17.83 -45.89
N ASP A 143 23.87 16.79 -46.09
CA ASP A 143 25.27 16.79 -45.70
C ASP A 143 25.42 16.73 -44.19
N MET A 144 24.79 17.66 -43.49
CA MET A 144 24.86 17.72 -42.03
C MET A 144 23.97 16.66 -41.40
N GLU A 145 22.68 16.95 -41.29
CA GLU A 145 21.72 16.01 -40.70
C GLU A 145 20.31 16.32 -41.17
N LYS A 146 19.53 15.27 -41.39
CA LYS A 146 18.15 15.41 -41.84
C LYS A 146 17.20 15.50 -40.66
N GLU A 147 17.60 14.91 -39.54
CA GLU A 147 16.78 14.90 -38.33
C GLU A 147 15.90 16.14 -38.22
N LYS A 148 16.53 17.29 -37.97
CA LYS A 148 15.80 18.55 -37.83
C LYS A 148 14.80 18.75 -38.96
N THR A 149 15.30 19.22 -40.10
CA THR A 149 14.45 19.47 -41.26
C THR A 149 13.52 18.31 -41.55
N MET A 150 14.06 17.09 -41.49
CA MET A 150 13.28 15.89 -41.76
C MET A 150 12.13 15.76 -40.77
N LEU A 151 12.45 15.79 -39.49
CA LEU A 151 11.44 15.66 -38.44
C LEU A 151 10.55 16.90 -38.40
N VAL A 152 11.15 18.08 -38.26
CA VAL A 152 10.39 19.32 -38.22
C VAL A 152 9.23 19.25 -39.20
N LEU A 153 9.54 18.83 -40.42
CA LEU A 153 8.55 18.71 -41.48
C LEU A 153 7.61 17.53 -41.19
N ALA A 154 8.08 16.33 -41.53
CA ALA A 154 7.30 15.12 -41.32
C ALA A 154 6.50 15.19 -40.03
N LEU A 155 7.17 15.52 -38.92
CA LEU A 155 6.51 15.61 -37.63
C LEU A 155 5.33 16.57 -37.71
N LEU A 156 5.57 17.77 -38.21
CA LEU A 156 4.53 18.77 -38.37
C LEU A 156 3.39 18.22 -39.23
N LEU A 157 3.76 17.49 -40.27
CA LEU A 157 2.79 16.90 -41.17
C LEU A 157 1.74 16.12 -40.39
N ALA A 158 2.19 15.17 -39.59
CA ALA A 158 1.29 14.37 -38.77
C ALA A 158 0.43 15.26 -37.89
N LYS A 159 1.04 15.80 -36.83
CA LYS A 159 0.32 16.68 -35.92
C LYS A 159 -0.65 17.56 -36.69
N LYS A 160 -0.28 17.90 -37.93
CA LYS A 160 -1.12 18.74 -38.77
C LYS A 160 -2.48 18.08 -39.01
N VAL A 161 -2.49 16.97 -39.76
CA VAL A 161 -3.74 16.27 -40.04
C VAL A 161 -4.60 16.25 -38.79
N ALA A 162 -4.01 15.83 -37.67
CA ALA A 162 -4.73 15.77 -36.41
C ALA A 162 -5.67 16.97 -36.27
N SER A 163 -5.17 18.14 -36.61
CA SER A 163 -5.96 19.36 -36.53
C SER A 163 -7.17 19.27 -37.44
N HIS A 164 -6.93 18.96 -38.71
CA HIS A 164 -8.00 18.82 -39.68
C HIS A 164 -8.84 17.58 -39.38
N THR A 165 -8.16 16.49 -39.06
CA THR A 165 -8.83 15.23 -38.73
C THR A 165 -8.43 14.76 -37.34
N PRO A 166 -9.24 15.10 -36.32
CA PRO A 166 -8.98 14.73 -34.93
C PRO A 166 -9.32 13.27 -34.64
N SER A 167 -9.58 12.50 -35.68
CA SER A 167 -9.92 11.09 -35.52
C SER A 167 -8.73 10.20 -35.84
N LEU A 168 -7.56 10.81 -36.02
CA LEU A 168 -6.35 10.08 -36.34
C LEU A 168 -5.29 10.30 -35.28
N LEU A 169 -5.65 10.98 -34.19
CA LEU A 169 -4.74 11.27 -33.11
C LEU A 169 -3.71 10.15 -32.94
N ARG A 170 -4.14 9.06 -32.30
CA ARG A 170 -3.27 7.92 -32.07
C ARG A 170 -2.32 7.72 -33.24
N ASP A 171 -2.89 7.64 -34.44
CA ASP A 171 -2.09 7.46 -35.65
C ASP A 171 -1.04 8.56 -35.78
N VAL A 172 -1.45 9.78 -35.45
CA VAL A 172 -0.53 10.93 -35.51
C VAL A 172 0.52 10.83 -34.42
N PHE A 173 0.05 10.55 -33.19
CA PHE A 173 0.94 10.43 -32.05
C PHE A 173 2.18 9.63 -32.43
N HIS A 174 1.96 8.41 -32.89
CA HIS A 174 3.07 7.54 -33.30
C HIS A 174 3.81 8.14 -34.49
N THR A 175 3.07 8.73 -35.42
CA THR A 175 3.68 9.33 -36.60
C THR A 175 4.96 10.08 -36.26
N THR A 176 4.91 10.93 -35.25
CA THR A 176 6.08 11.71 -34.85
C THR A 176 6.99 10.94 -33.90
N VAL A 177 6.43 10.00 -33.14
CA VAL A 177 7.22 9.24 -32.18
C VAL A 177 7.77 7.93 -32.77
N ASN A 178 7.20 7.48 -33.88
CA ASN A 178 7.65 6.24 -34.51
C ASN A 178 8.79 6.50 -35.50
N PHE A 179 8.46 7.10 -36.63
CA PHE A 179 9.45 7.39 -37.66
C PHE A 179 10.79 7.78 -37.03
N ILE A 180 10.74 8.38 -35.84
CA ILE A 180 11.94 8.79 -35.13
C ILE A 180 12.58 7.62 -34.39
N ASN A 181 11.81 7.00 -33.51
CA ASN A 181 12.29 5.87 -32.74
C ASN A 181 13.05 4.89 -33.62
N GLN A 182 12.72 4.89 -34.91
CA GLN A 182 13.37 3.99 -35.86
C GLN A 182 14.88 4.26 -35.90
N ASN A 183 15.26 5.53 -35.83
CA ASN A 183 16.67 5.90 -35.87
C ASN A 183 16.89 7.30 -35.29
N LEU A 184 15.96 8.21 -35.59
CA LEU A 184 16.07 9.59 -35.12
C LEU A 184 15.57 9.74 -33.68
N ARG A 185 15.36 8.60 -33.02
CA ARG A 185 14.89 8.59 -31.64
C ARG A 185 15.45 9.77 -30.85
N THR A 186 16.76 9.78 -30.66
CA THR A 186 17.43 10.83 -29.91
C THR A 186 16.91 12.21 -30.31
N TYR A 187 16.34 12.32 -31.50
CA TYR A 187 15.83 13.61 -31.97
C TYR A 187 14.64 14.08 -31.14
N VAL A 188 13.62 13.24 -31.02
CA VAL A 188 12.43 13.60 -30.25
C VAL A 188 12.82 14.28 -28.95
N ARG A 189 13.79 13.72 -28.25
CA ARG A 189 14.25 14.30 -26.99
C ARG A 189 14.40 15.80 -27.19
N SER A 190 14.77 16.16 -28.42
CA SER A 190 14.93 17.55 -28.79
C SER A 190 13.57 18.20 -29.00
N LEU A 191 12.65 17.47 -29.65
CA LEU A 191 11.31 17.98 -29.89
C LEU A 191 10.84 18.73 -28.65
N ALA A 192 11.23 18.21 -27.49
CA ALA A 192 10.88 18.82 -26.21
C ALA A 192 11.89 19.88 -25.82
N ARG A 193 13.17 19.56 -25.98
CA ARG A 193 14.24 20.51 -25.65
C ARG A 193 13.97 21.87 -26.27
N ASN A 194 13.43 21.87 -27.49
CA ASN A 194 13.13 23.11 -28.19
C ASN A 194 11.63 23.34 -28.25
N GLY A 195 10.86 22.34 -27.88
CA GLY A 195 9.41 22.45 -27.89
C GLY A 195 8.83 22.11 -29.24
N MET A 196 9.49 22.56 -30.31
CA MET A 196 9.03 22.31 -31.67
C MET A 196 10.16 21.75 -32.53
N ASP A 197 11.24 22.53 -32.64
CA ASP A 197 12.39 22.12 -33.44
C ASP A 197 13.51 21.60 -32.54
N GLY A 1 -53.52 32.38 36.71
CA GLY A 1 -53.84 32.88 35.34
C GLY A 1 -52.66 33.57 34.70
N SER A 2 -52.90 34.76 34.15
CA SER A 2 -51.84 35.53 33.51
C SER A 2 -50.53 35.40 34.28
N MET A 3 -49.67 34.50 33.83
CA MET A 3 -48.38 34.28 34.48
C MET A 3 -47.77 32.96 34.02
N ASP A 4 -46.45 32.95 33.89
CA ASP A 4 -45.72 31.75 33.47
C ASP A 4 -45.46 30.83 34.66
N CYS A 5 -45.53 29.52 34.42
CA CYS A 5 -45.29 28.54 35.48
C CYS A 5 -43.85 28.03 35.43
N GLU A 6 -43.63 26.86 36.03
CA GLU A 6 -42.30 26.27 36.07
C GLU A 6 -42.32 24.94 36.81
N VAL A 7 -42.99 23.95 36.24
CA VAL A 7 -43.07 22.62 36.85
C VAL A 7 -41.73 21.93 36.83
N ASN A 8 -41.56 20.94 37.70
CA ASN A 8 -40.32 20.19 37.79
C ASN A 8 -40.54 18.81 38.41
N ASN A 9 -41.14 17.91 37.63
CA ASN A 9 -41.41 16.56 38.11
C ASN A 9 -40.36 15.57 37.59
N GLY A 10 -39.40 15.25 38.46
CA GLY A 10 -38.34 14.33 38.07
C GLY A 10 -37.18 15.03 37.42
N SER A 11 -36.05 15.10 38.14
CA SER A 11 -34.86 15.74 37.62
C SER A 11 -33.59 15.14 38.24
N SER A 12 -33.55 13.83 38.31
CA SER A 12 -32.40 13.13 38.87
C SER A 12 -31.84 12.11 37.88
N LEU A 13 -32.35 12.14 36.66
CA LEU A 13 -31.90 11.23 35.61
C LEU A 13 -30.93 11.93 34.67
N ARG A 14 -30.37 11.16 33.73
CA ARG A 14 -29.42 11.70 32.77
C ARG A 14 -29.63 11.08 31.39
N ASP A 15 -30.34 11.79 30.52
CA ASP A 15 -30.61 11.29 29.17
C ASP A 15 -30.54 12.42 28.15
N GLU A 16 -31.12 13.57 28.49
CA GLU A 16 -31.12 14.72 27.60
C GLU A 16 -29.70 15.08 27.17
N CYS A 17 -28.74 14.89 28.08
CA CYS A 17 -27.34 15.20 27.79
C CYS A 17 -26.99 14.89 26.35
N ILE A 18 -27.66 13.90 25.79
CA ILE A 18 -27.42 13.49 24.41
C ILE A 18 -28.09 14.43 23.41
N THR A 19 -29.36 14.73 23.64
CA THR A 19 -30.11 15.61 22.76
C THR A 19 -29.31 16.88 22.49
N ASN A 20 -28.87 17.52 23.58
CA ASN A 20 -28.08 18.74 23.44
C ASN A 20 -26.78 18.44 22.72
N LEU A 21 -26.07 17.41 23.19
CA LEU A 21 -24.82 17.00 22.56
C LEU A 21 -25.01 16.92 21.06
N LEU A 22 -26.13 16.35 20.67
CA LEU A 22 -26.46 16.21 19.26
C LEU A 22 -26.37 17.55 18.55
N VAL A 23 -27.37 18.40 18.77
CA VAL A 23 -27.37 19.72 18.14
C VAL A 23 -25.98 20.34 18.17
N PHE A 24 -25.26 20.17 19.27
CA PHE A 24 -23.91 20.71 19.37
C PHE A 24 -23.08 20.26 18.19
N GLY A 25 -22.67 18.99 18.24
CA GLY A 25 -21.89 18.44 17.16
C GLY A 25 -22.61 18.59 15.84
N PHE A 26 -23.91 18.34 15.87
CA PHE A 26 -24.75 18.46 14.68
C PHE A 26 -24.64 19.85 14.09
N LEU A 27 -24.98 20.86 14.89
CA LEU A 27 -24.90 22.24 14.45
C LEU A 27 -23.45 22.68 14.34
N GLN A 28 -22.55 21.89 14.95
CA GLN A 28 -21.13 22.21 14.90
C GLN A 28 -20.62 22.16 13.47
N SER A 29 -21.01 21.09 12.76
CA SER A 29 -20.62 20.92 11.37
C SER A 29 -21.48 21.79 10.47
N CYS A 30 -22.70 22.07 10.93
CA CYS A 30 -23.62 22.91 10.16
C CYS A 30 -22.91 24.11 9.54
N SER A 31 -22.16 24.84 10.38
CA SER A 31 -21.44 26.01 9.91
C SER A 31 -20.01 25.65 9.49
N ASP A 32 -19.72 24.36 9.46
CA ASP A 32 -18.40 23.88 9.08
C ASP A 32 -17.31 24.84 9.53
N ASN A 33 -17.00 24.81 10.83
CA ASN A 33 -15.98 25.68 11.40
C ASN A 33 -16.24 27.13 11.02
N SER A 34 -15.27 28.00 11.30
CA SER A 34 -15.39 29.42 10.99
C SER A 34 -16.41 30.08 11.91
N PHE A 35 -16.63 29.47 13.07
CA PHE A 35 -17.59 29.99 14.05
C PHE A 35 -17.58 29.11 15.28
N ARG A 36 -16.41 28.58 15.60
CA ARG A 36 -16.26 27.70 16.75
C ARG A 36 -16.48 28.45 18.07
N ARG A 37 -15.67 29.46 18.32
CA ARG A 37 -15.79 30.26 19.52
C ARG A 37 -17.26 30.46 19.85
N GLU A 38 -18.05 30.54 18.80
CA GLU A 38 -19.50 30.74 18.94
C GLU A 38 -20.10 29.61 19.77
N LEU A 39 -20.00 28.38 19.25
CA LEU A 39 -20.54 27.22 19.95
C LEU A 39 -19.98 27.15 21.36
N ASP A 40 -18.74 27.61 21.53
CA ASP A 40 -18.08 27.61 22.82
C ASP A 40 -18.93 28.38 23.83
N ALA A 41 -19.40 29.55 23.42
CA ALA A 41 -20.23 30.38 24.28
C ALA A 41 -21.58 29.70 24.54
N LEU A 42 -22.10 29.03 23.52
CA LEU A 42 -23.39 28.34 23.65
C LEU A 42 -23.32 27.29 24.75
N GLY A 43 -22.45 26.29 24.57
CA GLY A 43 -22.30 25.25 25.56
C GLY A 43 -21.86 25.77 26.91
N HIS A 44 -21.42 27.02 26.94
CA HIS A 44 -20.98 27.65 28.18
C HIS A 44 -22.16 28.26 28.93
N GLU A 45 -23.37 27.88 28.54
CA GLU A 45 -24.59 28.38 29.17
C GLU A 45 -25.73 27.40 28.97
N LEU A 46 -25.83 26.86 27.77
CA LEU A 46 -26.88 25.90 27.44
C LEU A 46 -27.17 25.00 28.63
N PRO A 47 -26.13 24.37 29.18
CA PRO A 47 -26.27 23.47 30.34
C PRO A 47 -26.86 24.19 31.55
N VAL A 48 -26.71 23.58 32.72
CA VAL A 48 -27.23 24.16 33.95
C VAL A 48 -26.13 24.33 34.99
N LEU A 49 -25.59 25.54 35.08
CA LEU A 49 -24.54 25.84 36.04
C LEU A 49 -25.09 25.91 37.46
N ALA A 50 -25.72 27.04 37.79
CA ALA A 50 -26.30 27.24 39.11
C ALA A 50 -25.24 27.19 40.19
N PRO A 51 -25.26 28.15 41.12
CA PRO A 51 -24.29 28.22 42.22
C PRO A 51 -24.13 26.88 42.94
N GLN A 52 -23.31 26.87 43.98
CA GLN A 52 -23.07 25.66 44.75
C GLN A 52 -24.38 24.92 45.02
N TRP A 53 -24.27 23.64 45.38
CA TRP A 53 -25.44 22.83 45.65
C TRP A 53 -25.57 22.55 47.15
N GLU A 54 -24.47 22.67 47.87
CA GLU A 54 -24.46 22.43 49.30
C GLU A 54 -24.27 23.74 50.07
N GLY A 55 -23.59 23.67 51.21
CA GLY A 55 -23.35 24.85 52.00
C GLY A 55 -23.45 24.57 53.49
N TYR A 56 -24.21 23.53 53.86
CA TYR A 56 -24.37 23.17 55.26
C TYR A 56 -23.03 23.05 55.96
N ASP A 57 -22.21 22.11 55.51
CA ASP A 57 -20.89 21.89 56.10
C ASP A 57 -19.80 22.49 55.23
N GLU A 58 -18.55 22.33 55.66
CA GLU A 58 -17.40 22.86 54.92
C GLU A 58 -16.62 21.72 54.27
N LEU A 59 -16.93 20.50 54.67
CA LEU A 59 -16.27 19.32 54.14
C LEU A 59 -16.89 18.90 52.82
N GLN A 60 -16.77 17.62 52.50
CA GLN A 60 -17.33 17.08 51.27
C GLN A 60 -18.45 16.09 51.55
N THR A 61 -19.49 16.14 50.73
CA THR A 61 -20.65 15.25 50.90
C THR A 61 -20.99 14.57 49.57
N ASP A 62 -20.10 14.71 48.60
CA ASP A 62 -20.30 14.11 47.29
C ASP A 62 -20.25 12.59 47.38
N GLY A 63 -20.04 11.94 46.24
CA GLY A 63 -19.98 10.49 46.21
C GLY A 63 -19.49 9.96 44.88
N ASN A 64 -19.17 8.67 44.84
CA ASN A 64 -18.69 8.04 43.63
C ASN A 64 -19.44 6.74 43.35
N ARG A 65 -19.68 6.46 42.08
CA ARG A 65 -20.39 5.25 41.68
C ARG A 65 -20.63 5.23 40.17
N SER A 66 -19.72 4.57 39.44
CA SER A 66 -19.83 4.47 38.00
C SER A 66 -19.58 3.05 37.53
N SER A 67 -20.57 2.47 36.86
CA SER A 67 -20.47 1.11 36.36
C SER A 67 -20.69 1.08 34.85
N HIS A 68 -19.87 1.83 34.12
CA HIS A 68 -19.97 1.90 32.66
C HIS A 68 -18.78 1.20 32.01
N SER A 69 -17.59 1.75 32.23
CA SER A 69 -16.38 1.18 31.65
C SER A 69 -16.20 -0.27 32.08
N ARG A 70 -15.36 -0.99 31.35
CA ARG A 70 -15.10 -2.40 31.63
C ARG A 70 -16.19 -3.29 31.04
N LEU A 71 -15.83 -4.07 30.02
CA LEU A 71 -16.77 -4.96 29.36
C LEU A 71 -18.01 -4.20 28.91
N GLY A 72 -17.83 -3.23 28.02
CA GLY A 72 -18.94 -2.45 27.54
C GLY A 72 -18.65 -1.76 26.22
N ARG A 73 -18.25 -0.50 26.30
CA ARG A 73 -17.95 0.29 25.11
C ARG A 73 -16.48 0.14 24.72
N ILE A 74 -15.86 -0.91 25.22
CA ILE A 74 -14.46 -1.18 24.94
C ILE A 74 -14.25 -1.54 23.48
N GLU A 75 -15.35 -1.79 22.77
CA GLU A 75 -15.30 -2.15 21.36
C GLU A 75 -15.30 -0.91 20.48
N ALA A 76 -15.47 0.26 21.09
CA ALA A 76 -15.49 1.51 20.35
C ALA A 76 -14.14 2.20 20.39
N ASP A 77 -13.09 1.44 20.07
CA ASP A 77 -11.74 1.97 20.07
C ASP A 77 -11.42 2.64 21.40
N SER A 78 -12.18 2.30 22.42
CA SER A 78 -11.99 2.87 23.75
C SER A 78 -11.95 4.39 23.69
N GLU A 79 -12.81 4.97 22.87
CA GLU A 79 -12.88 6.42 22.72
C GLU A 79 -13.88 7.03 23.69
N SER A 80 -15.11 7.24 23.22
CA SER A 80 -16.15 7.83 24.07
C SER A 80 -17.46 7.99 23.29
N GLN A 81 -18.58 7.88 24.00
CA GLN A 81 -19.89 8.03 23.39
C GLN A 81 -20.08 9.43 22.83
N GLU A 82 -19.55 10.42 23.54
CA GLU A 82 -19.66 11.80 23.11
C GLU A 82 -18.73 12.07 21.93
N ASP A 83 -17.69 11.26 21.82
CA ASP A 83 -16.73 11.39 20.74
C ASP A 83 -17.33 10.92 19.42
N ILE A 84 -18.00 9.78 19.45
CA ILE A 84 -18.63 9.22 18.27
C ILE A 84 -19.80 10.10 17.81
N ILE A 85 -20.71 10.38 18.74
CA ILE A 85 -21.87 11.20 18.44
C ILE A 85 -21.43 12.52 17.80
N ARG A 86 -20.34 13.08 18.30
CA ARG A 86 -19.81 14.33 17.77
C ARG A 86 -19.22 14.10 16.38
N ASN A 87 -18.49 13.00 16.23
CA ASN A 87 -17.87 12.67 14.96
C ASN A 87 -18.93 12.24 13.94
N ILE A 88 -20.01 11.67 14.45
CA ILE A 88 -21.11 11.22 13.61
C ILE A 88 -21.91 12.41 13.09
N ALA A 89 -22.40 13.23 14.02
CA ALA A 89 -23.18 14.40 13.66
C ALA A 89 -22.35 15.37 12.83
N ARG A 90 -21.03 15.35 13.05
CA ARG A 90 -20.13 16.23 12.33
C ARG A 90 -19.98 15.77 10.87
N HIS A 91 -19.91 14.45 10.69
CA HIS A 91 -19.78 13.88 9.36
C HIS A 91 -21.05 14.10 8.55
N LEU A 92 -22.15 13.49 9.01
CA LEU A 92 -23.43 13.63 8.34
C LEU A 92 -23.75 15.10 8.08
N ALA A 93 -23.70 15.89 9.13
CA ALA A 93 -23.98 17.32 9.02
C ALA A 93 -23.04 17.96 8.01
N GLN A 94 -21.87 17.35 7.83
CA GLN A 94 -20.88 17.85 6.89
C GLN A 94 -21.38 17.69 5.46
N VAL A 95 -21.71 16.46 5.09
CA VAL A 95 -22.21 16.16 3.76
C VAL A 95 -23.37 17.07 3.40
N GLY A 96 -24.31 17.21 4.34
CA GLY A 96 -25.46 18.05 4.11
C GLY A 96 -25.08 19.50 3.85
N ASP A 97 -23.99 19.95 4.48
CA ASP A 97 -23.51 21.30 4.30
C ASP A 97 -23.02 21.51 2.88
N SER A 98 -22.26 20.55 2.38
CA SER A 98 -21.72 20.61 1.02
C SER A 98 -22.85 20.70 0.00
N MET A 99 -23.93 19.97 0.26
CA MET A 99 -25.08 19.96 -0.63
C MET A 99 -26.01 21.13 -0.35
N ASP A 100 -25.76 21.82 0.77
CA ASP A 100 -26.58 22.96 1.17
C ASP A 100 -26.26 24.19 0.32
N ARG A 101 -25.01 24.29 -0.12
CA ARG A 101 -24.56 25.42 -0.94
C ARG A 101 -25.68 25.87 -1.88
N SER A 102 -26.45 24.92 -2.39
CA SER A 102 -27.55 25.23 -3.30
C SER A 102 -28.86 25.43 -2.54
N ILE A 103 -28.82 26.29 -1.52
CA ILE A 103 -29.99 26.57 -0.73
C ILE A 103 -31.22 26.75 -1.60
N PRO A 104 -32.37 26.18 -1.19
CA PRO A 104 -33.63 26.27 -1.93
C PRO A 104 -34.00 27.72 -2.27
N PRO A 105 -35.04 27.90 -3.10
CA PRO A 105 -35.49 29.24 -3.50
C PRO A 105 -35.81 30.12 -2.30
N GLY A 106 -34.81 30.85 -1.81
CA GLY A 106 -35.01 31.73 -0.68
C GLY A 106 -35.82 31.09 0.42
N LEU A 107 -35.30 30.00 0.99
CA LEU A 107 -36.00 29.30 2.06
C LEU A 107 -35.36 29.62 3.41
N VAL A 108 -34.10 29.22 3.57
CA VAL A 108 -33.38 29.47 4.81
C VAL A 108 -33.63 30.88 5.31
N ASN A 109 -33.39 31.85 4.43
CA ASN A 109 -33.58 33.24 4.77
C ASN A 109 -34.80 33.41 5.65
N GLY A 110 -35.97 33.05 5.13
CA GLY A 110 -37.19 33.16 5.89
C GLY A 110 -37.12 32.40 7.19
N LEU A 111 -36.74 31.13 7.12
CA LEU A 111 -36.61 30.31 8.31
C LEU A 111 -35.68 30.99 9.29
N ALA A 112 -34.79 31.82 8.73
CA ALA A 112 -33.85 32.58 9.53
C ALA A 112 -34.46 33.90 9.93
N LEU A 113 -35.43 34.37 9.14
CA LEU A 113 -36.13 35.62 9.43
C LEU A 113 -37.22 35.37 10.45
N GLN A 114 -37.67 34.12 10.50
CA GLN A 114 -38.71 33.71 11.43
C GLN A 114 -38.10 33.29 12.77
N LEU A 115 -36.94 32.64 12.70
CA LEU A 115 -36.24 32.19 13.90
C LEU A 115 -35.47 33.34 14.54
N ARG A 116 -34.58 33.94 13.76
CA ARG A 116 -33.75 35.07 14.20
C ARG A 116 -34.36 35.76 15.42
N ASN A 117 -35.59 36.25 15.25
CA ASN A 117 -36.30 36.93 16.32
C ASN A 117 -35.95 36.32 17.68
N THR A 118 -34.99 36.95 18.34
CA THR A 118 -34.51 36.50 19.65
C THR A 118 -35.62 35.90 20.52
N SER A 119 -36.07 36.65 21.52
CA SER A 119 -37.12 36.17 22.43
C SER A 119 -38.22 35.46 21.65
N ARG A 120 -38.52 35.97 20.47
CA ARG A 120 -39.54 35.36 19.64
C ARG A 120 -38.95 34.23 18.82
N SER A 121 -38.77 33.08 19.46
CA SER A 121 -38.18 31.93 18.82
C SER A 121 -38.58 30.63 19.49
N GLU A 122 -38.22 30.46 20.76
CA GLU A 122 -38.58 29.24 21.46
C GLU A 122 -40.00 28.81 21.08
N GLU A 123 -40.92 29.76 21.17
CA GLU A 123 -42.31 29.51 20.82
C GLU A 123 -42.54 29.82 19.36
N ASP A 124 -42.18 31.04 18.96
CA ASP A 124 -42.33 31.47 17.58
C ASP A 124 -41.75 30.42 16.65
N ARG A 125 -40.57 29.93 16.99
CA ARG A 125 -39.90 28.91 16.21
C ARG A 125 -40.65 27.59 16.32
N ASN A 126 -41.08 27.28 17.53
CA ASN A 126 -41.82 26.05 17.76
C ASN A 126 -43.04 25.98 16.86
N ARG A 127 -43.92 26.98 16.98
CA ARG A 127 -45.11 27.01 16.15
C ARG A 127 -44.74 27.27 14.70
N ASP A 128 -43.48 27.65 14.48
CA ASP A 128 -43.00 27.94 13.13
C ASP A 128 -42.71 26.64 12.39
N LEU A 129 -41.79 25.85 12.94
CA LEU A 129 -41.43 24.58 12.33
C LEU A 129 -42.61 23.62 12.37
N ALA A 130 -43.23 23.52 13.54
CA ALA A 130 -44.39 22.64 13.69
C ALA A 130 -45.46 22.99 12.66
N THR A 131 -45.61 24.29 12.38
CA THR A 131 -46.57 24.75 11.40
C THR A 131 -46.04 24.54 9.99
N ALA A 132 -44.74 24.81 9.81
CA ALA A 132 -44.10 24.64 8.52
C ALA A 132 -44.02 23.16 8.19
N LEU A 133 -43.81 22.36 9.23
CA LEU A 133 -43.73 20.92 9.08
C LEU A 133 -45.04 20.36 8.58
N GLU A 134 -46.05 20.40 9.45
CA GLU A 134 -47.37 19.90 9.10
C GLU A 134 -47.80 20.45 7.76
N GLN A 135 -47.23 21.60 7.37
CA GLN A 135 -47.54 22.22 6.10
C GLN A 135 -46.88 21.46 4.95
N LEU A 136 -45.56 21.40 4.97
CA LEU A 136 -44.80 20.69 3.95
C LEU A 136 -45.10 19.20 4.02
N LEU A 137 -45.39 18.72 5.23
CA LEU A 137 -45.71 17.31 5.45
C LEU A 137 -47.12 17.01 4.96
N GLN A 138 -47.96 18.03 5.00
CA GLN A 138 -49.34 17.91 4.57
C GLN A 138 -49.44 17.32 3.16
N ALA A 139 -48.33 17.34 2.44
CA ALA A 139 -48.28 16.81 1.08
C ALA A 139 -47.48 15.52 1.07
N TYR A 140 -46.47 15.49 1.92
CA TYR A 140 -45.59 14.35 2.05
C TYR A 140 -46.23 13.26 2.89
N PRO A 141 -46.51 12.10 2.28
CA PRO A 141 -47.13 10.97 2.97
C PRO A 141 -46.45 10.66 4.30
N ARG A 142 -47.01 9.72 5.04
CA ARG A 142 -46.45 9.33 6.34
C ARG A 142 -45.73 8.00 6.24
N ASP A 143 -46.29 7.09 5.46
CA ASP A 143 -45.70 5.76 5.27
C ASP A 143 -45.79 4.94 6.55
N MET A 144 -45.24 5.47 7.64
CA MET A 144 -45.27 4.79 8.92
C MET A 144 -45.20 5.78 10.07
N GLU A 145 -44.17 6.63 10.07
CA GLU A 145 -43.99 7.63 11.10
C GLU A 145 -43.49 8.93 10.49
N LYS A 146 -43.73 10.02 11.19
CA LYS A 146 -43.32 11.34 10.73
C LYS A 146 -41.92 11.67 11.23
N GLU A 147 -41.55 11.06 12.35
CA GLU A 147 -40.24 11.29 12.97
C GLU A 147 -39.18 11.72 11.96
N LYS A 148 -38.73 10.79 11.13
CA LYS A 148 -37.70 11.08 10.13
C LYS A 148 -38.06 12.29 9.27
N THR A 149 -38.91 12.07 8.27
CA THR A 149 -39.32 13.15 7.38
C THR A 149 -39.68 14.42 8.14
N MET A 150 -40.37 14.25 9.26
CA MET A 150 -40.79 15.39 10.07
C MET A 150 -39.58 16.09 10.68
N LEU A 151 -38.85 15.37 11.52
CA LEU A 151 -37.67 15.94 12.16
C LEU A 151 -36.60 16.27 11.13
N VAL A 152 -36.29 15.30 10.26
CA VAL A 152 -35.29 15.51 9.22
C VAL A 152 -35.48 16.89 8.59
N LEU A 153 -36.69 17.17 8.16
CA LEU A 153 -37.01 18.45 7.55
C LEU A 153 -36.87 19.57 8.58
N ALA A 154 -37.91 19.71 9.42
CA ALA A 154 -37.92 20.72 10.46
C ALA A 154 -36.52 20.90 11.06
N LEU A 155 -35.88 19.79 11.41
CA LEU A 155 -34.52 19.84 11.97
C LEU A 155 -33.60 20.60 11.03
N LEU A 156 -33.67 20.27 9.75
CA LEU A 156 -32.84 20.93 8.74
C LEU A 156 -33.14 22.41 8.67
N LEU A 157 -34.43 22.75 8.70
CA LEU A 157 -34.85 24.14 8.64
C LEU A 157 -34.06 24.97 9.65
N ALA A 158 -34.01 24.49 10.88
CA ALA A 158 -33.28 25.18 11.92
C ALA A 158 -31.80 25.26 11.55
N LYS A 159 -31.11 24.12 11.63
CA LYS A 159 -29.70 24.07 11.28
C LYS A 159 -29.46 24.85 9.99
N LYS A 160 -30.47 24.91 9.15
CA LYS A 160 -30.37 25.64 7.88
C LYS A 160 -30.12 27.11 8.13
N VAL A 161 -31.12 27.81 8.67
CA VAL A 161 -30.98 29.23 8.95
C VAL A 161 -29.64 29.50 9.63
N ALA A 162 -29.11 28.49 10.30
CA ALA A 162 -27.82 28.61 10.99
C ALA A 162 -26.69 28.67 9.98
N SER A 163 -26.86 27.96 8.86
CA SER A 163 -25.86 27.94 7.81
C SER A 163 -25.83 29.27 7.07
N HIS A 164 -26.96 29.98 7.13
CA HIS A 164 -27.08 31.28 6.48
C HIS A 164 -26.93 32.40 7.50
N THR A 165 -27.59 32.23 8.63
CA THR A 165 -27.54 33.23 9.70
C THR A 165 -26.65 32.74 10.85
N PRO A 166 -25.40 33.22 10.89
CA PRO A 166 -24.43 32.84 11.93
C PRO A 166 -24.63 33.60 13.23
N SER A 167 -25.89 33.79 13.61
CA SER A 167 -26.22 34.49 14.85
C SER A 167 -27.45 33.90 15.51
N LEU A 168 -27.85 32.72 15.05
CA LEU A 168 -29.02 32.04 15.59
C LEU A 168 -28.64 30.69 16.18
N LEU A 169 -27.35 30.41 16.23
CA LEU A 169 -26.86 29.15 16.78
C LEU A 169 -27.71 28.70 17.96
N ARG A 170 -27.48 29.33 19.10
CA ARG A 170 -28.24 29.01 20.31
C ARG A 170 -29.69 28.68 19.96
N ASP A 171 -30.34 29.60 19.26
CA ASP A 171 -31.73 29.42 18.85
C ASP A 171 -31.90 28.14 18.04
N VAL A 172 -31.00 27.94 17.08
CA VAL A 172 -31.06 26.75 16.23
C VAL A 172 -30.88 25.48 17.05
N PHE A 173 -29.95 25.53 18.00
CA PHE A 173 -29.69 24.39 18.87
C PHE A 173 -30.99 23.89 19.49
N HIS A 174 -31.62 24.76 20.28
CA HIS A 174 -32.87 24.41 20.93
C HIS A 174 -33.94 24.05 19.91
N THR A 175 -33.78 24.56 18.68
CA THR A 175 -34.75 24.29 17.62
C THR A 175 -34.84 22.81 17.31
N THR A 176 -33.89 22.30 16.51
CA THR A 176 -33.90 20.89 16.15
C THR A 176 -34.02 20.01 17.39
N VAL A 177 -33.64 20.55 18.53
CA VAL A 177 -33.70 19.81 19.79
C VAL A 177 -35.03 20.03 20.52
N ASN A 178 -35.81 21.02 20.07
CA ASN A 178 -37.09 21.31 20.69
C ASN A 178 -38.17 20.37 20.19
N PHE A 179 -38.65 20.62 18.98
CA PHE A 179 -39.69 19.81 18.37
C PHE A 179 -39.58 18.36 18.82
N ILE A 180 -38.34 17.91 19.03
CA ILE A 180 -38.09 16.55 19.48
C ILE A 180 -38.49 16.37 20.94
N ASN A 181 -37.76 17.05 21.83
CA ASN A 181 -38.05 16.97 23.26
C ASN A 181 -39.55 16.99 23.51
N GLN A 182 -40.27 17.77 22.73
CA GLN A 182 -41.71 17.88 22.86
C GLN A 182 -42.33 16.50 23.10
N ASN A 183 -42.00 15.55 22.23
CA ASN A 183 -42.51 14.20 22.33
C ASN A 183 -41.66 13.21 21.54
N LEU A 184 -41.17 13.65 20.39
CA LEU A 184 -40.34 12.81 19.53
C LEU A 184 -38.88 12.79 20.01
N ARG A 185 -38.64 13.38 21.18
CA ARG A 185 -37.30 13.46 21.75
C ARG A 185 -36.43 12.27 21.32
N THR A 186 -36.94 11.06 21.50
CA THR A 186 -36.21 9.85 21.15
C THR A 186 -35.58 9.95 19.76
N TYR A 187 -36.10 10.82 18.92
CA TYR A 187 -35.58 10.99 17.56
C TYR A 187 -34.15 11.49 17.58
N VAL A 188 -33.89 12.58 18.29
CA VAL A 188 -32.55 13.15 18.35
C VAL A 188 -31.50 12.06 18.50
N ARG A 189 -31.69 11.19 19.49
CA ARG A 189 -30.75 10.09 19.70
C ARG A 189 -30.40 9.47 18.35
N SER A 190 -31.37 9.54 17.45
CA SER A 190 -31.21 9.02 16.10
C SER A 190 -30.32 9.95 15.29
N LEU A 191 -30.60 11.25 15.39
CA LEU A 191 -29.81 12.25 14.67
C LEU A 191 -28.35 11.85 14.70
N ALA A 192 -27.91 11.36 15.85
CA ALA A 192 -26.52 10.93 16.01
C ALA A 192 -26.34 9.48 15.56
N ARG A 193 -27.35 8.66 15.81
CA ARG A 193 -27.30 7.26 15.43
C ARG A 193 -27.01 7.10 13.95
N ASN A 194 -27.63 7.93 13.12
CA ASN A 194 -27.44 7.87 11.67
C ASN A 194 -26.85 9.16 11.13
N GLY A 195 -26.74 10.16 12.00
CA GLY A 195 -26.19 11.44 11.58
C GLY A 195 -27.24 12.38 11.02
N MET A 196 -28.16 11.83 10.23
CA MET A 196 -29.22 12.62 9.63
C MET A 196 -30.59 12.09 10.03
N ASP A 197 -30.76 10.78 9.96
CA ASP A 197 -32.02 10.15 10.32
C ASP A 197 -32.18 10.11 11.84
N GLY A 1 38.12 30.40 4.75
CA GLY A 1 37.66 31.62 5.47
C GLY A 1 38.02 32.90 4.73
N SER A 2 39.04 32.83 3.88
CA SER A 2 39.49 33.98 3.11
C SER A 2 38.80 34.03 1.74
N MET A 3 37.55 34.49 1.74
CA MET A 3 36.79 34.58 0.49
C MET A 3 36.27 33.22 0.07
N ASP A 4 36.17 32.30 1.03
CA ASP A 4 35.69 30.96 0.75
C ASP A 4 34.36 30.99 0.01
N CYS A 5 33.65 32.12 0.13
CA CYS A 5 32.36 32.28 -0.53
C CYS A 5 32.22 33.68 -1.11
N GLU A 6 31.24 33.86 -1.99
CA GLU A 6 31.01 35.16 -2.62
C GLU A 6 29.53 35.52 -2.56
N VAL A 7 28.68 34.55 -2.88
CA VAL A 7 27.24 34.76 -2.87
C VAL A 7 26.88 36.15 -3.37
N ASN A 8 27.42 36.52 -4.53
CA ASN A 8 27.16 37.82 -5.13
C ASN A 8 27.02 37.71 -6.64
N ASN A 9 26.86 36.48 -7.12
CA ASN A 9 26.71 36.24 -8.56
C ASN A 9 26.23 34.82 -8.82
N GLY A 10 25.18 34.68 -9.61
CA GLY A 10 24.64 33.38 -9.93
C GLY A 10 23.98 32.72 -8.72
N SER A 11 22.65 32.64 -8.75
CA SER A 11 21.90 32.03 -7.66
C SER A 11 21.66 30.54 -7.92
N SER A 12 21.07 29.86 -6.94
CA SER A 12 20.79 28.45 -7.07
C SER A 12 19.28 28.20 -7.07
N LEU A 13 18.53 29.07 -7.73
CA LEU A 13 17.09 28.95 -7.80
C LEU A 13 16.68 27.54 -8.25
N ARG A 14 16.47 26.66 -7.29
CA ARG A 14 16.07 25.29 -7.60
C ARG A 14 14.83 25.26 -8.48
N ASP A 15 15.01 24.95 -9.75
CA ASP A 15 13.90 24.89 -10.70
C ASP A 15 13.59 23.46 -11.13
N GLU A 16 14.00 22.50 -10.30
CA GLU A 16 13.77 21.09 -10.58
C GLU A 16 12.42 20.64 -10.01
N CYS A 17 12.03 21.24 -8.89
CA CYS A 17 10.77 20.91 -8.23
C CYS A 17 9.66 20.69 -9.25
N ILE A 18 9.79 21.34 -10.40
CA ILE A 18 8.81 21.24 -11.46
C ILE A 18 8.92 19.92 -12.22
N THR A 19 10.15 19.56 -12.61
CA THR A 19 10.37 18.33 -13.35
C THR A 19 9.77 17.16 -12.58
N ASN A 20 10.21 16.97 -11.34
CA ASN A 20 9.70 15.89 -10.52
C ASN A 20 8.18 16.02 -10.42
N LEU A 21 7.73 17.25 -10.22
CA LEU A 21 6.31 17.53 -10.14
C LEU A 21 5.58 16.84 -11.29
N LEU A 22 6.05 17.13 -12.49
CA LEU A 22 5.47 16.54 -13.69
C LEU A 22 5.25 15.04 -13.51
N VAL A 23 6.34 14.28 -13.46
CA VAL A 23 6.24 12.84 -13.29
C VAL A 23 5.18 12.48 -12.25
N PHE A 24 5.22 13.16 -11.10
CA PHE A 24 4.25 12.91 -10.05
C PHE A 24 2.85 12.96 -10.63
N GLY A 25 2.41 14.17 -10.95
CA GLY A 25 1.09 14.33 -11.54
C GLY A 25 0.93 13.46 -12.76
N PHE A 26 1.98 13.45 -13.59
CA PHE A 26 1.99 12.65 -14.80
C PHE A 26 1.66 11.19 -14.48
N LEU A 27 2.52 10.59 -13.68
CA LEU A 27 2.35 9.20 -13.28
C LEU A 27 1.21 9.04 -12.28
N GLN A 28 0.79 10.16 -11.69
CA GLN A 28 -0.29 10.16 -10.72
C GLN A 28 -1.59 9.71 -11.38
N SER A 29 -1.85 10.27 -12.56
CA SER A 29 -3.07 9.94 -13.30
C SER A 29 -2.84 8.72 -14.17
N CYS A 30 -1.58 8.48 -14.55
CA CYS A 30 -1.23 7.35 -15.38
C CYS A 30 -1.70 6.04 -14.76
N SER A 31 -1.88 6.05 -13.43
CA SER A 31 -2.33 4.87 -12.71
C SER A 31 -3.50 5.20 -11.80
N ASP A 32 -4.12 6.34 -12.05
CA ASP A 32 -5.27 6.78 -11.26
C ASP A 32 -4.88 6.94 -9.79
N ASN A 33 -5.87 7.16 -8.93
CA ASN A 33 -5.62 7.34 -7.50
C ASN A 33 -5.59 5.99 -6.78
N SER A 34 -5.59 4.91 -7.56
CA SER A 34 -5.56 3.57 -6.98
C SER A 34 -4.11 3.08 -6.83
N PHE A 35 -3.26 3.95 -6.30
CA PHE A 35 -1.86 3.61 -6.09
C PHE A 35 -1.13 4.79 -5.48
N ARG A 36 -1.84 5.51 -4.63
CA ARG A 36 -1.29 6.69 -3.96
C ARG A 36 -0.12 6.32 -3.06
N ARG A 37 -0.39 5.45 -2.09
CA ARG A 37 0.66 5.01 -1.18
C ARG A 37 1.96 4.82 -1.93
N GLU A 38 1.82 4.39 -3.17
CA GLU A 38 2.96 4.16 -4.04
C GLU A 38 3.68 5.48 -4.32
N LEU A 39 2.97 6.43 -4.91
CA LEU A 39 3.56 7.74 -5.22
C LEU A 39 4.12 8.35 -3.95
N ASP A 40 3.48 8.04 -2.82
CA ASP A 40 3.92 8.55 -1.53
C ASP A 40 5.34 8.10 -1.24
N ALA A 41 5.63 6.83 -1.53
CA ALA A 41 6.95 6.28 -1.31
C ALA A 41 7.94 6.81 -2.34
N LEU A 42 7.42 7.16 -3.52
CA LEU A 42 8.24 7.69 -4.59
C LEU A 42 8.90 9.00 -4.16
N GLY A 43 8.08 10.00 -3.86
CA GLY A 43 8.59 11.29 -3.44
C GLY A 43 9.36 11.19 -2.14
N HIS A 44 9.12 10.11 -1.40
CA HIS A 44 9.79 9.90 -0.11
C HIS A 44 11.30 10.03 -0.27
N GLU A 45 11.78 9.85 -1.49
CA GLU A 45 13.20 9.95 -1.79
C GLU A 45 13.44 11.14 -2.73
N LEU A 46 12.51 11.33 -3.65
CA LEU A 46 12.59 12.42 -4.62
C LEU A 46 12.75 13.76 -3.90
N PRO A 47 13.58 14.65 -4.44
CA PRO A 47 13.81 15.98 -3.86
C PRO A 47 12.52 16.73 -3.60
N VAL A 48 11.84 16.38 -2.51
CA VAL A 48 10.58 17.02 -2.14
C VAL A 48 10.41 17.07 -0.63
N LEU A 49 11.53 17.02 0.08
CA LEU A 49 11.51 17.07 1.54
C LEU A 49 10.39 17.98 2.04
N ALA A 50 10.53 19.28 1.79
CA ALA A 50 9.55 20.25 2.21
C ALA A 50 9.85 21.64 1.64
N PRO A 51 9.90 21.76 0.31
CA PRO A 51 10.19 23.02 -0.37
C PRO A 51 9.29 24.16 0.11
N GLN A 52 9.58 25.37 -0.37
CA GLN A 52 8.80 26.55 0.01
C GLN A 52 7.31 26.22 0.05
N TRP A 53 6.79 26.03 1.25
CA TRP A 53 5.37 25.72 1.43
C TRP A 53 4.67 26.83 2.22
N GLU A 54 4.88 26.85 3.52
CA GLU A 54 4.27 27.87 4.37
C GLU A 54 5.23 28.28 5.49
N GLY A 55 6.50 27.97 5.30
CA GLY A 55 7.50 28.33 6.30
C GLY A 55 8.06 29.72 6.08
N TYR A 56 8.18 30.11 4.82
CA TYR A 56 8.69 31.42 4.47
C TYR A 56 8.19 32.49 5.45
N ASP A 57 6.88 32.66 5.52
CA ASP A 57 6.28 33.64 6.42
C ASP A 57 6.91 33.57 7.80
N GLU A 58 7.30 34.72 8.33
CA GLU A 58 7.90 34.78 9.65
C GLU A 58 7.07 35.64 10.60
N LEU A 59 6.08 36.34 10.03
CA LEU A 59 5.20 37.19 10.80
C LEU A 59 3.82 36.56 10.95
N GLN A 60 2.81 37.41 11.11
CA GLN A 60 1.43 36.93 11.27
C GLN A 60 0.88 36.40 9.95
N THR A 61 0.14 35.30 10.02
CA THR A 61 -0.44 34.69 8.83
C THR A 61 -1.84 34.17 9.11
N ASP A 62 -2.39 34.54 10.27
CA ASP A 62 -3.72 34.11 10.66
C ASP A 62 -4.79 34.97 9.98
N GLY A 63 -5.47 34.39 9.01
CA GLY A 63 -6.51 35.12 8.30
C GLY A 63 -6.40 34.97 6.79
N ASN A 64 -7.08 33.96 6.25
CA ASN A 64 -7.05 33.71 4.82
C ASN A 64 -8.36 33.07 4.36
N ARG A 65 -9.26 33.89 3.81
CA ARG A 65 -10.55 33.40 3.33
C ARG A 65 -10.87 34.00 1.97
N SER A 66 -11.76 33.32 1.23
CA SER A 66 -12.16 33.77 -0.10
C SER A 66 -13.50 33.16 -0.49
N SER A 67 -13.54 31.83 -0.56
CA SER A 67 -14.76 31.12 -0.92
C SER A 67 -15.13 30.10 0.16
N HIS A 68 -16.09 30.46 1.00
CA HIS A 68 -16.53 29.58 2.07
C HIS A 68 -17.79 28.81 1.67
N SER A 69 -18.23 29.00 0.43
CA SER A 69 -19.42 28.32 -0.07
C SER A 69 -19.09 27.47 -1.29
N ARG A 70 -17.80 27.24 -1.51
CA ARG A 70 -17.35 26.45 -2.66
C ARG A 70 -15.99 25.81 -2.36
N LEU A 71 -15.47 25.09 -3.35
CA LEU A 71 -14.19 24.42 -3.20
C LEU A 71 -13.91 23.50 -4.39
N GLY A 72 -13.72 24.08 -5.56
CA GLY A 72 -13.45 23.29 -6.74
C GLY A 72 -12.92 24.12 -7.90
N ARG A 73 -13.48 25.31 -8.07
CA ARG A 73 -13.08 26.19 -9.16
C ARG A 73 -12.18 27.30 -8.65
N ILE A 74 -11.67 27.12 -7.44
CA ILE A 74 -10.79 28.10 -6.83
C ILE A 74 -9.39 28.04 -7.45
N GLU A 75 -9.17 27.00 -8.24
CA GLU A 75 -7.88 26.83 -8.91
C GLU A 75 -7.77 27.75 -10.12
N ALA A 76 -8.87 28.40 -10.47
CA ALA A 76 -8.90 29.31 -11.60
C ALA A 76 -8.58 30.73 -11.17
N ASP A 77 -7.66 30.86 -10.22
CA ASP A 77 -7.27 32.17 -9.71
C ASP A 77 -5.78 32.18 -9.36
N SER A 78 -5.06 31.20 -9.88
CA SER A 78 -3.62 31.10 -9.63
C SER A 78 -3.35 30.62 -8.21
N GLU A 79 -4.19 29.71 -7.72
CA GLU A 79 -4.04 29.18 -6.38
C GLU A 79 -2.56 29.01 -6.02
N SER A 80 -1.90 28.07 -6.67
CA SER A 80 -0.48 27.81 -6.43
C SER A 80 0.19 27.26 -7.68
N GLN A 81 1.45 27.65 -7.88
CA GLN A 81 2.21 27.19 -9.04
C GLN A 81 2.23 25.67 -9.11
N GLU A 82 2.42 25.04 -7.95
CA GLU A 82 2.46 23.58 -7.88
C GLU A 82 1.08 23.00 -8.16
N ASP A 83 0.05 23.81 -7.97
CA ASP A 83 -1.31 23.39 -8.23
C ASP A 83 -1.63 23.43 -9.71
N ILE A 84 -1.00 24.36 -10.42
CA ILE A 84 -1.20 24.51 -11.85
C ILE A 84 -0.50 23.38 -12.61
N ILE A 85 0.70 23.05 -12.17
CA ILE A 85 1.47 21.99 -12.82
C ILE A 85 0.88 20.62 -12.53
N ARG A 86 0.38 20.43 -11.31
CA ARG A 86 -0.21 19.17 -10.91
C ARG A 86 -1.53 18.94 -11.63
N ASN A 87 -2.34 19.99 -11.73
CA ASN A 87 -3.64 19.91 -12.40
C ASN A 87 -3.45 19.78 -13.90
N ILE A 88 -2.38 20.37 -14.41
CA ILE A 88 -2.07 20.32 -15.83
C ILE A 88 -1.65 18.92 -16.25
N ALA A 89 -0.64 18.38 -15.57
CA ALA A 89 -0.14 17.04 -15.87
C ALA A 89 -1.18 15.98 -15.50
N ARG A 90 -2.02 16.31 -14.52
CA ARG A 90 -3.06 15.38 -14.07
C ARG A 90 -4.16 15.26 -15.13
N HIS A 91 -4.42 16.35 -15.82
CA HIS A 91 -5.45 16.37 -16.85
C HIS A 91 -4.96 15.67 -18.12
N LEU A 92 -3.99 16.28 -18.78
CA LEU A 92 -3.43 15.72 -20.01
C LEU A 92 -3.10 14.25 -19.82
N ALA A 93 -2.55 13.90 -18.67
CA ALA A 93 -2.19 12.53 -18.37
C ALA A 93 -3.43 11.65 -18.23
N GLN A 94 -4.48 12.23 -17.65
CA GLN A 94 -5.73 11.50 -17.45
C GLN A 94 -6.33 11.09 -18.78
N VAL A 95 -6.56 12.07 -19.66
CA VAL A 95 -7.12 11.81 -20.97
C VAL A 95 -6.21 10.88 -21.78
N GLY A 96 -4.92 11.19 -21.76
CA GLY A 96 -3.95 10.39 -22.50
C GLY A 96 -3.96 8.94 -22.07
N ASP A 97 -3.87 8.71 -20.76
CA ASP A 97 -3.87 7.36 -20.21
C ASP A 97 -5.22 6.68 -20.43
N SER A 98 -6.29 7.38 -20.07
CA SER A 98 -7.63 6.84 -20.23
C SER A 98 -7.87 6.37 -21.66
N MET A 99 -7.27 7.09 -22.60
CA MET A 99 -7.41 6.76 -24.02
C MET A 99 -6.45 5.63 -24.43
N ASP A 100 -5.28 5.62 -23.81
CA ASP A 100 -4.26 4.61 -24.12
C ASP A 100 -4.41 3.38 -23.24
N ARG A 101 -5.16 3.52 -22.14
CA ARG A 101 -5.37 2.41 -21.22
C ARG A 101 -5.65 1.12 -21.97
N SER A 102 -6.55 1.19 -22.94
CA SER A 102 -6.90 0.03 -23.75
C SER A 102 -5.93 -0.11 -24.91
N ILE A 103 -4.64 -0.03 -24.60
CA ILE A 103 -3.60 -0.15 -25.60
C ILE A 103 -3.97 -1.15 -26.69
N PRO A 104 -4.56 -0.65 -27.79
CA PRO A 104 -4.97 -1.49 -28.91
C PRO A 104 -3.83 -2.40 -29.39
N PRO A 105 -2.62 -1.84 -29.52
CA PRO A 105 -1.45 -2.57 -29.96
C PRO A 105 -0.69 -3.18 -28.79
N GLY A 106 0.55 -3.60 -29.06
CA GLY A 106 1.37 -4.19 -28.01
C GLY A 106 2.76 -3.58 -27.98
N LEU A 107 2.86 -2.35 -27.51
CA LEU A 107 4.13 -1.65 -27.42
C LEU A 107 4.57 -1.48 -25.97
N VAL A 108 3.77 -0.78 -25.19
CA VAL A 108 4.07 -0.54 -23.78
C VAL A 108 4.76 -1.74 -23.17
N ASN A 109 4.23 -2.92 -23.45
CA ASN A 109 4.80 -4.14 -22.91
C ASN A 109 6.32 -4.13 -23.01
N GLY A 110 6.84 -4.12 -24.24
CA GLY A 110 8.27 -4.10 -24.45
C GLY A 110 8.96 -3.02 -23.64
N LEU A 111 8.53 -1.78 -23.82
CA LEU A 111 9.11 -0.67 -23.08
C LEU A 111 8.99 -0.96 -21.59
N ALA A 112 8.01 -1.80 -21.26
CA ALA A 112 7.79 -2.20 -19.88
C ALA A 112 8.68 -3.40 -19.57
N LEU A 113 9.03 -4.15 -20.61
CA LEU A 113 9.90 -5.31 -20.44
C LEU A 113 11.33 -4.86 -20.21
N GLN A 114 11.66 -3.70 -20.76
CA GLN A 114 12.99 -3.13 -20.62
C GLN A 114 13.08 -2.33 -19.33
N LEU A 115 12.02 -1.56 -19.05
CA LEU A 115 11.96 -0.76 -17.84
C LEU A 115 11.85 -1.66 -16.62
N ARG A 116 10.78 -2.44 -16.59
CA ARG A 116 10.53 -3.37 -15.48
C ARG A 116 11.84 -3.84 -14.85
N ASN A 117 12.80 -4.19 -15.70
CA ASN A 117 14.11 -4.66 -15.26
C ASN A 117 14.49 -4.08 -13.90
N THR A 118 14.15 -2.82 -13.67
CA THR A 118 14.47 -2.14 -12.42
C THR A 118 15.92 -1.63 -12.43
N SER A 119 16.77 -2.17 -11.55
CA SER A 119 18.17 -1.75 -11.51
C SER A 119 18.70 -1.51 -12.91
N ARG A 120 18.27 -2.35 -13.84
CA ARG A 120 18.66 -2.23 -15.23
C ARG A 120 17.60 -1.45 -15.99
N SER A 121 17.63 -0.14 -15.87
CA SER A 121 16.65 0.71 -16.53
C SER A 121 17.04 2.17 -16.48
N GLU A 122 17.12 2.74 -15.28
CA GLU A 122 17.48 4.15 -15.17
C GLU A 122 18.56 4.50 -16.19
N GLU A 123 19.58 3.66 -16.25
CA GLU A 123 20.68 3.85 -17.20
C GLU A 123 20.39 3.11 -18.50
N ASP A 124 20.19 1.80 -18.39
CA ASP A 124 19.90 0.96 -19.53
C ASP A 124 18.75 1.56 -20.34
N ARG A 125 17.73 2.04 -19.64
CA ARG A 125 16.57 2.66 -20.28
C ARG A 125 16.96 4.00 -20.86
N ASN A 126 17.71 4.78 -20.09
CA ASN A 126 18.13 6.09 -20.55
C ASN A 126 18.78 5.98 -21.92
N ARG A 127 19.79 5.14 -22.03
CA ARG A 127 20.47 4.95 -23.30
C ARG A 127 19.55 4.25 -24.28
N ASP A 128 18.49 3.64 -23.75
CA ASP A 128 17.52 2.93 -24.57
C ASP A 128 16.57 3.93 -25.21
N LEU A 129 15.81 4.63 -24.38
CA LEU A 129 14.87 5.63 -24.87
C LEU A 129 15.57 6.58 -25.81
N ALA A 130 16.70 7.12 -25.36
CA ALA A 130 17.47 8.05 -26.16
C ALA A 130 17.83 7.40 -27.49
N THR A 131 18.11 6.10 -27.44
CA THR A 131 18.46 5.35 -28.65
C THR A 131 17.21 5.07 -29.47
N ALA A 132 16.16 4.59 -28.79
CA ALA A 132 14.90 4.30 -29.46
C ALA A 132 14.34 5.58 -30.07
N LEU A 133 14.57 6.68 -29.37
CA LEU A 133 14.12 7.98 -29.81
C LEU A 133 14.80 8.37 -31.12
N GLU A 134 16.07 8.72 -31.01
CA GLU A 134 16.85 9.12 -32.17
C GLU A 134 16.54 8.23 -33.36
N GLN A 135 16.13 7.01 -33.08
CA GLN A 135 15.77 6.05 -34.11
C GLN A 135 14.50 6.47 -34.84
N LEU A 136 13.43 6.65 -34.07
CA LEU A 136 12.15 7.07 -34.63
C LEU A 136 12.29 8.43 -35.30
N LEU A 137 13.00 9.33 -34.63
CA LEU A 137 13.22 10.67 -35.15
C LEU A 137 14.14 10.63 -36.36
N GLN A 138 15.02 9.64 -36.38
CA GLN A 138 15.96 9.46 -37.48
C GLN A 138 15.26 9.43 -38.84
N ALA A 139 13.95 9.22 -38.82
CA ALA A 139 13.16 9.17 -40.05
C ALA A 139 12.24 10.38 -40.14
N TYR A 140 11.91 10.92 -38.98
CA TYR A 140 11.03 12.06 -38.88
C TYR A 140 11.81 13.37 -38.97
N PRO A 141 11.10 14.50 -39.13
CA PRO A 141 11.72 15.82 -39.24
C PRO A 141 12.68 16.10 -38.09
N ARG A 142 13.86 16.63 -38.43
CA ARG A 142 14.87 16.94 -37.43
C ARG A 142 15.24 18.42 -37.46
N ASP A 143 15.11 19.04 -38.63
CA ASP A 143 15.44 20.44 -38.80
C ASP A 143 14.66 21.32 -37.81
N MET A 144 13.45 20.88 -37.46
CA MET A 144 12.61 21.63 -36.53
C MET A 144 13.13 21.48 -35.10
N GLU A 145 12.88 20.33 -34.50
CA GLU A 145 13.31 20.07 -33.13
C GLU A 145 12.91 18.65 -32.72
N LYS A 146 13.68 18.06 -31.82
CA LYS A 146 13.41 16.71 -31.35
C LYS A 146 12.52 16.74 -30.11
N GLU A 147 12.80 17.66 -29.21
CA GLU A 147 12.04 17.79 -27.97
C GLU A 147 10.60 17.30 -28.10
N LYS A 148 9.78 18.04 -28.84
CA LYS A 148 8.38 17.67 -29.02
C LYS A 148 8.22 16.20 -29.40
N THR A 149 8.41 15.89 -30.68
CA THR A 149 8.28 14.53 -31.17
C THR A 149 9.09 13.54 -30.35
N MET A 150 10.34 13.90 -30.04
CA MET A 150 11.23 13.05 -29.27
C MET A 150 10.68 12.81 -27.86
N LEU A 151 10.42 13.90 -27.16
CA LEU A 151 9.90 13.80 -25.79
C LEU A 151 8.51 13.20 -25.78
N VAL A 152 7.59 13.80 -26.52
CA VAL A 152 6.23 13.30 -26.57
C VAL A 152 6.23 11.77 -26.66
N LEU A 153 7.07 11.26 -27.57
CA LEU A 153 7.20 9.82 -27.76
C LEU A 153 7.85 9.19 -26.54
N ALA A 154 9.18 9.28 -26.50
CA ALA A 154 9.96 8.73 -25.40
C ALA A 154 9.26 8.93 -24.06
N LEU A 155 8.99 10.19 -23.71
CA LEU A 155 8.31 10.50 -22.45
C LEU A 155 7.09 9.62 -22.28
N LEU A 156 6.29 9.52 -23.35
CA LEU A 156 5.10 8.69 -23.33
C LEU A 156 5.46 7.25 -23.02
N LEU A 157 6.45 6.73 -23.73
CA LEU A 157 6.91 5.37 -23.53
C LEU A 157 6.98 5.04 -22.04
N ALA A 158 7.75 5.82 -21.32
CA ALA A 158 7.88 5.61 -19.88
C ALA A 158 6.51 5.61 -19.23
N LYS A 159 5.92 6.80 -19.08
CA LYS A 159 4.59 6.91 -18.48
C LYS A 159 3.69 5.80 -19.00
N LYS A 160 3.96 5.34 -20.21
CA LYS A 160 3.16 4.27 -20.82
C LYS A 160 3.30 2.97 -20.04
N VAL A 161 4.48 2.34 -20.11
CA VAL A 161 4.70 1.10 -19.39
C VAL A 161 4.10 1.19 -17.99
N ALA A 162 4.25 2.37 -17.38
CA ALA A 162 3.72 2.59 -16.05
C ALA A 162 2.23 2.26 -15.99
N SER A 163 1.53 2.56 -17.08
CA SER A 163 0.11 2.28 -17.17
C SER A 163 -0.14 0.77 -17.22
N HIS A 164 0.61 0.09 -18.07
CA HIS A 164 0.50 -1.36 -18.20
C HIS A 164 1.09 -2.04 -16.97
N THR A 165 2.28 -1.62 -16.59
CA THR A 165 2.97 -2.17 -15.43
C THR A 165 2.78 -1.27 -14.21
N PRO A 166 1.86 -1.64 -13.31
CA PRO A 166 1.56 -0.88 -12.10
C PRO A 166 2.58 -1.11 -10.99
N SER A 167 3.86 -1.13 -11.34
CA SER A 167 4.92 -1.35 -10.37
C SER A 167 6.26 -0.84 -10.89
N LEU A 168 6.21 0.10 -11.83
CA LEU A 168 7.41 0.66 -12.42
C LEU A 168 7.44 2.18 -12.25
N LEU A 169 6.52 2.70 -11.44
CA LEU A 169 6.43 4.13 -11.20
C LEU A 169 7.80 4.79 -11.20
N ARG A 170 8.48 4.72 -10.06
CA ARG A 170 9.81 5.31 -9.91
C ARG A 170 10.57 5.33 -11.23
N ASP A 171 10.81 4.15 -11.78
CA ASP A 171 11.52 4.03 -13.04
C ASP A 171 10.92 4.94 -14.10
N VAL A 172 9.60 4.88 -14.26
CA VAL A 172 8.91 5.72 -15.24
C VAL A 172 9.12 7.20 -14.93
N PHE A 173 8.89 7.57 -13.68
CA PHE A 173 9.07 8.95 -13.26
C PHE A 173 10.32 9.55 -13.89
N HIS A 174 11.48 9.17 -13.37
CA HIS A 174 12.74 9.67 -13.87
C HIS A 174 12.79 9.59 -15.40
N THR A 175 12.42 8.44 -15.94
CA THR A 175 12.44 8.23 -17.39
C THR A 175 12.08 9.51 -18.15
N THR A 176 10.95 10.11 -17.81
CA THR A 176 10.49 11.31 -18.50
C THR A 176 11.18 12.57 -17.98
N VAL A 177 11.60 12.55 -16.71
CA VAL A 177 12.25 13.71 -16.11
C VAL A 177 13.77 13.68 -16.24
N ASN A 178 14.31 12.53 -16.63
CA ASN A 178 15.75 12.38 -16.78
C ASN A 178 16.22 12.73 -18.19
N PHE A 179 15.88 11.88 -19.15
CA PHE A 179 16.27 12.09 -20.54
C PHE A 179 16.26 13.58 -20.89
N ILE A 180 15.36 14.33 -20.25
CA ILE A 180 15.26 15.75 -20.49
C ILE A 180 16.41 16.51 -19.84
N ASN A 181 16.47 16.45 -18.51
CA ASN A 181 17.51 17.14 -17.75
C ASN A 181 18.89 16.85 -18.33
N GLN A 182 19.01 15.76 -19.07
CA GLN A 182 20.29 15.39 -19.67
C GLN A 182 20.72 16.43 -20.71
N ASN A 183 19.74 17.04 -21.38
CA ASN A 183 20.02 18.05 -22.40
C ASN A 183 18.78 18.85 -22.76
N LEU A 184 17.63 18.19 -22.78
CA LEU A 184 16.37 18.84 -23.14
C LEU A 184 15.58 19.27 -21.90
N ARG A 185 16.26 19.33 -20.76
CA ARG A 185 15.63 19.73 -19.51
C ARG A 185 14.48 20.71 -19.73
N THR A 186 14.82 21.93 -20.11
CA THR A 186 13.83 22.97 -20.36
C THR A 186 12.51 22.41 -20.86
N TYR A 187 12.57 21.39 -21.70
CA TYR A 187 11.36 20.77 -22.25
C TYR A 187 10.34 20.47 -21.16
N VAL A 188 10.73 19.63 -20.21
CA VAL A 188 9.84 19.25 -19.12
C VAL A 188 9.04 20.44 -18.62
N ARG A 189 9.72 21.56 -18.37
CA ARG A 189 9.04 22.75 -17.91
C ARG A 189 7.76 22.94 -18.73
N SER A 190 7.85 22.53 -19.98
CA SER A 190 6.71 22.61 -20.90
C SER A 190 5.73 21.49 -20.60
N LEU A 191 6.25 20.30 -20.32
CA LEU A 191 5.41 19.16 -20.00
C LEU A 191 4.25 19.60 -19.12
N ALA A 192 4.57 20.45 -18.15
CA ALA A 192 3.56 20.97 -17.23
C ALA A 192 2.90 22.23 -17.78
N ARG A 193 3.66 23.00 -18.54
CA ARG A 193 3.15 24.23 -19.13
C ARG A 193 2.01 23.94 -20.11
N ASN A 194 2.15 22.86 -20.87
CA ASN A 194 1.15 22.46 -21.83
C ASN A 194 0.45 21.17 -21.41
N GLY A 195 0.97 20.55 -20.34
CA GLY A 195 0.40 19.32 -19.85
C GLY A 195 0.94 18.10 -20.58
N MET A 196 1.06 18.22 -21.89
CA MET A 196 1.57 17.13 -22.72
C MET A 196 2.77 17.57 -23.54
N ASP A 197 2.53 18.50 -24.46
CA ASP A 197 3.59 19.02 -25.31
C ASP A 197 4.59 19.83 -24.50
N GLY A 1 27.81 -16.03 -25.34
CA GLY A 1 27.81 -17.34 -26.06
C GLY A 1 26.85 -18.34 -25.46
N SER A 2 27.10 -19.62 -25.69
CA SER A 2 26.25 -20.68 -25.16
C SER A 2 24.83 -20.55 -25.70
N MET A 3 24.11 -19.55 -25.21
CA MET A 3 22.73 -19.32 -25.64
C MET A 3 21.95 -20.63 -25.69
N ASP A 4 22.19 -21.50 -24.71
CA ASP A 4 21.51 -22.79 -24.65
C ASP A 4 20.03 -22.61 -24.35
N CYS A 5 19.73 -22.06 -23.18
CA CYS A 5 18.34 -21.85 -22.77
C CYS A 5 17.66 -20.86 -23.70
N GLU A 6 16.59 -21.30 -24.35
CA GLU A 6 15.84 -20.45 -25.26
C GLU A 6 14.69 -19.75 -24.55
N VAL A 7 14.24 -20.34 -23.44
CA VAL A 7 13.16 -19.77 -22.66
C VAL A 7 13.66 -19.27 -21.30
N ASN A 8 13.20 -18.09 -20.91
CA ASN A 8 13.61 -17.50 -19.64
C ASN A 8 12.53 -17.69 -18.58
N ASN A 9 12.94 -17.80 -17.33
CA ASN A 9 12.01 -17.98 -16.22
C ASN A 9 12.53 -17.34 -14.94
N GLY A 10 11.62 -16.79 -14.15
CA GLY A 10 12.01 -16.15 -12.90
C GLY A 10 10.86 -15.42 -12.25
N SER A 11 10.88 -15.37 -10.91
CA SER A 11 9.82 -14.69 -10.17
C SER A 11 10.41 -13.60 -9.27
N SER A 12 10.10 -12.34 -9.59
CA SER A 12 10.59 -11.21 -8.82
C SER A 12 9.64 -10.02 -8.93
N LEU A 13 8.69 -9.93 -8.02
CA LEU A 13 7.72 -8.85 -8.02
C LEU A 13 7.46 -8.33 -6.61
N ARG A 14 7.30 -7.01 -6.48
CA ARG A 14 7.04 -6.40 -5.19
C ARG A 14 5.54 -6.39 -4.89
N ASP A 15 4.79 -5.67 -5.71
CA ASP A 15 3.34 -5.58 -5.55
C ASP A 15 2.99 -4.99 -4.18
N GLU A 16 2.29 -3.86 -4.20
CA GLU A 16 1.88 -3.19 -2.97
C GLU A 16 0.75 -3.95 -2.29
N CYS A 17 0.11 -4.85 -3.05
CA CYS A 17 -0.99 -5.66 -2.52
C CYS A 17 -0.72 -6.09 -1.10
N ILE A 18 0.55 -6.22 -0.76
CA ILE A 18 0.95 -6.66 0.57
C ILE A 18 0.89 -5.52 1.58
N THR A 19 1.43 -4.37 1.24
CA THR A 19 1.42 -3.23 2.13
C THR A 19 0.02 -2.98 2.64
N ASN A 20 -0.93 -2.87 1.72
CA ASN A 20 -2.32 -2.65 2.10
C ASN A 20 -2.78 -3.86 2.91
N LEU A 21 -2.52 -5.05 2.39
CA LEU A 21 -2.88 -6.28 3.07
C LEU A 21 -2.42 -6.19 4.51
N LEU A 22 -1.19 -5.74 4.67
CA LEU A 22 -0.59 -5.58 5.99
C LEU A 22 -1.55 -4.87 6.93
N VAL A 23 -1.73 -3.56 6.72
CA VAL A 23 -2.62 -2.79 7.57
C VAL A 23 -3.85 -3.61 7.95
N PHE A 24 -4.51 -4.20 6.95
CA PHE A 24 -5.68 -5.02 7.24
C PHE A 24 -5.40 -5.96 8.39
N GLY A 25 -4.61 -6.99 8.12
CA GLY A 25 -4.27 -7.94 9.16
C GLY A 25 -3.59 -7.26 10.33
N PHE A 26 -2.61 -6.42 10.00
CA PHE A 26 -1.86 -5.67 11.02
C PHE A 26 -2.81 -4.93 11.94
N LEU A 27 -3.67 -4.10 11.38
CA LEU A 27 -4.62 -3.34 12.17
C LEU A 27 -5.77 -4.25 12.64
N GLN A 28 -5.92 -5.40 11.96
CA GLN A 28 -6.96 -6.34 12.33
C GLN A 28 -6.78 -6.75 13.79
N SER A 29 -5.53 -7.04 14.16
CA SER A 29 -5.21 -7.42 15.52
C SER A 29 -5.08 -6.18 16.40
N CYS A 30 -4.68 -5.08 15.78
CA CYS A 30 -4.51 -3.81 16.49
C CYS A 30 -5.67 -3.55 17.44
N SER A 31 -6.83 -4.13 17.13
CA SER A 31 -8.02 -3.96 17.96
C SER A 31 -8.75 -5.28 18.15
N ASP A 32 -8.10 -6.37 17.79
CA ASP A 32 -8.69 -7.70 17.93
C ASP A 32 -10.05 -7.76 17.23
N ASN A 33 -10.87 -8.73 17.64
CA ASN A 33 -12.20 -8.91 17.07
C ASN A 33 -13.16 -7.84 17.57
N SER A 34 -14.45 -8.09 17.40
CA SER A 34 -15.48 -7.15 17.84
C SER A 34 -15.30 -5.79 17.16
N PHE A 35 -14.69 -5.80 15.98
CA PHE A 35 -14.45 -4.57 15.23
C PHE A 35 -14.13 -4.91 13.78
N ARG A 36 -14.64 -6.05 13.34
CA ARG A 36 -14.40 -6.52 11.98
C ARG A 36 -15.21 -5.72 10.96
N ARG A 37 -16.51 -5.62 11.19
CA ARG A 37 -17.38 -4.87 10.29
C ARG A 37 -16.66 -3.64 9.78
N GLU A 38 -15.85 -3.07 10.66
CA GLU A 38 -15.09 -1.86 10.33
C GLU A 38 -14.10 -2.16 9.21
N LEU A 39 -13.22 -3.14 9.44
CA LEU A 39 -12.22 -3.51 8.45
C LEU A 39 -12.91 -3.93 7.14
N ASP A 40 -14.05 -4.60 7.27
CA ASP A 40 -14.80 -5.05 6.11
C ASP A 40 -15.15 -3.88 5.21
N ALA A 41 -15.55 -2.77 5.83
CA ALA A 41 -15.91 -1.57 5.07
C ALA A 41 -14.68 -0.90 4.49
N LEU A 42 -13.53 -1.13 5.14
CA LEU A 42 -12.27 -0.56 4.68
C LEU A 42 -11.87 -1.13 3.32
N GLY A 43 -11.70 -2.45 3.26
CA GLY A 43 -11.33 -3.09 2.02
C GLY A 43 -12.34 -2.85 0.91
N HIS A 44 -13.53 -2.39 1.30
CA HIS A 44 -14.59 -2.12 0.34
C HIS A 44 -14.31 -0.84 -0.44
N GLU A 45 -13.35 -0.06 0.05
CA GLU A 45 -12.97 1.20 -0.59
C GLU A 45 -11.50 1.19 -0.94
N LEU A 46 -10.68 0.75 0.01
CA LEU A 46 -9.24 0.69 -0.19
C LEU A 46 -8.92 0.25 -1.61
N PRO A 47 -7.93 0.91 -2.25
CA PRO A 47 -7.53 0.59 -3.61
C PRO A 47 -7.02 -0.84 -3.75
N VAL A 48 -7.95 -1.79 -3.81
CA VAL A 48 -7.59 -3.20 -3.94
C VAL A 48 -8.52 -3.92 -4.91
N LEU A 49 -9.32 -3.14 -5.63
CA LEU A 49 -10.25 -3.72 -6.61
C LEU A 49 -9.50 -4.20 -7.84
N ALA A 50 -8.32 -3.64 -8.06
CA ALA A 50 -7.49 -4.01 -9.20
C ALA A 50 -6.23 -3.17 -9.27
N PRO A 51 -5.37 -3.27 -8.24
CA PRO A 51 -4.12 -2.51 -8.17
C PRO A 51 -3.12 -2.95 -9.23
N GLN A 52 -3.08 -4.25 -9.52
CA GLN A 52 -2.17 -4.78 -10.52
C GLN A 52 -2.41 -6.27 -10.74
N TRP A 53 -3.36 -6.58 -11.61
CA TRP A 53 -3.69 -7.96 -11.92
C TRP A 53 -3.19 -8.36 -13.31
N GLU A 54 -3.94 -7.96 -14.34
CA GLU A 54 -3.57 -8.27 -15.72
C GLU A 54 -2.96 -9.66 -15.82
N GLY A 55 -3.66 -10.65 -15.27
CA GLY A 55 -3.17 -12.02 -15.32
C GLY A 55 -2.96 -12.51 -16.72
N TYR A 56 -3.84 -12.12 -17.64
CA TYR A 56 -3.74 -12.53 -19.03
C TYR A 56 -2.46 -11.99 -19.67
N ASP A 57 -2.43 -10.68 -19.90
CA ASP A 57 -1.28 -10.03 -20.51
C ASP A 57 -0.91 -10.71 -21.83
N GLU A 58 -0.16 -10.00 -22.65
CA GLU A 58 0.28 -10.52 -23.95
C GLU A 58 1.79 -10.46 -24.11
N LEU A 59 2.44 -9.71 -23.24
CA LEU A 59 3.88 -9.56 -23.29
C LEU A 59 4.57 -10.52 -22.32
N GLN A 60 5.75 -10.14 -21.85
CA GLN A 60 6.51 -10.97 -20.92
C GLN A 60 6.47 -10.37 -19.52
N THR A 61 6.72 -11.21 -18.52
CA THR A 61 6.74 -10.77 -17.13
C THR A 61 8.08 -11.05 -16.47
N ASP A 62 9.05 -11.45 -17.26
CA ASP A 62 10.39 -11.75 -16.76
C ASP A 62 11.11 -10.47 -16.36
N GLY A 63 12.26 -10.63 -15.72
CA GLY A 63 13.04 -9.46 -15.30
C GLY A 63 14.34 -9.85 -14.62
N ASN A 64 15.32 -8.97 -14.72
CA ASN A 64 16.63 -9.23 -14.10
C ASN A 64 16.75 -8.51 -12.76
N ARG A 65 16.24 -9.14 -11.71
CA ARG A 65 16.29 -8.55 -10.38
C ARG A 65 16.37 -9.64 -9.31
N SER A 66 17.57 -10.17 -9.08
CA SER A 66 17.78 -11.21 -8.09
C SER A 66 17.01 -12.48 -8.46
N SER A 67 17.40 -13.59 -7.86
CA SER A 67 16.75 -14.88 -8.12
C SER A 67 16.69 -15.74 -6.86
N HIS A 68 17.82 -15.86 -6.18
CA HIS A 68 17.90 -16.65 -4.96
C HIS A 68 18.80 -15.97 -3.93
N SER A 69 18.85 -16.53 -2.74
CA SER A 69 19.68 -15.98 -1.67
C SER A 69 19.90 -17.00 -0.56
N ARG A 70 18.82 -17.57 -0.05
CA ARG A 70 18.90 -18.56 1.02
C ARG A 70 18.27 -19.88 0.60
N LEU A 71 17.99 -20.74 1.58
CA LEU A 71 17.39 -22.04 1.31
C LEU A 71 17.16 -22.81 2.62
N GLY A 72 16.28 -22.29 3.46
CA GLY A 72 16.00 -22.94 4.73
C GLY A 72 14.71 -23.72 4.70
N ARG A 73 14.46 -24.40 3.58
CA ARG A 73 13.25 -25.21 3.43
C ARG A 73 12.00 -24.38 3.70
N ILE A 74 11.18 -24.24 2.68
CA ILE A 74 9.95 -23.47 2.77
C ILE A 74 8.75 -24.22 2.18
N GLU A 75 9.02 -25.31 1.48
CA GLU A 75 7.97 -26.10 0.86
C GLU A 75 6.90 -26.50 1.87
N ALA A 76 7.27 -26.43 3.15
CA ALA A 76 6.36 -26.76 4.22
C ALA A 76 6.20 -25.59 5.19
N ASP A 77 6.16 -24.38 4.64
CA ASP A 77 6.03 -23.17 5.44
C ASP A 77 5.59 -21.99 4.59
N SER A 78 4.94 -22.29 3.47
CA SER A 78 4.47 -21.25 2.56
C SER A 78 3.12 -21.62 1.95
N GLU A 79 2.05 -21.40 2.70
CA GLU A 79 0.71 -21.71 2.24
C GLU A 79 0.21 -20.64 1.28
N SER A 80 0.00 -19.43 1.81
CA SER A 80 -0.48 -18.31 1.00
C SER A 80 0.15 -17.00 1.46
N GLN A 81 0.39 -16.11 0.50
CA GLN A 81 0.98 -14.81 0.81
C GLN A 81 0.18 -14.07 1.88
N GLU A 82 -1.14 -14.15 1.77
CA GLU A 82 -2.02 -13.49 2.71
C GLU A 82 -2.13 -14.28 4.01
N ASP A 83 -1.68 -15.53 3.96
CA ASP A 83 -1.73 -16.40 5.13
C ASP A 83 -0.54 -16.12 6.05
N ILE A 84 0.65 -16.04 5.47
CA ILE A 84 1.86 -15.77 6.24
C ILE A 84 1.90 -14.32 6.71
N ILE A 85 1.43 -13.42 5.86
CA ILE A 85 1.41 -12.00 6.18
C ILE A 85 0.32 -11.69 7.21
N ARG A 86 -0.78 -12.43 7.14
CA ARG A 86 -1.90 -12.22 8.06
C ARG A 86 -1.57 -12.79 9.45
N ASN A 87 -0.86 -13.92 9.47
CA ASN A 87 -0.48 -14.55 10.73
C ASN A 87 0.67 -13.79 11.39
N ILE A 88 1.49 -13.15 10.57
CA ILE A 88 2.62 -12.38 11.07
C ILE A 88 2.16 -11.06 11.67
N ALA A 89 1.33 -10.33 10.93
CA ALA A 89 0.82 -9.04 11.40
C ALA A 89 -0.18 -9.23 12.52
N ARG A 90 -0.97 -10.30 12.44
CA ARG A 90 -1.97 -10.60 13.46
C ARG A 90 -1.32 -10.97 14.78
N HIS A 91 -0.23 -11.73 14.70
CA HIS A 91 0.48 -12.16 15.90
C HIS A 91 1.25 -10.99 16.51
N LEU A 92 2.24 -10.47 15.78
CA LEU A 92 3.04 -9.36 16.26
C LEU A 92 2.15 -8.24 16.78
N ALA A 93 1.11 -7.91 16.02
CA ALA A 93 0.18 -6.86 16.40
C ALA A 93 -0.56 -7.23 17.68
N GLN A 94 -0.84 -8.53 17.84
CA GLN A 94 -1.55 -9.02 19.01
C GLN A 94 -0.74 -8.74 20.28
N VAL A 95 0.53 -9.11 20.26
CA VAL A 95 1.41 -8.89 21.39
C VAL A 95 1.53 -7.41 21.71
N GLY A 96 1.70 -6.60 20.67
CA GLY A 96 1.81 -5.16 20.85
C GLY A 96 0.59 -4.57 21.53
N ASP A 97 -0.59 -5.05 21.13
CA ASP A 97 -1.84 -4.57 21.71
C ASP A 97 -1.91 -4.89 23.20
N SER A 98 -1.69 -6.16 23.53
CA SER A 98 -1.71 -6.60 24.92
C SER A 98 -0.71 -5.80 25.75
N MET A 99 0.42 -5.48 25.14
CA MET A 99 1.47 -4.71 25.81
C MET A 99 1.15 -3.22 25.76
N ASP A 100 0.21 -2.84 24.90
CA ASP A 100 -0.19 -1.45 24.75
C ASP A 100 -1.27 -1.09 25.76
N ARG A 101 -2.02 -2.09 26.21
CA ARG A 101 -3.10 -1.87 27.17
C ARG A 101 -2.71 -0.79 28.18
N SER A 102 -1.42 -0.73 28.50
CA SER A 102 -0.91 0.25 29.45
C SER A 102 -0.39 1.48 28.71
N ILE A 103 -1.20 2.02 27.81
CA ILE A 103 -0.82 3.19 27.03
C ILE A 103 -0.17 4.25 27.92
N PRO A 104 0.94 4.84 27.45
CA PRO A 104 1.67 5.88 28.20
C PRO A 104 0.76 7.02 28.62
N PRO A 105 1.35 8.14 29.09
CA PRO A 105 0.59 9.31 29.53
C PRO A 105 -0.31 9.85 28.43
N GLY A 106 -1.41 9.14 28.17
CA GLY A 106 -2.35 9.56 27.15
C GLY A 106 -1.68 9.79 25.81
N LEU A 107 -1.11 8.74 25.25
CA LEU A 107 -0.44 8.83 23.96
C LEU A 107 -1.44 8.61 22.82
N VAL A 108 -1.88 7.37 22.65
CA VAL A 108 -2.83 7.02 21.61
C VAL A 108 -3.87 8.13 21.45
N ASN A 109 -4.50 8.48 22.56
CA ASN A 109 -5.52 9.51 22.54
C ASN A 109 -5.11 10.66 21.62
N GLY A 110 -3.98 11.30 21.93
CA GLY A 110 -3.51 12.40 21.12
C GLY A 110 -3.28 11.98 19.68
N LEU A 111 -2.61 10.85 19.49
CA LEU A 111 -2.35 10.35 18.15
C LEU A 111 -3.66 10.32 17.37
N ALA A 112 -4.72 9.93 18.06
CA ALA A 112 -6.04 9.90 17.45
C ALA A 112 -6.49 11.32 17.16
N LEU A 113 -5.98 12.26 17.96
CA LEU A 113 -6.31 13.67 17.79
C LEU A 113 -5.41 14.28 16.73
N GLN A 114 -4.23 13.69 16.57
CA GLN A 114 -3.26 14.15 15.58
C GLN A 114 -3.60 13.56 14.21
N LEU A 115 -3.99 12.29 14.20
CA LEU A 115 -4.35 11.60 12.97
C LEU A 115 -5.73 12.04 12.50
N ARG A 116 -6.71 11.89 13.38
CA ARG A 116 -8.10 12.26 13.07
C ARG A 116 -8.15 13.38 12.03
N ASN A 117 -7.67 14.56 12.44
CA ASN A 117 -7.64 15.73 11.57
C ASN A 117 -8.62 15.62 10.40
N THR A 118 -9.86 15.28 10.72
CA THR A 118 -10.90 15.15 9.70
C THR A 118 -10.31 14.59 8.40
N SER A 119 -10.75 15.12 7.26
CA SER A 119 -10.26 14.66 5.96
C SER A 119 -8.83 15.13 5.72
N ARG A 120 -8.29 15.92 6.64
CA ARG A 120 -6.93 16.42 6.50
C ARG A 120 -5.94 15.30 6.81
N SER A 121 -6.41 14.34 7.60
CA SER A 121 -5.61 13.19 8.01
C SER A 121 -4.51 12.88 7.02
N GLU A 122 -4.85 12.16 5.95
CA GLU A 122 -3.88 11.78 4.92
C GLU A 122 -2.65 12.70 4.94
N GLU A 123 -2.91 14.00 4.94
CA GLU A 123 -1.84 14.99 4.98
C GLU A 123 -1.52 15.36 6.43
N ASP A 124 -2.56 15.78 7.15
CA ASP A 124 -2.40 16.15 8.55
C ASP A 124 -1.65 15.05 9.29
N ARG A 125 -2.00 13.80 9.00
CA ARG A 125 -1.36 12.66 9.59
C ARG A 125 0.06 12.54 9.08
N ASN A 126 0.20 12.60 7.76
CA ASN A 126 1.51 12.51 7.14
C ASN A 126 2.48 13.47 7.80
N ARG A 127 2.13 14.75 7.79
CA ARG A 127 2.98 15.76 8.40
C ARG A 127 3.00 15.58 9.92
N ASP A 128 2.07 14.77 10.42
CA ASP A 128 1.99 14.51 11.85
C ASP A 128 3.06 13.51 12.26
N LEU A 129 2.99 12.31 11.68
CA LEU A 129 3.96 11.27 11.98
C LEU A 129 5.35 11.73 11.61
N ALA A 130 5.51 12.21 10.39
CA ALA A 130 6.81 12.69 9.92
C ALA A 130 7.32 13.78 10.85
N THR A 131 6.40 14.56 11.42
CA THR A 131 6.76 15.62 12.35
C THR A 131 7.00 15.04 13.74
N ALA A 132 6.09 14.17 14.17
CA ALA A 132 6.20 13.53 15.47
C ALA A 132 7.43 12.64 15.49
N LEU A 133 7.73 12.07 14.33
CA LEU A 133 8.89 11.19 14.18
C LEU A 133 10.17 11.98 14.32
N GLU A 134 10.43 12.81 13.33
CA GLU A 134 11.63 13.65 13.33
C GLU A 134 11.85 14.25 14.72
N GLN A 135 10.76 14.40 15.46
CA GLN A 135 10.83 14.96 16.81
C GLN A 135 11.43 13.93 17.77
N LEU A 136 10.81 12.75 17.84
CA LEU A 136 11.30 11.70 18.70
C LEU A 136 12.72 11.32 18.32
N LEU A 137 13.00 11.35 17.03
CA LEU A 137 14.32 11.01 16.51
C LEU A 137 15.29 12.17 16.74
N GLN A 138 14.73 13.38 16.76
CA GLN A 138 15.51 14.59 16.97
C GLN A 138 16.33 14.50 18.25
N ALA A 139 15.97 13.56 19.12
CA ALA A 139 16.68 13.37 20.38
C ALA A 139 17.46 12.07 20.36
N TYR A 140 17.01 11.16 19.51
CA TYR A 140 17.63 9.86 19.38
C TYR A 140 18.49 9.78 18.11
N PRO A 141 19.75 9.37 18.27
CA PRO A 141 20.69 9.25 17.15
C PRO A 141 20.35 8.09 16.21
N ARG A 142 20.46 8.35 14.91
CA ARG A 142 20.17 7.34 13.91
C ARG A 142 21.46 6.79 13.29
N ASP A 143 21.87 7.38 12.17
CA ASP A 143 23.09 6.97 11.48
C ASP A 143 22.91 5.60 10.82
N MET A 144 22.55 4.61 11.63
CA MET A 144 22.36 3.25 11.13
C MET A 144 21.20 3.20 10.14
N GLU A 145 20.04 3.71 10.54
CA GLU A 145 18.86 3.72 9.69
C GLU A 145 17.65 4.20 10.48
N LYS A 146 16.73 4.88 9.81
CA LYS A 146 15.53 5.39 10.44
C LYS A 146 14.39 4.38 10.37
N GLU A 147 14.29 3.72 9.22
CA GLU A 147 13.24 2.72 8.99
C GLU A 147 12.70 2.11 10.27
N LYS A 148 13.52 1.31 10.93
CA LYS A 148 13.12 0.64 12.17
C LYS A 148 12.58 1.62 13.20
N THR A 149 13.48 2.26 13.93
CA THR A 149 13.09 3.20 14.97
C THR A 149 12.10 4.25 14.46
N MET A 150 12.31 4.71 13.23
CA MET A 150 11.44 5.73 12.64
C MET A 150 10.06 5.16 12.32
N LEU A 151 10.02 4.10 11.53
CA LEU A 151 8.75 3.49 11.16
C LEU A 151 8.15 2.73 12.33
N VAL A 152 8.97 1.96 13.02
CA VAL A 152 8.49 1.20 14.18
C VAL A 152 7.67 2.11 15.08
N LEU A 153 8.23 3.27 15.43
CA LEU A 153 7.54 4.22 16.28
C LEU A 153 6.31 4.76 15.56
N ALA A 154 6.55 5.67 14.62
CA ALA A 154 5.47 6.28 13.85
C ALA A 154 4.39 5.27 13.51
N LEU A 155 4.79 4.16 12.90
CA LEU A 155 3.85 3.11 12.52
C LEU A 155 2.95 2.77 13.71
N LEU A 156 3.56 2.63 14.88
CA LEU A 156 2.83 2.32 16.10
C LEU A 156 1.85 3.43 16.44
N LEU A 157 2.29 4.68 16.26
CA LEU A 157 1.46 5.84 16.54
C LEU A 157 0.11 5.70 15.85
N ALA A 158 0.15 5.35 14.57
CA ALA A 158 -1.08 5.15 13.80
C ALA A 158 -1.89 4.00 14.39
N LYS A 159 -1.39 2.78 14.22
CA LYS A 159 -2.07 1.61 14.76
C LYS A 159 -2.42 1.83 16.22
N LYS A 160 -1.68 2.72 16.87
CA LYS A 160 -1.92 3.04 18.27
C LYS A 160 -3.28 3.68 18.46
N VAL A 161 -3.54 4.76 17.72
CA VAL A 161 -4.82 5.46 17.82
C VAL A 161 -5.96 4.50 17.51
N ALA A 162 -5.89 3.85 16.34
CA ALA A 162 -6.92 2.90 15.93
C ALA A 162 -7.22 1.91 17.05
N SER A 163 -6.27 1.75 17.96
CA SER A 163 -6.42 0.83 19.08
C SER A 163 -7.21 1.49 20.21
N HIS A 164 -7.23 2.81 20.22
CA HIS A 164 -7.95 3.56 21.24
C HIS A 164 -9.16 4.28 20.64
N THR A 165 -8.98 4.82 19.45
CA THR A 165 -10.05 5.54 18.76
C THR A 165 -10.68 4.65 17.68
N PRO A 166 -11.76 3.94 18.04
CA PRO A 166 -12.45 3.05 17.11
C PRO A 166 -13.20 3.82 16.01
N SER A 167 -12.50 4.71 15.34
CA SER A 167 -13.10 5.50 14.26
C SER A 167 -12.03 6.11 13.35
N LEU A 168 -10.82 5.56 13.39
CA LEU A 168 -9.74 6.05 12.56
C LEU A 168 -9.02 4.92 11.84
N LEU A 169 -9.66 3.76 11.77
CA LEU A 169 -9.07 2.60 11.11
C LEU A 169 -8.51 2.98 9.74
N ARG A 170 -9.39 3.06 8.76
CA ARG A 170 -8.99 3.42 7.40
C ARG A 170 -7.88 4.46 7.44
N ASP A 171 -8.11 5.51 8.22
CA ASP A 171 -7.12 6.58 8.37
C ASP A 171 -5.81 6.00 8.85
N VAL A 172 -5.84 5.29 9.97
CA VAL A 172 -4.65 4.67 10.53
C VAL A 172 -3.99 3.75 9.51
N PHE A 173 -4.80 2.94 8.85
CA PHE A 173 -4.31 2.03 7.84
C PHE A 173 -3.30 2.72 6.93
N HIS A 174 -3.81 3.57 6.05
CA HIS A 174 -2.96 4.30 5.12
C HIS A 174 -1.80 4.97 5.85
N THR A 175 -2.03 5.34 7.12
CA THR A 175 -1.00 5.98 7.92
C THR A 175 0.31 5.19 7.90
N THR A 176 0.32 4.05 8.58
CA THR A 176 1.51 3.21 8.63
C THR A 176 1.95 2.78 7.24
N VAL A 177 1.02 2.80 6.29
CA VAL A 177 1.33 2.40 4.93
C VAL A 177 1.75 3.59 4.07
N ASN A 178 1.55 4.80 4.58
CA ASN A 178 1.92 6.01 3.85
C ASN A 178 3.40 6.35 4.05
N PHE A 179 3.71 6.91 5.22
CA PHE A 179 5.08 7.28 5.55
C PHE A 179 6.08 6.33 4.91
N ILE A 180 5.74 5.05 4.86
CA ILE A 180 6.61 4.04 4.28
C ILE A 180 6.51 4.05 2.76
N ASN A 181 5.29 3.91 2.25
CA ASN A 181 5.06 3.90 0.82
C ASN A 181 5.68 5.12 0.15
N GLN A 182 5.84 6.19 0.92
CA GLN A 182 6.43 7.42 0.41
C GLN A 182 7.80 7.15 -0.21
N ASN A 183 8.57 6.28 0.44
CA ASN A 183 9.90 5.94 -0.04
C ASN A 183 10.46 4.72 0.69
N LEU A 184 10.13 4.59 1.97
CA LEU A 184 10.60 3.47 2.79
C LEU A 184 9.75 2.22 2.59
N ARG A 185 8.90 2.26 1.56
CA ARG A 185 8.02 1.13 1.24
C ARG A 185 8.66 -0.20 1.59
N THR A 186 9.91 -0.38 1.16
CA THR A 186 10.64 -1.61 1.41
C THR A 186 10.50 -2.05 2.87
N TYR A 187 10.15 -1.11 3.74
CA TYR A 187 10.00 -1.42 5.15
C TYR A 187 8.71 -2.19 5.44
N VAL A 188 7.58 -1.66 4.97
CA VAL A 188 6.30 -2.31 5.18
C VAL A 188 6.40 -3.80 4.93
N ARG A 189 6.99 -4.18 3.79
CA ARG A 189 7.16 -5.58 3.47
C ARG A 189 7.69 -6.30 4.70
N SER A 190 8.44 -5.57 5.49
CA SER A 190 9.01 -6.09 6.73
C SER A 190 7.91 -6.24 7.77
N LEU A 191 7.04 -5.23 7.85
CA LEU A 191 5.93 -5.26 8.79
C LEU A 191 5.31 -6.65 8.79
N ALA A 192 5.17 -7.22 7.60
CA ALA A 192 4.59 -8.55 7.44
C ALA A 192 5.66 -9.63 7.51
N ARG A 193 6.90 -9.26 7.17
CA ARG A 193 8.01 -10.19 7.18
C ARG A 193 8.42 -10.55 8.61
N ASN A 194 8.39 -9.55 9.49
CA ASN A 194 8.76 -9.77 10.88
C ASN A 194 7.60 -9.42 11.82
N GLY A 195 6.55 -8.83 11.27
CA GLY A 195 5.40 -8.47 12.05
C GLY A 195 5.46 -7.03 12.56
N MET A 196 6.64 -6.63 13.05
CA MET A 196 6.82 -5.28 13.56
C MET A 196 8.01 -4.61 12.89
N ASP A 197 9.20 -5.12 13.15
CA ASP A 197 10.43 -4.57 12.57
C ASP A 197 10.73 -5.22 11.22
N GLY A 1 11.97 5.09 -0.83
CA GLY A 1 11.48 3.73 -0.48
C GLY A 1 10.81 3.03 -1.64
N SER A 2 9.64 3.52 -2.04
CA SER A 2 8.90 2.94 -3.15
C SER A 2 8.04 3.98 -3.84
N MET A 3 6.81 4.14 -3.37
CA MET A 3 5.88 5.11 -3.94
C MET A 3 5.67 4.85 -5.43
N ASP A 4 4.62 5.44 -5.99
CA ASP A 4 4.31 5.27 -7.41
C ASP A 4 4.93 6.39 -8.24
N CYS A 5 5.58 6.01 -9.33
CA CYS A 5 6.22 6.97 -10.22
C CYS A 5 5.85 6.70 -11.67
N GLU A 6 5.55 7.76 -12.41
CA GLU A 6 5.17 7.64 -13.81
C GLU A 6 5.83 8.72 -14.66
N VAL A 7 6.80 9.42 -14.06
CA VAL A 7 7.51 10.48 -14.77
C VAL A 7 8.62 9.92 -15.65
N ASN A 8 8.22 9.22 -16.70
CA ASN A 8 9.18 8.62 -17.63
C ASN A 8 9.43 9.52 -18.82
N ASN A 9 10.30 10.51 -18.63
CA ASN A 9 10.63 11.45 -19.70
C ASN A 9 11.69 10.86 -20.63
N GLY A 10 11.42 10.90 -21.93
CA GLY A 10 12.36 10.37 -22.90
C GLY A 10 12.41 11.19 -24.17
N SER A 11 12.83 10.54 -25.27
CA SER A 11 12.92 11.22 -26.56
C SER A 11 12.58 10.27 -27.70
N SER A 12 13.51 9.39 -28.03
CA SER A 12 13.30 8.42 -29.10
C SER A 12 13.41 6.99 -28.58
N LEU A 13 12.32 6.23 -28.69
CA LEU A 13 12.30 4.85 -28.24
C LEU A 13 11.06 4.14 -28.75
N ARG A 14 11.20 3.48 -29.91
CA ARG A 14 10.08 2.76 -30.52
C ARG A 14 9.71 1.54 -29.68
N ASP A 15 10.46 0.46 -29.85
CA ASP A 15 10.21 -0.77 -29.11
C ASP A 15 8.80 -1.29 -29.39
N GLU A 16 8.38 -1.16 -30.65
CA GLU A 16 7.05 -1.63 -31.05
C GLU A 16 6.89 -3.12 -30.82
N CYS A 17 8.02 -3.83 -30.71
CA CYS A 17 8.01 -5.28 -30.49
C CYS A 17 6.86 -5.67 -29.59
N ILE A 18 6.47 -4.78 -28.70
CA ILE A 18 5.40 -5.04 -27.75
C ILE A 18 4.03 -4.94 -28.40
N THR A 19 3.78 -3.85 -29.11
CA THR A 19 2.50 -3.64 -29.77
C THR A 19 2.14 -4.87 -30.60
N ASN A 20 3.05 -5.29 -31.47
CA ASN A 20 2.81 -6.46 -32.29
C ASN A 20 2.60 -7.68 -31.41
N LEU A 21 3.53 -7.88 -30.48
CA LEU A 21 3.42 -9.00 -29.56
C LEU A 21 1.99 -9.13 -29.06
N LEU A 22 1.46 -8.00 -28.60
CA LEU A 22 0.09 -7.95 -28.11
C LEU A 22 -0.87 -8.65 -29.06
N VAL A 23 -1.12 -8.04 -30.21
CA VAL A 23 -2.02 -8.64 -31.18
C VAL A 23 -1.79 -10.15 -31.28
N PHE A 24 -0.53 -10.55 -31.43
CA PHE A 24 -0.19 -11.97 -31.51
C PHE A 24 -0.84 -12.71 -30.36
N GLY A 25 -0.32 -12.48 -29.17
CA GLY A 25 -0.87 -13.13 -28.00
C GLY A 25 -2.37 -12.92 -27.89
N PHE A 26 -2.80 -11.67 -28.03
CA PHE A 26 -4.21 -11.33 -27.98
C PHE A 26 -5.00 -12.19 -28.96
N LEU A 27 -4.60 -12.13 -30.22
CA LEU A 27 -5.28 -12.89 -31.27
C LEU A 27 -4.90 -14.37 -31.18
N GLN A 28 -3.89 -14.67 -30.37
CA GLN A 28 -3.44 -16.06 -30.20
C GLN A 28 -4.45 -16.84 -29.38
N SER A 29 -4.97 -16.23 -28.32
CA SER A 29 -5.94 -16.89 -27.45
C SER A 29 -7.35 -16.67 -28.00
N CYS A 30 -7.52 -15.59 -28.76
CA CYS A 30 -8.82 -15.28 -29.34
C CYS A 30 -9.46 -16.51 -29.97
N SER A 31 -8.62 -17.47 -30.36
CA SER A 31 -9.10 -18.70 -30.98
C SER A 31 -8.29 -19.90 -30.48
N ASP A 32 -7.54 -19.69 -29.40
CA ASP A 32 -6.72 -20.75 -28.83
C ASP A 32 -6.01 -21.56 -29.91
N ASN A 33 -5.40 -22.67 -29.52
CA ASN A 33 -4.68 -23.53 -30.45
C ASN A 33 -5.64 -24.16 -31.46
N SER A 34 -6.10 -23.35 -32.41
CA SER A 34 -7.01 -23.82 -33.44
C SER A 34 -6.81 -23.06 -34.75
N PHE A 35 -5.64 -22.44 -34.87
CA PHE A 35 -5.31 -21.66 -36.06
C PHE A 35 -3.91 -21.07 -35.91
N ARG A 36 -3.05 -21.85 -35.27
CA ARG A 36 -1.67 -21.44 -35.02
C ARG A 36 -0.93 -21.18 -36.32
N ARG A 37 -0.79 -22.20 -37.15
CA ARG A 37 -0.11 -22.07 -38.42
C ARG A 37 -0.43 -20.72 -39.05
N GLU A 38 -1.65 -20.28 -38.81
CA GLU A 38 -2.11 -18.99 -39.33
C GLU A 38 -1.33 -17.85 -38.68
N LEU A 39 -1.31 -17.83 -37.36
CA LEU A 39 -0.59 -16.80 -36.62
C LEU A 39 0.87 -16.77 -37.05
N ASP A 40 1.44 -17.97 -37.23
CA ASP A 40 2.84 -18.09 -37.64
C ASP A 40 3.07 -17.33 -38.94
N ALA A 41 2.15 -17.51 -39.89
CA ALA A 41 2.25 -16.84 -41.19
C ALA A 41 2.18 -15.33 -41.00
N LEU A 42 1.46 -14.90 -39.97
CA LEU A 42 1.31 -13.49 -39.68
C LEU A 42 2.62 -12.92 -39.15
N GLY A 43 3.12 -13.48 -38.06
CA GLY A 43 4.37 -13.01 -37.49
C GLY A 43 5.50 -13.07 -38.49
N HIS A 44 5.31 -13.86 -39.54
CA HIS A 44 6.31 -14.00 -40.59
C HIS A 44 6.06 -12.99 -41.71
N GLU A 45 5.12 -12.08 -41.47
CA GLU A 45 4.79 -11.05 -42.46
C GLU A 45 4.71 -9.68 -41.80
N LEU A 46 4.16 -9.64 -40.59
CA LEU A 46 4.02 -8.39 -39.85
C LEU A 46 5.20 -7.47 -40.12
N PRO A 47 5.03 -6.51 -41.04
CA PRO A 47 6.08 -5.55 -41.39
C PRO A 47 6.39 -4.59 -40.26
N VAL A 48 7.54 -3.92 -40.35
CA VAL A 48 7.96 -2.97 -39.32
C VAL A 48 8.60 -1.74 -39.96
N LEU A 49 9.58 -1.16 -39.28
CA LEU A 49 10.28 0.01 -39.79
C LEU A 49 11.71 -0.34 -40.17
N ALA A 50 12.34 -1.20 -39.38
CA ALA A 50 13.72 -1.61 -39.65
C ALA A 50 13.80 -3.12 -39.90
N PRO A 51 13.80 -3.52 -41.18
CA PRO A 51 13.88 -4.94 -41.56
C PRO A 51 15.04 -5.66 -40.89
N GLN A 52 16.24 -5.13 -41.06
CA GLN A 52 17.43 -5.71 -40.46
C GLN A 52 17.60 -5.26 -39.02
N TRP A 53 18.01 -6.18 -38.15
CA TRP A 53 18.20 -5.87 -36.73
C TRP A 53 19.59 -6.28 -36.28
N GLU A 54 19.94 -7.55 -36.48
CA GLU A 54 21.25 -8.06 -36.09
C GLU A 54 22.26 -7.91 -37.21
N GLY A 55 22.47 -6.68 -37.66
CA GLY A 55 23.42 -6.42 -38.73
C GLY A 55 24.79 -6.98 -38.43
N TYR A 56 25.21 -6.89 -37.17
CA TYR A 56 26.52 -7.40 -36.76
C TYR A 56 26.86 -8.69 -37.48
N ASP A 57 26.19 -9.77 -37.11
CA ASP A 57 26.43 -11.07 -37.73
C ASP A 57 25.40 -11.35 -38.82
N GLU A 58 25.49 -12.53 -39.41
CA GLU A 58 24.57 -12.93 -40.47
C GLU A 58 23.75 -14.15 -40.06
N LEU A 59 24.12 -14.74 -38.93
CA LEU A 59 23.43 -15.91 -38.42
C LEU A 59 22.51 -15.51 -37.26
N GLN A 60 22.29 -16.45 -36.34
CA GLN A 60 21.44 -16.19 -35.18
C GLN A 60 22.21 -16.40 -33.88
N THR A 61 21.94 -15.55 -32.90
CA THR A 61 22.60 -15.63 -31.61
C THR A 61 22.63 -17.07 -31.11
N ASP A 62 21.47 -17.57 -30.73
CA ASP A 62 21.33 -18.92 -30.24
C ASP A 62 22.20 -19.14 -29.01
N GLY A 63 22.29 -18.12 -28.17
CA GLY A 63 23.09 -18.21 -26.96
C GLY A 63 22.46 -19.12 -25.92
N ASN A 64 22.26 -18.59 -24.72
CA ASN A 64 21.67 -19.36 -23.63
C ASN A 64 20.17 -19.11 -23.54
N ARG A 65 19.49 -19.18 -24.68
CA ARG A 65 18.05 -18.96 -24.73
C ARG A 65 17.30 -20.29 -24.66
N SER A 66 16.00 -20.21 -24.38
CA SER A 66 15.17 -21.40 -24.28
C SER A 66 13.71 -21.08 -24.61
N SER A 67 13.14 -21.81 -25.57
CA SER A 67 11.76 -21.60 -25.97
C SER A 67 10.83 -22.59 -25.28
N HIS A 68 10.26 -22.17 -24.15
CA HIS A 68 9.34 -23.02 -23.40
C HIS A 68 10.10 -24.10 -22.65
N SER A 69 10.17 -23.95 -21.32
CA SER A 69 10.86 -24.92 -20.48
C SER A 69 10.11 -25.13 -19.17
N ARG A 70 9.94 -26.40 -18.79
CA ARG A 70 9.23 -26.73 -17.56
C ARG A 70 10.20 -27.20 -16.49
N LEU A 71 9.67 -27.52 -15.31
CA LEU A 71 10.49 -27.97 -14.19
C LEU A 71 11.60 -26.98 -13.89
N GLY A 72 11.22 -25.75 -13.54
CA GLY A 72 12.20 -24.73 -13.24
C GLY A 72 11.56 -23.42 -12.81
N ARG A 73 11.56 -23.17 -11.50
CA ARG A 73 10.99 -21.95 -10.96
C ARG A 73 12.03 -20.84 -10.89
N ILE A 74 13.11 -21.03 -11.62
CA ILE A 74 14.19 -20.07 -11.67
C ILE A 74 13.68 -18.64 -11.49
N GLU A 75 13.14 -18.10 -12.57
CA GLU A 75 12.60 -16.74 -12.54
C GLU A 75 11.07 -16.76 -12.54
N ALA A 76 10.49 -17.94 -12.65
CA ALA A 76 9.04 -18.09 -12.66
C ALA A 76 8.45 -17.58 -13.97
N ASP A 77 8.94 -18.14 -15.08
CA ASP A 77 8.45 -17.75 -16.40
C ASP A 77 8.64 -16.25 -16.62
N SER A 78 9.47 -15.64 -15.79
CA SER A 78 9.74 -14.21 -15.90
C SER A 78 11.07 -13.96 -16.59
N GLU A 79 11.27 -14.65 -17.72
CA GLU A 79 12.50 -14.51 -18.49
C GLU A 79 12.62 -13.12 -19.08
N SER A 80 11.98 -12.90 -20.22
CA SER A 80 12.02 -11.61 -20.89
C SER A 80 10.66 -10.92 -20.84
N GLN A 81 10.68 -9.60 -20.67
CA GLN A 81 9.45 -8.83 -20.60
C GLN A 81 8.51 -9.24 -21.72
N GLU A 82 9.08 -9.44 -22.91
CA GLU A 82 8.30 -9.85 -24.07
C GLU A 82 7.56 -11.14 -23.80
N ASP A 83 8.17 -11.98 -22.96
CA ASP A 83 7.58 -13.25 -22.59
C ASP A 83 6.34 -13.03 -21.73
N ILE A 84 6.43 -12.04 -20.86
CA ILE A 84 5.32 -11.70 -19.98
C ILE A 84 4.15 -11.15 -20.78
N ILE A 85 4.43 -10.17 -21.64
CA ILE A 85 3.39 -9.58 -22.48
C ILE A 85 2.65 -10.64 -23.26
N ARG A 86 3.38 -11.63 -23.77
CA ARG A 86 2.79 -12.71 -24.54
C ARG A 86 1.81 -13.52 -23.69
N ASN A 87 2.27 -13.96 -22.53
CA ASN A 87 1.44 -14.76 -21.63
C ASN A 87 0.30 -13.92 -21.08
N ILE A 88 0.56 -12.63 -20.88
CA ILE A 88 -0.45 -11.72 -20.35
C ILE A 88 -1.58 -11.53 -21.35
N ALA A 89 -1.23 -11.23 -22.59
CA ALA A 89 -2.21 -11.03 -23.64
C ALA A 89 -3.03 -12.29 -23.86
N ARG A 90 -2.36 -13.42 -24.02
CA ARG A 90 -3.04 -14.70 -24.22
C ARG A 90 -3.85 -15.08 -22.99
N HIS A 91 -3.53 -14.46 -21.86
CA HIS A 91 -4.22 -14.72 -20.61
C HIS A 91 -5.62 -14.13 -20.63
N LEU A 92 -5.69 -12.80 -20.50
CA LEU A 92 -6.97 -12.10 -20.51
C LEU A 92 -7.72 -12.34 -21.81
N ALA A 93 -6.96 -12.54 -22.89
CA ALA A 93 -7.55 -12.79 -24.19
C ALA A 93 -8.26 -14.15 -24.23
N GLN A 94 -7.74 -15.11 -23.46
CA GLN A 94 -8.34 -16.43 -23.40
C GLN A 94 -9.64 -16.39 -22.62
N VAL A 95 -9.63 -15.68 -21.49
CA VAL A 95 -10.81 -15.56 -20.65
C VAL A 95 -11.86 -14.69 -21.32
N GLY A 96 -11.44 -13.53 -21.82
CA GLY A 96 -12.37 -12.63 -22.48
C GLY A 96 -13.09 -13.29 -23.64
N ASP A 97 -12.33 -13.97 -24.49
CA ASP A 97 -12.90 -14.65 -25.64
C ASP A 97 -13.65 -15.90 -25.19
N SER A 98 -13.09 -16.59 -24.20
CA SER A 98 -13.72 -17.80 -23.68
C SER A 98 -15.19 -17.56 -23.39
N MET A 99 -15.50 -16.40 -22.82
CA MET A 99 -16.86 -16.03 -22.49
C MET A 99 -17.55 -15.37 -23.69
N ASP A 100 -16.75 -14.81 -24.57
CA ASP A 100 -17.26 -14.14 -25.76
C ASP A 100 -17.58 -15.15 -26.86
N ARG A 101 -17.00 -16.34 -26.75
CA ARG A 101 -17.21 -17.39 -27.74
C ARG A 101 -18.67 -17.40 -28.21
N SER A 102 -19.59 -17.60 -27.27
CA SER A 102 -21.01 -17.62 -27.58
C SER A 102 -21.58 -16.21 -27.60
N ILE A 103 -20.91 -15.33 -28.34
CA ILE A 103 -21.32 -13.94 -28.45
C ILE A 103 -22.83 -13.80 -28.36
N PRO A 104 -23.35 -13.58 -27.14
CA PRO A 104 -24.79 -13.42 -26.91
C PRO A 104 -25.37 -12.22 -27.64
N PRO A 105 -24.74 -11.05 -27.52
CA PRO A 105 -25.19 -9.82 -28.17
C PRO A 105 -25.16 -9.94 -29.69
N GLY A 106 -24.03 -10.41 -30.21
CA GLY A 106 -23.88 -10.57 -31.64
C GLY A 106 -23.46 -9.29 -32.34
N LEU A 107 -22.28 -8.79 -31.99
CA LEU A 107 -21.76 -7.57 -32.60
C LEU A 107 -20.57 -7.88 -33.50
N VAL A 108 -19.64 -8.69 -33.01
CA VAL A 108 -18.45 -9.07 -33.77
C VAL A 108 -18.80 -9.20 -35.25
N ASN A 109 -19.92 -9.84 -35.53
CA ASN A 109 -20.37 -10.04 -36.90
C ASN A 109 -20.02 -8.83 -37.76
N GLY A 110 -20.72 -7.73 -37.51
CA GLY A 110 -20.48 -6.51 -38.26
C GLY A 110 -19.01 -6.14 -38.28
N LEU A 111 -18.42 -6.01 -37.09
CA LEU A 111 -17.02 -5.69 -36.97
C LEU A 111 -16.24 -6.62 -37.90
N ALA A 112 -16.72 -7.85 -38.01
CA ALA A 112 -16.11 -8.84 -38.88
C ALA A 112 -16.55 -8.61 -40.31
N LEU A 113 -17.76 -8.09 -40.48
CA LEU A 113 -18.29 -7.81 -41.80
C LEU A 113 -17.51 -6.68 -42.46
N GLN A 114 -17.02 -5.77 -41.63
CA GLN A 114 -16.24 -4.64 -42.11
C GLN A 114 -14.78 -5.03 -42.25
N LEU A 115 -14.21 -5.55 -41.17
CA LEU A 115 -12.82 -5.98 -41.17
C LEU A 115 -12.56 -7.00 -42.26
N ARG A 116 -13.35 -8.08 -42.25
CA ARG A 116 -13.20 -9.14 -43.26
C ARG A 116 -12.64 -8.60 -44.56
N ASN A 117 -13.30 -7.58 -45.11
CA ASN A 117 -12.89 -6.95 -46.36
C ASN A 117 -11.38 -6.99 -46.51
N THR A 118 -10.88 -8.05 -47.12
CA THR A 118 -9.44 -8.22 -47.34
C THR A 118 -8.88 -7.04 -48.13
N SER A 119 -7.80 -6.45 -47.61
CA SER A 119 -7.16 -5.31 -48.25
C SER A 119 -7.82 -4.01 -47.84
N ARG A 120 -9.14 -4.00 -47.90
CA ARG A 120 -9.92 -2.83 -47.51
C ARG A 120 -10.29 -2.93 -46.04
N SER A 121 -9.31 -2.67 -45.18
CA SER A 121 -9.52 -2.76 -43.74
C SER A 121 -8.45 -2.02 -42.96
N GLU A 122 -7.20 -2.42 -43.13
CA GLU A 122 -6.14 -1.74 -42.40
C GLU A 122 -6.37 -0.24 -42.41
N GLU A 123 -6.62 0.30 -43.59
CA GLU A 123 -6.89 1.73 -43.74
C GLU A 123 -8.38 2.00 -43.63
N ASP A 124 -9.16 1.31 -44.48
CA ASP A 124 -10.60 1.45 -44.48
C ASP A 124 -11.18 1.24 -43.09
N ARG A 125 -10.69 0.21 -42.41
CA ARG A 125 -11.14 -0.09 -41.06
C ARG A 125 -10.57 0.91 -40.08
N ASN A 126 -9.35 1.38 -40.36
CA ASN A 126 -8.71 2.36 -39.49
C ASN A 126 -9.61 3.59 -39.35
N ARG A 127 -9.97 4.18 -40.49
CA ARG A 127 -10.83 5.34 -40.47
C ARG A 127 -12.24 4.95 -40.07
N ASP A 128 -12.52 3.65 -40.13
CA ASP A 128 -13.83 3.14 -39.75
C ASP A 128 -13.94 3.05 -38.24
N LEU A 129 -13.06 2.26 -37.64
CA LEU A 129 -13.06 2.11 -36.20
C LEU A 129 -12.86 3.47 -35.53
N ALA A 130 -11.83 4.19 -35.96
CA ALA A 130 -11.55 5.51 -35.43
C ALA A 130 -12.81 6.36 -35.50
N THR A 131 -13.53 6.26 -36.62
CA THR A 131 -14.76 7.00 -36.81
C THR A 131 -15.87 6.40 -35.96
N ALA A 132 -16.01 5.08 -36.02
CA ALA A 132 -17.02 4.39 -35.23
C ALA A 132 -16.76 4.62 -33.76
N LEU A 133 -15.49 4.77 -33.42
CA LEU A 133 -15.07 5.02 -32.05
C LEU A 133 -15.62 6.35 -31.56
N GLU A 134 -15.04 7.43 -32.08
CA GLU A 134 -15.47 8.77 -31.71
C GLU A 134 -16.98 8.84 -31.64
N GLN A 135 -17.64 7.98 -32.40
CA GLN A 135 -19.09 7.92 -32.43
C GLN A 135 -19.63 7.41 -31.10
N LEU A 136 -19.36 6.14 -30.81
CA LEU A 136 -19.80 5.53 -29.57
C LEU A 136 -19.31 6.35 -28.38
N LEU A 137 -18.14 6.97 -28.54
CA LEU A 137 -17.57 7.81 -27.49
C LEU A 137 -18.24 9.16 -27.46
N GLN A 138 -18.73 9.59 -28.61
CA GLN A 138 -19.42 10.87 -28.74
C GLN A 138 -20.59 10.97 -27.79
N ALA A 139 -21.01 9.84 -27.21
CA ALA A 139 -22.12 9.81 -26.28
C ALA A 139 -21.59 9.70 -24.85
N TYR A 140 -20.35 9.25 -24.75
CA TYR A 140 -19.69 9.08 -23.48
C TYR A 140 -18.65 10.15 -23.25
N PRO A 141 -19.01 11.24 -22.55
CA PRO A 141 -18.10 12.34 -22.27
C PRO A 141 -17.01 11.98 -21.26
N ARG A 142 -15.99 11.27 -21.73
CA ARG A 142 -14.89 10.85 -20.87
C ARG A 142 -14.01 12.05 -20.54
N ASP A 143 -13.35 12.59 -21.55
CA ASP A 143 -12.47 13.74 -21.38
C ASP A 143 -11.18 13.35 -20.64
N MET A 144 -11.35 12.77 -19.47
CA MET A 144 -10.21 12.34 -18.66
C MET A 144 -9.23 11.50 -19.47
N GLU A 145 -9.75 10.78 -20.46
CA GLU A 145 -8.92 9.94 -21.31
C GLU A 145 -9.77 9.05 -22.21
N LYS A 146 -9.51 9.10 -23.51
CA LYS A 146 -10.25 8.30 -24.47
C LYS A 146 -9.57 6.95 -24.70
N GLU A 147 -8.27 6.91 -24.40
CA GLU A 147 -7.48 5.71 -24.55
C GLU A 147 -8.27 4.45 -24.19
N LYS A 148 -8.47 4.24 -22.89
CA LYS A 148 -9.19 3.06 -22.41
C LYS A 148 -10.48 2.84 -23.19
N THR A 149 -11.47 3.69 -22.94
CA THR A 149 -12.77 3.56 -23.60
C THR A 149 -12.60 3.42 -25.12
N MET A 150 -11.87 4.35 -25.73
CA MET A 150 -11.67 4.33 -27.16
C MET A 150 -11.00 3.04 -27.62
N LEU A 151 -9.87 2.72 -27.01
CA LEU A 151 -9.13 1.52 -27.38
C LEU A 151 -9.85 0.26 -26.90
N VAL A 152 -10.15 0.20 -25.61
CA VAL A 152 -10.84 -0.96 -25.05
C VAL A 152 -11.94 -1.43 -26.00
N LEU A 153 -12.70 -0.47 -26.53
CA LEU A 153 -13.78 -0.78 -27.45
C LEU A 153 -13.23 -1.18 -28.82
N ALA A 154 -12.88 -0.18 -29.61
CA ALA A 154 -12.35 -0.40 -30.94
C ALA A 154 -11.43 -1.62 -30.97
N LEU A 155 -10.53 -1.69 -30.00
CA LEU A 155 -9.59 -2.81 -29.91
C LEU A 155 -10.33 -4.14 -29.79
N LEU A 156 -11.22 -4.21 -28.80
CA LEU A 156 -11.99 -5.43 -28.58
C LEU A 156 -12.82 -5.77 -29.81
N LEU A 157 -13.22 -4.75 -30.56
CA LEU A 157 -14.02 -4.95 -31.76
C LEU A 157 -13.24 -5.76 -32.78
N ALA A 158 -11.97 -5.44 -32.95
CA ALA A 158 -11.11 -6.17 -33.87
C ALA A 158 -10.83 -7.57 -33.35
N LYS A 159 -10.02 -7.65 -32.30
CA LYS A 159 -9.69 -8.93 -31.69
C LYS A 159 -10.91 -9.83 -31.63
N LYS A 160 -12.09 -9.21 -31.54
CA LYS A 160 -13.33 -9.96 -31.48
C LYS A 160 -13.59 -10.72 -32.77
N VAL A 161 -13.91 -9.99 -33.84
CA VAL A 161 -14.19 -10.61 -35.13
C VAL A 161 -13.21 -11.76 -35.35
N ALA A 162 -11.93 -11.49 -35.17
CA ALA A 162 -10.89 -12.49 -35.36
C ALA A 162 -11.33 -13.84 -34.79
N SER A 163 -11.98 -13.80 -33.63
CA SER A 163 -12.46 -15.02 -32.99
C SER A 163 -13.57 -15.66 -33.80
N HIS A 164 -14.53 -14.84 -34.24
CA HIS A 164 -15.65 -15.34 -35.03
C HIS A 164 -15.20 -15.65 -36.45
N THR A 165 -14.37 -14.77 -37.01
CA THR A 165 -13.85 -14.96 -38.37
C THR A 165 -12.40 -15.42 -38.33
N PRO A 166 -12.16 -16.73 -38.52
CA PRO A 166 -10.83 -17.32 -38.50
C PRO A 166 -10.05 -17.06 -39.79
N SER A 167 -10.06 -15.82 -40.25
CA SER A 167 -9.36 -15.44 -41.48
C SER A 167 -9.16 -13.94 -41.57
N LEU A 168 -9.20 -13.26 -40.42
CA LEU A 168 -9.03 -11.82 -40.38
C LEU A 168 -7.92 -11.42 -39.42
N LEU A 169 -7.14 -12.41 -38.98
CA LEU A 169 -6.04 -12.17 -38.05
C LEU A 169 -5.25 -10.93 -38.48
N ARG A 170 -4.36 -11.12 -39.45
CA ARG A 170 -3.53 -10.02 -39.95
C ARG A 170 -4.28 -8.69 -39.87
N ASP A 171 -5.45 -8.66 -40.51
CA ASP A 171 -6.28 -7.47 -40.52
C ASP A 171 -6.65 -7.06 -39.10
N VAL A 172 -7.16 -8.01 -38.31
CA VAL A 172 -7.54 -7.74 -36.93
C VAL A 172 -6.32 -7.30 -36.13
N PHE A 173 -5.22 -8.01 -36.36
CA PHE A 173 -3.97 -7.71 -35.68
C PHE A 173 -3.72 -6.21 -35.65
N HIS A 174 -3.36 -5.65 -36.79
CA HIS A 174 -3.10 -4.22 -36.89
C HIS A 174 -4.30 -3.42 -36.40
N THR A 175 -5.49 -3.82 -36.82
CA THR A 175 -6.71 -3.12 -36.42
C THR A 175 -6.61 -2.60 -34.98
N THR A 176 -6.05 -3.42 -34.09
CA THR A 176 -5.92 -3.03 -32.70
C THR A 176 -4.59 -2.34 -32.42
N VAL A 177 -3.55 -2.75 -33.15
CA VAL A 177 -2.21 -2.19 -32.96
C VAL A 177 -1.94 -0.97 -33.83
N ASN A 178 -2.79 -0.73 -34.83
CA ASN A 178 -2.60 0.40 -35.72
C ASN A 178 -3.23 1.67 -35.15
N PHE A 179 -4.56 1.69 -35.10
CA PHE A 179 -5.29 2.85 -34.59
C PHE A 179 -4.52 3.51 -33.44
N ILE A 180 -3.78 2.72 -32.68
CA ILE A 180 -3.01 3.23 -31.55
C ILE A 180 -1.76 3.95 -32.05
N ASN A 181 -0.89 3.22 -32.76
CA ASN A 181 0.33 3.79 -33.29
C ASN A 181 0.05 5.12 -34.00
N GLN A 182 -1.04 5.15 -34.78
CA GLN A 182 -1.41 6.35 -35.51
C GLN A 182 -1.43 7.56 -34.59
N ASN A 183 -1.93 7.38 -33.38
CA ASN A 183 -2.00 8.45 -32.40
C ASN A 183 -1.64 7.94 -31.02
N LEU A 184 -2.65 7.46 -30.29
CA LEU A 184 -2.44 6.92 -28.95
C LEU A 184 -1.12 6.17 -28.87
N ARG A 185 -1.12 4.96 -29.41
CA ARG A 185 0.08 4.12 -29.43
C ARG A 185 0.51 3.74 -28.02
N THR A 186 0.80 4.75 -27.20
CA THR A 186 1.22 4.51 -25.83
C THR A 186 0.20 3.65 -25.09
N TYR A 187 -0.99 3.52 -25.65
CA TYR A 187 -2.04 2.73 -25.04
C TYR A 187 -1.71 1.24 -25.10
N VAL A 188 -1.39 0.75 -26.29
CA VAL A 188 -1.06 -0.66 -26.47
C VAL A 188 -0.21 -1.18 -25.33
N ARG A 189 0.87 -0.46 -25.03
CA ARG A 189 1.73 -0.85 -23.93
C ARG A 189 0.90 -1.29 -22.74
N SER A 190 -0.25 -0.65 -22.62
CA SER A 190 -1.19 -0.95 -21.55
C SER A 190 -1.97 -2.23 -21.88
N LEU A 191 -2.36 -2.38 -23.15
CA LEU A 191 -3.09 -3.57 -23.57
C LEU A 191 -2.48 -4.78 -22.90
N ALA A 192 -1.16 -4.83 -22.90
CA ALA A 192 -0.44 -5.93 -22.27
C ALA A 192 -0.37 -5.74 -20.77
N ARG A 193 -0.14 -4.50 -20.35
CA ARG A 193 -0.06 -4.18 -18.93
C ARG A 193 -1.34 -4.57 -18.21
N ASN A 194 -2.45 -4.58 -18.96
CA ASN A 194 -3.75 -4.93 -18.40
C ASN A 194 -4.37 -6.09 -19.15
N GLY A 195 -3.68 -6.58 -20.18
CA GLY A 195 -4.19 -7.68 -20.96
C GLY A 195 -5.55 -7.40 -21.55
N MET A 196 -5.90 -6.13 -21.60
CA MET A 196 -7.18 -5.69 -22.13
C MET A 196 -7.67 -6.61 -23.24
N ASP A 197 -6.97 -6.58 -24.37
CA ASP A 197 -7.32 -7.41 -25.51
C ASP A 197 -6.53 -7.00 -26.75
N GLY A 1 -26.85 -18.18 46.31
CA GLY A 1 -25.51 -17.70 45.87
C GLY A 1 -24.44 -18.75 46.07
N SER A 2 -23.65 -19.01 45.02
CA SER A 2 -22.59 -19.99 45.09
C SER A 2 -21.29 -19.44 44.51
N MET A 3 -21.37 -18.92 43.28
CA MET A 3 -20.20 -18.36 42.62
C MET A 3 -19.88 -16.98 43.17
N ASP A 4 -20.82 -16.39 43.90
CA ASP A 4 -20.64 -15.07 44.48
C ASP A 4 -20.65 -15.15 46.01
N CYS A 5 -19.65 -14.54 46.63
CA CYS A 5 -19.55 -14.54 48.09
C CYS A 5 -18.19 -14.02 48.53
N GLU A 6 -17.15 -14.38 47.78
CA GLU A 6 -15.79 -13.95 48.09
C GLU A 6 -14.83 -14.27 46.95
N VAL A 7 -15.36 -14.28 45.73
CA VAL A 7 -14.56 -14.57 44.54
C VAL A 7 -14.02 -13.29 43.92
N ASN A 8 -14.72 -12.18 44.15
CA ASN A 8 -14.31 -10.90 43.60
C ASN A 8 -15.26 -9.79 44.04
N ASN A 9 -14.89 -9.10 45.11
CA ASN A 9 -15.71 -8.01 45.63
C ASN A 9 -16.05 -7.01 44.53
N GLY A 10 -17.23 -6.41 44.63
CA GLY A 10 -17.67 -5.44 43.64
C GLY A 10 -18.19 -6.10 42.38
N SER A 11 -19.51 -6.09 42.21
CA SER A 11 -20.14 -6.68 41.04
C SER A 11 -20.33 -5.63 39.95
N SER A 12 -19.42 -4.66 39.90
CA SER A 12 -19.50 -3.60 38.89
C SER A 12 -18.41 -2.55 39.13
N LEU A 13 -17.29 -2.70 38.42
CA LEU A 13 -16.19 -1.77 38.55
C LEU A 13 -15.37 -1.70 37.26
N ARG A 14 -16.07 -1.71 36.12
CA ARG A 14 -15.41 -1.65 34.83
C ARG A 14 -15.48 -0.24 34.24
N ASP A 15 -15.13 -0.12 32.97
CA ASP A 15 -15.15 1.17 32.29
C ASP A 15 -16.13 1.15 31.13
N GLU A 16 -16.12 0.07 30.36
CA GLU A 16 -17.01 -0.07 29.20
C GLU A 16 -18.47 -0.05 29.64
N CYS A 17 -18.75 -0.62 30.81
CA CYS A 17 -20.11 -0.67 31.35
C CYS A 17 -20.90 0.58 30.97
N ILE A 18 -20.18 1.70 30.86
CA ILE A 18 -20.80 2.97 30.50
C ILE A 18 -21.10 3.06 29.01
N THR A 19 -20.13 2.66 28.20
CA THR A 19 -20.30 2.70 26.76
C THR A 19 -21.57 1.96 26.36
N ASN A 20 -21.71 0.73 26.83
CA ASN A 20 -22.89 -0.06 26.53
C ASN A 20 -24.11 0.65 27.08
N LEU A 21 -24.03 1.07 28.34
CA LEU A 21 -25.12 1.79 28.97
C LEU A 21 -25.55 2.94 28.08
N LEU A 22 -24.56 3.61 27.51
CA LEU A 22 -24.82 4.73 26.62
C LEU A 22 -25.79 4.32 25.53
N VAL A 23 -25.29 3.59 24.55
CA VAL A 23 -26.13 3.14 23.45
C VAL A 23 -27.48 2.65 23.99
N PHE A 24 -27.45 1.92 25.11
CA PHE A 24 -28.68 1.44 25.71
C PHE A 24 -29.65 2.59 25.86
N GLY A 25 -29.37 3.45 26.83
CA GLY A 25 -30.22 4.61 27.06
C GLY A 25 -30.29 5.47 25.82
N PHE A 26 -29.15 5.66 25.19
CA PHE A 26 -29.05 6.46 23.97
C PHE A 26 -30.04 5.95 22.92
N LEU A 27 -29.94 4.67 22.60
CA LEU A 27 -30.84 4.06 21.64
C LEU A 27 -32.24 3.94 22.22
N GLN A 28 -32.33 3.97 23.55
CA GLN A 28 -33.62 3.89 24.23
C GLN A 28 -34.54 5.00 23.73
N SER A 29 -34.05 6.24 23.82
CA SER A 29 -34.81 7.39 23.38
C SER A 29 -34.91 7.42 21.86
N CYS A 30 -33.87 6.90 21.21
CA CYS A 30 -33.84 6.87 19.75
C CYS A 30 -35.17 6.41 19.18
N SER A 31 -35.91 5.63 19.98
CA SER A 31 -37.21 5.13 19.56
C SER A 31 -38.21 5.17 20.71
N ASP A 32 -37.88 5.94 21.75
CA ASP A 32 -38.76 6.06 22.90
C ASP A 32 -39.33 4.70 23.30
N ASN A 33 -40.36 4.72 24.13
CA ASN A 33 -41.00 3.48 24.58
C ASN A 33 -41.61 2.74 23.40
N SER A 34 -42.66 1.97 23.66
CA SER A 34 -43.32 1.20 22.61
C SER A 34 -42.36 0.19 22.00
N PHE A 35 -41.30 -0.13 22.72
CA PHE A 35 -40.31 -1.09 22.24
C PHE A 35 -39.21 -1.27 23.28
N ARG A 36 -39.61 -1.19 24.54
CA ARG A 36 -38.68 -1.33 25.65
C ARG A 36 -38.28 -2.79 25.85
N ARG A 37 -39.27 -3.66 26.03
CA ARG A 37 -39.01 -5.08 26.22
C ARG A 37 -37.86 -5.52 25.35
N GLU A 38 -37.77 -4.92 24.18
CA GLU A 38 -36.71 -5.24 23.23
C GLU A 38 -35.35 -4.88 23.80
N LEU A 39 -35.18 -3.61 24.16
CA LEU A 39 -33.92 -3.14 24.73
C LEU A 39 -33.53 -4.01 25.92
N ASP A 40 -34.52 -4.40 26.72
CA ASP A 40 -34.27 -5.23 27.89
C ASP A 40 -33.59 -6.53 27.48
N ALA A 41 -34.13 -7.17 26.44
CA ALA A 41 -33.56 -8.41 25.92
C ALA A 41 -32.12 -8.20 25.47
N LEU A 42 -31.87 -7.06 24.84
CA LEU A 42 -30.54 -6.71 24.36
C LEU A 42 -29.53 -6.77 25.50
N GLY A 43 -29.67 -5.86 26.45
CA GLY A 43 -28.77 -5.83 27.59
C GLY A 43 -28.70 -7.16 28.30
N HIS A 44 -29.76 -7.95 28.18
CA HIS A 44 -29.82 -9.26 28.82
C HIS A 44 -28.98 -10.28 28.05
N GLU A 45 -28.32 -9.82 26.99
CA GLU A 45 -27.49 -10.69 26.18
C GLU A 45 -26.16 -10.00 25.87
N LEU A 46 -26.24 -8.71 25.57
CA LEU A 46 -25.06 -7.91 25.27
C LEU A 46 -24.01 -8.09 26.35
N PRO A 47 -22.73 -8.19 25.95
CA PRO A 47 -21.61 -8.38 26.89
C PRO A 47 -21.52 -7.25 27.92
N VAL A 48 -22.52 -7.19 28.79
CA VAL A 48 -22.55 -6.16 29.84
C VAL A 48 -23.48 -6.55 30.98
N LEU A 49 -23.74 -7.85 31.11
CA LEU A 49 -24.61 -8.35 32.16
C LEU A 49 -23.83 -8.62 33.43
N ALA A 50 -22.61 -9.10 33.28
CA ALA A 50 -21.74 -9.41 34.42
C ALA A 50 -20.30 -9.57 33.97
N PRO A 51 -19.59 -8.46 33.75
CA PRO A 51 -18.19 -8.48 33.32
C PRO A 51 -17.34 -9.42 34.17
N GLN A 52 -16.86 -10.50 33.55
CA GLN A 52 -16.03 -11.47 34.25
C GLN A 52 -14.94 -12.00 33.32
N TRP A 53 -14.38 -11.13 32.50
CA TRP A 53 -13.32 -11.51 31.58
C TRP A 53 -11.96 -11.45 32.27
N GLU A 54 -11.58 -10.25 32.70
CA GLU A 54 -10.31 -10.05 33.38
C GLU A 54 -10.51 -9.26 34.68
N GLY A 55 -9.53 -8.45 35.03
CA GLY A 55 -9.61 -7.66 36.24
C GLY A 55 -8.75 -8.21 37.35
N TYR A 56 -8.43 -9.51 37.27
CA TYR A 56 -7.61 -10.16 38.28
C TYR A 56 -6.33 -9.35 38.54
N ASP A 57 -5.52 -9.17 37.50
CA ASP A 57 -4.28 -8.42 37.62
C ASP A 57 -3.45 -8.94 38.79
N GLU A 58 -2.19 -8.51 38.85
CA GLU A 58 -1.28 -8.93 39.91
C GLU A 58 -1.36 -8.01 41.13
N LEU A 59 -2.00 -6.87 40.95
CA LEU A 59 -2.15 -5.90 42.02
C LEU A 59 -3.54 -5.97 42.64
N GLN A 60 -4.00 -4.85 43.18
CA GLN A 60 -5.31 -4.77 43.81
C GLN A 60 -6.33 -4.12 42.89
N THR A 61 -7.61 -4.31 43.20
CA THR A 61 -8.68 -3.73 42.40
C THR A 61 -9.63 -2.91 43.26
N ASP A 62 -9.21 -2.65 44.50
CA ASP A 62 -10.01 -1.87 45.43
C ASP A 62 -9.35 -0.52 45.72
N GLY A 63 -9.32 0.34 44.71
CA GLY A 63 -8.71 1.64 44.87
C GLY A 63 -9.49 2.53 45.82
N ASN A 64 -9.00 2.65 47.05
CA ASN A 64 -9.66 3.46 48.06
C ASN A 64 -9.72 4.93 47.62
N ARG A 65 -10.35 5.77 48.43
CA ARG A 65 -10.48 7.18 48.13
C ARG A 65 -10.92 7.40 46.69
N SER A 66 -11.60 6.40 46.12
CA SER A 66 -12.08 6.47 44.75
C SER A 66 -12.94 7.72 44.54
N SER A 67 -13.77 8.02 45.53
CA SER A 67 -14.65 9.18 45.46
C SER A 67 -15.46 9.33 46.74
N HIS A 68 -14.99 10.23 47.62
CA HIS A 68 -15.66 10.47 48.89
C HIS A 68 -16.92 11.32 48.69
N SER A 69 -17.91 11.12 49.55
CA SER A 69 -19.16 11.86 49.47
C SER A 69 -19.76 12.06 50.85
N ARG A 70 -19.35 13.13 51.54
CA ARG A 70 -19.84 13.43 52.87
C ARG A 70 -20.58 14.76 52.89
N LEU A 71 -21.48 14.96 51.94
CA LEU A 71 -22.25 16.19 51.84
C LEU A 71 -23.12 16.20 50.59
N GLY A 72 -24.05 15.24 50.52
CA GLY A 72 -24.93 15.16 49.37
C GLY A 72 -26.07 14.18 49.58
N ARG A 73 -26.86 14.43 50.62
CA ARG A 73 -28.00 13.56 50.93
C ARG A 73 -29.27 14.10 50.31
N ILE A 74 -29.11 14.99 49.34
CA ILE A 74 -30.24 15.58 48.64
C ILE A 74 -31.04 14.54 47.89
N GLU A 75 -30.43 13.36 47.71
CA GLU A 75 -31.07 12.26 47.00
C GLU A 75 -31.35 12.61 45.55
N ALA A 76 -32.16 13.64 45.35
CA ALA A 76 -32.52 14.08 44.01
C ALA A 76 -31.49 15.06 43.46
N ASP A 77 -30.22 14.75 43.67
CA ASP A 77 -29.13 15.59 43.19
C ASP A 77 -27.89 14.76 42.92
N SER A 78 -28.08 13.45 42.77
CA SER A 78 -26.99 12.54 42.49
C SER A 78 -27.37 11.11 42.90
N GLU A 79 -28.49 10.63 42.38
CA GLU A 79 -28.95 9.28 42.69
C GLU A 79 -27.95 8.24 42.24
N SER A 80 -27.89 7.99 40.93
CA SER A 80 -26.97 7.00 40.39
C SER A 80 -26.37 7.49 39.08
N GLN A 81 -25.05 7.41 38.97
CA GLN A 81 -24.35 7.85 37.76
C GLN A 81 -25.03 7.29 36.52
N GLU A 82 -25.33 5.99 36.55
CA GLU A 82 -25.97 5.33 35.43
C GLU A 82 -27.33 5.97 35.15
N ASP A 83 -27.92 6.54 36.19
CA ASP A 83 -29.20 7.22 36.06
C ASP A 83 -29.06 8.52 35.30
N ILE A 84 -27.91 9.16 35.46
CA ILE A 84 -27.62 10.40 34.78
C ILE A 84 -27.44 10.16 33.30
N ILE A 85 -26.56 9.22 32.96
CA ILE A 85 -26.29 8.87 31.58
C ILE A 85 -27.59 8.52 30.85
N ARG A 86 -28.47 7.78 31.54
CA ARG A 86 -29.74 7.38 30.96
C ARG A 86 -30.62 8.60 30.71
N ASN A 87 -30.72 9.46 31.72
CA ASN A 87 -31.53 10.67 31.61
C ASN A 87 -30.87 11.66 30.65
N ILE A 88 -29.55 11.60 30.59
CA ILE A 88 -28.79 12.49 29.70
C ILE A 88 -28.94 12.05 28.25
N ALA A 89 -28.65 10.78 27.99
CA ALA A 89 -28.77 10.23 26.64
C ALA A 89 -30.21 10.27 26.17
N ARG A 90 -31.14 10.11 27.10
CA ARG A 90 -32.57 10.14 26.76
C ARG A 90 -33.01 11.55 26.41
N HIS A 91 -32.37 12.54 27.02
CA HIS A 91 -32.69 13.93 26.77
C HIS A 91 -32.17 14.36 25.41
N LEU A 92 -30.84 14.49 25.31
CA LEU A 92 -30.22 14.89 24.06
C LEU A 92 -30.80 14.10 22.89
N ALA A 93 -30.90 12.79 23.08
CA ALA A 93 -31.43 11.91 22.04
C ALA A 93 -32.89 12.22 21.76
N GLN A 94 -33.60 12.72 22.76
CA GLN A 94 -35.01 13.06 22.60
C GLN A 94 -35.17 14.21 21.60
N VAL A 95 -34.48 15.32 21.86
CA VAL A 95 -34.55 16.47 20.97
C VAL A 95 -34.12 16.10 19.56
N GLY A 96 -33.01 15.36 19.47
CA GLY A 96 -32.52 14.94 18.17
C GLY A 96 -33.52 14.08 17.43
N ASP A 97 -34.11 13.12 18.14
CA ASP A 97 -35.10 12.23 17.54
C ASP A 97 -36.30 13.03 17.03
N SER A 98 -36.85 13.88 17.89
CA SER A 98 -38.00 14.69 17.52
C SER A 98 -37.74 15.42 16.20
N MET A 99 -36.51 15.91 16.04
CA MET A 99 -36.13 16.62 14.82
C MET A 99 -35.76 15.64 13.73
N ASP A 100 -35.56 14.39 14.10
CA ASP A 100 -35.20 13.35 13.15
C ASP A 100 -36.44 12.81 12.42
N ARG A 101 -37.60 13.05 13.01
CA ARG A 101 -38.86 12.60 12.42
C ARG A 101 -38.91 12.93 10.93
N SER A 102 -38.28 14.05 10.57
CA SER A 102 -38.25 14.49 9.18
C SER A 102 -36.96 14.05 8.51
N ILE A 103 -36.64 12.76 8.63
CA ILE A 103 -35.44 12.20 8.04
C ILE A 103 -35.11 12.88 6.72
N PRO A 104 -33.82 13.16 6.47
CA PRO A 104 -33.37 13.80 5.23
C PRO A 104 -33.74 12.98 3.99
N PRO A 105 -33.37 13.48 2.80
CA PRO A 105 -33.67 12.80 1.54
C PRO A 105 -33.24 11.34 1.55
N GLY A 106 -34.18 10.46 1.91
CA GLY A 106 -33.89 9.04 1.96
C GLY A 106 -32.48 8.75 2.44
N LEU A 107 -32.24 8.95 3.73
CA LEU A 107 -30.92 8.70 4.32
C LEU A 107 -30.95 7.46 5.19
N VAL A 108 -31.70 7.52 6.29
CA VAL A 108 -31.80 6.38 7.20
C VAL A 108 -31.89 5.09 6.43
N ASN A 109 -32.70 5.10 5.38
CA ASN A 109 -32.90 3.94 4.56
C ASN A 109 -31.58 3.18 4.36
N GLY A 110 -30.65 3.79 3.63
CA GLY A 110 -29.37 3.16 3.38
C GLY A 110 -28.73 2.65 4.65
N LEU A 111 -28.58 3.54 5.62
CA LEU A 111 -27.99 3.16 6.90
C LEU A 111 -28.73 1.96 7.46
N ALA A 112 -30.02 1.88 7.13
CA ALA A 112 -30.86 0.78 7.58
C ALA A 112 -30.71 -0.40 6.63
N LEU A 113 -30.29 -0.10 5.40
CA LEU A 113 -30.11 -1.14 4.39
C LEU A 113 -28.87 -1.97 4.71
N GLN A 114 -27.84 -1.32 5.22
CA GLN A 114 -26.59 -1.98 5.57
C GLN A 114 -26.69 -2.60 6.96
N LEU A 115 -27.20 -1.82 7.92
CA LEU A 115 -27.36 -2.31 9.29
C LEU A 115 -28.36 -3.45 9.35
N ARG A 116 -29.51 -3.25 8.71
CA ARG A 116 -30.56 -4.26 8.68
C ARG A 116 -29.97 -5.67 8.72
N ASN A 117 -29.26 -6.05 7.66
CA ASN A 117 -28.63 -7.36 7.58
C ASN A 117 -27.92 -7.71 8.88
N THR A 118 -28.65 -8.31 9.79
CA THR A 118 -28.11 -8.69 11.09
C THR A 118 -26.63 -9.08 11.01
N SER A 119 -26.35 -10.37 10.94
CA SER A 119 -24.98 -10.87 10.86
C SER A 119 -24.10 -9.94 10.02
N ARG A 120 -24.65 -9.50 8.90
CA ARG A 120 -23.92 -8.61 8.01
C ARG A 120 -24.14 -7.16 8.41
N SER A 121 -23.39 -6.72 9.41
CA SER A 121 -23.51 -5.36 9.90
C SER A 121 -22.41 -5.00 10.89
N GLU A 122 -22.38 -5.67 12.02
CA GLU A 122 -21.37 -5.37 13.02
C GLU A 122 -20.03 -5.09 12.35
N GLU A 123 -19.67 -5.97 11.42
CA GLU A 123 -18.43 -5.82 10.66
C GLU A 123 -18.67 -5.02 9.40
N ASP A 124 -19.58 -5.52 8.57
CA ASP A 124 -19.92 -4.87 7.32
C ASP A 124 -20.22 -3.39 7.56
N ARG A 125 -20.93 -3.13 8.65
CA ARG A 125 -21.28 -1.76 9.01
C ARG A 125 -20.06 -1.03 9.53
N ASN A 126 -19.27 -1.72 10.34
CA ASN A 126 -18.07 -1.13 10.89
C ASN A 126 -17.18 -0.57 9.78
N ARG A 127 -16.82 -1.43 8.84
CA ARG A 127 -16.00 -1.02 7.71
C ARG A 127 -16.78 -0.04 6.84
N ASP A 128 -18.10 -0.06 7.01
CA ASP A 128 -18.97 0.82 6.24
C ASP A 128 -18.96 2.21 6.84
N LEU A 129 -19.43 2.33 8.08
CA LEU A 129 -19.45 3.60 8.77
C LEU A 129 -18.05 4.18 8.82
N ALA A 130 -17.09 3.35 9.19
CA ALA A 130 -15.69 3.77 9.27
C ALA A 130 -15.27 4.38 7.93
N THR A 131 -15.69 3.74 6.84
CA THR A 131 -15.36 4.22 5.51
C THR A 131 -16.27 5.39 5.13
N ALA A 132 -17.54 5.27 5.49
CA ALA A 132 -18.50 6.33 5.21
C ALA A 132 -18.12 7.59 5.97
N LEU A 133 -17.53 7.38 7.14
CA LEU A 133 -17.09 8.48 7.98
C LEU A 133 -15.88 9.17 7.37
N GLU A 134 -14.74 8.50 7.43
CA GLU A 134 -13.51 9.05 6.85
C GLU A 134 -13.79 9.63 5.48
N GLN A 135 -14.83 9.10 4.84
CA GLN A 135 -15.23 9.58 3.51
C GLN A 135 -15.76 11.00 3.60
N LEU A 136 -16.86 11.17 4.34
CA LEU A 136 -17.45 12.50 4.51
C LEU A 136 -16.44 13.43 5.17
N LEU A 137 -15.57 12.85 6.00
CA LEU A 137 -14.54 13.61 6.70
C LEU A 137 -13.39 13.92 5.76
N GLN A 138 -13.17 13.04 4.80
CA GLN A 138 -12.10 13.20 3.82
C GLN A 138 -12.21 14.52 3.07
N ALA A 139 -13.37 15.16 3.18
CA ALA A 139 -13.61 16.43 2.50
C ALA A 139 -13.74 17.54 3.53
N TYR A 140 -13.97 17.15 4.77
CA TYR A 140 -14.14 18.10 5.86
C TYR A 140 -13.09 17.87 6.94
N PRO A 141 -11.97 18.60 6.87
CA PRO A 141 -10.89 18.47 7.84
C PRO A 141 -11.23 19.13 9.18
N ARG A 142 -10.78 18.51 10.27
CA ARG A 142 -11.03 19.03 11.60
C ARG A 142 -9.73 19.37 12.32
N ASP A 143 -8.72 18.53 12.11
CA ASP A 143 -7.41 18.73 12.72
C ASP A 143 -7.48 18.52 14.24
N MET A 144 -8.36 19.27 14.89
CA MET A 144 -8.53 19.17 16.33
C MET A 144 -8.90 17.76 16.74
N GLU A 145 -9.89 17.18 16.05
CA GLU A 145 -10.33 15.83 16.34
C GLU A 145 -11.51 15.45 15.44
N LYS A 146 -11.54 14.19 15.01
CA LYS A 146 -12.61 13.70 14.15
C LYS A 146 -13.75 13.13 15.00
N GLU A 147 -13.39 12.49 16.10
CA GLU A 147 -14.36 11.89 17.01
C GLU A 147 -15.66 12.68 17.02
N LYS A 148 -15.53 13.99 17.26
CA LYS A 148 -16.69 14.87 17.32
C LYS A 148 -17.62 14.67 16.14
N THR A 149 -17.30 15.29 15.00
CA THR A 149 -18.11 15.17 13.81
C THR A 149 -18.24 13.71 13.39
N MET A 150 -17.13 12.99 13.41
CA MET A 150 -17.11 11.59 13.02
C MET A 150 -18.16 10.79 13.78
N LEU A 151 -18.22 10.97 15.09
CA LEU A 151 -19.18 10.25 15.91
C LEU A 151 -20.61 10.71 15.63
N VAL A 152 -20.92 11.95 16.03
CA VAL A 152 -22.25 12.49 15.81
C VAL A 152 -22.83 12.02 14.48
N LEU A 153 -21.97 11.93 13.47
CA LEU A 153 -22.39 11.49 12.15
C LEU A 153 -22.64 9.99 12.14
N ALA A 154 -21.57 9.23 12.01
CA ALA A 154 -21.66 7.77 11.99
C ALA A 154 -22.57 7.26 13.10
N LEU A 155 -22.36 7.77 14.32
CA LEU A 155 -23.16 7.37 15.46
C LEU A 155 -24.65 7.59 15.17
N LEU A 156 -24.98 8.77 14.67
CA LEU A 156 -26.36 9.11 14.35
C LEU A 156 -26.89 8.19 13.26
N LEU A 157 -26.07 7.94 12.24
CA LEU A 157 -26.44 7.08 11.15
C LEU A 157 -27.02 5.77 11.67
N ALA A 158 -26.36 5.22 12.69
CA ALA A 158 -26.81 3.99 13.32
C ALA A 158 -28.13 4.22 14.04
N LYS A 159 -28.07 4.91 15.18
CA LYS A 159 -29.27 5.22 15.93
C LYS A 159 -30.38 5.67 14.99
N LYS A 160 -29.98 6.24 13.86
CA LYS A 160 -30.93 6.71 12.86
C LYS A 160 -31.76 5.56 12.31
N VAL A 161 -31.12 4.67 11.54
CA VAL A 161 -31.83 3.54 10.96
C VAL A 161 -32.83 2.98 11.98
N ALA A 162 -32.36 2.74 13.20
CA ALA A 162 -33.21 2.21 14.25
C ALA A 162 -34.61 2.83 14.17
N SER A 163 -34.66 4.14 13.95
CA SER A 163 -35.93 4.84 13.85
C SER A 163 -36.72 4.33 12.64
N HIS A 164 -36.02 4.18 11.52
CA HIS A 164 -36.64 3.68 10.29
C HIS A 164 -36.88 2.19 10.39
N THR A 165 -35.89 1.48 10.92
CA THR A 165 -35.97 0.03 11.10
C THR A 165 -36.10 -0.32 12.58
N PRO A 166 -37.35 -0.41 13.07
CA PRO A 166 -37.61 -0.73 14.48
C PRO A 166 -37.32 -2.18 14.82
N SER A 167 -36.13 -2.65 14.47
CA SER A 167 -35.74 -4.03 14.74
C SER A 167 -34.24 -4.22 14.52
N LEU A 168 -33.47 -3.16 14.66
CA LEU A 168 -32.03 -3.21 14.46
C LEU A 168 -31.30 -2.81 15.74
N LEU A 169 -32.05 -2.65 16.83
CA LEU A 169 -31.48 -2.26 18.11
C LEU A 169 -30.09 -2.87 18.29
N ARG A 170 -30.06 -4.14 18.69
CA ARG A 170 -28.80 -4.84 18.91
C ARG A 170 -27.73 -4.36 17.94
N ASP A 171 -28.03 -4.48 16.64
CA ASP A 171 -27.10 -4.07 15.60
C ASP A 171 -26.73 -2.60 15.74
N VAL A 172 -27.74 -1.74 15.87
CA VAL A 172 -27.49 -0.30 16.02
C VAL A 172 -26.68 -0.02 17.27
N PHE A 173 -27.06 -0.66 18.37
CA PHE A 173 -26.37 -0.51 19.63
C PHE A 173 -24.86 -0.57 19.41
N HIS A 174 -24.38 -1.71 18.94
CA HIS A 174 -22.97 -1.89 18.67
C HIS A 174 -22.47 -0.86 17.66
N THR A 175 -23.24 -0.66 16.60
CA THR A 175 -22.87 0.29 15.55
C THR A 175 -22.18 1.53 16.12
N THR A 176 -22.83 2.21 17.06
CA THR A 176 -22.27 3.43 17.63
C THR A 176 -21.25 3.13 18.74
N VAL A 177 -21.38 1.97 19.36
CA VAL A 177 -20.47 1.59 20.44
C VAL A 177 -19.24 0.82 19.94
N ASN A 178 -19.33 0.27 18.74
CA ASN A 178 -18.24 -0.50 18.17
C ASN A 178 -17.20 0.42 17.53
N PHE A 179 -17.52 0.93 16.35
CA PHE A 179 -16.60 1.81 15.63
C PHE A 179 -15.81 2.70 16.60
N ILE A 180 -16.41 3.03 17.73
CA ILE A 180 -15.76 3.87 18.72
C ILE A 180 -14.89 3.04 19.65
N ASN A 181 -15.47 2.00 20.22
CA ASN A 181 -14.74 1.11 21.13
C ASN A 181 -13.44 0.66 20.48
N GLN A 182 -13.37 0.74 19.17
CA GLN A 182 -12.18 0.34 18.42
C GLN A 182 -11.01 1.28 18.71
N ASN A 183 -11.30 2.57 18.86
CA ASN A 183 -10.25 3.56 19.12
C ASN A 183 -10.82 4.83 19.75
N LEU A 184 -12.00 5.23 19.31
CA LEU A 184 -12.64 6.43 19.83
C LEU A 184 -13.41 6.14 21.11
N ARG A 185 -13.15 4.98 21.70
CA ARG A 185 -13.82 4.57 22.94
C ARG A 185 -14.12 5.77 23.84
N THR A 186 -13.07 6.32 24.43
CA THR A 186 -13.21 7.46 25.33
C THR A 186 -14.27 8.44 24.86
N TYR A 187 -14.50 8.48 23.54
CA TYR A 187 -15.50 9.40 23.00
C TYR A 187 -16.89 9.10 23.52
N VAL A 188 -17.32 7.85 23.42
CA VAL A 188 -18.64 7.46 23.88
C VAL A 188 -18.92 8.07 25.26
N ARG A 189 -17.95 7.94 26.16
CA ARG A 189 -18.10 8.51 27.49
C ARG A 189 -18.65 9.92 27.36
N SER A 190 -18.31 10.54 26.24
CA SER A 190 -18.77 11.88 25.92
C SER A 190 -20.22 11.85 25.47
N LEU A 191 -20.54 10.87 24.61
CA LEU A 191 -21.90 10.71 24.13
C LEU A 191 -22.88 10.99 25.25
N ALA A 192 -22.58 10.43 26.42
CA ALA A 192 -23.43 10.63 27.59
C ALA A 192 -23.05 11.91 28.33
N ARG A 193 -21.75 12.17 28.42
CA ARG A 193 -21.26 13.37 29.09
C ARG A 193 -21.95 14.61 28.55
N ASN A 194 -22.35 14.55 27.28
CA ASN A 194 -23.03 15.68 26.65
C ASN A 194 -24.41 15.26 26.14
N GLY A 195 -24.71 13.98 26.24
CA GLY A 195 -26.00 13.48 25.79
C GLY A 195 -25.98 13.06 24.34
N MET A 196 -25.39 13.90 23.50
CA MET A 196 -25.31 13.63 22.07
C MET A 196 -23.86 13.65 21.60
N ASP A 197 -23.08 14.60 22.11
CA ASP A 197 -21.68 14.74 21.74
C ASP A 197 -20.78 14.25 22.87
N GLY A 1 8.44 -32.52 43.00
CA GLY A 1 8.91 -31.55 41.97
C GLY A 1 8.02 -31.54 40.74
N SER A 2 6.73 -31.25 40.94
CA SER A 2 5.78 -31.21 39.85
C SER A 2 6.36 -30.49 38.64
N MET A 3 6.48 -29.17 38.75
CA MET A 3 7.01 -28.36 37.67
C MET A 3 5.93 -28.00 36.65
N ASP A 4 6.08 -26.84 36.03
CA ASP A 4 5.11 -26.38 35.05
C ASP A 4 5.77 -26.14 33.69
N CYS A 5 4.99 -25.66 32.73
CA CYS A 5 5.50 -25.39 31.39
C CYS A 5 4.91 -24.09 30.84
N GLU A 6 5.79 -23.15 30.51
CA GLU A 6 5.36 -21.86 29.98
C GLU A 6 4.82 -20.96 31.09
N VAL A 7 5.72 -20.19 31.70
CA VAL A 7 5.33 -19.29 32.78
C VAL A 7 6.08 -17.97 32.68
N ASN A 8 6.58 -17.67 31.49
CA ASN A 8 7.33 -16.44 31.26
C ASN A 8 6.82 -15.72 30.01
N ASN A 9 5.66 -15.09 30.13
CA ASN A 9 5.06 -14.37 29.01
C ASN A 9 6.06 -13.39 28.40
N GLY A 10 6.86 -13.87 27.45
CA GLY A 10 7.85 -13.02 26.80
C GLY A 10 8.66 -13.76 25.78
N SER A 11 8.05 -14.05 24.63
CA SER A 11 8.73 -14.77 23.56
C SER A 11 9.72 -13.85 22.84
N SER A 12 10.99 -14.22 22.90
CA SER A 12 12.04 -13.43 22.25
C SER A 12 13.36 -14.20 22.23
N LEU A 13 13.66 -14.81 21.09
CA LEU A 13 14.89 -15.58 20.93
C LEU A 13 15.13 -16.48 22.13
N ARG A 14 14.56 -17.68 22.09
CA ARG A 14 14.72 -18.63 23.18
C ARG A 14 15.96 -19.49 22.99
N ASP A 15 16.02 -20.19 21.85
CA ASP A 15 17.16 -21.04 21.54
C ASP A 15 16.98 -21.70 20.17
N GLU A 16 17.51 -21.04 19.13
CA GLU A 16 17.41 -21.57 17.78
C GLU A 16 18.53 -22.56 17.50
N CYS A 17 19.65 -22.38 18.19
CA CYS A 17 20.81 -23.26 18.02
C CYS A 17 20.37 -24.71 17.83
N ILE A 18 19.23 -25.05 18.41
CA ILE A 18 18.68 -26.40 18.31
C ILE A 18 18.05 -26.66 16.95
N THR A 19 17.25 -25.71 16.48
CA THR A 19 16.59 -25.84 15.20
C THR A 19 17.61 -26.13 14.11
N ASN A 20 18.58 -25.23 13.97
CA ASN A 20 19.63 -25.41 12.98
C ASN A 20 20.32 -26.74 13.25
N LEU A 21 20.57 -26.99 14.53
CA LEU A 21 21.21 -28.24 14.95
C LEU A 21 20.52 -29.42 14.29
N LEU A 22 19.20 -29.43 14.41
CA LEU A 22 18.39 -30.49 13.83
C LEU A 22 18.76 -30.73 12.38
N VAL A 23 18.52 -29.74 11.52
CA VAL A 23 18.84 -29.88 10.10
C VAL A 23 20.24 -30.45 9.93
N PHE A 24 21.20 -29.94 10.70
CA PHE A 24 22.56 -30.43 10.63
C PHE A 24 22.57 -31.94 10.78
N GLY A 25 22.34 -32.39 12.00
CA GLY A 25 22.29 -33.82 12.25
C GLY A 25 21.34 -34.52 11.31
N PHE A 26 20.16 -33.94 11.15
CA PHE A 26 19.15 -34.50 10.25
C PHE A 26 19.73 -34.70 8.86
N LEU A 27 20.25 -33.64 8.29
CA LEU A 27 20.84 -33.67 6.97
C LEU A 27 22.21 -34.35 7.01
N GLN A 28 22.77 -34.49 8.20
CA GLN A 28 24.08 -35.12 8.36
C GLN A 28 23.98 -36.61 8.05
N SER A 29 23.03 -37.28 8.69
CA SER A 29 22.83 -38.72 8.47
C SER A 29 22.03 -38.96 7.21
N CYS A 30 21.25 -37.96 6.79
CA CYS A 30 20.44 -38.06 5.59
C CYS A 30 21.32 -38.23 4.36
N SER A 31 22.61 -37.92 4.52
CA SER A 31 23.56 -38.04 3.42
C SER A 31 24.84 -38.71 3.89
N ASP A 32 24.77 -39.37 5.04
CA ASP A 32 25.92 -40.05 5.61
C ASP A 32 27.14 -39.13 5.65
N ASN A 33 28.26 -39.66 6.12
CA ASN A 33 29.49 -38.88 6.21
C ASN A 33 30.13 -38.71 4.83
N SER A 34 29.49 -39.27 3.81
CA SER A 34 29.99 -39.17 2.44
C SER A 34 29.62 -37.83 1.82
N PHE A 35 29.92 -36.75 2.54
CA PHE A 35 29.61 -35.41 2.08
C PHE A 35 29.81 -34.42 3.22
N ARG A 36 30.85 -34.67 4.01
CA ARG A 36 31.17 -33.83 5.15
C ARG A 36 31.54 -32.42 4.73
N ARG A 37 32.58 -32.31 3.90
CA ARG A 37 33.03 -31.02 3.42
C ARG A 37 31.83 -30.14 3.11
N GLU A 38 30.76 -30.80 2.69
CA GLU A 38 29.52 -30.10 2.35
C GLU A 38 28.94 -29.45 3.60
N LEU A 39 28.51 -30.26 4.55
CA LEU A 39 27.94 -29.75 5.78
C LEU A 39 28.91 -28.77 6.43
N ASP A 40 30.19 -28.99 6.19
CA ASP A 40 31.23 -28.13 6.73
C ASP A 40 31.00 -26.69 6.27
N ALA A 41 30.79 -26.52 4.97
CA ALA A 41 30.53 -25.21 4.39
C ALA A 41 29.20 -24.67 4.89
N LEU A 42 28.32 -25.58 5.30
CA LEU A 42 27.00 -25.21 5.80
C LEU A 42 27.13 -24.49 7.14
N GLY A 43 27.88 -25.09 8.05
CA GLY A 43 28.07 -24.50 9.37
C GLY A 43 28.95 -23.26 9.32
N HIS A 44 29.62 -23.07 8.19
CA HIS A 44 30.50 -21.91 8.01
C HIS A 44 29.72 -20.72 7.45
N GLU A 45 28.39 -20.82 7.49
CA GLU A 45 27.53 -19.76 6.98
C GLU A 45 26.20 -19.77 7.72
N LEU A 46 25.67 -20.96 7.96
CA LEU A 46 24.39 -21.11 8.66
C LEU A 46 24.37 -20.28 9.93
N PRO A 47 25.40 -20.42 10.77
CA PRO A 47 25.51 -19.69 12.04
C PRO A 47 25.96 -18.25 11.85
N VAL A 48 25.91 -17.47 12.92
CA VAL A 48 26.31 -16.07 12.88
C VAL A 48 27.67 -15.88 13.52
N LEU A 49 28.72 -16.16 12.77
CA LEU A 49 30.08 -16.02 13.29
C LEU A 49 30.34 -14.59 13.76
N ALA A 50 30.48 -13.67 12.81
CA ALA A 50 30.74 -12.27 13.14
C ALA A 50 31.77 -12.16 14.25
N PRO A 51 33.06 -12.15 13.88
CA PRO A 51 34.16 -12.06 14.85
C PRO A 51 34.27 -10.67 15.47
N GLN A 52 33.56 -9.70 14.90
CA GLN A 52 33.59 -8.34 15.41
C GLN A 52 32.29 -7.99 16.13
N TRP A 53 32.12 -8.56 17.32
CA TRP A 53 30.93 -8.31 18.12
C TRP A 53 31.11 -7.05 18.97
N GLU A 54 31.86 -7.19 20.05
CA GLU A 54 32.13 -6.08 20.96
C GLU A 54 33.62 -6.03 21.30
N GLY A 55 33.94 -5.61 22.51
CA GLY A 55 35.32 -5.54 22.92
C GLY A 55 35.54 -4.66 24.14
N TYR A 56 34.74 -3.60 24.26
CA TYR A 56 34.86 -2.68 25.38
C TYR A 56 34.28 -3.29 26.65
N ASP A 57 32.96 -3.44 26.68
CA ASP A 57 32.29 -4.01 27.83
C ASP A 57 32.63 -3.22 29.10
N GLU A 58 31.88 -3.47 30.18
CA GLU A 58 32.11 -2.78 31.44
C GLU A 58 32.23 -3.76 32.59
N LEU A 59 31.38 -4.78 32.57
CA LEU A 59 31.38 -5.80 33.60
C LEU A 59 32.46 -6.83 33.33
N GLN A 60 32.23 -8.06 33.79
CA GLN A 60 33.20 -9.13 33.59
C GLN A 60 33.62 -9.21 32.12
N THR A 61 34.75 -9.87 31.88
CA THR A 61 35.27 -10.02 30.53
C THR A 61 35.23 -11.48 30.08
N ASP A 62 34.53 -12.30 30.84
CA ASP A 62 34.42 -13.72 30.52
C ASP A 62 33.06 -14.04 29.91
N GLY A 63 32.97 -15.16 29.21
CA GLY A 63 31.72 -15.56 28.59
C GLY A 63 31.83 -16.88 27.85
N ASN A 64 32.87 -17.01 27.03
CA ASN A 64 33.09 -18.23 26.26
C ASN A 64 34.54 -18.67 26.34
N ARG A 65 35.20 -18.31 27.44
CA ARG A 65 36.60 -18.66 27.64
C ARG A 65 36.91 -18.84 29.12
N SER A 66 35.99 -19.48 29.85
CA SER A 66 36.18 -19.71 31.27
C SER A 66 36.02 -21.19 31.60
N SER A 67 35.09 -21.85 30.93
CA SER A 67 34.82 -23.26 31.15
C SER A 67 35.27 -24.09 29.95
N HIS A 68 35.86 -25.26 30.22
CA HIS A 68 36.32 -26.14 29.15
C HIS A 68 35.19 -26.48 28.19
N SER A 69 35.55 -27.05 27.04
CA SER A 69 34.57 -27.43 26.04
C SER A 69 34.80 -28.86 25.57
N ARG A 70 35.98 -29.11 25.00
CA ARG A 70 36.33 -30.43 24.51
C ARG A 70 36.49 -31.40 25.67
N LEU A 71 36.57 -32.69 25.36
CA LEU A 71 36.73 -33.72 26.37
C LEU A 71 36.47 -35.11 25.81
N GLY A 72 37.50 -35.71 25.22
CA GLY A 72 37.36 -37.03 24.64
C GLY A 72 37.51 -38.12 25.68
N ARG A 73 36.55 -38.22 26.59
CA ARG A 73 36.57 -39.21 27.64
C ARG A 73 35.45 -40.23 27.42
N ILE A 74 34.86 -40.68 28.51
CA ILE A 74 33.77 -41.65 28.45
C ILE A 74 32.42 -40.96 28.34
N GLU A 75 32.40 -39.67 28.69
CA GLU A 75 31.17 -38.89 28.64
C GLU A 75 30.31 -39.30 27.46
N ALA A 76 30.43 -38.57 26.36
CA ALA A 76 29.67 -38.85 25.15
C ALA A 76 28.29 -39.41 25.48
N ASP A 77 27.73 -39.01 26.61
CA ASP A 77 26.42 -39.47 27.04
C ASP A 77 25.71 -38.44 27.90
N SER A 78 26.20 -37.21 27.86
CA SER A 78 25.60 -36.12 28.65
C SER A 78 26.58 -34.97 28.81
N GLU A 79 27.06 -34.44 27.68
CA GLU A 79 28.01 -33.33 27.71
C GLU A 79 27.29 -31.99 27.54
N SER A 80 26.77 -31.75 26.34
CA SER A 80 26.07 -30.50 26.06
C SER A 80 24.76 -30.77 25.32
N GLN A 81 23.72 -30.02 25.68
CA GLN A 81 22.41 -30.19 25.05
C GLN A 81 22.55 -30.27 23.54
N GLU A 82 23.55 -29.58 23.00
CA GLU A 82 23.79 -29.59 21.56
C GLU A 82 24.26 -30.97 21.12
N ASP A 83 24.89 -31.67 22.03
CA ASP A 83 25.39 -33.02 21.75
C ASP A 83 24.23 -34.01 21.69
N ILE A 84 23.32 -33.91 22.64
CA ILE A 84 22.18 -34.80 22.70
C ILE A 84 21.31 -34.65 21.45
N ILE A 85 20.91 -33.41 21.16
CA ILE A 85 20.09 -33.14 19.99
C ILE A 85 20.79 -33.58 18.71
N ARG A 86 22.11 -33.53 18.72
CA ARG A 86 22.90 -33.92 17.56
C ARG A 86 22.79 -35.42 17.30
N ASN A 87 23.10 -36.22 18.32
CA ASN A 87 23.04 -37.67 18.21
C ASN A 87 21.60 -38.13 17.96
N ILE A 88 20.66 -37.46 18.60
CA ILE A 88 19.25 -37.78 18.46
C ILE A 88 18.81 -37.66 17.00
N ALA A 89 19.17 -36.55 16.37
CA ALA A 89 18.81 -36.32 14.98
C ALA A 89 19.46 -37.35 14.06
N ARG A 90 20.77 -37.51 14.17
CA ARG A 90 21.51 -38.47 13.37
C ARG A 90 20.90 -39.86 13.47
N HIS A 91 20.25 -40.13 14.60
CA HIS A 91 19.63 -41.42 14.85
C HIS A 91 18.37 -41.58 14.01
N LEU A 92 17.31 -40.87 14.40
CA LEU A 92 16.04 -40.94 13.69
C LEU A 92 16.25 -40.63 12.20
N ALA A 93 17.15 -39.69 11.92
CA ALA A 93 17.44 -39.31 10.53
C ALA A 93 18.01 -40.48 9.76
N GLN A 94 18.81 -41.31 10.43
CA GLN A 94 19.42 -42.47 9.81
C GLN A 94 18.35 -43.49 9.45
N VAL A 95 17.36 -43.65 10.31
CA VAL A 95 16.27 -44.59 10.07
C VAL A 95 15.45 -44.19 8.86
N GLY A 96 15.09 -42.91 8.80
CA GLY A 96 14.31 -42.41 7.68
C GLY A 96 15.03 -42.55 6.35
N ASP A 97 16.34 -42.33 6.36
CA ASP A 97 17.15 -42.43 5.16
C ASP A 97 17.17 -43.87 4.64
N SER A 98 17.45 -44.81 5.53
CA SER A 98 17.50 -46.22 5.16
C SER A 98 16.15 -46.69 4.63
N MET A 99 15.08 -46.02 5.08
CA MET A 99 13.73 -46.38 4.65
C MET A 99 13.37 -45.66 3.35
N ASP A 100 13.82 -44.43 3.21
CA ASP A 100 13.55 -43.63 2.02
C ASP A 100 14.58 -43.91 0.93
N ARG A 101 15.71 -44.49 1.33
CA ARG A 101 16.78 -44.81 0.38
C ARG A 101 16.21 -45.36 -0.92
N SER A 102 15.04 -45.99 -0.83
CA SER A 102 14.38 -46.56 -1.99
C SER A 102 13.58 -45.50 -2.75
N ILE A 103 14.21 -44.36 -2.98
CA ILE A 103 13.57 -43.27 -3.70
C ILE A 103 12.77 -43.80 -4.89
N PRO A 104 11.45 -43.62 -4.88
CA PRO A 104 10.57 -44.08 -5.96
C PRO A 104 11.09 -43.69 -7.34
N PRO A 105 10.26 -43.88 -8.38
CA PRO A 105 10.64 -43.55 -9.76
C PRO A 105 11.13 -42.11 -9.89
N GLY A 106 10.81 -41.29 -8.90
CA GLY A 106 11.24 -39.90 -8.92
C GLY A 106 10.40 -39.02 -8.01
N LEU A 107 10.56 -39.18 -6.70
CA LEU A 107 9.82 -38.37 -5.74
C LEU A 107 10.66 -37.19 -5.27
N VAL A 108 11.68 -37.48 -4.47
CA VAL A 108 12.57 -36.43 -3.98
C VAL A 108 12.88 -35.43 -5.08
N ASN A 109 13.20 -35.98 -6.25
CA ASN A 109 13.53 -35.16 -7.39
C ASN A 109 12.69 -33.89 -7.42
N GLY A 110 11.37 -34.06 -7.54
CA GLY A 110 10.49 -32.91 -7.57
C GLY A 110 10.75 -31.96 -6.42
N LEU A 111 10.66 -32.47 -5.20
CA LEU A 111 10.91 -31.65 -4.03
C LEU A 111 12.21 -30.89 -4.22
N ALA A 112 13.16 -31.54 -4.88
CA ALA A 112 14.45 -30.94 -5.17
C ALA A 112 14.31 -29.96 -6.33
N LEU A 113 13.34 -30.24 -7.21
CA LEU A 113 13.10 -29.37 -8.36
C LEU A 113 12.71 -27.98 -7.89
N GLN A 114 11.95 -27.94 -6.79
CA GLN A 114 11.51 -26.69 -6.21
C GLN A 114 12.59 -26.08 -5.34
N LEU A 115 13.20 -26.92 -4.51
CA LEU A 115 14.26 -26.46 -3.61
C LEU A 115 15.51 -26.07 -4.40
N ARG A 116 15.96 -26.98 -5.26
CA ARG A 116 17.15 -26.74 -6.09
C ARG A 116 17.33 -25.25 -6.37
N ASN A 117 16.31 -24.63 -6.94
CA ASN A 117 16.34 -23.20 -7.25
C ASN A 117 16.98 -22.41 -6.12
N THR A 118 18.29 -22.26 -6.19
CA THR A 118 19.05 -21.54 -5.18
C THR A 118 18.25 -20.39 -4.57
N SER A 119 18.48 -19.17 -5.03
CA SER A 119 17.76 -18.00 -4.51
C SER A 119 16.27 -18.26 -4.47
N ARG A 120 15.77 -18.97 -5.46
CA ARG A 120 14.37 -19.31 -5.54
C ARG A 120 14.06 -20.55 -4.73
N SER A 121 13.91 -20.38 -3.43
CA SER A 121 13.63 -21.49 -2.54
C SER A 121 13.16 -21.03 -1.18
N GLU A 122 14.01 -20.34 -0.45
CA GLU A 122 13.63 -19.87 0.87
C GLU A 122 12.20 -19.32 0.83
N GLU A 123 11.94 -18.49 -0.15
CA GLU A 123 10.61 -17.91 -0.32
C GLU A 123 9.76 -18.77 -1.24
N ASP A 124 10.28 -19.04 -2.44
CA ASP A 124 9.58 -19.86 -3.41
C ASP A 124 9.19 -21.20 -2.79
N ARG A 125 10.13 -21.79 -2.07
CA ARG A 125 9.88 -23.07 -1.41
C ARG A 125 8.95 -22.87 -0.23
N ASN A 126 9.15 -21.78 0.51
CA ASN A 126 8.31 -21.48 1.64
C ASN A 126 6.85 -21.56 1.26
N ARG A 127 6.48 -20.79 0.24
CA ARG A 127 5.10 -20.78 -0.24
C ARG A 127 4.79 -22.10 -0.93
N ASP A 128 5.85 -22.84 -1.27
CA ASP A 128 5.68 -24.12 -1.93
C ASP A 128 5.38 -25.21 -0.91
N LEU A 129 6.30 -25.42 0.02
CA LEU A 129 6.11 -26.41 1.06
C LEU A 129 4.87 -26.08 1.86
N ALA A 130 4.77 -24.82 2.27
CA ALA A 130 3.62 -24.36 3.04
C ALA A 130 2.35 -24.61 2.24
N THR A 131 2.43 -24.43 0.93
CA THR A 131 1.28 -24.65 0.06
C THR A 131 1.04 -26.15 -0.11
N ALA A 132 2.14 -26.90 -0.27
CA ALA A 132 2.05 -28.34 -0.42
C ALA A 132 1.51 -28.95 0.86
N LEU A 133 1.95 -28.39 1.98
CA LEU A 133 1.52 -28.84 3.29
C LEU A 133 0.01 -28.69 3.43
N GLU A 134 -0.44 -27.45 3.53
CA GLU A 134 -1.86 -27.16 3.66
C GLU A 134 -2.64 -27.92 2.58
N GLN A 135 -1.95 -28.26 1.50
CA GLN A 135 -2.55 -29.00 0.41
C GLN A 135 -2.83 -30.43 0.83
N LEU A 136 -1.78 -31.12 1.27
CA LEU A 136 -1.92 -32.50 1.72
C LEU A 136 -2.81 -32.53 2.96
N LEU A 137 -2.74 -31.47 3.75
CA LEU A 137 -3.54 -31.33 4.96
C LEU A 137 -4.98 -30.99 4.62
N GLN A 138 -5.17 -30.28 3.51
CA GLN A 138 -6.48 -29.88 3.05
C GLN A 138 -7.40 -31.08 2.87
N ALA A 139 -6.80 -32.27 2.83
CA ALA A 139 -7.56 -33.51 2.67
C ALA A 139 -7.58 -34.27 3.98
N TYR A 140 -6.63 -33.93 4.84
CA TYR A 140 -6.49 -34.56 6.14
C TYR A 140 -6.99 -33.63 7.24
N PRO A 141 -8.20 -33.89 7.76
CA PRO A 141 -8.81 -33.06 8.81
C PRO A 141 -7.90 -32.88 10.02
N ARG A 142 -7.33 -31.69 10.14
CA ARG A 142 -6.44 -31.37 11.25
C ARG A 142 -7.16 -30.50 12.28
N ASP A 143 -7.04 -29.19 12.12
CA ASP A 143 -7.67 -28.23 13.02
C ASP A 143 -6.98 -28.19 14.37
N MET A 144 -6.86 -29.36 15.01
CA MET A 144 -6.21 -29.45 16.31
C MET A 144 -4.76 -29.00 16.23
N GLU A 145 -3.92 -29.84 15.63
CA GLU A 145 -2.50 -29.52 15.49
C GLU A 145 -1.95 -30.10 14.19
N LYS A 146 -1.41 -29.23 13.34
CA LYS A 146 -0.85 -29.65 12.07
C LYS A 146 0.62 -29.98 12.22
N GLU A 147 1.29 -29.27 13.12
CA GLU A 147 2.72 -29.46 13.38
C GLU A 147 3.18 -30.88 13.03
N LYS A 148 2.83 -31.84 13.88
CA LYS A 148 3.22 -33.22 13.68
C LYS A 148 3.16 -33.63 12.20
N THR A 149 1.97 -33.98 11.74
CA THR A 149 1.79 -34.40 10.35
C THR A 149 2.34 -33.37 9.38
N MET A 150 2.10 -32.11 9.68
CA MET A 150 2.56 -31.01 8.82
C MET A 150 4.08 -31.00 8.67
N LEU A 151 4.78 -30.98 9.80
CA LEU A 151 6.24 -30.96 9.79
C LEU A 151 6.81 -32.28 9.28
N VAL A 152 6.47 -33.37 9.96
CA VAL A 152 6.96 -34.68 9.56
C VAL A 152 6.96 -34.79 8.04
N LEU A 153 5.90 -34.26 7.42
CA LEU A 153 5.77 -34.27 5.97
C LEU A 153 6.70 -33.24 5.34
N ALA A 154 6.24 -31.99 5.33
CA ALA A 154 7.01 -30.89 4.78
C ALA A 154 8.49 -31.06 5.09
N LEU A 155 8.81 -31.26 6.36
CA LEU A 155 10.20 -31.44 6.79
C LEU A 155 10.84 -32.58 6.02
N LEU A 156 10.18 -33.73 5.97
CA LEU A 156 10.70 -34.89 5.25
C LEU A 156 10.98 -34.53 3.80
N LEU A 157 10.09 -33.71 3.23
CA LEU A 157 10.24 -33.29 1.85
C LEU A 157 11.62 -32.71 1.62
N ALA A 158 11.94 -31.65 2.35
CA ALA A 158 13.25 -31.02 2.24
C ALA A 158 14.36 -32.04 2.46
N LYS A 159 14.53 -32.44 3.72
CA LYS A 159 15.55 -33.42 4.07
C LYS A 159 15.71 -34.46 2.98
N LYS A 160 14.61 -34.76 2.27
CA LYS A 160 14.64 -35.75 1.20
C LYS A 160 15.50 -35.28 0.03
N VAL A 161 15.07 -34.21 -0.64
CA VAL A 161 15.83 -33.71 -1.78
C VAL A 161 17.32 -33.69 -1.44
N ALA A 162 17.62 -33.55 -0.15
CA ALA A 162 19.00 -33.52 0.31
C ALA A 162 19.67 -34.87 0.08
N SER A 163 18.90 -35.94 0.23
CA SER A 163 19.41 -37.28 0.03
C SER A 163 19.78 -37.51 -1.43
N HIS A 164 18.90 -37.06 -2.33
CA HIS A 164 19.14 -37.19 -3.76
C HIS A 164 20.02 -36.05 -4.26
N THR A 165 19.74 -34.84 -3.79
CA THR A 165 20.52 -33.67 -4.17
C THR A 165 21.39 -33.19 -3.01
N PRO A 166 22.65 -33.65 -2.98
CA PRO A 166 23.60 -33.28 -1.92
C PRO A 166 24.12 -31.85 -2.07
N SER A 167 23.72 -31.18 -3.14
CA SER A 167 24.14 -29.81 -3.41
C SER A 167 23.06 -28.81 -3.00
N LEU A 168 22.04 -29.31 -2.28
CA LEU A 168 20.95 -28.48 -1.84
C LEU A 168 20.86 -28.47 -0.31
N LEU A 169 21.83 -29.11 0.34
CA LEU A 169 21.88 -29.18 1.79
C LEU A 169 21.33 -27.91 2.43
N ARG A 170 22.19 -26.90 2.51
CA ARG A 170 21.81 -25.61 3.11
C ARG A 170 20.34 -25.31 2.86
N ASP A 171 19.94 -25.31 1.60
CA ASP A 171 18.56 -25.04 1.22
C ASP A 171 17.61 -25.95 1.99
N VAL A 172 17.92 -27.24 2.00
CA VAL A 172 17.09 -28.21 2.70
C VAL A 172 17.05 -27.90 4.19
N PHE A 173 18.22 -27.63 4.76
CA PHE A 173 18.32 -27.30 6.16
C PHE A 173 17.23 -26.33 6.56
N HIS A 174 17.39 -25.07 6.16
CA HIS A 174 16.42 -24.04 6.48
C HIS A 174 15.01 -24.50 6.14
N THR A 175 14.85 -25.19 5.01
CA THR A 175 13.54 -25.66 4.59
C THR A 175 12.70 -26.18 5.76
N THR A 176 13.22 -27.19 6.45
CA THR A 176 12.49 -27.77 7.58
C THR A 176 12.58 -26.90 8.83
N VAL A 177 13.61 -26.07 8.91
CA VAL A 177 13.80 -25.21 10.06
C VAL A 177 13.14 -23.84 9.90
N ASN A 178 12.69 -23.52 8.69
CA ASN A 178 12.04 -22.24 8.42
C ASN A 178 10.54 -22.32 8.69
N PHE A 179 9.83 -23.06 7.83
CA PHE A 179 8.39 -23.21 7.98
C PHE A 179 7.98 -23.26 9.45
N ILE A 180 8.88 -23.77 10.30
CA ILE A 180 8.62 -23.87 11.72
C ILE A 180 8.80 -22.51 12.40
N ASN A 181 10.01 -21.98 12.36
CA ASN A 181 10.32 -20.69 12.97
C ASN A 181 9.25 -19.67 12.65
N GLN A 182 8.70 -19.75 11.44
CA GLN A 182 7.66 -18.82 11.02
C GLN A 182 6.59 -18.68 12.10
N ASN A 183 6.26 -19.79 12.76
CA ASN A 183 5.26 -19.78 13.81
C ASN A 183 5.29 -21.07 14.62
N LEU A 184 5.50 -22.20 13.95
CA LEU A 184 5.53 -23.49 14.62
C LEU A 184 6.92 -23.80 15.18
N ARG A 185 7.77 -22.78 15.24
CA ARG A 185 9.13 -22.94 15.75
C ARG A 185 9.18 -23.97 16.87
N THR A 186 8.44 -23.72 17.94
CA THR A 186 8.40 -24.62 19.09
C THR A 186 8.39 -26.08 18.67
N TYR A 187 7.88 -26.36 17.48
CA TYR A 187 7.81 -27.74 16.99
C TYR A 187 9.20 -28.34 16.78
N VAL A 188 10.05 -27.62 16.06
CA VAL A 188 11.40 -28.09 15.80
C VAL A 188 12.02 -28.67 17.06
N ARG A 189 11.88 -27.97 18.17
CA ARG A 189 12.40 -28.44 19.44
C ARG A 189 12.03 -29.91 19.60
N SER A 190 10.89 -30.26 19.02
CA SER A 190 10.39 -31.62 19.04
C SER A 190 11.18 -32.48 18.06
N LEU A 191 11.47 -31.90 16.89
CA LEU A 191 12.24 -32.61 15.88
C LEU A 191 13.41 -33.32 16.56
N ALA A 192 13.95 -32.68 17.57
CA ALA A 192 15.07 -33.24 18.32
C ALA A 192 14.59 -34.08 19.50
N ARG A 193 13.53 -33.62 20.16
CA ARG A 193 12.98 -34.33 21.30
C ARG A 193 12.51 -35.72 20.90
N ASN A 194 12.17 -35.87 19.62
CA ASN A 194 11.70 -37.15 19.09
C ASN A 194 12.59 -37.60 17.94
N GLY A 195 13.50 -36.72 17.50
CA GLY A 195 14.39 -37.05 16.41
C GLY A 195 13.78 -36.76 15.05
N MET A 196 12.49 -37.06 14.91
CA MET A 196 11.78 -36.82 13.65
C MET A 196 10.53 -35.99 13.87
N ASP A 197 9.82 -36.27 14.97
CA ASP A 197 8.59 -35.55 15.28
C ASP A 197 8.82 -34.58 16.44
N GLY A 1 -2.71 -11.04 -8.56
CA GLY A 1 -3.06 -10.86 -9.99
C GLY A 1 -3.13 -12.17 -10.75
N SER A 2 -3.18 -12.08 -12.08
CA SER A 2 -3.25 -13.27 -12.92
C SER A 2 -4.16 -14.32 -12.30
N MET A 3 -5.47 -14.12 -12.45
CA MET A 3 -6.45 -15.07 -11.90
C MET A 3 -6.77 -16.16 -12.92
N ASP A 4 -7.00 -15.75 -14.16
CA ASP A 4 -7.32 -16.69 -15.22
C ASP A 4 -6.08 -17.08 -16.01
N CYS A 5 -5.54 -18.26 -15.71
CA CYS A 5 -4.33 -18.75 -16.38
C CYS A 5 -4.60 -20.10 -17.05
N GLU A 6 -4.04 -20.28 -18.24
CA GLU A 6 -4.22 -21.52 -18.99
C GLU A 6 -3.16 -21.66 -20.08
N VAL A 7 -3.04 -20.62 -20.90
CA VAL A 7 -2.07 -20.61 -21.98
C VAL A 7 -1.38 -19.25 -22.10
N ASN A 8 -0.64 -18.89 -21.06
CA ASN A 8 0.07 -17.62 -21.05
C ASN A 8 1.49 -17.78 -20.47
N ASN A 9 2.47 -17.86 -21.36
CA ASN A 9 3.86 -18.01 -20.94
C ASN A 9 4.79 -18.03 -22.16
N GLY A 10 5.66 -17.02 -22.25
CA GLY A 10 6.58 -16.95 -23.36
C GLY A 10 7.47 -18.17 -23.46
N SER A 11 8.39 -18.15 -24.42
CA SER A 11 9.31 -19.27 -24.63
C SER A 11 8.63 -20.40 -25.40
N SER A 12 7.71 -21.08 -24.74
CA SER A 12 6.98 -22.18 -25.36
C SER A 12 6.10 -21.68 -26.50
N LEU A 13 6.71 -21.48 -27.66
CA LEU A 13 5.98 -21.01 -28.84
C LEU A 13 6.39 -21.79 -30.09
N ARG A 14 5.96 -23.04 -30.16
CA ARG A 14 6.28 -23.91 -31.30
C ARG A 14 5.01 -24.39 -31.97
N ASP A 15 4.62 -23.72 -33.05
CA ASP A 15 3.42 -24.09 -33.79
C ASP A 15 3.40 -23.46 -35.17
N GLU A 16 4.19 -24.02 -36.09
CA GLU A 16 4.27 -23.51 -37.45
C GLU A 16 3.04 -23.92 -38.25
N CYS A 17 2.32 -24.93 -37.75
CA CYS A 17 1.11 -25.42 -38.41
C CYS A 17 0.30 -24.27 -38.97
N ILE A 18 0.41 -23.12 -38.34
CA ILE A 18 -0.32 -21.93 -38.74
C ILE A 18 0.32 -21.24 -39.94
N THR A 19 1.63 -21.02 -39.87
CA THR A 19 2.34 -20.37 -40.96
C THR A 19 1.98 -21.02 -42.29
N ASN A 20 2.08 -22.35 -42.33
CA ASN A 20 1.73 -23.08 -43.54
C ASN A 20 0.26 -22.90 -43.85
N LEU A 21 -0.58 -23.14 -42.85
CA LEU A 21 -2.01 -22.96 -43.00
C LEU A 21 -2.30 -21.64 -43.68
N LEU A 22 -1.61 -20.62 -43.20
CA LEU A 22 -1.76 -19.27 -43.73
C LEU A 22 -1.62 -19.26 -45.25
N VAL A 23 -0.43 -19.56 -45.76
CA VAL A 23 -0.21 -19.57 -47.20
C VAL A 23 -1.37 -20.25 -47.92
N PHE A 24 -1.81 -21.40 -47.39
CA PHE A 24 -2.93 -22.12 -48.00
C PHE A 24 -4.10 -21.16 -48.18
N GLY A 25 -4.74 -20.82 -47.08
CA GLY A 25 -5.86 -19.90 -47.13
C GLY A 25 -5.52 -18.65 -47.88
N PHE A 26 -4.35 -18.08 -47.58
CA PHE A 26 -3.89 -16.87 -48.24
C PHE A 26 -3.88 -17.08 -49.75
N LEU A 27 -3.09 -18.05 -50.19
CA LEU A 27 -2.97 -18.37 -51.59
C LEU A 27 -4.24 -19.02 -52.10
N GLN A 28 -5.12 -19.41 -51.19
CA GLN A 28 -6.39 -20.02 -51.56
C GLN A 28 -7.31 -19.01 -52.22
N SER A 29 -7.58 -17.92 -51.50
CA SER A 29 -8.44 -16.87 -52.03
C SER A 29 -7.73 -16.09 -53.12
N CYS A 30 -6.40 -16.15 -53.12
CA CYS A 30 -5.59 -15.46 -54.12
C CYS A 30 -6.11 -15.72 -55.53
N SER A 31 -6.73 -16.88 -55.71
CA SER A 31 -7.27 -17.26 -57.02
C SER A 31 -8.78 -17.47 -56.95
N ASP A 32 -9.38 -17.05 -55.84
CA ASP A 32 -10.82 -17.19 -55.64
C ASP A 32 -11.36 -18.43 -56.34
N ASN A 33 -10.72 -19.57 -56.09
CA ASN A 33 -11.14 -20.82 -56.70
C ASN A 33 -10.51 -21.00 -58.08
N SER A 34 -11.17 -21.77 -58.94
CA SER A 34 -10.68 -22.01 -60.29
C SER A 34 -9.22 -22.48 -60.25
N PHE A 35 -8.86 -23.21 -59.19
CA PHE A 35 -7.51 -23.72 -59.04
C PHE A 35 -7.36 -24.38 -57.68
N ARG A 36 -8.42 -25.05 -57.26
CA ARG A 36 -8.46 -25.72 -55.98
C ARG A 36 -7.56 -26.96 -55.96
N ARG A 37 -7.90 -27.96 -56.77
CA ARG A 37 -7.12 -29.18 -56.85
C ARG A 37 -5.64 -28.86 -56.73
N GLU A 38 -5.27 -27.73 -57.29
CA GLU A 38 -3.88 -27.27 -57.26
C GLU A 38 -3.39 -27.23 -55.82
N LEU A 39 -4.02 -26.41 -55.00
CA LEU A 39 -3.66 -26.31 -53.59
C LEU A 39 -3.66 -27.68 -52.96
N ASP A 40 -4.52 -28.56 -53.47
CA ASP A 40 -4.61 -29.92 -52.98
C ASP A 40 -3.27 -30.62 -53.12
N ALA A 41 -2.71 -30.55 -54.31
CA ALA A 41 -1.42 -31.16 -54.58
C ALA A 41 -0.37 -30.59 -53.63
N LEU A 42 -0.54 -29.32 -53.28
CA LEU A 42 0.38 -28.64 -52.36
C LEU A 42 0.41 -29.37 -51.02
N GLY A 43 -0.73 -29.37 -50.34
CA GLY A 43 -0.82 -30.04 -49.05
C GLY A 43 -0.42 -31.50 -49.14
N HIS A 44 -0.50 -32.06 -50.34
CA HIS A 44 -0.13 -33.45 -50.58
C HIS A 44 1.38 -33.62 -50.57
N GLU A 45 2.09 -32.51 -50.38
CA GLU A 45 3.56 -32.53 -50.35
C GLU A 45 4.09 -31.56 -49.30
N LEU A 46 3.45 -30.40 -49.22
CA LEU A 46 3.84 -29.37 -48.26
C LEU A 46 4.24 -30.00 -46.93
N PRO A 47 3.40 -30.91 -46.41
CA PRO A 47 3.66 -31.60 -45.13
C PRO A 47 4.89 -32.49 -45.18
N VAL A 48 4.88 -33.55 -44.39
CA VAL A 48 6.00 -34.49 -44.33
C VAL A 48 5.56 -35.86 -44.85
N LEU A 49 6.14 -36.91 -44.29
CA LEU A 49 5.81 -38.27 -44.70
C LEU A 49 5.27 -39.08 -43.53
N ALA A 50 6.01 -39.08 -42.43
CA ALA A 50 5.61 -39.81 -41.23
C ALA A 50 6.02 -39.07 -39.96
N PRO A 51 7.33 -39.04 -39.67
CA PRO A 51 7.85 -38.37 -38.48
C PRO A 51 7.46 -36.90 -38.43
N GLN A 52 7.87 -36.22 -37.36
CA GLN A 52 7.56 -34.80 -37.19
C GLN A 52 6.16 -34.49 -37.70
N TRP A 53 5.18 -35.26 -37.25
CA TRP A 53 3.80 -35.06 -37.66
C TRP A 53 2.97 -34.46 -36.51
N GLU A 54 2.90 -35.19 -35.40
CA GLU A 54 2.14 -34.72 -34.24
C GLU A 54 0.66 -34.60 -34.56
N GLY A 55 -0.17 -35.25 -33.75
CA GLY A 55 -1.60 -35.21 -33.96
C GLY A 55 -2.24 -36.57 -33.81
N TYR A 56 -1.42 -37.61 -33.80
CA TYR A 56 -1.89 -38.98 -33.66
C TYR A 56 -3.15 -39.04 -32.81
N ASP A 57 -2.97 -38.91 -31.50
CA ASP A 57 -4.11 -38.95 -30.57
C ASP A 57 -4.47 -37.55 -30.09
N GLU A 58 -3.77 -36.57 -30.62
CA GLU A 58 -4.00 -35.17 -30.25
C GLU A 58 -4.90 -34.49 -31.28
N LEU A 59 -5.00 -35.09 -32.46
CA LEU A 59 -5.81 -34.54 -33.53
C LEU A 59 -7.12 -35.31 -33.67
N GLN A 60 -7.66 -35.33 -34.88
CA GLN A 60 -8.91 -36.03 -35.15
C GLN A 60 -8.73 -37.53 -34.97
N THR A 61 -9.52 -38.12 -34.07
CA THR A 61 -9.44 -39.56 -33.82
C THR A 61 -10.61 -40.28 -34.49
N ASP A 62 -11.34 -39.57 -35.34
CA ASP A 62 -12.48 -40.14 -36.05
C ASP A 62 -13.55 -40.58 -35.07
N GLY A 63 -14.40 -41.52 -35.49
CA GLY A 63 -15.46 -42.00 -34.63
C GLY A 63 -16.16 -43.22 -35.20
N ASN A 64 -15.59 -44.39 -34.95
CA ASN A 64 -16.17 -45.64 -35.44
C ASN A 64 -17.26 -46.14 -34.50
N ARG A 65 -17.04 -45.96 -33.20
CA ARG A 65 -18.01 -46.38 -32.20
C ARG A 65 -18.33 -45.24 -31.25
N SER A 66 -18.75 -45.57 -30.03
CA SER A 66 -19.09 -44.57 -29.04
C SER A 66 -19.57 -45.21 -27.74
N SER A 67 -20.68 -45.95 -27.83
CA SER A 67 -21.24 -46.62 -26.67
C SER A 67 -21.51 -45.64 -25.54
N HIS A 68 -22.50 -44.77 -25.75
CA HIS A 68 -22.85 -43.76 -24.76
C HIS A 68 -21.67 -42.87 -24.43
N SER A 69 -21.93 -41.58 -24.23
CA SER A 69 -20.89 -40.62 -23.93
C SER A 69 -21.45 -39.22 -23.80
N ARG A 70 -20.60 -38.22 -24.00
CA ARG A 70 -21.01 -36.83 -23.91
C ARG A 70 -21.58 -36.34 -25.24
N LEU A 71 -22.27 -35.21 -25.20
CA LEU A 71 -22.87 -34.63 -26.40
C LEU A 71 -23.19 -33.16 -26.20
N GLY A 72 -22.31 -32.46 -25.50
CA GLY A 72 -22.51 -31.04 -25.25
C GLY A 72 -21.61 -30.17 -26.09
N ARG A 73 -21.51 -30.50 -27.38
CA ARG A 73 -20.68 -29.74 -28.29
C ARG A 73 -21.53 -28.83 -29.17
N ILE A 74 -21.80 -27.64 -28.66
CA ILE A 74 -22.61 -26.67 -29.39
C ILE A 74 -21.93 -26.25 -30.68
N GLU A 75 -20.63 -26.49 -30.74
CA GLU A 75 -19.84 -26.13 -31.91
C GLU A 75 -19.83 -24.62 -32.15
N ALA A 76 -21.00 -24.08 -32.41
CA ALA A 76 -21.15 -22.65 -32.65
C ALA A 76 -20.08 -22.15 -33.61
N ASP A 77 -19.76 -20.86 -33.50
CA ASP A 77 -18.76 -20.26 -34.37
C ASP A 77 -17.35 -20.48 -33.82
N SER A 78 -17.25 -21.38 -32.84
CA SER A 78 -15.96 -21.68 -32.23
C SER A 78 -15.49 -23.08 -32.62
N GLU A 79 -15.84 -23.49 -33.84
CA GLU A 79 -15.45 -24.80 -34.35
C GLU A 79 -14.02 -25.14 -33.94
N SER A 80 -13.06 -24.54 -34.63
CA SER A 80 -11.65 -24.79 -34.34
C SER A 80 -10.78 -23.61 -34.78
N GLN A 81 -9.72 -23.35 -34.02
CA GLN A 81 -8.80 -22.27 -34.34
C GLN A 81 -8.50 -22.23 -35.84
N GLU A 82 -8.34 -23.42 -36.42
CA GLU A 82 -8.06 -23.54 -37.83
C GLU A 82 -9.14 -22.85 -38.65
N ASP A 83 -10.34 -22.80 -38.09
CA ASP A 83 -11.46 -22.16 -38.75
C ASP A 83 -11.29 -20.65 -38.77
N ILE A 84 -10.62 -20.13 -37.75
CA ILE A 84 -10.38 -18.70 -37.64
C ILE A 84 -9.31 -18.27 -38.65
N ILE A 85 -8.13 -18.87 -38.55
CA ILE A 85 -7.03 -18.56 -39.46
C ILE A 85 -7.49 -18.67 -40.91
N ARG A 86 -8.35 -19.65 -41.18
CA ARG A 86 -8.86 -19.87 -42.53
C ARG A 86 -9.80 -18.74 -42.94
N ASN A 87 -10.73 -18.40 -42.06
CA ASN A 87 -11.69 -17.34 -42.33
C ASN A 87 -11.02 -15.97 -42.27
N ILE A 88 -9.92 -15.90 -41.53
CA ILE A 88 -9.17 -14.66 -41.38
C ILE A 88 -8.28 -14.41 -42.60
N ALA A 89 -7.48 -15.41 -42.97
CA ALA A 89 -6.59 -15.29 -44.10
C ALA A 89 -7.36 -15.30 -45.42
N ARG A 90 -8.51 -15.97 -45.43
CA ARG A 90 -9.33 -16.05 -46.63
C ARG A 90 -10.10 -14.76 -46.85
N HIS A 91 -10.63 -14.20 -45.76
CA HIS A 91 -11.38 -12.96 -45.84
C HIS A 91 -10.48 -11.80 -46.27
N LEU A 92 -9.41 -11.58 -45.51
CA LEU A 92 -8.46 -10.52 -45.81
C LEU A 92 -7.88 -10.71 -47.21
N ALA A 93 -7.30 -11.87 -47.45
CA ALA A 93 -6.71 -12.17 -48.75
C ALA A 93 -7.74 -11.92 -49.85
N GLN A 94 -9.02 -12.02 -49.50
CA GLN A 94 -10.09 -11.79 -50.44
C GLN A 94 -10.15 -10.33 -50.85
N VAL A 95 -10.17 -9.45 -49.85
CA VAL A 95 -10.21 -8.01 -50.10
C VAL A 95 -8.98 -7.58 -50.91
N GLY A 96 -7.81 -7.97 -50.44
CA GLY A 96 -6.58 -7.63 -51.13
C GLY A 96 -6.60 -8.05 -52.58
N ASP A 97 -7.18 -9.22 -52.86
CA ASP A 97 -7.26 -9.73 -54.21
C ASP A 97 -8.18 -8.86 -55.06
N SER A 98 -9.40 -8.67 -54.60
CA SER A 98 -10.37 -7.85 -55.32
C SER A 98 -9.76 -6.51 -55.73
N MET A 99 -8.84 -6.03 -54.91
CA MET A 99 -8.17 -4.75 -55.19
C MET A 99 -6.94 -4.96 -56.08
N ASP A 100 -6.24 -6.07 -55.86
CA ASP A 100 -5.04 -6.38 -56.63
C ASP A 100 -5.40 -7.01 -57.97
N ARG A 101 -6.62 -7.53 -58.07
CA ARG A 101 -7.09 -8.17 -59.29
C ARG A 101 -6.87 -7.28 -60.50
N SER A 102 -6.72 -5.98 -60.26
CA SER A 102 -6.51 -5.02 -61.33
C SER A 102 -5.04 -4.97 -61.75
N ILE A 103 -4.44 -6.15 -61.95
CA ILE A 103 -3.05 -6.23 -62.36
C ILE A 103 -2.69 -5.12 -63.34
N PRO A 104 -1.73 -4.27 -62.98
CA PRO A 104 -1.29 -3.16 -63.84
C PRO A 104 -0.97 -3.62 -65.26
N PRO A 105 -0.42 -2.74 -66.08
CA PRO A 105 -0.06 -3.05 -67.47
C PRO A 105 0.74 -4.35 -67.58
N GLY A 106 1.40 -4.72 -66.49
CA GLY A 106 2.20 -5.93 -66.48
C GLY A 106 3.25 -5.92 -65.38
N LEU A 107 2.84 -6.27 -64.17
CA LEU A 107 3.75 -6.29 -63.03
C LEU A 107 3.88 -7.71 -62.48
N VAL A 108 2.78 -8.23 -61.93
CA VAL A 108 2.78 -9.57 -61.38
C VAL A 108 3.63 -10.49 -62.23
N ASN A 109 3.42 -10.42 -63.53
CA ASN A 109 4.13 -11.25 -64.47
C ASN A 109 5.56 -11.51 -63.98
N GLY A 110 6.36 -10.45 -63.90
CA GLY A 110 7.73 -10.61 -63.42
C GLY A 110 7.79 -11.43 -62.16
N LEU A 111 7.11 -10.97 -61.12
CA LEU A 111 7.09 -11.70 -59.86
C LEU A 111 6.69 -13.14 -60.14
N ALA A 112 5.97 -13.35 -61.23
CA ALA A 112 5.54 -14.66 -61.64
C ALA A 112 6.59 -15.31 -62.52
N LEU A 113 7.41 -14.49 -63.18
CA LEU A 113 8.46 -15.00 -64.05
C LEU A 113 9.64 -15.44 -63.21
N GLN A 114 9.75 -14.86 -62.02
CA GLN A 114 10.82 -15.19 -61.10
C GLN A 114 10.40 -16.35 -60.21
N LEU A 115 9.14 -16.34 -59.79
CA LEU A 115 8.60 -17.39 -58.94
C LEU A 115 8.42 -18.68 -59.75
N ARG A 116 7.57 -18.61 -60.78
CA ARG A 116 7.31 -19.75 -61.65
C ARG A 116 8.56 -20.62 -61.79
N ASN A 117 9.70 -19.95 -61.97
CA ASN A 117 11.00 -20.60 -62.13
C ASN A 117 11.00 -22.06 -61.70
N THR A 118 10.48 -22.93 -62.58
CA THR A 118 10.41 -24.36 -62.33
C THR A 118 10.48 -24.69 -60.83
N SER A 119 11.48 -25.48 -60.42
CA SER A 119 11.64 -25.83 -59.02
C SER A 119 12.70 -24.96 -58.36
N ARG A 120 13.21 -23.98 -59.10
CA ARG A 120 14.22 -23.07 -58.56
C ARG A 120 13.62 -22.25 -57.42
N SER A 121 12.64 -21.43 -57.79
CA SER A 121 11.92 -20.56 -56.84
C SER A 121 12.49 -20.60 -55.43
N GLU A 122 12.30 -21.72 -54.73
CA GLU A 122 12.80 -21.83 -53.36
C GLU A 122 14.02 -20.94 -53.14
N GLU A 123 14.97 -21.01 -54.05
CA GLU A 123 16.19 -20.20 -53.97
C GLU A 123 16.00 -18.88 -54.70
N ASP A 124 15.79 -18.95 -56.01
CA ASP A 124 15.59 -17.76 -56.81
C ASP A 124 14.52 -16.88 -56.19
N ARG A 125 13.55 -17.51 -55.56
CA ARG A 125 12.46 -16.82 -54.90
C ARG A 125 12.96 -16.17 -53.63
N ASN A 126 13.59 -16.97 -52.78
CA ASN A 126 14.11 -16.46 -51.53
C ASN A 126 15.00 -15.26 -51.76
N ARG A 127 16.00 -15.43 -52.62
CA ARG A 127 16.91 -14.35 -52.95
C ARG A 127 16.19 -13.29 -53.76
N ASP A 128 15.01 -13.64 -54.28
CA ASP A 128 14.23 -12.71 -55.07
C ASP A 128 13.57 -11.67 -54.19
N LEU A 129 12.70 -12.13 -53.30
CA LEU A 129 12.01 -11.23 -52.39
C LEU A 129 12.99 -10.58 -51.44
N ALA A 130 13.87 -11.39 -50.86
CA ALA A 130 14.87 -10.89 -49.93
C ALA A 130 15.64 -9.73 -50.54
N THR A 131 15.97 -9.85 -51.83
CA THR A 131 16.70 -8.80 -52.53
C THR A 131 15.76 -7.66 -52.89
N ALA A 132 14.58 -8.01 -53.39
CA ALA A 132 13.58 -7.02 -53.77
C ALA A 132 13.13 -6.23 -52.55
N LEU A 133 13.06 -6.92 -51.42
CA LEU A 133 12.66 -6.30 -50.16
C LEU A 133 13.71 -5.30 -49.69
N GLU A 134 14.86 -5.83 -49.29
CA GLU A 134 15.95 -5.00 -48.81
C GLU A 134 16.15 -3.79 -49.72
N GLN A 135 15.73 -3.93 -50.97
CA GLN A 135 15.84 -2.86 -51.95
C GLN A 135 14.82 -1.76 -51.67
N LEU A 136 13.54 -2.13 -51.74
CA LEU A 136 12.47 -1.17 -51.47
C LEU A 136 12.59 -0.63 -50.06
N LEU A 137 13.18 -1.43 -49.17
CA LEU A 137 13.38 -1.04 -47.79
C LEU A 137 14.51 -0.03 -47.68
N GLN A 138 15.52 -0.21 -48.53
CA GLN A 138 16.68 0.68 -48.55
C GLN A 138 16.28 2.13 -48.81
N ALA A 139 15.04 2.34 -49.24
CA ALA A 139 14.55 3.68 -49.52
C ALA A 139 13.52 4.11 -48.48
N TYR A 140 12.91 3.13 -47.85
CA TYR A 140 11.89 3.38 -46.85
C TYR A 140 12.39 3.05 -45.45
N PRO A 141 12.67 4.08 -44.64
CA PRO A 141 13.16 3.93 -43.26
C PRO A 141 12.29 2.98 -42.45
N ARG A 142 12.88 2.37 -41.42
CA ARG A 142 12.17 1.44 -40.57
C ARG A 142 11.74 2.09 -39.26
N ASP A 143 12.64 2.05 -38.28
CA ASP A 143 12.40 2.63 -36.97
C ASP A 143 11.37 1.81 -36.20
N MET A 144 10.19 1.65 -36.78
CA MET A 144 9.11 0.90 -36.15
C MET A 144 9.34 -0.61 -36.32
N GLU A 145 9.56 -1.03 -37.56
CA GLU A 145 9.79 -2.44 -37.85
C GLU A 145 9.82 -2.69 -39.35
N LYS A 146 10.67 -3.62 -39.79
CA LYS A 146 10.78 -3.94 -41.21
C LYS A 146 9.83 -5.06 -41.58
N GLU A 147 9.63 -5.99 -40.66
CA GLU A 147 8.74 -7.12 -40.88
C GLU A 147 7.53 -6.71 -41.72
N LYS A 148 6.67 -5.88 -41.15
CA LYS A 148 5.47 -5.41 -41.84
C LYS A 148 5.80 -4.94 -43.26
N THR A 149 6.28 -3.71 -43.37
CA THR A 149 6.63 -3.15 -44.68
C THR A 149 7.36 -4.19 -45.52
N MET A 150 8.35 -4.85 -44.92
CA MET A 150 9.14 -5.85 -45.62
C MET A 150 8.25 -6.98 -46.13
N LEU A 151 7.66 -7.73 -45.21
CA LEU A 151 6.79 -8.84 -45.57
C LEU A 151 5.64 -8.37 -46.46
N VAL A 152 4.95 -7.33 -46.01
CA VAL A 152 3.81 -6.79 -46.76
C VAL A 152 4.12 -6.73 -48.26
N LEU A 153 5.21 -6.06 -48.61
CA LEU A 153 5.60 -5.92 -50.00
C LEU A 153 6.03 -7.26 -50.58
N ALA A 154 6.92 -7.93 -49.88
CA ALA A 154 7.41 -9.23 -50.33
C ALA A 154 6.30 -10.26 -50.42
N LEU A 155 5.73 -10.63 -49.28
CA LEU A 155 4.64 -11.61 -49.25
C LEU A 155 3.63 -11.32 -50.36
N LEU A 156 3.22 -10.06 -50.47
CA LEU A 156 2.24 -9.66 -51.48
C LEU A 156 2.74 -10.00 -52.88
N LEU A 157 4.01 -9.69 -53.17
CA LEU A 157 4.59 -9.97 -54.46
C LEU A 157 4.40 -11.43 -54.83
N ALA A 158 4.54 -12.30 -53.84
CA ALA A 158 4.37 -13.73 -54.03
C ALA A 158 2.92 -14.04 -54.34
N LYS A 159 2.08 -14.02 -53.31
CA LYS A 159 0.66 -14.28 -53.50
C LYS A 159 0.17 -13.63 -54.78
N LYS A 160 0.80 -12.52 -55.16
CA LYS A 160 0.43 -11.81 -56.38
C LYS A 160 0.59 -12.70 -57.60
N VAL A 161 1.84 -13.00 -57.94
CA VAL A 161 2.12 -13.85 -59.09
C VAL A 161 1.11 -14.99 -59.18
N ALA A 162 1.07 -15.82 -58.15
CA ALA A 162 0.14 -16.95 -58.11
C ALA A 162 -1.19 -16.58 -58.77
N SER A 163 -1.64 -15.35 -58.55
CA SER A 163 -2.89 -14.88 -59.13
C SER A 163 -2.79 -14.87 -60.65
N HIS A 164 -1.69 -14.32 -61.16
CA HIS A 164 -1.46 -14.25 -62.59
C HIS A 164 -0.88 -15.56 -63.11
N THR A 165 0.02 -16.14 -62.32
CA THR A 165 0.67 -17.39 -62.67
C THR A 165 0.29 -18.49 -61.67
N PRO A 166 -1.01 -18.80 -61.55
CA PRO A 166 -1.49 -19.83 -60.63
C PRO A 166 -0.98 -21.22 -61.03
N SER A 167 0.34 -21.36 -61.07
CA SER A 167 0.98 -22.61 -61.44
C SER A 167 2.12 -22.98 -60.50
N LEU A 168 2.75 -21.97 -59.89
CA LEU A 168 3.85 -22.21 -58.98
C LEU A 168 3.44 -21.94 -57.55
N LEU A 169 2.14 -22.13 -57.27
CA LEU A 169 1.60 -21.90 -55.94
C LEU A 169 2.63 -22.21 -54.86
N ARG A 170 2.97 -23.50 -54.75
CA ARG A 170 3.95 -23.95 -53.77
C ARG A 170 5.00 -22.88 -53.51
N ASP A 171 5.69 -22.46 -54.57
CA ASP A 171 6.72 -21.44 -54.46
C ASP A 171 6.20 -20.21 -53.74
N VAL A 172 5.01 -19.76 -54.13
CA VAL A 172 4.40 -18.58 -53.51
C VAL A 172 4.16 -18.83 -52.03
N PHE A 173 3.60 -19.99 -51.72
CA PHE A 173 3.33 -20.36 -50.35
C PHE A 173 4.52 -20.05 -49.48
N HIS A 174 5.58 -20.82 -49.66
CA HIS A 174 6.80 -20.64 -48.88
C HIS A 174 7.29 -19.20 -48.98
N THR A 175 7.14 -18.59 -50.15
CA THR A 175 7.58 -17.22 -50.34
C THR A 175 7.18 -16.34 -49.15
N THR A 176 5.96 -16.50 -48.68
CA THR A 176 5.47 -15.71 -47.55
C THR A 176 5.74 -16.38 -46.21
N VAL A 177 5.83 -17.70 -46.20
CA VAL A 177 6.06 -18.45 -44.97
C VAL A 177 7.55 -18.73 -44.69
N ASN A 178 8.37 -18.75 -45.74
CA ASN A 178 9.80 -19.02 -45.57
C ASN A 178 10.56 -17.77 -45.12
N PHE A 179 10.69 -16.81 -46.02
CA PHE A 179 11.40 -15.56 -45.72
C PHE A 179 11.17 -15.14 -44.26
N ILE A 180 10.01 -15.48 -43.72
CA ILE A 180 9.68 -15.12 -42.35
C ILE A 180 10.32 -16.07 -41.35
N ASN A 181 10.04 -17.36 -41.51
CA ASN A 181 10.57 -18.38 -40.62
C ASN A 181 12.07 -18.18 -40.42
N GLN A 182 12.72 -17.51 -41.36
CA GLN A 182 14.16 -17.25 -41.28
C GLN A 182 14.48 -16.38 -40.06
N ASN A 183 13.58 -15.44 -39.75
CA ASN A 183 13.80 -14.55 -38.61
C ASN A 183 12.51 -13.81 -38.24
N LEU A 184 11.73 -13.44 -39.25
CA LEU A 184 10.48 -12.71 -39.01
C LEU A 184 9.34 -13.66 -38.68
N ARG A 185 9.69 -14.91 -38.42
CA ARG A 185 8.72 -15.96 -38.07
C ARG A 185 7.46 -15.38 -37.43
N THR A 186 7.58 -14.95 -36.18
CA THR A 186 6.45 -14.40 -35.45
C THR A 186 5.57 -13.53 -36.33
N TYR A 187 6.14 -12.96 -37.39
CA TYR A 187 5.38 -12.09 -38.29
C TYR A 187 4.18 -12.82 -38.87
N VAL A 188 4.42 -13.91 -39.60
CA VAL A 188 3.35 -14.68 -40.21
C VAL A 188 2.20 -14.86 -39.24
N ARG A 189 2.50 -15.21 -37.99
CA ARG A 189 1.47 -15.38 -36.99
C ARG A 189 0.53 -14.18 -37.04
N SER A 190 1.10 -13.05 -37.42
CA SER A 190 0.35 -11.81 -37.55
C SER A 190 -0.48 -11.84 -38.83
N LEU A 191 0.09 -12.44 -39.88
CA LEU A 191 -0.59 -12.55 -41.16
C LEU A 191 -2.01 -13.08 -40.94
N ALA A 192 -2.13 -14.03 -40.01
CA ALA A 192 -3.43 -14.62 -39.68
C ALA A 192 -4.12 -13.83 -38.58
N ARG A 193 -3.33 -13.15 -37.76
CA ARG A 193 -3.87 -12.36 -36.66
C ARG A 193 -4.48 -11.07 -37.17
N ASN A 194 -4.02 -10.62 -38.33
CA ASN A 194 -4.52 -9.38 -38.93
C ASN A 194 -4.93 -9.61 -40.38
N GLY A 195 -4.70 -10.81 -40.90
CA GLY A 195 -5.05 -11.11 -42.27
C GLY A 195 -4.17 -10.40 -43.27
N MET A 196 -3.18 -9.67 -42.77
CA MET A 196 -2.26 -8.93 -43.62
C MET A 196 -2.05 -9.61 -44.96
N ASP A 197 -1.72 -10.90 -44.93
CA ASP A 197 -1.49 -11.66 -46.15
C ASP A 197 -2.79 -11.89 -46.90
N GLY A 1 -8.92 54.25 18.58
CA GLY A 1 -9.88 55.34 18.92
C GLY A 1 -11.33 54.91 18.76
N SER A 2 -11.78 54.05 19.66
CA SER A 2 -13.15 53.55 19.61
C SER A 2 -14.07 54.40 20.50
N MET A 3 -15.34 54.47 20.11
CA MET A 3 -16.31 55.25 20.87
C MET A 3 -17.24 54.33 21.67
N ASP A 4 -16.64 53.42 22.42
CA ASP A 4 -17.40 52.48 23.24
C ASP A 4 -17.02 52.60 24.71
N CYS A 5 -18.00 52.39 25.59
CA CYS A 5 -17.77 52.47 27.02
C CYS A 5 -17.35 51.11 27.59
N GLU A 6 -18.11 50.07 27.24
CA GLU A 6 -17.83 48.73 27.70
C GLU A 6 -16.89 48.01 26.73
N VAL A 7 -15.82 47.44 27.26
CA VAL A 7 -14.85 46.73 26.44
C VAL A 7 -15.50 45.56 25.71
N ASN A 8 -16.13 45.86 24.58
CA ASN A 8 -16.79 44.84 23.77
C ASN A 8 -15.77 43.90 23.15
N ASN A 9 -15.81 42.63 23.55
CA ASN A 9 -14.89 41.63 23.03
C ASN A 9 -13.46 41.92 23.52
N GLY A 10 -12.60 40.91 23.43
CA GLY A 10 -11.22 41.08 23.87
C GLY A 10 -10.23 40.52 22.87
N SER A 11 -10.13 39.20 22.81
CA SER A 11 -9.20 38.53 21.90
C SER A 11 -7.77 38.72 22.37
N SER A 12 -7.20 37.68 22.96
CA SER A 12 -5.82 37.73 23.45
C SER A 12 -5.01 36.55 22.92
N LEU A 13 -5.48 35.95 21.83
CA LEU A 13 -4.79 34.82 21.23
C LEU A 13 -3.44 35.25 20.64
N ARG A 14 -2.44 35.40 21.50
CA ARG A 14 -1.12 35.81 21.07
C ARG A 14 -0.27 34.59 20.69
N ASP A 15 1.02 34.83 20.47
CA ASP A 15 1.94 33.75 20.10
C ASP A 15 1.45 33.02 18.85
N GLU A 16 0.90 33.78 17.91
CA GLU A 16 0.38 33.20 16.67
C GLU A 16 1.49 33.13 15.62
N CYS A 17 2.32 34.17 15.56
CA CYS A 17 3.43 34.25 14.60
C CYS A 17 4.07 32.89 14.42
N ILE A 18 4.02 32.08 15.46
CA ILE A 18 4.62 30.75 15.44
C ILE A 18 3.77 29.75 14.67
N THR A 19 2.48 29.74 14.96
CA THR A 19 1.56 28.83 14.29
C THR A 19 1.69 28.96 12.77
N ASN A 20 1.61 30.18 12.28
CA ASN A 20 1.75 30.44 10.84
C ASN A 20 3.13 30.01 10.38
N LEU A 21 4.14 30.40 11.15
CA LEU A 21 5.52 30.03 10.83
C LEU A 21 5.56 28.54 10.54
N LEU A 22 4.97 27.79 11.44
CA LEU A 22 4.92 26.34 11.31
C LEU A 22 4.46 25.95 9.91
N VAL A 23 3.16 26.08 9.65
CA VAL A 23 2.61 25.73 8.35
C VAL A 23 3.60 26.01 7.24
N PHE A 24 4.13 27.23 7.20
CA PHE A 24 5.11 27.57 6.18
C PHE A 24 6.16 26.48 6.07
N GLY A 25 7.04 26.43 7.05
CA GLY A 25 8.07 25.41 7.06
C GLY A 25 7.47 24.02 7.05
N PHE A 26 6.50 23.81 7.92
CA PHE A 26 5.81 22.54 8.04
C PHE A 26 5.34 22.06 6.66
N LEU A 27 4.61 22.91 5.96
CA LEU A 27 4.12 22.56 4.64
C LEU A 27 5.24 22.65 3.60
N GLN A 28 6.31 23.37 3.94
CA GLN A 28 7.44 23.50 3.04
C GLN A 28 8.05 22.13 2.75
N SER A 29 8.20 21.34 3.81
CA SER A 29 8.77 20.00 3.68
C SER A 29 7.68 19.00 3.27
N CYS A 30 6.44 19.31 3.63
CA CYS A 30 5.31 18.45 3.30
C CYS A 30 5.49 17.81 1.92
N SER A 31 6.10 18.56 1.01
CA SER A 31 6.33 18.07 -0.35
C SER A 31 7.71 18.46 -0.86
N ASP A 32 8.56 18.91 0.05
CA ASP A 32 9.92 19.33 -0.31
C ASP A 32 9.89 20.60 -1.16
N ASN A 33 10.95 20.81 -1.93
CA ASN A 33 11.06 21.98 -2.79
C ASN A 33 10.51 21.70 -4.18
N SER A 34 9.19 21.74 -4.31
CA SER A 34 8.53 21.49 -5.59
C SER A 34 7.25 22.31 -5.71
N PHE A 35 7.22 23.47 -5.07
CA PHE A 35 6.05 24.34 -5.09
C PHE A 35 6.29 25.55 -4.21
N ARG A 36 7.54 26.00 -4.18
CA ARG A 36 7.92 27.15 -3.39
C ARG A 36 7.14 28.40 -3.78
N ARG A 37 7.22 28.77 -5.05
CA ARG A 37 6.53 29.94 -5.56
C ARG A 37 5.18 30.08 -4.87
N GLU A 38 4.60 28.94 -4.56
CA GLU A 38 3.31 28.91 -3.89
C GLU A 38 3.42 29.47 -2.47
N LEU A 39 4.35 28.94 -1.71
CA LEU A 39 4.55 29.39 -0.33
C LEU A 39 4.77 30.90 -0.30
N ASP A 40 5.47 31.42 -1.32
CA ASP A 40 5.74 32.84 -1.41
C ASP A 40 4.43 33.62 -1.60
N ALA A 41 3.52 33.03 -2.36
CA ALA A 41 2.22 33.66 -2.61
C ALA A 41 1.35 33.63 -1.36
N LEU A 42 1.48 32.55 -0.60
CA LEU A 42 0.72 32.38 0.63
C LEU A 42 1.07 33.48 1.64
N GLY A 43 2.34 33.55 2.01
CA GLY A 43 2.79 34.57 2.94
C GLY A 43 2.58 35.97 2.42
N HIS A 44 2.47 36.11 1.12
CA HIS A 44 2.27 37.41 0.50
C HIS A 44 1.01 38.07 1.04
N GLU A 45 0.15 37.28 1.66
CA GLU A 45 -1.09 37.78 2.23
C GLU A 45 -1.25 37.31 3.67
N LEU A 46 -0.91 36.04 3.91
CA LEU A 46 -1.00 35.47 5.24
C LEU A 46 -0.67 36.49 6.31
N PRO A 47 -1.69 37.16 6.86
CA PRO A 47 -1.51 38.18 7.90
C PRO A 47 -0.94 37.59 9.19
N VAL A 48 -1.19 38.28 10.31
CA VAL A 48 -0.71 37.83 11.60
C VAL A 48 -1.71 38.21 12.70
N LEU A 49 -1.19 38.52 13.89
CA LEU A 49 -2.05 38.89 15.01
C LEU A 49 -3.22 39.74 14.53
N ALA A 50 -2.92 40.98 14.15
CA ALA A 50 -3.95 41.90 13.66
C ALA A 50 -3.48 43.34 13.77
N PRO A 51 -3.35 43.86 15.00
CA PRO A 51 -2.91 45.23 15.25
C PRO A 51 -1.41 45.41 15.00
N GLN A 52 -1.05 45.81 13.78
CA GLN A 52 0.34 46.00 13.43
C GLN A 52 1.11 44.69 13.49
N TRP A 53 2.44 44.78 13.57
CA TRP A 53 3.28 43.60 13.64
C TRP A 53 4.50 43.86 14.52
N GLU A 54 5.14 45.01 14.33
CA GLU A 54 6.32 45.38 15.10
C GLU A 54 6.34 46.88 15.36
N GLY A 55 7.55 47.45 15.39
CA GLY A 55 7.68 48.88 15.64
C GLY A 55 8.60 49.19 16.80
N TYR A 56 8.43 48.44 17.90
CA TYR A 56 9.25 48.65 19.09
C TYR A 56 10.73 48.75 18.72
N ASP A 57 11.33 47.62 18.38
CA ASP A 57 12.75 47.58 18.01
C ASP A 57 12.93 46.87 16.68
N GLU A 58 14.19 46.62 16.32
CA GLU A 58 14.50 45.94 15.07
C GLU A 58 15.16 44.59 15.33
N LEU A 59 15.52 44.36 16.58
CA LEU A 59 16.16 43.11 16.98
C LEU A 59 15.13 42.03 17.25
N GLN A 60 15.50 41.08 18.10
CA GLN A 60 14.60 39.98 18.46
C GLN A 60 14.27 40.03 19.95
N THR A 61 14.41 41.20 20.55
CA THR A 61 14.11 41.38 21.97
C THR A 61 15.14 40.65 22.82
N ASP A 62 16.22 40.22 22.19
CA ASP A 62 17.29 39.51 22.90
C ASP A 62 16.80 38.15 23.39
N GLY A 63 17.35 37.09 22.81
CA GLY A 63 16.95 35.75 23.21
C GLY A 63 18.11 34.76 23.12
N ASN A 64 18.17 33.85 24.09
CA ASN A 64 19.22 32.84 24.12
C ASN A 64 19.10 31.97 25.38
N ARG A 65 19.38 32.57 26.53
CA ARG A 65 19.31 31.86 27.80
C ARG A 65 17.85 31.63 28.20
N SER A 66 17.24 30.59 27.65
CA SER A 66 15.85 30.26 27.94
C SER A 66 15.76 29.41 29.21
N SER A 67 16.49 28.30 29.23
CA SER A 67 16.49 27.41 30.39
C SER A 67 17.71 26.50 30.36
N HIS A 68 17.69 25.53 29.46
CA HIS A 68 18.81 24.59 29.33
C HIS A 68 19.85 25.12 28.37
N SER A 69 20.85 24.30 28.08
CA SER A 69 21.93 24.70 27.17
C SER A 69 23.16 23.81 27.36
N ARG A 70 24.18 24.04 26.54
CA ARG A 70 25.41 23.26 26.63
C ARG A 70 25.11 21.77 26.77
N LEU A 71 24.46 21.21 25.75
CA LEU A 71 24.12 19.80 25.75
C LEU A 71 23.35 19.43 24.48
N GLY A 72 23.79 19.95 23.35
CA GLY A 72 23.14 19.66 22.09
C GLY A 72 23.22 20.81 21.11
N ARG A 73 23.55 21.99 21.61
CA ARG A 73 23.66 23.18 20.79
C ARG A 73 25.12 23.51 20.51
N ILE A 74 25.65 22.93 19.46
CA ILE A 74 27.04 23.15 19.06
C ILE A 74 27.22 24.53 18.45
N GLU A 75 26.43 24.81 17.43
CA GLU A 75 26.49 26.09 16.73
C GLU A 75 25.43 26.18 15.64
N ALA A 76 25.16 25.04 15.02
CA ALA A 76 24.16 24.97 13.96
C ALA A 76 22.83 24.46 14.49
N ASP A 77 22.50 24.85 15.72
CA ASP A 77 21.26 24.44 16.34
C ASP A 77 20.72 25.50 17.30
N SER A 78 21.22 26.72 17.14
CA SER A 78 20.81 27.84 17.98
C SER A 78 21.12 29.17 17.31
N GLU A 79 20.87 29.25 16.00
CA GLU A 79 21.13 30.48 15.25
C GLU A 79 20.00 31.48 15.45
N SER A 80 18.84 31.16 14.89
CA SER A 80 17.67 32.03 15.00
C SER A 80 16.41 31.23 15.29
N GLN A 81 15.72 31.60 16.36
CA GLN A 81 14.49 30.91 16.74
C GLN A 81 13.64 30.56 15.52
N GLU A 82 13.45 31.55 14.65
CA GLU A 82 12.67 31.34 13.43
C GLU A 82 13.25 30.21 12.59
N ASP A 83 14.57 30.07 12.67
CA ASP A 83 15.27 29.03 11.92
C ASP A 83 15.00 27.66 12.52
N ILE A 84 15.08 27.55 13.84
CA ILE A 84 14.86 26.30 14.53
C ILE A 84 13.46 25.76 14.26
N ILE A 85 12.45 26.60 14.54
CA ILE A 85 11.06 26.20 14.33
C ILE A 85 10.80 25.83 12.87
N ARG A 86 11.42 26.57 11.95
CA ARG A 86 11.24 26.32 10.53
C ARG A 86 11.93 25.01 10.11
N ASN A 87 13.20 24.87 10.47
CA ASN A 87 13.96 23.68 10.13
C ASN A 87 13.40 22.46 10.83
N ILE A 88 12.82 22.66 12.00
CA ILE A 88 12.24 21.57 12.78
C ILE A 88 11.00 21.02 12.07
N ALA A 89 10.09 21.93 11.72
CA ALA A 89 8.86 21.54 11.04
C ALA A 89 9.15 20.92 9.68
N ARG A 90 10.21 21.40 9.04
CA ARG A 90 10.61 20.90 7.73
C ARG A 90 11.17 19.49 7.84
N HIS A 91 11.86 19.23 8.94
CA HIS A 91 12.46 17.92 9.17
C HIS A 91 11.39 16.86 9.41
N LEU A 92 10.70 16.98 10.55
CA LEU A 92 9.66 16.03 10.90
C LEU A 92 8.66 15.87 9.74
N ALA A 93 8.46 16.95 8.99
CA ALA A 93 7.55 16.92 7.85
C ALA A 93 8.15 16.12 6.70
N GLN A 94 9.47 16.24 6.54
CA GLN A 94 10.18 15.53 5.49
C GLN A 94 10.08 14.02 5.68
N VAL A 95 10.23 13.58 6.92
CA VAL A 95 10.16 12.16 7.24
C VAL A 95 8.72 11.65 7.14
N GLY A 96 7.81 12.32 7.84
CA GLY A 96 6.42 11.93 7.82
C GLY A 96 5.91 11.69 6.41
N ASP A 97 6.33 12.53 5.49
CA ASP A 97 5.92 12.41 4.09
C ASP A 97 6.63 11.25 3.41
N SER A 98 7.96 11.30 3.40
CA SER A 98 8.75 10.25 2.79
C SER A 98 8.17 8.87 3.09
N MET A 99 7.50 8.75 4.24
CA MET A 99 6.90 7.50 4.65
C MET A 99 5.46 7.39 4.14
N ASP A 100 4.78 8.52 4.02
CA ASP A 100 3.40 8.54 3.55
C ASP A 100 3.33 8.68 2.04
N ARG A 101 4.29 9.39 1.46
CA ARG A 101 4.34 9.61 0.02
C ARG A 101 3.93 8.35 -0.74
N SER A 102 4.17 7.19 -0.13
CA SER A 102 3.83 5.93 -0.75
C SER A 102 2.46 5.99 -1.42
N ILE A 103 1.51 6.63 -0.72
CA ILE A 103 0.14 6.78 -1.21
C ILE A 103 -0.22 5.73 -2.25
N PRO A 104 -0.12 4.44 -1.88
CA PRO A 104 -0.43 3.33 -2.80
C PRO A 104 -1.89 3.31 -3.25
N PRO A 105 -2.84 3.42 -2.30
CA PRO A 105 -4.26 3.41 -2.60
C PRO A 105 -4.79 4.79 -2.96
N GLY A 106 -4.50 5.77 -2.11
CA GLY A 106 -4.95 7.12 -2.35
C GLY A 106 -5.81 7.66 -1.22
N LEU A 107 -5.21 7.83 -0.05
CA LEU A 107 -5.94 8.33 1.10
C LEU A 107 -5.98 9.86 1.08
N VAL A 108 -4.81 10.48 1.12
CA VAL A 108 -4.71 11.93 1.08
C VAL A 108 -5.56 12.50 -0.04
N ASN A 109 -5.45 11.90 -1.21
CA ASN A 109 -6.20 12.33 -2.38
C ASN A 109 -7.61 12.73 -1.99
N GLY A 110 -8.35 11.81 -1.37
CA GLY A 110 -9.70 12.10 -0.95
C GLY A 110 -9.79 13.40 -0.18
N LEU A 111 -9.04 13.49 0.91
CA LEU A 111 -9.02 14.70 1.71
C LEU A 111 -8.65 15.86 0.81
N ALA A 112 -7.93 15.53 -0.26
CA ALA A 112 -7.52 16.51 -1.25
C ALA A 112 -8.72 16.87 -2.11
N LEU A 113 -9.64 15.91 -2.24
CA LEU A 113 -10.84 16.12 -3.02
C LEU A 113 -11.77 17.11 -2.31
N GLN A 114 -11.69 17.11 -0.98
CA GLN A 114 -12.49 18.02 -0.17
C GLN A 114 -11.75 19.34 0.03
N LEU A 115 -10.49 19.25 0.45
CA LEU A 115 -9.67 20.44 0.66
C LEU A 115 -9.51 21.20 -0.64
N ARG A 116 -9.12 20.49 -1.70
CA ARG A 116 -8.93 21.08 -3.01
C ARG A 116 -9.84 22.30 -3.21
N ASN A 117 -11.15 22.05 -3.16
CA ASN A 117 -12.14 23.11 -3.32
C ASN A 117 -11.67 24.41 -2.66
N THR A 118 -10.97 25.22 -3.44
CA THR A 118 -10.45 26.49 -2.95
C THR A 118 -11.38 27.13 -1.93
N SER A 119 -12.22 28.06 -2.37
CA SER A 119 -13.15 28.75 -1.48
C SER A 119 -13.84 27.76 -0.55
N ARG A 120 -14.17 26.60 -1.09
CA ARG A 120 -14.84 25.56 -0.31
C ARG A 120 -13.81 24.72 0.43
N SER A 121 -13.38 25.20 1.59
CA SER A 121 -12.40 24.48 2.37
C SER A 121 -12.19 25.08 3.75
N GLU A 122 -11.76 26.32 3.81
CA GLU A 122 -11.54 26.95 5.10
C GLU A 122 -12.67 26.58 6.06
N GLU A 123 -13.89 26.74 5.60
CA GLU A 123 -15.06 26.40 6.40
C GLU A 123 -15.46 24.95 6.18
N ASP A 124 -15.71 24.60 4.92
CA ASP A 124 -16.09 23.25 4.56
C ASP A 124 -15.10 22.25 5.11
N ARG A 125 -13.81 22.55 4.95
CA ARG A 125 -12.77 21.68 5.46
C ARG A 125 -12.74 21.73 6.98
N ASN A 126 -12.95 22.94 7.51
CA ASN A 126 -12.95 23.11 8.96
C ASN A 126 -13.93 22.13 9.60
N ARG A 127 -15.19 22.20 9.20
CA ARG A 127 -16.20 21.32 9.75
C ARG A 127 -15.98 19.90 9.24
N ASP A 128 -15.10 19.76 8.24
CA ASP A 128 -14.79 18.45 7.69
C ASP A 128 -13.81 17.72 8.59
N LEU A 129 -12.65 18.32 8.81
CA LEU A 129 -11.64 17.72 9.67
C LEU A 129 -12.16 17.62 11.09
N ALA A 130 -12.69 18.73 11.60
CA ALA A 130 -13.25 18.75 12.95
C ALA A 130 -14.26 17.63 13.11
N THR A 131 -15.09 17.43 12.09
CA THR A 131 -16.09 16.38 12.12
C THR A 131 -15.44 15.03 11.85
N ALA A 132 -14.46 15.02 10.96
CA ALA A 132 -13.74 13.80 10.62
C ALA A 132 -12.96 13.34 11.83
N LEU A 133 -12.42 14.31 12.57
CA LEU A 133 -11.66 14.03 13.78
C LEU A 133 -12.55 13.41 14.83
N GLU A 134 -13.43 14.24 15.38
CA GLU A 134 -14.37 13.79 16.41
C GLU A 134 -14.91 12.41 16.07
N GLN A 135 -14.95 12.10 14.77
CA GLN A 135 -15.43 10.81 14.31
C GLN A 135 -14.40 9.72 14.60
N LEU A 136 -13.16 9.97 14.25
CA LEU A 136 -12.08 9.02 14.49
C LEU A 136 -11.76 8.97 15.99
N LEU A 137 -11.81 10.13 16.61
CA LEU A 137 -11.53 10.24 18.05
C LEU A 137 -12.68 9.65 18.85
N GLN A 138 -13.86 9.67 18.24
CA GLN A 138 -15.07 9.15 18.87
C GLN A 138 -14.88 7.71 19.33
N ALA A 139 -13.84 7.05 18.83
CA ALA A 139 -13.57 5.67 19.20
C ALA A 139 -12.27 5.59 20.00
N TYR A 140 -11.40 6.54 19.76
CA TYR A 140 -10.12 6.61 20.43
C TYR A 140 -10.22 7.38 21.75
N PRO A 141 -9.17 7.31 22.58
CA PRO A 141 -9.13 7.99 23.89
C PRO A 141 -9.26 9.50 23.75
N ARG A 142 -10.30 10.06 24.35
CA ARG A 142 -10.55 11.50 24.31
C ARG A 142 -10.41 12.12 25.69
N ASP A 143 -10.72 11.35 26.71
CA ASP A 143 -10.62 11.82 28.09
C ASP A 143 -9.20 12.25 28.44
N MET A 144 -8.24 11.63 27.76
CA MET A 144 -6.83 11.95 27.98
C MET A 144 -6.48 13.32 27.40
N GLU A 145 -6.19 13.36 26.11
CA GLU A 145 -5.86 14.61 25.43
C GLU A 145 -6.12 14.49 23.94
N LYS A 146 -6.90 15.43 23.42
CA LYS A 146 -7.24 15.43 22.00
C LYS A 146 -6.18 16.16 21.18
N GLU A 147 -5.57 17.16 21.80
CA GLU A 147 -4.53 17.94 21.14
C GLU A 147 -3.71 17.10 20.18
N LYS A 148 -2.86 16.24 20.75
CA LYS A 148 -2.00 15.38 19.95
C LYS A 148 -2.80 14.54 18.94
N THR A 149 -3.49 13.53 19.45
CA THR A 149 -4.28 12.65 18.61
C THR A 149 -5.15 13.41 17.62
N MET A 150 -5.87 14.42 18.09
CA MET A 150 -6.74 15.20 17.23
C MET A 150 -5.96 15.92 16.14
N LEU A 151 -4.98 16.70 16.55
CA LEU A 151 -4.17 17.45 15.60
C LEU A 151 -3.27 16.51 14.80
N VAL A 152 -2.50 15.68 15.50
CA VAL A 152 -1.62 14.74 14.84
C VAL A 152 -2.30 14.14 13.61
N LEU A 153 -3.50 13.62 13.82
CA LEU A 153 -4.28 13.02 12.74
C LEU A 153 -4.75 14.09 11.75
N ALA A 154 -5.79 14.80 12.14
CA ALA A 154 -6.36 15.85 11.30
C ALA A 154 -5.26 16.65 10.59
N LEU A 155 -4.24 17.06 11.34
CA LEU A 155 -3.14 17.83 10.76
C LEU A 155 -2.51 17.07 9.59
N LEU A 156 -2.22 15.79 9.82
CA LEU A 156 -1.62 14.96 8.79
C LEU A 156 -2.48 14.95 7.53
N LEU A 157 -3.78 14.73 7.69
CA LEU A 157 -4.70 14.70 6.58
C LEU A 157 -4.53 15.93 5.70
N ALA A 158 -4.39 17.08 6.33
CA ALA A 158 -4.18 18.33 5.60
C ALA A 158 -2.86 18.27 4.84
N LYS A 159 -1.75 18.47 5.53
CA LYS A 159 -0.45 18.42 4.89
C LYS A 159 -0.41 17.23 3.92
N LYS A 160 -1.18 16.19 4.24
CA LYS A 160 -1.24 15.00 3.42
C LYS A 160 -1.64 15.35 1.99
N VAL A 161 -2.90 15.77 1.81
CA VAL A 161 -3.39 16.12 0.49
C VAL A 161 -2.34 16.96 -0.25
N ALA A 162 -1.78 17.93 0.45
CA ALA A 162 -0.76 18.79 -0.13
C ALA A 162 0.30 17.95 -0.83
N SER A 163 0.56 16.76 -0.30
CA SER A 163 1.53 15.86 -0.89
C SER A 163 1.14 15.50 -2.31
N HIS A 164 -0.15 15.19 -2.50
CA HIS A 164 -0.66 14.85 -3.81
C HIS A 164 -1.11 16.11 -4.55
N THR A 165 -1.75 17.02 -3.82
CA THR A 165 -2.22 18.27 -4.41
C THR A 165 -1.34 19.45 -3.97
N PRO A 166 -0.31 19.78 -4.77
CA PRO A 166 0.61 20.87 -4.46
C PRO A 166 0.05 22.24 -4.82
N SER A 167 -1.23 22.44 -4.53
CA SER A 167 -1.89 23.71 -4.82
C SER A 167 -2.97 24.01 -3.79
N LEU A 168 -2.88 23.34 -2.65
CA LEU A 168 -3.84 23.53 -1.56
C LEU A 168 -3.16 24.11 -0.34
N LEU A 169 -1.90 24.51 -0.50
CA LEU A 169 -1.13 25.07 0.59
C LEU A 169 -2.01 25.92 1.50
N ARG A 170 -2.28 27.15 1.07
CA ARG A 170 -3.11 28.07 1.85
C ARG A 170 -4.20 27.31 2.59
N ASP A 171 -4.83 26.36 1.89
CA ASP A 171 -5.88 25.55 2.48
C ASP A 171 -5.32 24.62 3.55
N VAL A 172 -4.27 23.90 3.20
CA VAL A 172 -3.63 22.98 4.15
C VAL A 172 -3.05 23.75 5.32
N PHE A 173 -2.43 24.89 5.02
CA PHE A 173 -1.85 25.73 6.04
C PHE A 173 -2.87 25.97 7.15
N HIS A 174 -3.90 26.73 6.83
CA HIS A 174 -4.94 27.04 7.79
C HIS A 174 -5.52 25.76 8.39
N THR A 175 -5.60 24.70 7.59
CA THR A 175 -6.14 23.43 8.06
C THR A 175 -5.57 23.05 9.42
N THR A 176 -4.25 23.08 9.56
CA THR A 176 -3.61 22.72 10.81
C THR A 176 -3.46 23.92 11.75
N VAL A 177 -3.56 25.12 11.19
CA VAL A 177 -3.42 26.34 11.99
C VAL A 177 -4.77 26.84 12.53
N ASN A 178 -5.85 26.60 11.78
CA ASN A 178 -7.17 27.04 12.21
C ASN A 178 -7.69 26.17 13.35
N PHE A 179 -8.01 24.92 13.03
CA PHE A 179 -8.51 23.98 14.02
C PHE A 179 -7.87 24.23 15.38
N ILE A 180 -6.56 24.46 15.37
CA ILE A 180 -5.82 24.73 16.59
C ILE A 180 -6.15 26.13 17.13
N ASN A 181 -5.87 27.15 16.32
CA ASN A 181 -6.14 28.52 16.72
C ASN A 181 -7.48 28.64 17.43
N GLN A 182 -8.45 27.84 16.97
CA GLN A 182 -9.78 27.86 17.55
C GLN A 182 -9.71 27.79 19.08
N ASN A 183 -8.79 26.97 19.59
CA ASN A 183 -8.65 26.81 21.03
C ASN A 183 -7.36 26.05 21.39
N LEU A 184 -7.00 25.08 20.55
CA LEU A 184 -5.81 24.27 20.80
C LEU A 184 -4.54 24.93 20.26
N ARG A 185 -4.36 26.19 20.59
CA ARG A 185 -3.20 26.97 20.16
C ARG A 185 -1.90 26.39 20.72
N THR A 186 -1.95 25.88 21.94
CA THR A 186 -0.78 25.33 22.60
C THR A 186 -0.22 24.09 21.89
N TYR A 187 -0.97 23.55 20.94
CA TYR A 187 -0.52 22.35 20.22
C TYR A 187 0.51 22.68 19.14
N VAL A 188 0.14 23.52 18.19
CA VAL A 188 1.05 23.88 17.11
C VAL A 188 2.43 24.22 17.66
N ARG A 189 2.44 24.97 18.76
CA ARG A 189 3.70 25.34 19.40
C ARG A 189 4.56 24.10 19.53
N SER A 190 3.89 22.96 19.61
CA SER A 190 4.56 21.67 19.72
C SER A 190 5.01 21.20 18.34
N LEU A 191 4.14 21.37 17.35
CA LEU A 191 4.47 20.98 15.98
C LEU A 191 5.92 21.34 15.69
N ALA A 192 6.32 22.51 16.18
CA ALA A 192 7.68 23.00 15.98
C ALA A 192 8.61 22.53 17.10
N ARG A 193 8.06 22.45 18.32
CA ARG A 193 8.85 22.02 19.47
C ARG A 193 9.27 20.57 19.35
N ASN A 194 8.47 19.77 18.64
CA ASN A 194 8.77 18.36 18.44
C ASN A 194 8.79 18.00 16.96
N GLY A 195 8.42 18.97 16.12
CA GLY A 195 8.42 18.73 14.69
C GLY A 195 7.11 18.13 14.20
N MET A 196 6.55 17.22 15.00
CA MET A 196 5.30 16.58 14.64
C MET A 196 4.23 16.80 15.71
N ASP A 197 4.41 16.16 16.86
CA ASP A 197 3.47 16.30 17.96
C ASP A 197 3.05 17.75 18.14
N GLY A 1 54.32 -9.65 -24.45
CA GLY A 1 54.35 -9.87 -25.92
C GLY A 1 53.21 -9.17 -26.63
N SER A 2 52.15 -9.92 -26.97
CA SER A 2 51.00 -9.36 -27.65
C SER A 2 49.82 -9.21 -26.69
N MET A 3 50.13 -9.06 -25.41
CA MET A 3 49.11 -8.91 -24.39
C MET A 3 49.46 -7.80 -23.40
N ASP A 4 48.62 -6.78 -23.34
CA ASP A 4 48.85 -5.65 -22.44
C ASP A 4 49.34 -6.13 -21.09
N CYS A 5 50.04 -5.25 -20.37
CA CYS A 5 50.57 -5.57 -19.06
C CYS A 5 50.96 -4.30 -18.30
N GLU A 6 50.09 -3.86 -17.41
CA GLU A 6 50.34 -2.66 -16.63
C GLU A 6 50.11 -2.91 -15.14
N VAL A 7 48.93 -3.41 -14.80
CA VAL A 7 48.60 -3.68 -13.41
C VAL A 7 47.86 -5.02 -13.26
N ASN A 8 48.59 -6.05 -12.86
CA ASN A 8 48.00 -7.37 -12.68
C ASN A 8 48.02 -7.78 -11.21
N ASN A 9 48.02 -6.77 -10.33
CA ASN A 9 48.04 -7.03 -8.89
C ASN A 9 47.61 -5.78 -8.12
N GLY A 10 46.47 -5.22 -8.52
CA GLY A 10 45.97 -4.03 -7.86
C GLY A 10 44.73 -4.30 -7.04
N SER A 11 43.64 -4.66 -7.71
CA SER A 11 42.38 -4.94 -7.04
C SER A 11 41.74 -3.65 -6.51
N SER A 12 40.89 -3.80 -5.50
CA SER A 12 40.21 -2.64 -4.91
C SER A 12 39.24 -3.08 -3.82
N LEU A 13 39.76 -3.37 -2.64
CA LEU A 13 38.93 -3.81 -1.52
C LEU A 13 38.28 -2.61 -0.83
N ARG A 14 37.01 -2.76 -0.48
CA ARG A 14 36.27 -1.69 0.20
C ARG A 14 36.18 -1.95 1.69
N ASP A 15 35.72 -0.95 2.43
CA ASP A 15 35.57 -1.06 3.88
C ASP A 15 34.12 -1.37 4.26
N GLU A 16 33.20 -1.10 3.34
CA GLU A 16 31.79 -1.35 3.56
C GLU A 16 31.45 -2.82 3.33
N CYS A 17 32.23 -3.48 2.48
CA CYS A 17 32.01 -4.89 2.16
C CYS A 17 31.59 -5.66 3.40
N ILE A 18 32.05 -5.20 4.55
CA ILE A 18 31.74 -5.85 5.82
C ILE A 18 30.33 -5.51 6.30
N THR A 19 29.99 -4.23 6.30
CA THR A 19 28.66 -3.80 6.73
C THR A 19 27.59 -4.64 6.04
N ASN A 20 27.63 -4.66 4.71
CA ASN A 20 26.66 -5.44 3.95
C ASN A 20 26.79 -6.91 4.30
N LEU A 21 28.02 -7.41 4.29
CA LEU A 21 28.29 -8.80 4.65
C LEU A 21 27.69 -9.10 6.00
N LEU A 22 27.98 -8.23 6.96
CA LEU A 22 27.46 -8.39 8.31
C LEU A 22 26.00 -8.82 8.25
N VAL A 23 25.13 -7.90 7.83
CA VAL A 23 23.71 -8.18 7.73
C VAL A 23 23.47 -9.54 7.07
N PHE A 24 24.22 -9.84 6.01
CA PHE A 24 24.05 -11.12 5.34
C PHE A 24 24.13 -12.24 6.35
N GLY A 25 25.33 -12.45 6.87
CA GLY A 25 25.52 -13.49 7.87
C GLY A 25 24.66 -13.24 9.08
N PHE A 26 24.60 -11.99 9.51
CA PHE A 26 23.80 -11.59 10.65
C PHE A 26 22.34 -11.99 10.46
N LEU A 27 21.75 -11.51 9.37
CA LEU A 27 20.36 -11.84 9.05
C LEU A 27 20.25 -13.30 8.65
N GLN A 28 21.39 -13.91 8.31
CA GLN A 28 21.42 -15.31 7.92
C GLN A 28 20.97 -16.20 9.08
N SER A 29 21.70 -16.12 10.19
CA SER A 29 21.38 -16.91 11.37
C SER A 29 20.05 -16.47 11.98
N CYS A 30 19.70 -15.20 11.77
CA CYS A 30 18.45 -14.66 12.31
C CYS A 30 17.25 -15.39 11.73
N SER A 31 17.45 -16.03 10.58
CA SER A 31 16.36 -16.77 9.93
C SER A 31 16.73 -18.24 9.76
N ASP A 32 17.81 -18.65 10.41
CA ASP A 32 18.27 -20.03 10.33
C ASP A 32 18.20 -20.55 8.89
N ASN A 33 18.17 -21.87 8.74
CA ASN A 33 18.10 -22.49 7.42
C ASN A 33 16.66 -22.54 6.90
N SER A 34 16.44 -23.34 5.87
CA SER A 34 15.11 -23.48 5.28
C SER A 34 14.66 -22.17 4.66
N PHE A 35 15.63 -21.36 4.22
CA PHE A 35 15.34 -20.07 3.60
C PHE A 35 16.61 -19.48 3.01
N ARG A 36 17.51 -20.36 2.60
CA ARG A 36 18.79 -19.95 2.04
C ARG A 36 18.62 -19.28 0.68
N ARG A 37 18.10 -20.03 -0.29
CA ARG A 37 17.88 -19.51 -1.63
C ARG A 37 17.47 -18.05 -1.56
N GLU A 38 16.71 -17.74 -0.53
CA GLU A 38 16.22 -16.38 -0.30
C GLU A 38 17.39 -15.44 -0.07
N LEU A 39 18.25 -15.77 0.90
CA LEU A 39 19.41 -14.96 1.18
C LEU A 39 20.37 -14.96 0.00
N ASP A 40 20.54 -16.14 -0.60
CA ASP A 40 21.40 -16.29 -1.75
C ASP A 40 21.04 -15.29 -2.84
N ALA A 41 19.73 -15.08 -3.02
CA ALA A 41 19.25 -14.14 -4.02
C ALA A 41 19.41 -12.71 -3.54
N LEU A 42 19.42 -12.54 -2.22
CA LEU A 42 19.58 -11.22 -1.62
C LEU A 42 20.92 -10.60 -2.01
N GLY A 43 22.01 -11.27 -1.63
CA GLY A 43 23.32 -10.77 -1.95
C GLY A 43 23.57 -10.69 -3.45
N HIS A 44 22.67 -11.29 -4.21
CA HIS A 44 22.78 -11.29 -5.67
C HIS A 44 22.12 -10.05 -6.26
N GLU A 45 21.85 -9.07 -5.40
CA GLU A 45 21.23 -7.82 -5.83
C GLU A 45 21.49 -6.70 -4.83
N LEU A 46 21.47 -7.04 -3.54
CA LEU A 46 21.71 -6.07 -2.50
C LEU A 46 22.91 -5.18 -2.83
N PRO A 47 24.05 -5.80 -3.18
CA PRO A 47 25.27 -5.05 -3.52
C PRO A 47 25.16 -4.36 -4.88
N VAL A 48 25.40 -3.06 -4.90
CA VAL A 48 25.32 -2.28 -6.13
C VAL A 48 26.53 -1.37 -6.29
N LEU A 49 27.43 -1.75 -7.20
CA LEU A 49 28.63 -0.96 -7.45
C LEU A 49 28.79 -0.67 -8.94
N ALA A 50 29.06 -1.71 -9.72
CA ALA A 50 29.24 -1.57 -11.16
C ALA A 50 30.49 -0.77 -11.48
N PRO A 51 30.87 -0.73 -12.77
CA PRO A 51 32.05 -0.01 -13.22
C PRO A 51 31.95 1.50 -12.96
N GLN A 52 32.89 2.03 -12.18
CA GLN A 52 32.90 3.45 -11.85
C GLN A 52 31.56 3.89 -11.28
N TRP A 53 31.52 4.10 -9.96
CA TRP A 53 30.30 4.52 -9.30
C TRP A 53 30.56 5.77 -8.45
N GLU A 54 31.65 5.75 -7.70
CA GLU A 54 32.00 6.88 -6.85
C GLU A 54 33.21 7.61 -7.42
N GLY A 55 34.07 8.12 -6.54
CA GLY A 55 35.25 8.84 -6.99
C GLY A 55 35.25 10.29 -6.55
N TYR A 56 34.07 10.80 -6.21
CA TYR A 56 33.93 12.18 -5.78
C TYR A 56 35.05 12.56 -4.81
N ASP A 57 35.22 11.75 -3.78
CA ASP A 57 36.26 12.00 -2.79
C ASP A 57 37.58 11.36 -3.19
N GLU A 58 38.67 11.88 -2.65
CA GLU A 58 40.01 11.36 -2.96
C GLU A 58 40.37 10.24 -2.00
N LEU A 59 40.46 10.58 -0.74
CA LEU A 59 40.80 9.62 0.31
C LEU A 59 39.58 8.81 0.73
N GLN A 60 39.60 8.34 1.97
CA GLN A 60 38.50 7.56 2.51
C GLN A 60 38.07 8.08 3.87
N THR A 61 37.37 7.24 4.63
CA THR A 61 36.91 7.62 5.96
C THR A 61 37.41 6.64 7.02
N ASP A 62 38.34 5.78 6.61
CA ASP A 62 38.90 4.78 7.52
C ASP A 62 40.23 5.27 8.09
N GLY A 63 40.90 4.39 8.83
CA GLY A 63 42.18 4.74 9.42
C GLY A 63 43.09 3.54 9.61
N ASN A 64 44.36 3.70 9.27
CA ASN A 64 45.33 2.62 9.40
C ASN A 64 44.89 1.39 8.58
N ARG A 65 45.28 1.37 7.32
CA ARG A 65 44.92 0.26 6.43
C ARG A 65 46.01 0.03 5.38
N SER A 66 46.58 -1.17 5.37
CA SER A 66 47.62 -1.49 4.41
C SER A 66 47.72 -3.02 4.21
N SER A 67 48.87 -3.47 3.72
CA SER A 67 49.10 -4.89 3.49
C SER A 67 50.54 -5.28 3.82
N HIS A 68 50.73 -5.87 5.00
CA HIS A 68 52.06 -6.29 5.43
C HIS A 68 52.53 -7.50 4.63
N SER A 69 53.70 -8.03 4.98
CA SER A 69 54.26 -9.18 4.30
C SER A 69 54.01 -10.46 5.09
N ARG A 70 53.66 -11.53 4.39
CA ARG A 70 53.40 -12.81 5.03
C ARG A 70 54.68 -13.40 5.63
N LEU A 71 54.59 -14.63 6.12
CA LEU A 71 55.75 -15.29 6.72
C LEU A 71 55.32 -16.46 7.60
N GLY A 72 54.42 -17.29 7.10
CA GLY A 72 53.96 -18.44 7.86
C GLY A 72 52.52 -18.30 8.31
N ARG A 73 52.28 -17.39 9.25
CA ARG A 73 50.94 -17.17 9.77
C ARG A 73 50.37 -18.44 10.38
N ILE A 74 50.03 -18.34 11.66
CA ILE A 74 49.47 -19.47 12.38
C ILE A 74 47.95 -19.49 12.29
N GLU A 75 47.39 -18.40 11.79
CA GLU A 75 45.95 -18.28 11.64
C GLU A 75 45.26 -18.27 13.00
N ALA A 76 45.35 -19.39 13.68
CA ALA A 76 44.74 -19.53 15.01
C ALA A 76 43.24 -19.27 14.95
N ASP A 77 42.51 -20.17 14.31
CA ASP A 77 41.06 -20.06 14.20
C ASP A 77 40.65 -18.72 13.59
N SER A 78 41.59 -18.07 12.92
CA SER A 78 41.32 -16.78 12.28
C SER A 78 41.70 -16.81 10.81
N GLU A 79 40.98 -17.60 10.02
CA GLU A 79 41.25 -17.72 8.59
C GLU A 79 41.23 -16.34 7.93
N SER A 80 40.15 -15.60 8.17
CA SER A 80 40.01 -14.27 7.59
C SER A 80 38.94 -13.47 8.34
N GLN A 81 39.12 -12.15 8.38
CA GLN A 81 38.17 -11.27 9.07
C GLN A 81 36.74 -11.66 8.72
N GLU A 82 36.54 -12.14 7.50
CA GLU A 82 35.22 -12.55 7.04
C GLU A 82 34.74 -13.77 7.82
N ASP A 83 35.68 -14.53 8.35
CA ASP A 83 35.36 -15.72 9.12
C ASP A 83 34.88 -15.36 10.52
N ILE A 84 35.58 -14.41 11.14
CA ILE A 84 35.24 -13.96 12.48
C ILE A 84 33.87 -13.29 12.50
N ILE A 85 33.57 -12.55 11.43
CA ILE A 85 32.31 -11.85 11.32
C ILE A 85 31.15 -12.82 11.10
N ARG A 86 31.29 -13.66 10.07
CA ARG A 86 30.25 -14.64 9.75
C ARG A 86 29.96 -15.54 10.95
N ASN A 87 31.01 -15.95 11.64
CA ASN A 87 30.87 -16.82 12.80
C ASN A 87 30.32 -16.05 14.00
N ILE A 88 30.65 -14.77 14.07
CA ILE A 88 30.20 -13.92 15.17
C ILE A 88 28.72 -13.56 15.00
N ALA A 89 28.34 -13.22 13.77
CA ALA A 89 26.95 -12.86 13.48
C ALA A 89 26.04 -14.07 13.64
N ARG A 90 26.51 -15.22 13.19
CA ARG A 90 25.74 -16.46 13.28
C ARG A 90 25.54 -16.85 14.75
N HIS A 91 26.58 -16.67 15.55
CA HIS A 91 26.53 -17.00 16.97
C HIS A 91 25.49 -16.15 17.69
N LEU A 92 25.73 -14.84 17.75
CA LEU A 92 24.81 -13.92 18.40
C LEU A 92 23.41 -14.07 17.83
N ALA A 93 23.28 -13.93 16.52
CA ALA A 93 21.98 -14.06 15.86
C ALA A 93 21.28 -15.34 16.33
N GLN A 94 22.08 -16.35 16.66
CA GLN A 94 21.54 -17.61 17.14
C GLN A 94 20.87 -17.45 18.49
N VAL A 95 21.61 -16.86 19.43
CA VAL A 95 21.08 -16.62 20.77
C VAL A 95 19.75 -15.89 20.70
N GLY A 96 19.70 -14.85 19.88
CA GLY A 96 18.48 -14.10 19.72
C GLY A 96 17.38 -14.93 19.07
N ASP A 97 17.80 -15.94 18.32
CA ASP A 97 16.86 -16.83 17.65
C ASP A 97 16.05 -17.62 18.67
N SER A 98 16.74 -18.41 19.48
CA SER A 98 16.09 -19.21 20.50
C SER A 98 15.29 -18.31 21.44
N MET A 99 15.79 -17.11 21.66
CA MET A 99 15.12 -16.14 22.52
C MET A 99 14.01 -15.42 21.77
N ASP A 100 14.07 -15.50 20.44
CA ASP A 100 13.07 -14.86 19.59
C ASP A 100 11.74 -15.63 19.65
N ARG A 101 11.83 -16.92 19.96
CA ARG A 101 10.64 -17.77 20.05
C ARG A 101 9.56 -17.09 20.87
N SER A 102 9.97 -16.42 21.94
CA SER A 102 9.04 -15.72 22.82
C SER A 102 8.89 -14.26 22.38
N ILE A 103 8.65 -14.06 21.09
CA ILE A 103 8.49 -12.72 20.55
C ILE A 103 7.70 -11.83 21.50
N PRO A 104 8.06 -10.54 21.56
CA PRO A 104 7.39 -9.58 22.43
C PRO A 104 5.88 -9.59 22.24
N PRO A 105 5.13 -9.10 23.24
CA PRO A 105 3.67 -9.06 23.21
C PRO A 105 3.14 -8.20 22.06
N GLY A 106 3.25 -8.72 20.84
CA GLY A 106 2.78 -7.99 19.68
C GLY A 106 3.76 -6.92 19.22
N LEU A 107 4.83 -7.33 18.55
CA LEU A 107 5.83 -6.41 18.06
C LEU A 107 6.32 -6.83 16.67
N VAL A 108 7.12 -7.89 16.64
CA VAL A 108 7.64 -8.39 15.37
C VAL A 108 6.59 -8.27 14.29
N ASN A 109 5.40 -8.76 14.59
CA ASN A 109 4.30 -8.72 13.65
C ASN A 109 4.31 -7.40 12.89
N GLY A 110 3.96 -6.31 13.59
CA GLY A 110 3.94 -5.02 12.96
C GLY A 110 5.24 -4.69 12.25
N LEU A 111 6.35 -4.91 12.94
CA LEU A 111 7.65 -4.67 12.36
C LEU A 111 7.74 -5.38 11.02
N ALA A 112 7.06 -6.52 10.94
CA ALA A 112 7.03 -7.31 9.73
C ALA A 112 5.89 -6.86 8.82
N LEU A 113 4.88 -6.22 9.42
CA LEU A 113 3.74 -5.74 8.64
C LEU A 113 4.11 -4.46 7.92
N GLN A 114 5.08 -3.75 8.47
CA GLN A 114 5.55 -2.51 7.89
C GLN A 114 6.71 -2.78 6.93
N LEU A 115 7.56 -3.75 7.29
CA LEU A 115 8.69 -4.12 6.45
C LEU A 115 8.22 -4.88 5.22
N ARG A 116 7.57 -6.03 5.47
CA ARG A 116 7.06 -6.87 4.39
C ARG A 116 6.77 -6.06 3.13
N ASN A 117 5.86 -5.10 3.26
CA ASN A 117 5.46 -4.23 2.14
C ASN A 117 6.60 -4.05 1.16
N THR A 118 6.68 -4.95 0.19
CA THR A 118 7.71 -4.90 -0.84
C THR A 118 7.81 -3.52 -1.46
N SER A 119 9.03 -2.99 -1.54
CA SER A 119 9.26 -1.68 -2.12
C SER A 119 9.05 -0.59 -1.07
N ARG A 120 7.93 -0.68 -0.37
CA ARG A 120 7.60 0.28 0.68
C ARG A 120 8.29 -0.12 1.97
N SER A 121 9.57 0.22 2.09
CA SER A 121 10.33 -0.12 3.28
C SER A 121 11.68 0.58 3.33
N GLU A 122 12.56 0.30 2.38
CA GLU A 122 13.87 0.94 2.38
C GLU A 122 13.75 2.38 2.85
N GLU A 123 12.82 3.10 2.26
CA GLU A 123 12.58 4.49 2.63
C GLU A 123 11.52 4.58 3.72
N ASP A 124 10.33 4.06 3.41
CA ASP A 124 9.22 4.06 4.36
C ASP A 124 9.66 3.49 5.70
N ARG A 125 10.46 2.43 5.64
CA ARG A 125 10.96 1.80 6.85
C ARG A 125 12.04 2.67 7.50
N ASN A 126 12.89 3.26 6.68
CA ASN A 126 13.94 4.12 7.19
C ASN A 126 13.34 5.22 8.06
N ARG A 127 12.38 5.95 7.49
CA ARG A 127 11.73 7.01 8.24
C ARG A 127 10.84 6.42 9.32
N ASP A 128 10.56 5.13 9.19
CA ASP A 128 9.72 4.43 10.18
C ASP A 128 10.55 4.08 11.40
N LEU A 129 11.55 3.23 11.20
CA LEU A 129 12.42 2.83 12.30
C LEU A 129 12.94 4.07 13.01
N ALA A 130 13.46 5.01 12.24
CA ALA A 130 13.98 6.25 12.80
C ALA A 130 12.89 6.95 13.59
N THR A 131 11.65 6.84 13.12
CA THR A 131 10.52 7.45 13.80
C THR A 131 10.14 6.62 15.02
N ALA A 132 10.07 5.30 14.83
CA ALA A 132 9.75 4.39 15.92
C ALA A 132 10.84 4.45 16.97
N LEU A 133 12.06 4.63 16.50
CA LEU A 133 13.23 4.73 17.37
C LEU A 133 13.15 5.99 18.22
N GLU A 134 13.33 7.12 17.55
CA GLU A 134 13.27 8.42 18.22
C GLU A 134 12.16 8.41 19.25
N GLN A 135 11.12 7.63 18.97
CA GLN A 135 9.97 7.50 19.86
C GLN A 135 10.40 6.83 21.17
N LEU A 136 10.71 5.54 21.08
CA LEU A 136 11.15 4.80 22.26
C LEU A 136 12.33 5.50 22.90
N LEU A 137 13.09 6.22 22.09
CA LEU A 137 14.24 6.97 22.55
C LEU A 137 13.80 8.22 23.29
N GLN A 138 12.68 8.78 22.85
CA GLN A 138 12.13 9.97 23.45
C GLN A 138 11.88 9.78 24.95
N ALA A 139 11.88 8.51 25.37
CA ALA A 139 11.67 8.18 26.78
C ALA A 139 12.93 7.60 27.39
N TYR A 140 13.80 7.12 26.51
CA TYR A 140 15.05 6.51 26.93
C TYR A 140 16.21 7.50 26.81
N PRO A 141 17.00 7.64 27.89
CA PRO A 141 18.14 8.56 27.94
C PRO A 141 19.31 8.09 27.06
N ARG A 142 20.46 8.74 27.21
CA ARG A 142 21.64 8.40 26.44
C ARG A 142 22.66 7.66 27.31
N ASP A 143 23.28 8.41 28.21
CA ASP A 143 24.28 7.86 29.12
C ASP A 143 25.56 7.50 28.37
N MET A 144 25.43 6.66 27.37
CA MET A 144 26.59 6.24 26.57
C MET A 144 26.52 6.81 25.16
N GLU A 145 25.56 6.33 24.37
CA GLU A 145 25.39 6.80 23.01
C GLU A 145 24.05 6.33 22.46
N LYS A 146 23.74 6.76 21.25
CA LYS A 146 22.49 6.38 20.60
C LYS A 146 22.66 5.11 19.79
N GLU A 147 23.69 5.11 18.94
CA GLU A 147 23.98 3.97 18.08
C GLU A 147 23.55 2.65 18.72
N LYS A 148 24.15 2.32 19.85
CA LYS A 148 23.84 1.08 20.55
C LYS A 148 22.35 0.95 20.84
N THR A 149 21.92 1.57 21.93
CA THR A 149 20.52 1.50 22.32
C THR A 149 19.59 1.80 21.14
N MET A 150 19.96 2.81 20.36
CA MET A 150 19.17 3.20 19.21
C MET A 150 19.17 2.12 18.13
N LEU A 151 20.35 1.84 17.58
CA LEU A 151 20.48 0.83 16.53
C LEU A 151 20.15 -0.56 17.07
N VAL A 152 20.69 -0.89 18.23
CA VAL A 152 20.43 -2.19 18.83
C VAL A 152 18.94 -2.49 18.80
N LEU A 153 18.15 -1.50 19.20
CA LEU A 153 16.69 -1.62 19.21
C LEU A 153 16.16 -1.79 17.79
N ALA A 154 16.16 -0.68 17.05
CA ALA A 154 15.68 -0.66 15.69
C ALA A 154 16.27 -1.81 14.87
N LEU A 155 17.59 -1.92 14.87
CA LEU A 155 18.26 -3.00 14.14
C LEU A 155 17.58 -4.33 14.41
N LEU A 156 17.43 -4.65 15.69
CA LEU A 156 16.80 -5.90 16.11
C LEU A 156 15.39 -6.02 15.52
N LEU A 157 14.64 -4.91 15.56
CA LEU A 157 13.29 -4.90 15.03
C LEU A 157 13.27 -5.45 13.61
N ALA A 158 14.23 -5.02 12.80
CA ALA A 158 14.35 -5.48 11.43
C ALA A 158 14.63 -6.98 11.40
N LYS A 159 15.87 -7.36 11.73
CA LYS A 159 16.24 -8.76 11.75
C LYS A 159 15.15 -9.58 12.42
N LYS A 160 14.40 -8.94 13.32
CA LYS A 160 13.32 -9.59 14.02
C LYS A 160 12.28 -10.11 13.04
N VAL A 161 11.54 -9.18 12.43
CA VAL A 161 10.50 -9.54 11.47
C VAL A 161 10.99 -10.69 10.58
N ALA A 162 12.11 -10.49 9.89
CA ALA A 162 12.66 -11.51 9.00
C ALA A 162 12.51 -12.90 9.61
N SER A 163 12.62 -12.99 10.93
CA SER A 163 12.50 -14.27 11.61
C SER A 163 11.07 -14.79 11.56
N HIS A 164 10.11 -13.88 11.65
CA HIS A 164 8.71 -14.24 11.60
C HIS A 164 8.16 -14.10 10.19
N THR A 165 8.57 -13.05 9.51
CA THR A 165 8.13 -12.78 8.13
C THR A 165 9.28 -13.00 7.16
N PRO A 166 9.71 -14.25 6.99
CA PRO A 166 10.80 -14.60 6.07
C PRO A 166 10.41 -14.40 4.61
N SER A 167 9.98 -13.18 4.29
CA SER A 167 9.57 -12.85 2.92
C SER A 167 10.16 -11.53 2.44
N LEU A 168 10.49 -10.64 3.38
CA LEU A 168 11.04 -9.34 3.03
C LEU A 168 12.49 -9.23 3.46
N LEU A 169 13.15 -10.38 3.60
CA LEU A 169 14.54 -10.43 4.01
C LEU A 169 15.30 -9.21 3.51
N ARG A 170 15.54 -9.18 2.20
CA ARG A 170 16.25 -8.07 1.57
C ARG A 170 15.98 -6.77 2.29
N ASP A 171 14.70 -6.44 2.46
CA ASP A 171 14.31 -5.21 3.13
C ASP A 171 14.98 -5.10 4.49
N VAL A 172 14.97 -6.20 5.24
CA VAL A 172 15.59 -6.25 6.56
C VAL A 172 17.08 -5.95 6.48
N PHE A 173 17.78 -6.66 5.59
CA PHE A 173 19.20 -6.46 5.41
C PHE A 173 19.52 -4.98 5.36
N HIS A 174 18.89 -4.29 4.41
CA HIS A 174 19.11 -2.84 4.25
C HIS A 174 18.65 -2.10 5.50
N THR A 175 17.62 -2.63 6.16
CA THR A 175 17.08 -2.02 7.37
C THR A 175 18.19 -1.71 8.37
N THR A 176 18.71 -2.74 9.01
CA THR A 176 19.77 -2.57 10.00
C THR A 176 21.01 -1.93 9.37
N VAL A 177 21.13 -2.04 8.06
CA VAL A 177 22.27 -1.48 7.35
C VAL A 177 22.01 -0.04 6.88
N ASN A 178 20.77 0.40 6.96
CA ASN A 178 20.41 1.75 6.53
C ASN A 178 20.64 2.75 7.65
N PHE A 179 19.76 2.74 8.65
CA PHE A 179 19.87 3.64 9.79
C PHE A 179 21.33 3.88 10.13
N ILE A 180 22.15 2.87 9.91
CA ILE A 180 23.58 2.95 10.17
C ILE A 180 24.28 3.65 9.01
N ASN A 181 24.26 3.01 7.85
CA ASN A 181 24.90 3.58 6.66
C ASN A 181 24.57 5.05 6.52
N GLN A 182 23.38 5.44 6.97
CA GLN A 182 22.95 6.84 6.89
C GLN A 182 24.03 7.76 7.44
N ASN A 183 24.49 7.48 8.65
CA ASN A 183 25.52 8.28 9.29
C ASN A 183 26.31 7.47 10.30
N LEU A 184 25.61 6.60 11.04
CA LEU A 184 26.25 5.77 12.05
C LEU A 184 26.90 4.52 11.44
N ARG A 185 27.00 4.51 10.11
CA ARG A 185 27.58 3.39 9.39
C ARG A 185 28.61 2.62 10.22
N THR A 186 29.47 3.37 10.91
CA THR A 186 30.52 2.77 11.72
C THR A 186 30.00 1.83 12.79
N TYR A 187 28.69 1.85 13.03
CA TYR A 187 28.09 0.98 14.05
C TYR A 187 28.07 -0.47 13.61
N VAL A 188 27.56 -0.73 12.41
CA VAL A 188 27.49 -2.09 11.91
C VAL A 188 28.78 -2.85 12.21
N ARG A 189 29.92 -2.19 12.00
CA ARG A 189 31.19 -2.80 12.28
C ARG A 189 31.17 -3.42 13.66
N SER A 190 30.42 -2.79 14.56
CA SER A 190 30.27 -3.27 15.91
C SER A 190 29.30 -4.44 15.94
N LEU A 191 28.30 -4.41 15.06
CA LEU A 191 27.33 -5.50 14.98
C LEU A 191 28.07 -6.82 14.91
N ALA A 192 29.21 -6.80 14.22
CA ALA A 192 30.04 -7.99 14.08
C ALA A 192 31.00 -8.11 15.26
N ARG A 193 31.40 -6.97 15.81
CA ARG A 193 32.31 -6.94 16.94
C ARG A 193 31.62 -7.47 18.19
N ASN A 194 30.31 -7.23 18.28
CA ASN A 194 29.52 -7.68 19.42
C ASN A 194 28.64 -8.86 19.03
N GLY A 195 28.54 -9.12 17.74
CA GLY A 195 27.73 -10.21 17.25
C GLY A 195 26.30 -9.79 16.99
N MET A 196 25.74 -9.02 17.92
CA MET A 196 24.36 -8.55 17.79
C MET A 196 24.27 -7.06 18.14
N ASP A 197 24.67 -6.72 19.36
CA ASP A 197 24.62 -5.34 19.83
C ASP A 197 25.57 -4.46 19.01
N GLY A 1 -6.40 23.87 22.07
CA GLY A 1 -6.15 23.82 23.53
C GLY A 1 -6.47 25.14 24.22
N SER A 2 -7.14 25.07 25.36
CA SER A 2 -7.50 26.27 26.11
C SER A 2 -6.80 26.30 27.46
N MET A 3 -6.71 27.49 28.05
CA MET A 3 -6.07 27.67 29.34
C MET A 3 -4.85 26.74 29.48
N ASP A 4 -3.67 27.29 29.19
CA ASP A 4 -2.44 26.52 29.28
C ASP A 4 -1.61 26.98 30.47
N CYS A 5 -2.27 27.48 31.51
CA CYS A 5 -1.58 27.97 32.69
C CYS A 5 -1.99 27.16 33.93
N GLU A 6 -3.29 26.88 34.05
CA GLU A 6 -3.79 26.11 35.18
C GLU A 6 -5.09 25.39 34.82
N VAL A 7 -5.18 24.13 35.23
CA VAL A 7 -6.38 23.33 34.97
C VAL A 7 -6.74 22.47 36.18
N ASN A 8 -7.93 21.90 36.15
CA ASN A 8 -8.40 21.07 37.25
C ASN A 8 -8.66 19.63 36.78
N ASN A 9 -8.96 19.47 35.49
CA ASN A 9 -9.21 18.16 34.94
C ASN A 9 -8.21 17.82 33.84
N GLY A 10 -7.43 16.76 34.07
CA GLY A 10 -6.43 16.35 33.09
C GLY A 10 -5.02 16.43 33.64
N SER A 11 -4.46 15.27 33.97
CA SER A 11 -3.10 15.21 34.52
C SER A 11 -2.44 13.88 34.20
N SER A 12 -3.19 12.79 34.41
CA SER A 12 -2.67 11.46 34.16
C SER A 12 -1.58 11.09 35.16
N LEU A 13 -1.48 9.81 35.46
CA LEU A 13 -0.47 9.32 36.41
C LEU A 13 -0.04 7.91 36.07
N ARG A 14 -0.31 7.47 34.85
CA ARG A 14 0.05 6.14 34.40
C ARG A 14 1.56 5.99 34.30
N ASP A 15 2.13 5.14 35.15
CA ASP A 15 3.57 4.92 35.15
C ASP A 15 3.94 3.77 34.22
N GLU A 16 3.07 2.77 34.13
CA GLU A 16 3.31 1.61 33.28
C GLU A 16 3.98 2.03 31.97
N CYS A 17 3.65 3.24 31.51
CA CYS A 17 4.21 3.75 30.25
C CYS A 17 5.65 3.29 30.06
N ILE A 18 6.35 3.10 31.17
CA ILE A 18 7.73 2.67 31.15
C ILE A 18 7.86 1.18 30.87
N THR A 19 7.05 0.38 31.55
CA THR A 19 7.09 -1.06 31.37
C THR A 19 6.90 -1.42 29.90
N ASN A 20 5.78 -0.98 29.33
CA ASN A 20 5.51 -1.25 27.92
C ASN A 20 6.64 -0.66 27.09
N LEU A 21 7.07 0.53 27.48
CA LEU A 21 8.17 1.20 26.81
C LEU A 21 9.34 0.25 26.68
N LEU A 22 9.70 -0.35 27.81
CA LEU A 22 10.81 -1.31 27.84
C LEU A 22 10.67 -2.32 26.71
N VAL A 23 9.71 -3.24 26.84
CA VAL A 23 9.50 -4.26 25.82
C VAL A 23 9.72 -3.68 24.43
N PHE A 24 9.14 -2.52 24.16
CA PHE A 24 9.32 -1.87 22.87
C PHE A 24 10.80 -1.74 22.58
N GLY A 25 11.43 -0.75 23.21
CA GLY A 25 12.85 -0.54 23.02
C GLY A 25 13.61 -1.84 23.17
N PHE A 26 13.19 -2.64 24.15
CA PHE A 26 13.81 -3.93 24.42
C PHE A 26 13.82 -4.76 23.14
N LEU A 27 12.63 -5.10 22.69
CA LEU A 27 12.46 -5.90 21.49
C LEU A 27 12.79 -5.09 20.24
N GLN A 28 12.93 -3.77 20.41
CA GLN A 28 13.27 -2.90 19.30
C GLN A 28 14.71 -3.12 18.84
N SER A 29 15.63 -3.11 19.80
CA SER A 29 17.04 -3.30 19.50
C SER A 29 17.38 -4.78 19.36
N CYS A 30 16.59 -5.63 20.00
CA CYS A 30 16.80 -7.06 19.97
C CYS A 30 17.19 -7.52 18.56
N SER A 31 16.24 -7.48 17.64
CA SER A 31 16.48 -7.90 16.26
C SER A 31 17.05 -6.75 15.42
N ASP A 32 17.57 -5.74 16.09
CA ASP A 32 18.14 -4.58 15.41
C ASP A 32 17.33 -4.21 14.18
N ASN A 33 16.15 -3.63 14.40
CA ASN A 33 15.27 -3.23 13.31
C ASN A 33 14.93 -4.41 12.41
N SER A 34 14.65 -4.12 11.14
CA SER A 34 14.30 -5.15 10.18
C SER A 34 12.98 -5.81 10.55
N PHE A 35 12.23 -5.16 11.43
CA PHE A 35 10.94 -5.66 11.88
C PHE A 35 10.14 -4.52 12.48
N ARG A 36 10.42 -3.32 12.00
CA ARG A 36 9.77 -2.12 12.47
C ARG A 36 8.26 -2.21 12.34
N ARG A 37 7.78 -2.37 11.11
CA ARG A 37 6.36 -2.48 10.85
C ARG A 37 5.72 -3.38 11.89
N GLU A 38 6.50 -4.34 12.36
CA GLU A 38 6.05 -5.28 13.36
C GLU A 38 5.77 -4.57 14.68
N LEU A 39 6.82 -4.00 15.28
CA LEU A 39 6.68 -3.28 16.53
C LEU A 39 5.55 -2.27 16.43
N ASP A 40 5.36 -1.72 15.23
CA ASP A 40 4.30 -0.74 15.01
C ASP A 40 2.94 -1.36 15.26
N ALA A 41 2.74 -2.57 14.74
CA ALA A 41 1.48 -3.28 14.93
C ALA A 41 1.28 -3.63 16.39
N LEU A 42 2.38 -3.87 17.09
CA LEU A 42 2.33 -4.21 18.51
C LEU A 42 1.70 -3.08 19.32
N GLY A 43 2.20 -1.86 19.10
CA GLY A 43 1.67 -0.71 19.81
C GLY A 43 0.19 -0.54 19.59
N HIS A 44 -0.35 -1.21 18.58
CA HIS A 44 -1.77 -1.13 18.26
C HIS A 44 -2.56 -2.16 19.06
N GLU A 45 -1.86 -3.17 19.57
CA GLU A 45 -2.48 -4.22 20.37
C GLU A 45 -1.65 -4.54 21.59
N LEU A 46 -0.76 -3.62 21.94
CA LEU A 46 0.11 -3.79 23.10
C LEU A 46 -0.70 -3.86 24.39
N PRO A 47 -1.68 -2.96 24.57
CA PRO A 47 -2.52 -2.93 25.77
C PRO A 47 -3.14 -4.30 26.07
N VAL A 48 -4.03 -4.34 27.05
CA VAL A 48 -4.70 -5.57 27.43
C VAL A 48 -6.09 -5.64 26.83
N LEU A 49 -7.05 -6.21 27.56
CA LEU A 49 -8.42 -6.33 27.08
C LEU A 49 -8.84 -5.07 26.35
N ALA A 50 -8.75 -3.94 27.03
CA ALA A 50 -9.12 -2.66 26.44
C ALA A 50 -8.47 -1.50 27.19
N PRO A 51 -7.94 -0.51 26.45
CA PRO A 51 -7.29 0.66 27.05
C PRO A 51 -8.29 1.57 27.77
N GLN A 52 -7.78 2.33 28.73
CA GLN A 52 -8.63 3.24 29.49
C GLN A 52 -9.61 2.47 30.37
N TRP A 53 -9.23 2.21 31.60
CA TRP A 53 -10.07 1.47 32.53
C TRP A 53 -10.57 2.39 33.64
N GLU A 54 -9.63 2.97 34.38
CA GLU A 54 -9.96 3.87 35.48
C GLU A 54 -9.20 5.19 35.35
N GLY A 55 -9.06 5.67 34.12
CA GLY A 55 -8.35 6.91 33.88
C GLY A 55 -8.88 8.05 34.75
N TYR A 56 -10.16 8.01 35.06
CA TYR A 56 -10.78 9.03 35.89
C TYR A 56 -10.09 9.12 37.26
N ASP A 57 -10.37 8.15 38.11
CA ASP A 57 -9.78 8.12 39.45
C ASP A 57 -9.87 6.72 40.05
N GLU A 58 -9.31 6.59 41.25
CA GLU A 58 -9.31 5.32 41.96
C GLU A 58 -8.82 5.50 43.39
N LEU A 59 -7.53 5.75 43.51
CA LEU A 59 -6.90 5.95 44.81
C LEU A 59 -6.86 7.44 45.15
N GLN A 60 -5.87 7.82 45.95
CA GLN A 60 -5.70 9.21 46.35
C GLN A 60 -5.30 10.08 45.15
N THR A 61 -5.04 11.34 45.41
CA THR A 61 -4.65 12.27 44.35
C THR A 61 -3.19 12.69 44.50
N ASP A 62 -2.48 12.00 45.39
CA ASP A 62 -1.07 12.29 45.63
C ASP A 62 -0.49 11.33 46.67
N GLY A 63 0.81 11.10 46.59
CA GLY A 63 1.46 10.21 47.53
C GLY A 63 2.31 9.16 46.83
N ASN A 64 3.35 9.59 46.14
CA ASN A 64 4.25 8.68 45.43
C ASN A 64 5.47 9.43 44.90
N ARG A 65 5.23 10.66 44.44
CA ARG A 65 6.31 11.49 43.90
C ARG A 65 7.44 11.62 44.91
N SER A 66 8.67 11.48 44.44
CA SER A 66 9.85 11.59 45.30
C SER A 66 11.10 11.16 44.56
N SER A 67 11.78 12.12 43.95
CA SER A 67 13.01 11.84 43.21
C SER A 67 14.15 12.72 43.70
N HIS A 68 15.34 12.14 43.80
CA HIS A 68 16.52 12.87 44.25
C HIS A 68 16.82 14.04 43.31
N SER A 69 16.95 13.74 42.02
CA SER A 69 17.24 14.76 41.02
C SER A 69 15.96 15.21 40.33
N ARG A 70 16.04 16.37 39.67
CA ARG A 70 14.88 16.92 38.96
C ARG A 70 15.33 17.73 37.75
N LEU A 71 15.69 17.05 36.68
CA LEU A 71 16.13 17.71 35.45
C LEU A 71 17.38 18.55 35.73
N GLY A 72 18.45 17.88 36.16
CA GLY A 72 19.69 18.59 36.46
C GLY A 72 20.89 17.96 35.78
N ARG A 73 20.98 18.14 34.46
CA ARG A 73 22.09 17.59 33.70
C ARG A 73 22.61 18.63 32.72
N ILE A 74 23.08 18.18 31.58
CA ILE A 74 23.61 19.06 30.55
C ILE A 74 22.48 19.71 29.76
N GLU A 75 21.28 19.18 29.92
CA GLU A 75 20.10 19.70 29.23
C GLU A 75 19.94 19.07 27.85
N ALA A 76 21.04 18.70 27.25
CA ALA A 76 21.03 18.09 25.92
C ALA A 76 21.21 16.57 26.01
N ASP A 77 20.53 15.95 26.96
CA ASP A 77 20.62 14.51 27.15
C ASP A 77 19.33 13.96 27.75
N SER A 78 18.25 14.73 27.65
CA SER A 78 16.96 14.32 28.19
C SER A 78 15.82 14.89 27.34
N GLU A 79 15.84 14.58 26.05
CA GLU A 79 14.80 15.05 25.13
C GLU A 79 13.41 14.69 25.65
N SER A 80 13.13 13.39 25.73
CA SER A 80 11.84 12.92 26.21
C SER A 80 12.01 11.66 27.06
N GLN A 81 11.30 11.62 28.19
CA GLN A 81 11.38 10.47 29.09
C GLN A 81 11.31 9.17 28.31
N GLU A 82 10.40 9.10 27.35
CA GLU A 82 10.24 7.91 26.53
C GLU A 82 11.47 7.68 25.68
N ASP A 83 12.21 8.75 25.43
CA ASP A 83 13.43 8.69 24.64
C ASP A 83 14.58 8.11 25.45
N ILE A 84 14.53 8.34 26.76
CA ILE A 84 15.57 7.84 27.65
C ILE A 84 15.39 6.35 27.91
N ILE A 85 14.14 5.93 28.03
CA ILE A 85 13.82 4.53 28.27
C ILE A 85 14.09 3.70 27.02
N ARG A 86 13.90 4.30 25.86
CA ARG A 86 14.13 3.62 24.59
C ARG A 86 15.62 3.47 24.32
N ASN A 87 16.35 4.56 24.47
CA ASN A 87 17.80 4.56 24.24
C ASN A 87 18.50 3.70 25.28
N ILE A 88 17.95 3.68 26.49
CA ILE A 88 18.52 2.89 27.58
C ILE A 88 18.31 1.40 27.33
N ALA A 89 17.05 1.01 27.12
CA ALA A 89 16.72 -0.38 26.87
C ALA A 89 17.28 -0.85 25.53
N ARG A 90 17.35 0.09 24.58
CA ARG A 90 17.87 -0.23 23.25
C ARG A 90 19.39 -0.36 23.28
N HIS A 91 20.02 0.32 24.22
CA HIS A 91 21.47 0.29 24.36
C HIS A 91 21.91 -1.06 24.94
N LEU A 92 21.47 -1.35 26.16
CA LEU A 92 21.82 -2.60 26.83
C LEU A 92 21.38 -3.80 26.00
N ALA A 93 20.18 -3.71 25.43
CA ALA A 93 19.64 -4.78 24.61
C ALA A 93 20.48 -5.01 23.37
N GLN A 94 21.09 -3.94 22.87
CA GLN A 94 21.93 -4.01 21.68
C GLN A 94 23.20 -4.80 21.97
N VAL A 95 23.82 -4.52 23.11
CA VAL A 95 25.04 -5.21 23.50
C VAL A 95 24.77 -6.67 23.81
N GLY A 96 23.77 -6.93 24.64
CA GLY A 96 23.41 -8.28 24.99
C GLY A 96 23.10 -9.14 23.78
N ASP A 97 22.23 -8.64 22.91
CA ASP A 97 21.85 -9.37 21.71
C ASP A 97 23.01 -9.45 20.73
N SER A 98 23.84 -8.41 20.72
CA SER A 98 25.00 -8.36 19.84
C SER A 98 25.90 -9.58 20.04
N MET A 99 26.11 -9.94 21.30
CA MET A 99 26.96 -11.08 21.64
C MET A 99 26.14 -12.36 21.72
N ASP A 100 24.81 -12.22 21.76
CA ASP A 100 23.92 -13.37 21.84
C ASP A 100 23.73 -14.01 20.46
N ARG A 101 24.11 -13.28 19.42
CA ARG A 101 23.98 -13.77 18.06
C ARG A 101 24.36 -15.25 17.96
N SER A 102 25.31 -15.67 18.77
CA SER A 102 25.77 -17.05 18.78
C SER A 102 24.87 -17.92 19.66
N ILE A 103 23.57 -17.80 19.45
CA ILE A 103 22.59 -18.57 20.22
C ILE A 103 23.13 -19.96 20.56
N PRO A 104 23.21 -20.26 21.87
CA PRO A 104 23.71 -21.55 22.35
C PRO A 104 22.99 -22.73 21.69
N PRO A 105 23.20 -23.94 22.23
CA PRO A 105 22.58 -25.17 21.71
C PRO A 105 21.07 -25.03 21.57
N GLY A 106 20.64 -24.39 20.48
CA GLY A 106 19.22 -24.20 20.24
C GLY A 106 18.47 -23.76 21.47
N LEU A 107 18.88 -22.64 22.06
CA LEU A 107 18.22 -22.11 23.25
C LEU A 107 16.97 -21.34 22.87
N VAL A 108 17.15 -20.17 22.27
CA VAL A 108 16.02 -19.36 21.85
C VAL A 108 14.92 -20.24 21.29
N ASN A 109 15.29 -21.11 20.37
CA ASN A 109 14.35 -22.01 19.75
C ASN A 109 13.32 -22.49 20.77
N GLY A 110 13.77 -23.29 21.73
CA GLY A 110 12.88 -23.80 22.75
C GLY A 110 12.04 -22.68 23.36
N LEU A 111 12.72 -21.64 23.83
CA LEU A 111 12.03 -20.50 24.40
C LEU A 111 11.00 -20.00 23.42
N ALA A 112 11.30 -20.15 22.13
CA ALA A 112 10.40 -19.75 21.07
C ALA A 112 9.39 -20.86 20.81
N LEU A 113 9.76 -22.08 21.16
CA LEU A 113 8.88 -23.23 20.98
C LEU A 113 7.74 -23.20 22.00
N GLN A 114 8.05 -22.68 23.19
CA GLN A 114 7.07 -22.58 24.25
C GLN A 114 6.25 -21.30 24.11
N LEU A 115 6.93 -20.21 23.75
CA LEU A 115 6.28 -18.92 23.58
C LEU A 115 5.42 -18.92 22.31
N ARG A 116 6.07 -19.24 21.18
CA ARG A 116 5.39 -19.29 19.88
C ARG A 116 3.88 -19.52 20.03
N ASN A 117 3.52 -20.60 20.71
CA ASN A 117 2.13 -20.98 20.94
C ASN A 117 1.17 -19.82 20.69
N THR A 118 0.74 -19.70 19.43
CA THR A 118 -0.18 -18.63 19.04
C THR A 118 -1.49 -18.72 19.81
N SER A 119 -1.87 -17.61 20.45
CA SER A 119 -3.10 -17.54 21.22
C SER A 119 -2.86 -17.97 22.66
N ARG A 120 -2.23 -19.12 22.82
CA ARG A 120 -1.93 -19.63 24.16
C ARG A 120 -0.85 -18.78 24.81
N SER A 121 0.10 -18.33 23.98
CA SER A 121 1.21 -17.50 24.43
C SER A 121 0.90 -16.78 25.74
N GLU A 122 0.07 -15.74 25.68
CA GLU A 122 -0.26 -14.99 26.90
C GLU A 122 -0.31 -15.92 28.11
N GLU A 123 -0.96 -17.07 27.94
CA GLU A 123 -1.06 -18.06 29.00
C GLU A 123 0.10 -19.05 28.93
N ASP A 124 0.20 -19.76 27.81
CA ASP A 124 1.27 -20.72 27.60
C ASP A 124 2.62 -20.08 27.95
N ARG A 125 2.74 -18.81 27.63
CA ARG A 125 3.94 -18.04 27.91
C ARG A 125 4.05 -17.81 29.40
N ASN A 126 2.99 -17.28 29.98
CA ASN A 126 2.95 -16.99 31.40
C ASN A 126 3.37 -18.21 32.20
N ARG A 127 2.67 -19.33 31.98
CA ARG A 127 2.99 -20.56 32.69
C ARG A 127 4.33 -21.10 32.19
N ASP A 128 4.79 -20.57 31.06
CA ASP A 128 6.05 -21.00 30.48
C ASP A 128 7.22 -20.40 31.26
N LEU A 129 7.31 -19.08 31.27
CA LEU A 129 8.38 -18.40 31.97
C LEU A 129 8.30 -18.71 33.46
N ALA A 130 7.12 -18.54 34.02
CA ALA A 130 6.91 -18.82 35.43
C ALA A 130 7.37 -20.23 35.77
N THR A 131 7.19 -21.15 34.83
CA THR A 131 7.61 -22.53 35.04
C THR A 131 9.10 -22.69 34.75
N ALA A 132 9.59 -21.98 33.74
CA ALA A 132 11.00 -22.02 33.39
C ALA A 132 11.82 -21.35 34.47
N LEU A 133 11.23 -20.32 35.06
CA LEU A 133 11.86 -19.57 36.14
C LEU A 133 11.95 -20.43 37.39
N GLU A 134 10.80 -20.65 38.01
CA GLU A 134 10.72 -21.45 39.22
C GLU A 134 11.56 -22.71 39.09
N GLN A 135 11.75 -23.15 37.85
CA GLN A 135 12.54 -24.35 37.58
C GLN A 135 14.03 -24.06 37.79
N LEU A 136 14.54 -23.06 37.08
CA LEU A 136 15.94 -22.68 37.21
C LEU A 136 16.21 -22.13 38.60
N LEU A 137 15.17 -21.58 39.22
CA LEU A 137 15.27 -21.02 40.55
C LEU A 137 15.21 -22.12 41.60
N GLN A 138 14.49 -23.18 41.29
CA GLN A 138 14.36 -24.32 42.18
C GLN A 138 15.72 -24.89 42.58
N ALA A 139 16.75 -24.52 41.81
CA ALA A 139 18.10 -24.98 42.07
C ALA A 139 18.98 -23.80 42.51
N TYR A 140 18.50 -22.60 42.22
CA TYR A 140 19.22 -21.39 42.54
C TYR A 140 18.42 -20.52 43.50
N PRO A 141 18.38 -20.89 44.78
CA PRO A 141 17.65 -20.15 45.81
C PRO A 141 18.43 -18.96 46.36
N ARG A 142 17.99 -17.76 46.01
CA ARG A 142 18.64 -16.54 46.48
C ARG A 142 17.91 -15.96 47.67
N ASP A 143 16.59 -16.01 47.63
CA ASP A 143 15.76 -15.49 48.70
C ASP A 143 15.85 -13.98 48.80
N MET A 144 17.08 -13.48 48.97
CA MET A 144 17.32 -12.05 49.08
C MET A 144 16.43 -11.27 48.12
N GLU A 145 16.70 -11.40 46.82
CA GLU A 145 15.93 -10.71 45.80
C GLU A 145 15.79 -11.57 44.55
N LYS A 146 14.55 -11.93 44.23
CA LYS A 146 14.29 -12.77 43.06
C LYS A 146 14.20 -11.94 41.78
N GLU A 147 13.54 -10.79 41.88
CA GLU A 147 13.38 -9.90 40.74
C GLU A 147 14.62 -9.92 39.85
N LYS A 148 15.75 -9.51 40.40
CA LYS A 148 17.01 -9.49 39.66
C LYS A 148 17.18 -10.76 38.84
N THR A 149 17.61 -11.83 39.50
CA THR A 149 17.83 -13.10 38.83
C THR A 149 16.58 -13.53 38.06
N MET A 150 15.45 -13.58 38.74
CA MET A 150 14.19 -13.99 38.13
C MET A 150 13.93 -13.20 36.84
N LEU A 151 14.15 -11.90 36.89
CA LEU A 151 13.93 -11.05 35.72
C LEU A 151 14.97 -11.31 34.64
N VAL A 152 16.22 -10.92 34.92
CA VAL A 152 17.30 -11.10 33.97
C VAL A 152 17.14 -12.43 33.22
N LEU A 153 16.70 -13.44 33.94
CA LEU A 153 16.49 -14.76 33.35
C LEU A 153 15.22 -14.80 32.51
N ALA A 154 14.09 -14.98 33.18
CA ALA A 154 12.80 -15.04 32.50
C ALA A 154 12.68 -13.94 31.43
N LEU A 155 13.04 -12.71 31.80
CA LEU A 155 12.97 -11.61 30.86
C LEU A 155 13.84 -11.89 29.63
N LEU A 156 15.07 -12.33 29.87
CA LEU A 156 15.97 -12.64 28.77
C LEU A 156 15.35 -13.67 27.85
N LEU A 157 14.84 -14.76 28.43
CA LEU A 157 14.21 -15.81 27.67
C LEU A 157 13.27 -15.22 26.62
N ALA A 158 12.30 -14.46 27.08
CA ALA A 158 11.34 -13.81 26.19
C ALA A 158 12.08 -13.05 25.09
N LYS A 159 12.59 -11.86 25.43
CA LYS A 159 13.31 -11.04 24.47
C LYS A 159 14.20 -11.90 23.57
N LYS A 160 14.64 -13.04 24.09
CA LYS A 160 15.51 -13.94 23.33
C LYS A 160 14.77 -14.54 22.14
N VAL A 161 13.73 -15.32 22.41
CA VAL A 161 12.98 -15.95 21.33
C VAL A 161 12.64 -14.90 20.28
N ALA A 162 12.45 -13.66 20.71
CA ALA A 162 12.14 -12.56 19.80
C ALA A 162 13.29 -12.34 18.82
N SER A 163 14.49 -12.70 19.26
CA SER A 163 15.68 -12.56 18.42
C SER A 163 15.68 -13.63 17.33
N HIS A 164 15.06 -14.77 17.63
CA HIS A 164 14.98 -15.86 16.69
C HIS A 164 13.65 -15.84 15.95
N THR A 165 12.57 -15.65 16.71
CA THR A 165 11.23 -15.59 16.14
C THR A 165 10.75 -14.14 16.05
N PRO A 166 10.80 -13.55 14.84
CA PRO A 166 10.39 -12.16 14.63
C PRO A 166 8.87 -12.02 14.57
N SER A 167 8.15 -13.08 14.86
CA SER A 167 6.69 -13.07 14.84
C SER A 167 6.13 -13.35 16.23
N LEU A 168 6.97 -13.22 17.24
CA LEU A 168 6.56 -13.46 18.62
C LEU A 168 6.72 -12.20 19.46
N LEU A 169 7.14 -11.11 18.81
CA LEU A 169 7.34 -9.84 19.49
C LEU A 169 6.31 -9.63 20.59
N ARG A 170 5.12 -9.17 20.21
CA ARG A 170 4.05 -8.92 21.16
C ARG A 170 4.08 -9.92 22.31
N ASP A 171 4.15 -11.21 21.98
CA ASP A 171 4.20 -12.25 22.97
C ASP A 171 5.37 -12.03 23.93
N VAL A 172 6.54 -11.74 23.36
CA VAL A 172 7.73 -11.50 24.16
C VAL A 172 7.55 -10.24 25.00
N PHE A 173 7.04 -9.20 24.36
CA PHE A 173 6.79 -7.94 25.04
C PHE A 173 6.16 -8.19 26.40
N HIS A 174 4.89 -8.58 26.38
CA HIS A 174 4.17 -8.88 27.61
C HIS A 174 4.99 -9.76 28.53
N THR A 175 5.60 -10.80 27.97
CA THR A 175 6.41 -11.72 28.76
C THR A 175 7.18 -11.02 29.86
N THR A 176 8.02 -10.04 29.48
CA THR A 176 8.82 -9.31 30.45
C THR A 176 8.01 -8.29 31.24
N VAL A 177 6.94 -7.79 30.63
CA VAL A 177 6.11 -6.78 31.28
C VAL A 177 4.95 -7.38 32.07
N ASN A 178 4.70 -8.68 31.87
CA ASN A 178 3.62 -9.37 32.59
C ASN A 178 4.14 -9.99 33.88
N PHE A 179 4.85 -11.11 33.74
CA PHE A 179 5.41 -11.82 34.88
C PHE A 179 5.85 -10.83 35.97
N ILE A 180 6.28 -9.65 35.54
CA ILE A 180 6.74 -8.62 36.47
C ILE A 180 5.56 -7.78 36.98
N ASN A 181 4.75 -7.30 36.06
CA ASN A 181 3.59 -6.48 36.41
C ASN A 181 2.71 -7.18 37.44
N GLN A 182 2.86 -8.49 37.55
CA GLN A 182 2.07 -9.26 38.49
C GLN A 182 2.45 -8.94 39.93
N ASN A 183 3.71 -8.60 40.14
CA ASN A 183 4.19 -8.25 41.49
C ASN A 183 5.57 -7.57 41.43
N LEU A 184 6.41 -8.01 40.50
CA LEU A 184 7.75 -7.45 40.35
C LEU A 184 7.74 -6.18 39.50
N ARG A 185 6.53 -5.67 39.22
CA ARG A 185 6.38 -4.46 38.42
C ARG A 185 7.44 -3.43 38.76
N THR A 186 7.59 -3.15 40.05
CA THR A 186 8.56 -2.17 40.51
C THR A 186 9.96 -2.46 39.95
N TYR A 187 10.15 -3.68 39.45
CA TYR A 187 11.46 -4.06 38.89
C TYR A 187 11.64 -3.53 37.48
N VAL A 188 10.64 -3.75 36.61
CA VAL A 188 10.72 -3.28 35.24
C VAL A 188 11.24 -1.85 35.19
N ARG A 189 10.74 -1.01 36.09
CA ARG A 189 11.19 0.37 36.15
C ARG A 189 12.70 0.40 36.12
N SER A 190 13.30 -0.65 36.65
CA SER A 190 14.74 -0.80 36.68
C SER A 190 15.23 -1.22 35.31
N LEU A 191 14.45 -2.07 34.64
CA LEU A 191 14.81 -2.53 33.30
C LEU A 191 15.23 -1.34 32.44
N ALA A 192 14.51 -0.24 32.58
CA ALA A 192 14.79 0.96 31.82
C ALA A 192 15.78 1.88 32.56
N ARG A 193 15.82 1.75 33.88
CA ARG A 193 16.72 2.57 34.69
C ARG A 193 18.17 2.11 34.54
N ASN A 194 18.36 0.81 34.34
CA ASN A 194 19.70 0.26 34.17
C ASN A 194 19.90 -0.26 32.76
N GLY A 195 18.83 -0.28 31.98
CA GLY A 195 18.91 -0.76 30.61
C GLY A 195 18.76 -2.26 30.51
N MET A 196 19.36 -2.99 31.46
CA MET A 196 19.28 -4.44 31.47
C MET A 196 18.79 -4.94 32.82
N ASP A 197 19.59 -4.69 33.86
CA ASP A 197 19.23 -5.12 35.21
C ASP A 197 18.23 -4.15 35.85
N GLY A 1 24.17 -53.10 -12.37
CA GLY A 1 23.53 -51.94 -13.05
C GLY A 1 22.76 -51.05 -12.08
N SER A 2 22.13 -51.67 -11.09
CA SER A 2 21.36 -50.93 -10.10
C SER A 2 22.21 -50.61 -8.87
N MET A 3 22.90 -51.63 -8.36
CA MET A 3 23.75 -51.46 -7.19
C MET A 3 22.92 -51.14 -5.96
N ASP A 4 21.68 -51.63 -5.95
CA ASP A 4 20.77 -51.39 -4.84
C ASP A 4 20.42 -49.91 -4.73
N CYS A 5 19.56 -49.58 -3.77
CA CYS A 5 19.15 -48.19 -3.56
C CYS A 5 18.65 -47.99 -2.14
N GLU A 6 19.09 -46.90 -1.51
CA GLU A 6 18.68 -46.59 -0.14
C GLU A 6 17.30 -45.92 -0.12
N VAL A 7 16.29 -46.66 -0.57
CA VAL A 7 14.93 -46.14 -0.60
C VAL A 7 14.47 -45.72 0.80
N ASN A 8 13.81 -44.57 0.87
CA ASN A 8 13.32 -44.05 2.14
C ASN A 8 11.82 -43.78 2.08
N ASN A 9 11.45 -42.75 1.32
CA ASN A 9 10.04 -42.39 1.16
C ASN A 9 9.47 -42.96 -0.13
N GLY A 10 8.16 -42.81 -0.32
CA GLY A 10 7.52 -43.32 -1.51
C GLY A 10 7.76 -42.44 -2.73
N SER A 11 6.68 -41.97 -3.34
CA SER A 11 6.78 -41.12 -4.51
C SER A 11 5.96 -39.84 -4.34
N SER A 12 5.87 -39.38 -3.09
CA SER A 12 5.13 -38.16 -2.78
C SER A 12 3.68 -38.28 -3.26
N LEU A 13 2.83 -38.86 -2.42
CA LEU A 13 1.42 -39.02 -2.76
C LEU A 13 0.77 -37.69 -3.10
N ARG A 14 -0.32 -37.74 -3.85
CA ARG A 14 -1.04 -36.53 -4.24
C ARG A 14 -1.74 -35.89 -3.06
N ASP A 15 -1.18 -34.79 -2.57
CA ASP A 15 -1.76 -34.08 -1.44
C ASP A 15 -3.17 -33.59 -1.75
N GLU A 16 -3.50 -33.55 -3.03
CA GLU A 16 -4.82 -33.09 -3.47
C GLU A 16 -5.82 -34.23 -3.46
N CYS A 17 -5.31 -35.46 -3.63
CA CYS A 17 -6.14 -36.65 -3.66
C CYS A 17 -7.22 -36.58 -2.58
N ILE A 18 -6.92 -35.85 -1.52
CA ILE A 18 -7.83 -35.68 -0.40
C ILE A 18 -8.97 -34.73 -0.74
N THR A 19 -8.63 -33.58 -1.30
CA THR A 19 -9.63 -32.59 -1.67
C THR A 19 -10.70 -33.24 -2.53
N ASN A 20 -10.29 -33.78 -3.67
CA ASN A 20 -11.24 -34.45 -4.56
C ASN A 20 -12.03 -35.48 -3.77
N LEU A 21 -11.31 -36.30 -3.00
CA LEU A 21 -11.95 -37.32 -2.18
C LEU A 21 -13.14 -36.73 -1.44
N LEU A 22 -12.86 -35.76 -0.58
CA LEU A 22 -13.90 -35.10 0.19
C LEU A 22 -15.17 -34.97 -0.65
N VAL A 23 -15.03 -34.34 -1.82
CA VAL A 23 -16.15 -34.18 -2.71
C VAL A 23 -16.90 -35.50 -2.89
N PHE A 24 -16.17 -36.53 -3.31
CA PHE A 24 -16.76 -37.85 -3.49
C PHE A 24 -17.61 -38.21 -2.28
N GLY A 25 -16.93 -38.47 -1.17
CA GLY A 25 -17.63 -38.81 0.05
C GLY A 25 -18.78 -37.87 0.34
N PHE A 26 -18.48 -36.58 0.34
CA PHE A 26 -19.50 -35.56 0.60
C PHE A 26 -20.70 -35.79 -0.31
N LEU A 27 -20.45 -35.76 -1.61
CA LEU A 27 -21.50 -35.96 -2.59
C LEU A 27 -21.96 -37.42 -2.62
N GLN A 28 -21.19 -38.29 -1.97
CA GLN A 28 -21.52 -39.70 -1.92
C GLN A 28 -22.74 -39.94 -1.03
N SER A 29 -22.67 -39.44 0.19
CA SER A 29 -23.76 -39.59 1.14
C SER A 29 -24.93 -38.67 0.78
N CYS A 30 -24.61 -37.56 0.12
CA CYS A 30 -25.62 -36.60 -0.29
C CYS A 30 -26.85 -37.31 -0.86
N SER A 31 -26.61 -38.30 -1.72
CA SER A 31 -27.71 -39.05 -2.33
C SER A 31 -27.67 -40.52 -1.91
N ASP A 32 -26.94 -40.81 -0.84
CA ASP A 32 -26.83 -42.17 -0.33
C ASP A 32 -26.29 -43.11 -1.41
N ASN A 33 -26.64 -44.39 -1.30
CA ASN A 33 -26.19 -45.39 -2.26
C ASN A 33 -27.15 -45.48 -3.44
N SER A 34 -28.08 -44.53 -3.53
CA SER A 34 -29.05 -44.51 -4.61
C SER A 34 -28.57 -43.62 -5.76
N PHE A 35 -27.33 -43.82 -6.17
CA PHE A 35 -26.76 -43.03 -7.26
C PHE A 35 -25.25 -43.20 -7.28
N ARG A 36 -24.81 -44.43 -7.03
CA ARG A 36 -23.39 -44.74 -6.99
C ARG A 36 -22.77 -44.73 -8.38
N ARG A 37 -23.27 -45.58 -9.26
CA ARG A 37 -22.76 -45.67 -10.63
C ARG A 37 -22.32 -44.30 -11.11
N GLU A 38 -23.09 -43.30 -10.71
CA GLU A 38 -22.81 -41.92 -11.08
C GLU A 38 -21.41 -41.52 -10.60
N LEU A 39 -21.18 -41.66 -9.30
CA LEU A 39 -19.88 -41.33 -8.72
C LEU A 39 -18.78 -42.16 -9.38
N ASP A 40 -19.15 -43.38 -9.78
CA ASP A 40 -18.20 -44.28 -10.44
C ASP A 40 -17.62 -43.60 -11.67
N ALA A 41 -18.47 -42.87 -12.38
CA ALA A 41 -18.06 -42.15 -13.58
C ALA A 41 -17.25 -40.92 -13.20
N LEU A 42 -17.57 -40.34 -12.05
CA LEU A 42 -16.86 -39.16 -11.57
C LEU A 42 -15.37 -39.43 -11.45
N GLY A 43 -15.02 -40.42 -10.63
CA GLY A 43 -13.62 -40.76 -10.45
C GLY A 43 -12.95 -41.09 -11.78
N HIS A 44 -13.74 -41.56 -12.74
CA HIS A 44 -13.23 -41.91 -14.05
C HIS A 44 -13.25 -40.71 -14.97
N GLU A 45 -13.42 -39.52 -14.38
CA GLU A 45 -13.44 -38.28 -15.14
C GLU A 45 -12.63 -37.20 -14.44
N LEU A 46 -12.74 -37.15 -13.12
CA LEU A 46 -12.01 -36.17 -12.33
C LEU A 46 -10.65 -35.89 -12.94
N PRO A 47 -10.50 -34.73 -13.60
CA PRO A 47 -9.24 -34.32 -14.24
C PRO A 47 -8.05 -34.41 -13.30
N VAL A 48 -6.86 -34.27 -13.86
CA VAL A 48 -5.62 -34.34 -13.08
C VAL A 48 -4.60 -33.33 -13.58
N LEU A 49 -4.67 -32.11 -13.05
CA LEU A 49 -3.74 -31.05 -13.44
C LEU A 49 -2.75 -30.75 -12.32
N ALA A 50 -3.17 -29.88 -11.40
CA ALA A 50 -2.32 -29.50 -10.27
C ALA A 50 -1.04 -28.82 -10.75
N PRO A 51 -0.94 -27.51 -10.51
CA PRO A 51 0.24 -26.72 -10.92
C PRO A 51 1.54 -27.29 -10.36
N GLN A 52 2.64 -27.03 -11.05
CA GLN A 52 3.95 -27.52 -10.63
C GLN A 52 4.03 -29.04 -10.79
N TRP A 53 4.00 -29.51 -12.03
CA TRP A 53 4.08 -30.94 -12.31
C TRP A 53 5.51 -31.45 -12.20
N GLU A 54 6.47 -30.54 -12.17
CA GLU A 54 7.88 -30.90 -12.08
C GLU A 54 8.42 -30.57 -10.69
N GLY A 55 9.69 -30.20 -10.62
CA GLY A 55 10.30 -29.88 -9.35
C GLY A 55 11.79 -30.18 -9.32
N TYR A 56 12.17 -31.30 -9.93
CA TYR A 56 13.57 -31.71 -9.98
C TYR A 56 14.49 -30.49 -10.06
N ASP A 57 14.45 -29.80 -11.19
CA ASP A 57 15.29 -28.62 -11.39
C ASP A 57 16.76 -28.95 -11.23
N GLU A 58 17.61 -28.07 -11.75
CA GLU A 58 19.06 -28.27 -11.66
C GLU A 58 19.72 -27.12 -10.91
N LEU A 59 18.98 -26.03 -10.73
CA LEU A 59 19.49 -24.86 -10.03
C LEU A 59 19.00 -24.84 -8.59
N GLN A 60 18.87 -23.65 -8.03
CA GLN A 60 18.40 -23.51 -6.65
C GLN A 60 16.94 -23.11 -6.62
N THR A 61 16.11 -23.96 -6.03
CA THR A 61 14.68 -23.70 -5.92
C THR A 61 14.23 -23.68 -4.46
N ASP A 62 15.19 -23.66 -3.55
CA ASP A 62 14.90 -23.65 -2.12
C ASP A 62 14.23 -24.95 -1.69
N GLY A 63 14.01 -25.10 -0.39
CA GLY A 63 13.38 -26.31 0.12
C GLY A 63 13.50 -26.45 1.61
N ASN A 64 14.73 -26.65 2.09
CA ASN A 64 14.97 -26.81 3.52
C ASN A 64 13.85 -27.61 4.17
N ARG A 65 13.52 -28.74 3.55
CA ARG A 65 12.46 -29.61 4.07
C ARG A 65 12.99 -30.48 5.20
N SER A 66 12.42 -30.30 6.39
CA SER A 66 12.83 -31.06 7.57
C SER A 66 11.62 -31.75 8.21
N SER A 67 11.82 -33.00 8.63
CA SER A 67 10.75 -33.76 9.26
C SER A 67 11.17 -34.28 10.64
N HIS A 68 11.84 -33.42 11.41
CA HIS A 68 12.29 -33.80 12.74
C HIS A 68 11.15 -33.71 13.75
N SER A 69 10.16 -32.88 13.42
CA SER A 69 9.00 -32.70 14.30
C SER A 69 7.87 -33.65 13.90
N ARG A 70 7.05 -34.01 14.87
CA ARG A 70 5.92 -34.91 14.63
C ARG A 70 4.60 -34.21 14.93
N LEU A 71 3.54 -34.64 14.25
CA LEU A 71 2.22 -34.06 14.46
C LEU A 71 1.17 -34.81 13.67
N GLY A 72 0.75 -35.96 14.19
CA GLY A 72 -0.26 -36.76 13.52
C GLY A 72 -0.43 -38.13 14.17
N ARG A 73 -1.27 -38.18 15.20
CA ARG A 73 -1.52 -39.43 15.91
C ARG A 73 -2.67 -40.19 15.26
N ILE A 74 -3.01 -39.79 14.05
CA ILE A 74 -4.07 -40.43 13.29
C ILE A 74 -3.55 -41.63 12.52
N GLU A 75 -2.23 -41.71 12.40
CA GLU A 75 -1.59 -42.81 11.70
C GLU A 75 -1.52 -44.05 12.58
N ALA A 76 -1.90 -43.89 13.84
CA ALA A 76 -1.89 -45.00 14.80
C ALA A 76 -3.14 -45.86 14.67
N ASP A 77 -3.54 -46.14 13.43
CA ASP A 77 -4.73 -46.97 13.19
C ASP A 77 -4.47 -47.98 12.09
N SER A 78 -3.21 -48.09 11.69
CA SER A 78 -2.81 -49.03 10.64
C SER A 78 -3.93 -49.28 9.64
N GLU A 79 -4.65 -48.22 9.28
CA GLU A 79 -5.74 -48.34 8.34
C GLU A 79 -5.43 -47.57 7.05
N SER A 80 -6.29 -46.60 6.70
CA SER A 80 -6.08 -45.82 5.50
C SER A 80 -6.43 -44.35 5.72
N GLN A 81 -5.48 -43.47 5.40
CA GLN A 81 -5.69 -42.04 5.57
C GLN A 81 -6.95 -41.59 4.83
N GLU A 82 -7.06 -42.02 3.57
CA GLU A 82 -8.21 -41.68 2.75
C GLU A 82 -9.49 -42.27 3.35
N ASP A 83 -9.32 -43.26 4.21
CA ASP A 83 -10.45 -43.90 4.86
C ASP A 83 -11.04 -42.99 5.92
N ILE A 84 -10.18 -42.32 6.67
CA ILE A 84 -10.61 -41.40 7.71
C ILE A 84 -11.30 -40.18 7.09
N ILE A 85 -10.59 -39.49 6.21
CA ILE A 85 -11.14 -38.33 5.55
C ILE A 85 -12.48 -38.66 4.90
N ARG A 86 -12.58 -39.86 4.34
CA ARG A 86 -13.81 -40.29 3.70
C ARG A 86 -14.91 -40.51 4.73
N ASN A 87 -14.60 -41.30 5.75
CA ASN A 87 -15.56 -41.58 6.81
C ASN A 87 -16.02 -40.27 7.46
N ILE A 88 -15.13 -39.30 7.48
CA ILE A 88 -15.42 -37.99 8.05
C ILE A 88 -16.48 -37.28 7.21
N ALA A 89 -16.27 -37.25 5.90
CA ALA A 89 -17.21 -36.61 4.99
C ALA A 89 -18.54 -37.33 4.98
N ARG A 90 -18.49 -38.66 4.95
CA ARG A 90 -19.70 -39.48 4.93
C ARG A 90 -20.50 -39.28 6.21
N HIS A 91 -19.80 -38.94 7.29
CA HIS A 91 -20.44 -38.71 8.58
C HIS A 91 -21.17 -37.38 8.59
N LEU A 92 -20.41 -36.29 8.68
CA LEU A 92 -20.98 -34.95 8.70
C LEU A 92 -21.99 -34.77 7.57
N ALA A 93 -21.75 -35.48 6.47
CA ALA A 93 -22.63 -35.40 5.31
C ALA A 93 -23.89 -36.24 5.53
N GLN A 94 -23.77 -37.27 6.36
CA GLN A 94 -24.90 -38.15 6.65
C GLN A 94 -25.96 -37.42 7.47
N VAL A 95 -25.53 -36.78 8.55
CA VAL A 95 -26.45 -36.06 9.43
C VAL A 95 -26.94 -34.77 8.76
N GLY A 96 -26.02 -34.05 8.12
CA GLY A 96 -26.38 -32.81 7.47
C GLY A 96 -27.45 -32.99 6.40
N ASP A 97 -27.24 -33.97 5.53
CA ASP A 97 -28.18 -34.24 4.45
C ASP A 97 -29.45 -34.90 4.99
N SER A 98 -29.28 -35.99 5.72
CA SER A 98 -30.41 -36.73 6.28
C SER A 98 -31.39 -35.80 6.99
N MET A 99 -30.89 -34.65 7.47
CA MET A 99 -31.73 -33.69 8.18
C MET A 99 -32.37 -32.68 7.22
N ASP A 100 -31.56 -32.11 6.34
CA ASP A 100 -32.05 -31.12 5.38
C ASP A 100 -32.63 -31.78 4.14
N ARG A 101 -32.40 -33.07 4.00
CA ARG A 101 -32.91 -33.81 2.83
C ARG A 101 -34.42 -33.61 2.68
N SER A 102 -35.08 -33.23 3.78
CA SER A 102 -36.51 -33.01 3.75
C SER A 102 -36.88 -31.90 2.78
N ILE A 103 -35.91 -31.04 2.49
CA ILE A 103 -36.11 -29.92 1.57
C ILE A 103 -37.57 -29.47 1.53
N PRO A 104 -38.13 -29.10 2.69
CA PRO A 104 -39.52 -28.66 2.79
C PRO A 104 -39.81 -27.41 1.97
N PRO A 105 -38.94 -26.39 2.08
CA PRO A 105 -39.09 -25.14 1.34
C PRO A 105 -38.56 -25.24 -0.08
N GLY A 106 -37.35 -25.74 -0.22
CA GLY A 106 -36.76 -25.89 -1.54
C GLY A 106 -35.54 -25.01 -1.73
N LEU A 107 -34.61 -25.06 -0.78
CA LEU A 107 -33.39 -24.26 -0.87
C LEU A 107 -32.44 -24.84 -1.91
N VAL A 108 -32.19 -26.13 -1.82
CA VAL A 108 -31.32 -26.82 -2.76
C VAL A 108 -31.82 -26.61 -4.18
N ASN A 109 -33.12 -26.74 -4.34
CA ASN A 109 -33.75 -26.57 -5.64
C ASN A 109 -33.12 -25.41 -6.40
N GLY A 110 -33.23 -24.21 -5.83
CA GLY A 110 -32.65 -23.05 -6.47
C GLY A 110 -31.19 -23.27 -6.81
N LEU A 111 -30.41 -23.63 -5.81
CA LEU A 111 -28.99 -23.90 -6.02
C LEU A 111 -28.85 -24.87 -7.18
N ALA A 112 -29.76 -25.84 -7.23
CA ALA A 112 -29.77 -26.82 -8.30
C ALA A 112 -30.21 -26.15 -9.59
N LEU A 113 -31.01 -25.09 -9.45
CA LEU A 113 -31.48 -24.34 -10.61
C LEU A 113 -30.36 -23.43 -11.12
N GLN A 114 -29.53 -22.97 -10.18
CA GLN A 114 -28.41 -22.11 -10.49
C GLN A 114 -27.24 -22.96 -10.98
N LEU A 115 -26.81 -23.91 -10.15
CA LEU A 115 -25.72 -24.80 -10.52
C LEU A 115 -26.00 -25.44 -11.86
N ARG A 116 -27.12 -26.16 -11.95
CA ARG A 116 -27.53 -26.83 -13.18
C ARG A 116 -26.99 -26.09 -14.41
N ASN A 117 -27.38 -24.83 -14.55
CA ASN A 117 -26.94 -23.97 -15.65
C ASN A 117 -26.28 -24.75 -16.78
N THR A 118 -26.99 -25.71 -17.34
CA THR A 118 -26.47 -26.52 -18.43
C THR A 118 -24.97 -26.78 -18.22
N SER A 119 -24.18 -26.69 -19.30
CA SER A 119 -22.75 -26.91 -19.21
C SER A 119 -22.04 -25.66 -18.69
N ARG A 120 -22.81 -24.64 -18.34
CA ARG A 120 -22.24 -23.41 -17.82
C ARG A 120 -21.86 -23.61 -16.36
N SER A 121 -22.63 -24.46 -15.68
CA SER A 121 -22.42 -24.79 -14.28
C SER A 121 -21.01 -24.44 -13.80
N GLU A 122 -20.06 -25.33 -14.07
CA GLU A 122 -18.67 -25.10 -13.64
C GLU A 122 -18.35 -23.61 -13.59
N GLU A 123 -18.81 -22.88 -14.61
CA GLU A 123 -18.61 -21.45 -14.69
C GLU A 123 -19.77 -20.71 -14.03
N ASP A 124 -20.96 -20.90 -14.58
CA ASP A 124 -22.15 -20.29 -14.02
C ASP A 124 -22.21 -20.49 -12.52
N ARG A 125 -21.82 -21.68 -12.09
CA ARG A 125 -21.79 -22.03 -10.68
C ARG A 125 -20.71 -21.24 -9.98
N ASN A 126 -19.49 -21.34 -10.48
CA ASN A 126 -18.36 -20.64 -9.90
C ASN A 126 -18.72 -19.20 -9.61
N ARG A 127 -19.15 -18.47 -10.63
CA ARG A 127 -19.52 -17.08 -10.45
C ARG A 127 -20.83 -16.98 -9.69
N ASP A 128 -21.52 -18.10 -9.56
CA ASP A 128 -22.78 -18.14 -8.85
C ASP A 128 -22.54 -18.17 -7.35
N LEU A 129 -21.84 -19.20 -6.89
CA LEU A 129 -21.53 -19.34 -5.48
C LEU A 129 -20.65 -18.20 -5.01
N ALA A 130 -19.56 -17.95 -5.75
CA ALA A 130 -18.66 -16.87 -5.41
C ALA A 130 -19.43 -15.57 -5.30
N THR A 131 -20.41 -15.38 -6.19
CA THR A 131 -21.24 -14.19 -6.18
C THR A 131 -22.27 -14.27 -5.06
N ALA A 132 -22.94 -15.40 -4.96
CA ALA A 132 -23.95 -15.60 -3.92
C ALA A 132 -23.29 -15.52 -2.55
N LEU A 133 -22.04 -15.99 -2.50
CA LEU A 133 -21.27 -15.97 -1.26
C LEU A 133 -21.02 -14.54 -0.81
N GLU A 134 -20.18 -13.84 -1.58
CA GLU A 134 -19.85 -12.46 -1.28
C GLU A 134 -21.09 -11.65 -0.93
N GLN A 135 -22.24 -12.13 -1.41
CA GLN A 135 -23.51 -11.47 -1.15
C GLN A 135 -23.96 -11.70 0.28
N LEU A 136 -24.18 -12.97 0.63
CA LEU A 136 -24.59 -13.32 1.99
C LEU A 136 -23.51 -12.96 2.99
N LEU A 137 -22.25 -13.04 2.54
CA LEU A 137 -21.12 -12.72 3.39
C LEU A 137 -21.03 -11.21 3.59
N GLN A 138 -21.50 -10.47 2.60
CA GLN A 138 -21.49 -9.01 2.65
C GLN A 138 -22.31 -8.49 3.83
N ALA A 139 -23.08 -9.37 4.45
CA ALA A 139 -23.91 -9.00 5.59
C ALA A 139 -23.33 -9.57 6.86
N TYR A 140 -22.54 -10.62 6.69
CA TYR A 140 -21.92 -11.31 7.81
C TYR A 140 -20.48 -10.80 8.00
N PRO A 141 -20.21 -10.17 9.15
CA PRO A 141 -18.88 -9.64 9.47
C PRO A 141 -17.80 -10.70 9.35
N ARG A 142 -16.67 -10.33 8.74
CA ARG A 142 -15.55 -11.24 8.55
C ARG A 142 -14.48 -10.99 9.60
N ASP A 143 -13.48 -10.19 9.23
CA ASP A 143 -12.38 -9.85 10.12
C ASP A 143 -11.46 -11.06 10.35
N MET A 144 -12.05 -12.16 10.82
CA MET A 144 -11.29 -13.37 11.08
C MET A 144 -10.95 -14.10 9.78
N GLU A 145 -11.97 -14.54 9.07
CA GLU A 145 -11.78 -15.27 7.82
C GLU A 145 -13.12 -15.64 7.19
N LYS A 146 -13.18 -15.64 5.87
CA LYS A 146 -14.40 -15.98 5.16
C LYS A 146 -14.44 -17.48 4.87
N GLU A 147 -13.25 -18.08 4.79
CA GLU A 147 -13.13 -19.51 4.51
C GLU A 147 -14.32 -20.30 5.06
N LYS A 148 -14.40 -20.39 6.38
CA LYS A 148 -15.46 -21.13 7.03
C LYS A 148 -16.84 -20.73 6.52
N THR A 149 -17.37 -19.64 7.05
CA THR A 149 -18.68 -19.15 6.65
C THR A 149 -18.85 -19.13 5.13
N MET A 150 -17.82 -18.67 4.44
CA MET A 150 -17.87 -18.60 2.98
C MET A 150 -18.01 -19.98 2.35
N LEU A 151 -17.04 -20.84 2.60
CA LEU A 151 -17.07 -22.19 2.04
C LEU A 151 -18.18 -23.02 2.69
N VAL A 152 -18.23 -23.01 4.01
CA VAL A 152 -19.26 -23.76 4.72
C VAL A 152 -20.60 -23.59 4.03
N LEU A 153 -20.94 -22.34 3.70
CA LEU A 153 -22.19 -22.03 3.03
C LEU A 153 -22.15 -22.51 1.58
N ALA A 154 -21.51 -21.71 0.74
CA ALA A 154 -21.38 -22.02 -0.68
C ALA A 154 -21.22 -23.52 -0.91
N LEU A 155 -20.26 -24.11 -0.20
CA LEU A 155 -20.01 -25.54 -0.33
C LEU A 155 -21.28 -26.34 -0.05
N LEU A 156 -21.93 -26.00 1.07
CA LEU A 156 -23.16 -26.67 1.46
C LEU A 156 -24.24 -26.50 0.40
N LEU A 157 -24.18 -25.40 -0.33
CA LEU A 157 -25.14 -25.12 -1.39
C LEU A 157 -25.01 -26.13 -2.52
N ALA A 158 -23.77 -26.45 -2.88
CA ALA A 158 -23.50 -27.42 -3.93
C ALA A 158 -23.96 -28.80 -3.49
N LYS A 159 -23.19 -29.42 -2.59
CA LYS A 159 -23.54 -30.74 -2.09
C LYS A 159 -25.04 -30.86 -1.88
N LYS A 160 -25.70 -29.74 -1.59
CA LYS A 160 -27.13 -29.74 -1.36
C LYS A 160 -27.89 -30.13 -2.63
N VAL A 161 -27.88 -29.25 -3.62
CA VAL A 161 -28.58 -29.52 -4.88
C VAL A 161 -28.43 -30.99 -5.25
N ALA A 162 -27.19 -31.48 -5.29
CA ALA A 162 -26.92 -32.87 -5.62
C ALA A 162 -27.99 -33.79 -5.04
N SER A 163 -28.40 -33.50 -3.81
CA SER A 163 -29.41 -34.30 -3.14
C SER A 163 -30.70 -34.32 -3.97
N HIS A 164 -31.20 -33.13 -4.31
CA HIS A 164 -32.41 -33.02 -5.10
C HIS A 164 -32.12 -33.27 -6.58
N THR A 165 -30.98 -32.74 -7.03
CA THR A 165 -30.56 -32.91 -8.42
C THR A 165 -29.29 -33.75 -8.50
N PRO A 166 -29.44 -35.08 -8.55
CA PRO A 166 -28.31 -36.01 -8.62
C PRO A 166 -27.71 -36.08 -10.02
N SER A 167 -28.15 -35.19 -10.91
CA SER A 167 -27.63 -35.17 -12.28
C SER A 167 -26.60 -34.06 -12.45
N LEU A 168 -26.17 -33.48 -11.33
CA LEU A 168 -25.19 -32.42 -11.36
C LEU A 168 -23.94 -32.80 -10.56
N LEU A 169 -23.90 -34.05 -10.09
CA LEU A 169 -22.77 -34.53 -9.32
C LEU A 169 -21.46 -33.89 -9.78
N ARG A 170 -20.89 -34.44 -10.85
CA ARG A 170 -19.64 -33.93 -11.40
C ARG A 170 -19.51 -32.43 -11.16
N ASP A 171 -20.54 -31.68 -11.54
CA ASP A 171 -20.54 -30.25 -11.35
C ASP A 171 -20.51 -29.92 -9.87
N VAL A 172 -21.49 -30.45 -9.13
CA VAL A 172 -21.54 -30.24 -7.70
C VAL A 172 -20.23 -30.63 -7.06
N PHE A 173 -19.65 -31.71 -7.59
CA PHE A 173 -18.36 -32.19 -7.11
C PHE A 173 -17.40 -31.03 -7.00
N HIS A 174 -16.85 -30.62 -8.13
CA HIS A 174 -15.93 -29.50 -8.16
C HIS A 174 -16.56 -28.27 -7.53
N THR A 175 -17.85 -28.07 -7.77
CA THR A 175 -18.55 -26.92 -7.20
C THR A 175 -18.06 -26.61 -5.79
N THR A 176 -17.84 -27.67 -4.99
CA THR A 176 -17.37 -27.48 -3.62
C THR A 176 -15.85 -27.50 -3.54
N VAL A 177 -15.20 -28.28 -4.40
CA VAL A 177 -13.74 -28.39 -4.38
C VAL A 177 -13.05 -27.38 -5.31
N ASN A 178 -13.82 -26.72 -6.17
CA ASN A 178 -13.24 -25.74 -7.10
C ASN A 178 -13.08 -24.38 -6.43
N PHE A 179 -14.20 -23.71 -6.16
CA PHE A 179 -14.17 -22.40 -5.52
C PHE A 179 -13.05 -22.32 -4.50
N ILE A 180 -12.74 -23.46 -3.88
CA ILE A 180 -11.67 -23.54 -2.89
C ILE A 180 -10.32 -23.60 -3.57
N ASN A 181 -10.08 -24.67 -4.32
CA ASN A 181 -8.83 -24.88 -5.04
C ASN A 181 -8.41 -23.60 -5.75
N GLN A 182 -9.38 -22.80 -6.17
CA GLN A 182 -9.10 -21.57 -6.88
C GLN A 182 -8.19 -20.67 -6.06
N ASN A 183 -8.45 -20.57 -4.75
CA ASN A 183 -7.65 -19.73 -3.89
C ASN A 183 -7.73 -20.19 -2.43
N LEU A 184 -8.92 -20.60 -2.00
CA LEU A 184 -9.12 -21.04 -0.63
C LEU A 184 -8.85 -22.54 -0.48
N ARG A 185 -8.16 -23.09 -1.46
CA ARG A 185 -7.81 -24.51 -1.46
C ARG A 185 -7.59 -25.03 -0.03
N THR A 186 -6.71 -24.35 0.71
CA THR A 186 -6.38 -24.74 2.07
C THR A 186 -7.63 -25.02 2.91
N TYR A 187 -8.77 -24.50 2.49
CA TYR A 187 -10.01 -24.70 3.23
C TYR A 187 -10.48 -26.16 3.17
N VAL A 188 -10.61 -26.69 1.97
CA VAL A 188 -11.07 -28.06 1.79
C VAL A 188 -10.43 -28.98 2.82
N ARG A 189 -9.11 -28.88 2.98
CA ARG A 189 -8.41 -29.69 3.96
C ARG A 189 -9.20 -29.71 5.25
N SER A 190 -9.89 -28.61 5.50
CA SER A 190 -10.73 -28.46 6.67
C SER A 190 -12.02 -29.24 6.50
N LEU A 191 -12.60 -29.16 5.30
CA LEU A 191 -13.83 -29.87 5.00
C LEU A 191 -13.77 -31.27 5.61
N ALA A 192 -12.60 -31.90 5.48
CA ALA A 192 -12.40 -33.24 6.01
C ALA A 192 -11.99 -33.21 7.48
N ARG A 193 -11.19 -32.21 7.84
CA ARG A 193 -10.73 -32.06 9.21
C ARG A 193 -11.90 -31.93 10.18
N ASN A 194 -13.00 -31.35 9.70
CA ASN A 194 -14.18 -31.17 10.52
C ASN A 194 -15.39 -31.87 9.92
N GLY A 195 -15.24 -32.33 8.68
CA GLY A 195 -16.32 -33.01 8.01
C GLY A 195 -17.27 -32.04 7.31
N MET A 196 -17.39 -30.83 7.84
CA MET A 196 -18.26 -29.83 7.26
C MET A 196 -17.50 -28.52 7.02
N ASP A 197 -17.07 -27.88 8.09
CA ASP A 197 -16.33 -26.63 8.00
C ASP A 197 -15.00 -26.84 7.28
N GLY A 1 -23.25 -56.62 3.47
CA GLY A 1 -22.72 -56.12 2.17
C GLY A 1 -23.06 -54.66 1.94
N SER A 2 -24.30 -54.40 1.55
CA SER A 2 -24.75 -53.03 1.29
C SER A 2 -23.86 -52.35 0.25
N MET A 3 -23.95 -51.03 0.19
CA MET A 3 -23.15 -50.24 -0.75
C MET A 3 -22.26 -49.25 -0.02
N ASP A 4 -20.96 -49.51 -0.01
CA ASP A 4 -20.01 -48.63 0.66
C ASP A 4 -19.79 -47.36 -0.15
N CYS A 5 -19.19 -46.35 0.49
CA CYS A 5 -18.93 -45.07 -0.17
C CYS A 5 -17.43 -44.92 -0.48
N GLU A 6 -16.88 -45.92 -1.14
CA GLU A 6 -15.46 -45.91 -1.50
C GLU A 6 -14.58 -46.17 -0.29
N VAL A 7 -13.27 -46.21 -0.51
CA VAL A 7 -12.32 -46.46 0.57
C VAL A 7 -11.14 -45.48 0.50
N ASN A 8 -11.06 -44.60 1.50
CA ASN A 8 -9.99 -43.62 1.56
C ASN A 8 -9.17 -43.78 2.83
N ASN A 9 -9.83 -43.61 3.97
CA ASN A 9 -9.17 -43.74 5.27
C ASN A 9 -8.73 -45.18 5.52
N GLY A 10 -7.48 -45.35 5.95
CA GLY A 10 -6.97 -46.68 6.22
C GLY A 10 -6.56 -47.42 4.95
N SER A 11 -5.50 -48.21 5.06
CA SER A 11 -5.01 -48.97 3.91
C SER A 11 -4.85 -50.44 4.27
N SER A 12 -3.96 -50.73 5.21
CA SER A 12 -3.71 -52.11 5.64
C SER A 12 -3.55 -52.17 7.15
N LEU A 13 -4.48 -51.58 7.88
CA LEU A 13 -4.45 -51.58 9.33
C LEU A 13 -3.12 -51.05 9.84
N ARG A 14 -2.99 -49.73 9.89
CA ARG A 14 -1.77 -49.08 10.36
C ARG A 14 -1.66 -49.16 11.88
N ASP A 15 -0.45 -48.94 12.38
CA ASP A 15 -0.19 -48.99 13.82
C ASP A 15 -0.81 -47.78 14.51
N GLU A 16 -2.14 -47.68 14.44
CA GLU A 16 -2.86 -46.58 15.07
C GLU A 16 -2.67 -46.60 16.58
N CYS A 17 -2.69 -47.79 17.16
CA CYS A 17 -2.52 -47.96 18.61
C CYS A 17 -1.57 -46.91 19.19
N ILE A 18 -0.60 -46.49 18.38
CA ILE A 18 0.37 -45.51 18.82
C ILE A 18 -0.19 -44.10 18.81
N THR A 19 -0.86 -43.74 17.72
CA THR A 19 -1.46 -42.41 17.59
C THR A 19 -2.37 -42.13 18.77
N ASN A 20 -3.31 -43.04 19.02
CA ASN A 20 -4.23 -42.88 20.15
C ASN A 20 -3.43 -42.88 21.44
N LEU A 21 -2.49 -43.81 21.52
CA LEU A 21 -1.63 -43.89 22.69
C LEU A 21 -1.07 -42.52 23.00
N LEU A 22 -0.52 -41.91 21.97
CA LEU A 22 0.05 -40.58 22.09
C LEU A 22 -0.90 -39.66 22.84
N VAL A 23 -1.96 -39.21 22.16
CA VAL A 23 -2.94 -38.32 22.78
C VAL A 23 -3.11 -38.64 24.26
N PHE A 24 -3.36 -39.90 24.59
CA PHE A 24 -3.52 -40.28 25.98
C PHE A 24 -2.38 -39.70 26.80
N GLY A 25 -1.21 -40.28 26.65
CA GLY A 25 -0.05 -39.80 27.38
C GLY A 25 0.21 -38.33 27.08
N PHE A 26 0.21 -38.00 25.80
CA PHE A 26 0.43 -36.64 25.34
C PHE A 26 -0.51 -35.67 26.05
N LEU A 27 -1.81 -35.91 25.92
CA LEU A 27 -2.80 -35.05 26.57
C LEU A 27 -2.82 -35.34 28.08
N GLN A 28 -2.26 -36.47 28.48
CA GLN A 28 -2.22 -36.83 29.89
C GLN A 28 -1.48 -35.76 30.67
N SER A 29 -0.33 -35.35 30.15
CA SER A 29 0.48 -34.32 30.80
C SER A 29 -0.06 -32.93 30.45
N CYS A 30 -0.70 -32.84 29.28
CA CYS A 30 -1.26 -31.57 28.83
C CYS A 30 -1.95 -30.85 29.98
N SER A 31 -2.50 -31.60 30.92
CA SER A 31 -3.18 -31.03 32.07
C SER A 31 -2.76 -31.71 33.37
N ASP A 32 -1.65 -32.44 33.31
CA ASP A 32 -1.14 -33.16 34.47
C ASP A 32 -2.27 -33.85 35.23
N ASN A 33 -2.02 -34.16 36.51
CA ASN A 33 -3.00 -34.83 37.34
C ASN A 33 -4.27 -33.99 37.47
N SER A 34 -5.20 -34.46 38.29
CA SER A 34 -6.46 -33.75 38.50
C SER A 34 -7.32 -33.79 37.24
N PHE A 35 -7.11 -34.81 36.42
CA PHE A 35 -7.87 -34.97 35.18
C PHE A 35 -7.69 -36.37 34.62
N ARG A 36 -7.39 -37.32 35.50
CA ARG A 36 -7.18 -38.69 35.10
C ARG A 36 -8.50 -39.38 34.79
N ARG A 37 -9.40 -39.41 35.76
CA ARG A 37 -10.70 -40.01 35.58
C ARG A 37 -11.23 -39.68 34.19
N GLU A 38 -10.85 -38.50 33.72
CA GLU A 38 -11.26 -38.04 32.40
C GLU A 38 -10.68 -38.94 31.32
N LEU A 39 -9.36 -38.97 31.24
CA LEU A 39 -8.68 -39.81 30.25
C LEU A 39 -9.11 -41.26 30.38
N ASP A 40 -9.41 -41.68 31.61
CA ASP A 40 -9.84 -43.04 31.88
C ASP A 40 -11.14 -43.33 31.14
N ALA A 41 -12.02 -42.34 31.09
CA ALA A 41 -13.29 -42.48 30.40
C ALA A 41 -13.12 -42.33 28.90
N LEU A 42 -12.01 -41.71 28.51
CA LEU A 42 -11.70 -41.50 27.10
C LEU A 42 -11.33 -42.81 26.42
N GLY A 43 -10.26 -43.44 26.90
CA GLY A 43 -9.82 -44.70 26.33
C GLY A 43 -10.88 -45.78 26.39
N HIS A 44 -11.88 -45.57 27.24
CA HIS A 44 -12.97 -46.53 27.38
C HIS A 44 -13.92 -46.47 26.19
N GLU A 45 -13.83 -45.38 25.44
CA GLU A 45 -14.67 -45.19 24.25
C GLU A 45 -13.81 -44.84 23.05
N LEU A 46 -12.77 -44.06 23.27
CA LEU A 46 -11.86 -43.66 22.20
C LEU A 46 -11.61 -44.81 21.23
N PRO A 47 -11.23 -45.99 21.75
CA PRO A 47 -10.96 -47.16 20.90
C PRO A 47 -12.24 -47.73 20.29
N VAL A 48 -12.14 -48.95 19.78
CA VAL A 48 -13.29 -49.61 19.16
C VAL A 48 -14.06 -50.44 20.18
N LEU A 49 -14.91 -49.76 20.95
CA LEU A 49 -15.71 -50.44 21.98
C LEU A 49 -17.18 -50.08 21.85
N ALA A 50 -17.45 -48.79 21.71
CA ALA A 50 -18.83 -48.31 21.59
C ALA A 50 -19.44 -48.75 20.26
N PRO A 51 -18.93 -48.23 19.14
CA PRO A 51 -19.43 -48.56 17.80
C PRO A 51 -19.27 -50.06 17.49
N GLN A 52 -20.41 -50.77 17.46
CA GLN A 52 -20.39 -52.19 17.17
C GLN A 52 -19.63 -52.49 15.88
N TRP A 53 -18.75 -53.48 15.93
CA TRP A 53 -17.95 -53.86 14.77
C TRP A 53 -18.27 -55.29 14.33
N GLU A 54 -18.06 -56.23 15.22
CA GLU A 54 -18.32 -57.64 14.92
C GLU A 54 -19.78 -58.00 15.20
N GLY A 55 -20.68 -57.52 14.35
CA GLY A 55 -22.10 -57.80 14.52
C GLY A 55 -22.45 -59.23 14.15
N TYR A 56 -21.64 -59.83 13.28
CA TYR A 56 -21.87 -61.20 12.84
C TYR A 56 -22.34 -62.07 14.00
N ASP A 57 -21.49 -62.21 15.01
CA ASP A 57 -21.82 -63.01 16.19
C ASP A 57 -21.51 -62.25 17.47
N GLU A 58 -21.46 -62.97 18.58
CA GLU A 58 -21.17 -62.37 19.88
C GLU A 58 -19.88 -62.92 20.47
N LEU A 59 -19.34 -63.95 19.82
CA LEU A 59 -18.11 -64.57 20.27
C LEU A 59 -16.89 -63.87 19.67
N GLN A 60 -15.80 -64.61 19.54
CA GLN A 60 -14.57 -64.07 18.96
C GLN A 60 -14.33 -64.63 17.57
N THR A 61 -13.70 -63.82 16.71
CA THR A 61 -13.42 -64.23 15.35
C THR A 61 -11.94 -64.54 15.16
N ASP A 62 -11.21 -64.60 16.27
CA ASP A 62 -9.78 -64.87 16.24
C ASP A 62 -9.35 -65.68 17.46
N GLY A 63 -8.22 -66.38 17.33
CA GLY A 63 -7.72 -67.17 18.43
C GLY A 63 -6.24 -66.91 18.71
N ASN A 64 -5.65 -67.73 19.57
CA ASN A 64 -4.24 -67.58 19.91
C ASN A 64 -4.01 -66.33 20.76
N ARG A 65 -4.38 -66.42 22.03
CA ARG A 65 -4.21 -65.29 22.95
C ARG A 65 -2.72 -65.01 23.19
N SER A 66 -2.11 -65.84 24.03
CA SER A 66 -0.69 -65.68 24.34
C SER A 66 0.17 -66.39 23.30
N SER A 67 1.46 -66.10 23.31
CA SER A 67 2.39 -66.71 22.35
C SER A 67 3.82 -66.67 22.89
N HIS A 68 4.37 -67.85 23.15
CA HIS A 68 5.73 -67.96 23.68
C HIS A 68 6.76 -67.66 22.58
N SER A 69 7.06 -66.37 22.41
CA SER A 69 8.02 -65.96 21.40
C SER A 69 8.98 -64.90 21.96
N ARG A 70 8.45 -63.99 22.77
CA ARG A 70 9.25 -62.94 23.37
C ARG A 70 10.05 -63.46 24.57
N LEU A 71 11.36 -63.52 24.41
CA LEU A 71 12.23 -64.02 25.47
C LEU A 71 12.77 -62.86 26.32
N GLY A 72 11.94 -61.85 26.54
CA GLY A 72 12.37 -60.70 27.33
C GLY A 72 11.21 -60.02 28.03
N ARG A 73 10.60 -60.72 28.98
CA ARG A 73 9.47 -60.17 29.72
C ARG A 73 9.86 -59.88 31.17
N ILE A 74 11.16 -59.85 31.41
CA ILE A 74 11.69 -59.57 32.73
C ILE A 74 11.54 -58.11 33.09
N GLU A 75 12.07 -57.25 32.23
CA GLU A 75 12.01 -55.81 32.42
C GLU A 75 12.77 -55.08 31.33
N ALA A 76 13.83 -55.72 30.85
CA ALA A 76 14.66 -55.15 29.80
C ALA A 76 14.71 -53.63 29.88
N ASP A 77 14.73 -53.12 31.12
CA ASP A 77 14.78 -51.68 31.35
C ASP A 77 13.79 -50.95 30.44
N SER A 78 12.76 -51.66 30.01
CA SER A 78 11.74 -51.07 29.15
C SER A 78 10.49 -51.95 29.11
N GLU A 79 9.64 -51.80 30.12
CA GLU A 79 8.42 -52.58 30.22
C GLU A 79 7.80 -52.81 28.84
N SER A 80 7.25 -51.75 28.26
CA SER A 80 6.62 -51.84 26.94
C SER A 80 6.72 -50.51 26.20
N GLN A 81 6.78 -50.59 24.87
CA GLN A 81 6.87 -49.40 24.04
C GLN A 81 5.88 -48.35 24.50
N GLU A 82 4.72 -48.80 24.95
CA GLU A 82 3.67 -47.91 25.43
C GLU A 82 4.13 -47.16 26.67
N ASP A 83 5.04 -47.77 27.40
CA ASP A 83 5.58 -47.17 28.61
C ASP A 83 6.52 -46.02 28.27
N ILE A 84 7.31 -46.21 27.21
CA ILE A 84 8.24 -45.19 26.77
C ILE A 84 7.50 -43.99 26.19
N ILE A 85 6.60 -44.25 25.25
CA ILE A 85 5.82 -43.21 24.62
C ILE A 85 5.09 -42.38 25.66
N ARG A 86 4.52 -43.05 26.66
CA ARG A 86 3.80 -42.37 27.73
C ARG A 86 4.72 -41.42 28.48
N ASN A 87 5.94 -41.87 28.75
CA ASN A 87 6.92 -41.06 29.47
C ASN A 87 7.44 -39.94 28.57
N ILE A 88 7.42 -40.17 27.27
CA ILE A 88 7.89 -39.19 26.30
C ILE A 88 6.90 -38.05 26.15
N ALA A 89 5.64 -38.38 25.87
CA ALA A 89 4.60 -37.38 25.70
C ALA A 89 4.32 -36.65 27.01
N ARG A 90 4.63 -37.31 28.12
CA ARG A 90 4.41 -36.73 29.44
C ARG A 90 5.47 -35.68 29.76
N HIS A 91 6.71 -35.98 29.41
CA HIS A 91 7.83 -35.07 29.64
C HIS A 91 7.69 -33.81 28.79
N LEU A 92 7.56 -34.01 27.47
CA LEU A 92 7.43 -32.91 26.54
C LEU A 92 6.17 -32.10 26.84
N ALA A 93 5.03 -32.79 26.94
CA ALA A 93 3.76 -32.14 27.22
C ALA A 93 3.85 -31.28 28.48
N GLN A 94 4.68 -31.71 29.42
CA GLN A 94 4.86 -30.98 30.67
C GLN A 94 5.59 -29.65 30.42
N VAL A 95 6.66 -29.72 29.63
CA VAL A 95 7.44 -28.54 29.31
C VAL A 95 6.59 -27.49 28.60
N GLY A 96 5.70 -27.97 27.73
CA GLY A 96 4.83 -27.07 26.99
C GLY A 96 3.78 -26.42 27.88
N ASP A 97 3.15 -27.22 28.72
CA ASP A 97 2.12 -26.72 29.62
C ASP A 97 2.68 -25.64 30.55
N SER A 98 3.97 -25.74 30.84
CA SER A 98 4.63 -24.78 31.72
C SER A 98 4.97 -23.50 30.97
N MET A 99 5.30 -23.63 29.69
CA MET A 99 5.64 -22.48 28.86
C MET A 99 4.39 -21.77 28.36
N ASP A 100 3.36 -22.55 28.04
CA ASP A 100 2.11 -21.98 27.56
C ASP A 100 1.22 -21.54 28.71
N ARG A 101 1.58 -21.94 29.93
CA ARG A 101 0.82 -21.57 31.11
C ARG A 101 0.41 -20.11 31.06
N SER A 102 1.19 -19.31 30.35
CA SER A 102 0.90 -17.88 30.22
C SER A 102 0.07 -17.61 28.97
N ILE A 103 -1.04 -18.33 28.83
CA ILE A 103 -1.92 -18.18 27.69
C ILE A 103 -1.96 -16.74 27.20
N PRO A 104 -1.87 -16.54 25.88
CA PRO A 104 -1.89 -15.20 25.27
C PRO A 104 -3.12 -14.40 25.70
N PRO A 105 -3.21 -13.15 25.23
CA PRO A 105 -4.33 -12.27 25.55
C PRO A 105 -5.68 -12.95 25.39
N GLY A 106 -5.73 -13.99 24.55
CA GLY A 106 -6.97 -14.71 24.33
C GLY A 106 -6.90 -15.63 23.13
N LEU A 107 -5.94 -16.56 23.14
CA LEU A 107 -5.77 -17.50 22.05
C LEU A 107 -6.51 -18.80 22.36
N VAL A 108 -5.97 -19.56 23.31
CA VAL A 108 -6.59 -20.82 23.70
C VAL A 108 -8.11 -20.68 23.70
N ASN A 109 -8.58 -19.63 24.34
CA ASN A 109 -10.00 -19.36 24.43
C ASN A 109 -10.71 -19.77 23.14
N GLY A 110 -10.43 -19.05 22.06
CA GLY A 110 -11.03 -19.37 20.79
C GLY A 110 -10.80 -20.81 20.41
N LEU A 111 -9.54 -21.25 20.53
CA LEU A 111 -9.18 -22.62 20.22
C LEU A 111 -10.13 -23.55 20.98
N ALA A 112 -10.50 -23.12 22.17
CA ALA A 112 -11.42 -23.89 23.00
C ALA A 112 -12.85 -23.62 22.58
N LEU A 113 -13.07 -22.44 21.99
CA LEU A 113 -14.40 -22.06 21.52
C LEU A 113 -14.68 -22.74 20.19
N GLN A 114 -13.62 -22.98 19.43
CA GLN A 114 -13.73 -23.63 18.13
C GLN A 114 -13.78 -25.14 18.28
N LEU A 115 -13.00 -25.66 19.22
CA LEU A 115 -12.96 -27.11 19.47
C LEU A 115 -14.18 -27.56 20.25
N ARG A 116 -14.42 -26.90 21.38
CA ARG A 116 -15.56 -27.22 22.24
C ARG A 116 -16.72 -27.81 21.43
N ASN A 117 -17.32 -26.97 20.59
CA ASN A 117 -18.44 -27.36 19.72
C ASN A 117 -19.09 -28.66 20.18
N THR A 118 -20.26 -28.53 20.81
CA THR A 118 -21.02 -29.68 21.31
C THR A 118 -20.62 -30.98 20.61
N SER A 119 -21.42 -31.38 19.61
CA SER A 119 -21.13 -32.60 18.86
C SER A 119 -20.52 -32.28 17.50
N ARG A 120 -20.37 -30.99 17.21
CA ARG A 120 -19.79 -30.57 15.95
C ARG A 120 -18.28 -30.74 15.99
N SER A 121 -17.70 -30.52 17.17
CA SER A 121 -16.27 -30.65 17.39
C SER A 121 -15.58 -31.49 16.34
N GLU A 122 -15.63 -32.81 16.50
CA GLU A 122 -14.98 -33.71 15.55
C GLU A 122 -14.93 -33.09 14.15
N GLU A 123 -16.05 -32.49 13.74
CA GLU A 123 -16.13 -31.84 12.45
C GLU A 123 -15.70 -30.39 12.56
N ASP A 124 -16.40 -29.64 13.40
CA ASP A 124 -16.10 -28.23 13.63
C ASP A 124 -14.62 -28.06 13.95
N ARG A 125 -14.09 -28.98 14.75
CA ARG A 125 -12.70 -28.95 15.14
C ARG A 125 -11.82 -29.31 13.96
N ASN A 126 -12.25 -30.29 13.18
CA ASN A 126 -11.49 -30.71 12.01
C ASN A 126 -11.34 -29.55 11.04
N ARG A 127 -12.45 -29.01 10.58
CA ARG A 127 -12.40 -27.88 9.66
C ARG A 127 -11.86 -26.64 10.37
N ASP A 128 -11.76 -26.73 11.70
CA ASP A 128 -11.24 -25.64 12.49
C ASP A 128 -9.72 -25.58 12.40
N LEU A 129 -9.07 -26.64 12.85
CA LEU A 129 -7.62 -26.72 12.80
C LEU A 129 -7.14 -26.71 11.37
N ALA A 130 -7.75 -27.56 10.54
CA ALA A 130 -7.38 -27.65 9.14
C ALA A 130 -7.48 -26.27 8.49
N THR A 131 -8.50 -25.51 8.87
CA THR A 131 -8.69 -24.17 8.34
C THR A 131 -7.73 -23.20 9.02
N ALA A 132 -7.55 -23.39 10.33
CA ALA A 132 -6.63 -22.55 11.09
C ALA A 132 -5.21 -22.75 10.59
N LEU A 133 -4.88 -24.00 10.29
CA LEU A 133 -3.57 -24.34 9.79
C LEU A 133 -3.32 -23.66 8.45
N GLU A 134 -4.06 -24.13 7.43
CA GLU A 134 -3.94 -23.57 6.10
C GLU A 134 -3.92 -22.05 6.15
N GLN A 135 -4.50 -21.50 7.21
CA GLN A 135 -4.55 -20.06 7.41
C GLN A 135 -3.17 -19.54 7.79
N LEU A 136 -2.67 -20.00 8.94
CA LEU A 136 -1.34 -19.60 9.40
C LEU A 136 -0.30 -19.94 8.35
N LEU A 137 -0.53 -21.07 7.67
CA LEU A 137 0.37 -21.52 6.61
C LEU A 137 0.21 -20.64 5.37
N GLN A 138 -1.00 -20.11 5.20
CA GLN A 138 -1.32 -19.25 4.07
C GLN A 138 -0.37 -18.06 4.01
N ALA A 139 0.34 -17.81 5.11
CA ALA A 139 1.29 -16.70 5.17
C ALA A 139 2.71 -17.24 5.14
N TYR A 140 2.86 -18.43 5.71
CA TYR A 140 4.14 -19.10 5.77
C TYR A 140 4.40 -19.89 4.49
N PRO A 141 5.57 -19.68 3.87
CA PRO A 141 5.96 -20.37 2.63
C PRO A 141 6.04 -21.88 2.79
N ARG A 142 7.20 -22.37 3.24
CA ARG A 142 7.46 -23.77 3.45
C ARG A 142 6.48 -24.68 2.74
N ASP A 143 7.00 -25.38 1.78
CA ASP A 143 6.22 -26.32 0.98
C ASP A 143 6.77 -27.74 1.12
N MET A 144 8.07 -27.84 1.36
CA MET A 144 8.72 -29.14 1.51
C MET A 144 7.92 -30.04 2.46
N GLU A 145 7.94 -29.70 3.74
CA GLU A 145 7.23 -30.47 4.74
C GLU A 145 6.53 -29.56 5.75
N LYS A 146 5.22 -29.68 5.83
CA LYS A 146 4.43 -28.87 6.76
C LYS A 146 4.32 -29.57 8.10
N GLU A 147 4.30 -30.89 8.05
CA GLU A 147 4.18 -31.73 9.26
C GLU A 147 4.61 -30.99 10.52
N LYS A 148 5.91 -30.76 10.65
CA LYS A 148 6.45 -30.07 11.83
C LYS A 148 5.67 -28.79 12.14
N THR A 149 5.98 -27.71 11.42
CA THR A 149 5.33 -26.43 11.65
C THR A 149 3.81 -26.56 11.62
N MET A 150 3.30 -27.32 10.65
CA MET A 150 1.86 -27.52 10.52
C MET A 150 1.29 -28.23 11.74
N LEU A 151 1.86 -29.39 12.05
CA LEU A 151 1.42 -30.18 13.20
C LEU A 151 1.72 -29.46 14.50
N VAL A 152 3.00 -29.14 14.72
CA VAL A 152 3.41 -28.44 15.93
C VAL A 152 2.37 -27.38 16.30
N LEU A 153 1.97 -26.60 15.31
CA LEU A 153 0.97 -25.57 15.51
C LEU A 153 -0.39 -26.18 15.80
N ALA A 154 -1.07 -26.61 14.73
CA ALA A 154 -2.39 -27.23 14.86
C ALA A 154 -2.47 -28.11 16.10
N LEU A 155 -1.58 -29.09 16.20
CA LEU A 155 -1.57 -30.00 17.35
C LEU A 155 -1.60 -29.20 18.65
N LEU A 156 -0.65 -28.29 18.81
CA LEU A 156 -0.57 -27.47 20.00
C LEU A 156 -1.93 -26.84 20.29
N LEU A 157 -2.50 -26.20 19.28
CA LEU A 157 -3.80 -25.57 19.42
C LEU A 157 -4.74 -26.47 20.20
N ALA A 158 -4.95 -27.68 19.69
CA ALA A 158 -5.82 -28.64 20.35
C ALA A 158 -5.42 -28.81 21.81
N LYS A 159 -4.35 -29.55 22.06
CA LYS A 159 -3.88 -29.75 23.43
C LYS A 159 -4.00 -28.46 24.22
N LYS A 160 -3.80 -27.34 23.54
CA LYS A 160 -3.89 -26.03 24.19
C LYS A 160 -5.25 -25.86 24.86
N VAL A 161 -6.30 -25.78 24.06
CA VAL A 161 -7.66 -25.62 24.61
C VAL A 161 -7.86 -26.63 25.74
N ALA A 162 -7.35 -27.84 25.56
CA ALA A 162 -7.49 -28.88 26.58
C ALA A 162 -7.01 -28.36 27.93
N SER A 163 -5.98 -27.53 27.92
CA SER A 163 -5.44 -26.97 29.15
C SER A 163 -6.49 -26.11 29.84
N HIS A 164 -7.05 -25.16 29.08
CA HIS A 164 -8.07 -24.27 29.60
C HIS A 164 -9.40 -25.01 29.74
N THR A 165 -9.75 -25.77 28.70
CA THR A 165 -10.98 -26.55 28.69
C THR A 165 -10.69 -28.01 29.04
N PRO A 166 -11.05 -28.43 30.26
CA PRO A 166 -10.83 -29.81 30.73
C PRO A 166 -11.95 -30.76 30.32
N SER A 167 -12.93 -30.24 29.57
CA SER A 167 -14.05 -31.04 29.12
C SER A 167 -13.99 -31.27 27.62
N LEU A 168 -12.83 -31.02 27.02
CA LEU A 168 -12.64 -31.19 25.60
C LEU A 168 -11.62 -32.28 25.31
N LEU A 169 -11.09 -32.89 26.37
CA LEU A 169 -10.10 -33.94 26.25
C LEU A 169 -10.33 -34.78 25.00
N ARG A 170 -11.25 -35.74 25.11
CA ARG A 170 -11.59 -36.61 23.99
C ARG A 170 -11.52 -35.86 22.67
N ASP A 171 -12.22 -34.73 22.61
CA ASP A 171 -12.24 -33.92 21.41
C ASP A 171 -10.83 -33.49 21.03
N VAL A 172 -10.06 -33.07 22.03
CA VAL A 172 -8.68 -32.64 21.79
C VAL A 172 -7.84 -33.79 21.27
N PHE A 173 -8.04 -34.97 21.87
CA PHE A 173 -7.31 -36.15 21.46
C PHE A 173 -7.43 -36.34 19.95
N HIS A 174 -8.65 -36.61 19.50
CA HIS A 174 -8.91 -36.79 18.08
C HIS A 174 -8.32 -35.64 17.26
N THR A 175 -8.33 -34.44 17.84
CA THR A 175 -7.80 -33.27 17.15
C THR A 175 -6.40 -33.52 16.59
N THR A 176 -5.43 -33.68 17.48
CA THR A 176 -4.05 -33.91 17.05
C THR A 176 -3.87 -35.29 16.44
N VAL A 177 -4.85 -36.16 16.61
CA VAL A 177 -4.77 -37.51 16.07
C VAL A 177 -5.39 -37.63 14.68
N ASN A 178 -6.57 -37.05 14.49
CA ASN A 178 -7.26 -37.13 13.21
C ASN A 178 -6.49 -36.41 12.10
N PHE A 179 -6.46 -35.09 12.16
CA PHE A 179 -5.76 -34.29 11.16
C PHE A 179 -4.54 -35.03 10.62
N ILE A 180 -3.89 -35.82 11.47
CA ILE A 180 -2.72 -36.58 11.08
C ILE A 180 -3.10 -37.82 10.30
N ASN A 181 -3.81 -38.74 10.96
CA ASN A 181 -4.22 -39.98 10.33
C ASN A 181 -4.83 -39.73 8.95
N GLN A 182 -5.34 -38.52 8.75
CA GLN A 182 -5.93 -38.15 7.47
C GLN A 182 -4.91 -38.29 6.34
N ASN A 183 -3.67 -37.92 6.62
CA ASN A 183 -2.59 -37.99 5.63
C ASN A 183 -1.21 -37.90 6.30
N LEU A 184 -1.13 -37.13 7.37
CA LEU A 184 0.13 -36.94 8.08
C LEU A 184 0.30 -37.93 9.23
N ARG A 185 -0.55 -38.95 9.25
CA ARG A 185 -0.52 -39.98 10.29
C ARG A 185 0.91 -40.24 10.77
N THR A 186 1.78 -40.59 9.85
CA THR A 186 3.18 -40.88 10.16
C THR A 186 3.81 -39.83 11.08
N TYR A 187 3.23 -38.63 11.12
CA TYR A 187 3.77 -37.57 11.97
C TYR A 187 3.63 -37.90 13.45
N VAL A 188 2.40 -38.19 13.87
CA VAL A 188 2.15 -38.51 15.27
C VAL A 188 3.24 -39.42 15.83
N ARG A 189 3.57 -40.46 15.07
CA ARG A 189 4.61 -41.38 15.49
C ARG A 189 5.79 -40.59 16.03
N SER A 190 6.01 -39.43 15.41
CA SER A 190 7.08 -38.53 15.81
C SER A 190 6.71 -37.85 17.12
N LEU A 191 5.45 -37.46 17.25
CA LEU A 191 4.98 -36.82 18.47
C LEU A 191 5.55 -37.52 19.69
N ALA A 192 5.57 -38.85 19.62
CA ALA A 192 6.09 -39.67 20.71
C ALA A 192 7.59 -39.90 20.56
N ARG A 193 8.05 -39.96 19.32
CA ARG A 193 9.45 -40.19 19.03
C ARG A 193 10.32 -39.08 19.60
N ASN A 194 9.77 -37.86 19.63
CA ASN A 194 10.50 -36.71 20.16
C ASN A 194 9.64 -35.91 21.14
N GLY A 195 8.43 -36.39 21.38
CA GLY A 195 7.54 -35.69 22.29
C GLY A 195 6.98 -34.41 21.68
N MET A 196 7.34 -34.17 20.43
CA MET A 196 6.90 -32.97 19.70
C MET A 196 5.60 -32.42 20.27
N ASP A 197 4.63 -33.31 20.46
CA ASP A 197 3.34 -32.90 21.00
C ASP A 197 2.63 -31.95 20.05
N GLY A 1 -31.92 7.87 -0.85
CA GLY A 1 -31.96 6.69 0.05
C GLY A 1 -30.93 6.76 1.15
N SER A 2 -30.06 5.75 1.23
CA SER A 2 -29.02 5.70 2.24
C SER A 2 -27.98 4.65 1.90
N MET A 3 -26.76 5.09 1.64
CA MET A 3 -25.67 4.18 1.29
C MET A 3 -26.00 3.38 0.04
N ASP A 4 -26.40 4.09 -1.02
CA ASP A 4 -26.74 3.44 -2.28
C ASP A 4 -26.34 4.32 -3.46
N CYS A 5 -25.29 5.10 -3.28
CA CYS A 5 -24.81 5.99 -4.34
C CYS A 5 -23.74 5.31 -5.18
N GLU A 6 -23.47 5.85 -6.36
CA GLU A 6 -22.47 5.29 -7.25
C GLU A 6 -21.18 6.10 -7.21
N VAL A 7 -20.06 5.42 -7.05
CA VAL A 7 -18.76 6.07 -6.99
C VAL A 7 -18.19 6.31 -8.38
N ASN A 8 -18.65 5.52 -9.35
CA ASN A 8 -18.19 5.64 -10.72
C ASN A 8 -18.50 7.03 -11.28
N ASN A 9 -18.00 7.30 -12.48
CA ASN A 9 -18.22 8.59 -13.13
C ASN A 9 -18.18 9.72 -12.11
N GLY A 10 -16.97 10.21 -11.83
CA GLY A 10 -16.81 11.29 -10.88
C GLY A 10 -16.70 12.64 -11.56
N SER A 11 -15.51 13.25 -11.47
CA SER A 11 -15.28 14.55 -12.09
C SER A 11 -13.78 14.85 -12.17
N SER A 12 -13.20 15.22 -11.03
CA SER A 12 -11.78 15.54 -10.97
C SER A 12 -10.95 14.28 -10.66
N LEU A 13 -11.48 13.12 -11.04
CA LEU A 13 -10.80 11.86 -10.80
C LEU A 13 -10.57 11.13 -12.12
N ARG A 14 -9.83 11.75 -13.02
CA ARG A 14 -9.54 11.16 -14.32
C ARG A 14 -8.09 11.42 -14.74
N ASP A 15 -7.24 11.67 -13.74
CA ASP A 15 -5.82 11.93 -14.00
C ASP A 15 -4.98 10.68 -13.74
N GLU A 16 -5.26 9.62 -14.49
CA GLU A 16 -4.52 8.37 -14.35
C GLU A 16 -3.29 8.34 -15.26
N CYS A 17 -3.39 9.04 -16.38
CA CYS A 17 -2.29 9.11 -17.35
C CYS A 17 -0.95 9.16 -16.63
N ILE A 18 -0.95 9.74 -15.44
CA ILE A 18 0.26 9.87 -14.65
C ILE A 18 0.65 8.56 -13.97
N THR A 19 -0.31 7.93 -13.30
CA THR A 19 -0.05 6.67 -12.63
C THR A 19 0.68 5.71 -13.56
N ASN A 20 0.07 5.45 -14.72
CA ASN A 20 0.68 4.55 -15.70
C ASN A 20 2.06 5.07 -16.07
N LEU A 21 2.14 6.35 -16.42
CA LEU A 21 3.41 6.96 -16.75
C LEU A 21 4.43 6.64 -15.68
N LEU A 22 4.09 7.01 -14.45
CA LEU A 22 4.96 6.76 -13.32
C LEU A 22 5.70 5.43 -13.47
N VAL A 23 4.97 4.32 -13.38
CA VAL A 23 5.59 3.01 -13.51
C VAL A 23 6.53 2.96 -14.71
N PHE A 24 6.14 3.58 -15.82
CA PHE A 24 6.99 3.61 -17.00
C PHE A 24 8.36 4.11 -16.62
N GLY A 25 8.44 5.38 -16.28
CA GLY A 25 9.71 5.96 -15.88
C GLY A 25 10.33 5.21 -14.73
N PHE A 26 9.50 4.87 -13.75
CA PHE A 26 9.96 4.12 -12.59
C PHE A 26 10.65 2.83 -13.02
N LEU A 27 9.91 2.04 -13.78
CA LEU A 27 10.42 0.77 -14.27
C LEU A 27 11.41 0.98 -15.41
N GLN A 28 11.38 2.17 -16.00
CA GLN A 28 12.28 2.50 -17.09
C GLN A 28 13.72 2.60 -16.59
N SER A 29 13.93 3.42 -15.56
CA SER A 29 15.25 3.61 -14.99
C SER A 29 15.66 2.39 -14.18
N CYS A 30 14.68 1.67 -13.66
CA CYS A 30 14.95 0.47 -12.87
C CYS A 30 15.74 -0.55 -13.68
N SER A 31 15.72 -0.39 -15.01
CA SER A 31 16.44 -1.29 -15.90
C SER A 31 17.30 -0.52 -16.89
N ASP A 32 17.52 0.75 -16.60
CA ASP A 32 18.33 1.61 -17.46
C ASP A 32 18.00 1.38 -18.93
N ASN A 33 18.72 0.46 -19.57
CA ASN A 33 18.50 0.15 -20.97
C ASN A 33 18.49 -1.35 -21.21
N SER A 34 18.62 -1.75 -22.47
CA SER A 34 18.64 -3.17 -22.81
C SER A 34 17.25 -3.79 -22.61
N PHE A 35 16.23 -2.94 -22.64
CA PHE A 35 14.85 -3.40 -22.47
C PHE A 35 13.89 -2.27 -22.83
N ARG A 36 14.33 -1.43 -23.76
CA ARG A 36 13.55 -0.30 -24.22
C ARG A 36 12.32 -0.75 -25.02
N ARG A 37 12.56 -1.44 -26.13
CA ARG A 37 11.49 -1.92 -26.97
C ARG A 37 10.41 -2.57 -26.11
N GLU A 38 10.85 -3.13 -25.01
CA GLU A 38 9.95 -3.80 -24.07
C GLU A 38 8.95 -2.81 -23.50
N LEU A 39 9.46 -1.80 -22.81
CA LEU A 39 8.60 -0.78 -22.23
C LEU A 39 7.76 -0.09 -23.30
N ASP A 40 8.32 -0.03 -24.52
CA ASP A 40 7.64 0.59 -25.64
C ASP A 40 6.33 -0.14 -25.94
N ALA A 41 6.37 -1.46 -25.85
CA ALA A 41 5.19 -2.28 -26.10
C ALA A 41 4.27 -2.26 -24.89
N LEU A 42 4.83 -1.91 -23.73
CA LEU A 42 4.06 -1.84 -22.50
C LEU A 42 3.06 -0.69 -22.54
N GLY A 43 3.57 0.54 -22.52
CA GLY A 43 2.72 1.70 -22.57
C GLY A 43 1.89 1.77 -23.84
N HIS A 44 2.23 0.92 -24.80
CA HIS A 44 1.50 0.89 -26.08
C HIS A 44 0.09 0.36 -25.89
N GLU A 45 -0.23 -0.08 -24.67
CA GLU A 45 -1.56 -0.61 -24.37
C GLU A 45 -1.98 -0.23 -22.96
N LEU A 46 -1.04 -0.32 -22.03
CA LEU A 46 -1.30 0.01 -20.64
C LEU A 46 -2.27 1.18 -20.53
N PRO A 47 -1.99 2.29 -21.22
CA PRO A 47 -2.83 3.49 -21.20
C PRO A 47 -3.98 3.40 -22.20
N VAL A 48 -4.45 2.19 -22.45
CA VAL A 48 -5.56 1.98 -23.39
C VAL A 48 -6.82 1.52 -22.66
N LEU A 49 -7.69 2.47 -22.36
CA LEU A 49 -8.94 2.17 -21.66
C LEU A 49 -10.02 3.20 -22.01
N ALA A 50 -9.67 4.48 -21.86
CA ALA A 50 -10.60 5.55 -22.16
C ALA A 50 -11.18 5.43 -23.56
N PRO A 51 -12.37 6.01 -23.79
CA PRO A 51 -13.04 5.95 -25.09
C PRO A 51 -12.14 6.42 -26.22
N GLN A 52 -11.21 7.33 -25.90
CA GLN A 52 -10.29 7.86 -26.89
C GLN A 52 -9.84 6.77 -27.87
N TRP A 53 -10.00 7.05 -29.16
CA TRP A 53 -9.62 6.10 -30.20
C TRP A 53 -8.98 6.80 -31.39
N GLU A 54 -9.53 7.96 -31.75
CA GLU A 54 -9.02 8.73 -32.87
C GLU A 54 -8.83 7.85 -34.10
N GLY A 55 -9.94 7.36 -34.64
CA GLY A 55 -9.88 6.51 -35.82
C GLY A 55 -10.40 7.18 -37.06
N TYR A 56 -11.24 8.20 -36.87
CA TYR A 56 -11.81 8.94 -37.99
C TYR A 56 -10.72 9.49 -38.90
N ASP A 57 -9.97 10.47 -38.40
CA ASP A 57 -8.89 11.09 -39.16
C ASP A 57 -7.61 10.29 -39.02
N GLU A 58 -6.49 10.92 -39.40
CA GLU A 58 -5.18 10.28 -39.31
C GLU A 58 -4.07 11.31 -39.25
N LEU A 59 -4.22 12.37 -40.01
CA LEU A 59 -3.24 13.44 -40.04
C LEU A 59 -3.49 14.44 -38.91
N GLN A 60 -3.09 15.68 -39.14
CA GLN A 60 -3.26 16.73 -38.14
C GLN A 60 -4.19 17.82 -38.65
N THR A 61 -4.52 18.77 -37.78
CA THR A 61 -5.39 19.88 -38.15
C THR A 61 -4.84 21.21 -37.64
N ASP A 62 -3.61 21.18 -37.16
CA ASP A 62 -2.96 22.38 -36.64
C ASP A 62 -2.58 23.32 -37.78
N GLY A 63 -2.85 24.61 -37.59
CA GLY A 63 -2.53 25.58 -38.61
C GLY A 63 -1.86 26.82 -38.06
N ASN A 64 -2.10 27.97 -38.69
CA ASN A 64 -1.51 29.23 -38.26
C ASN A 64 -1.93 30.37 -39.18
N ARG A 65 -1.79 31.60 -38.68
CA ARG A 65 -2.15 32.77 -39.45
C ARG A 65 -1.62 34.04 -38.79
N SER A 66 -2.24 34.42 -37.67
CA SER A 66 -1.83 35.62 -36.94
C SER A 66 -0.46 35.42 -36.29
N SER A 67 0.08 36.49 -35.73
CA SER A 67 1.38 36.44 -35.08
C SER A 67 1.36 35.47 -33.90
N HIS A 68 1.40 34.17 -34.21
CA HIS A 68 1.39 33.13 -33.19
C HIS A 68 2.78 32.93 -32.61
N SER A 69 2.87 32.08 -31.58
CA SER A 69 4.15 31.80 -30.93
C SER A 69 4.66 33.03 -30.19
N ARG A 70 3.99 33.39 -29.10
CA ARG A 70 4.38 34.54 -28.31
C ARG A 70 3.84 34.45 -26.90
N LEU A 71 4.39 35.26 -26.00
CA LEU A 71 3.95 35.27 -24.60
C LEU A 71 4.40 34.01 -23.88
N GLY A 72 5.69 33.71 -23.96
CA GLY A 72 6.21 32.53 -23.30
C GLY A 72 6.87 31.56 -24.26
N ARG A 73 7.89 32.05 -24.98
CA ARG A 73 8.62 31.22 -25.94
C ARG A 73 9.96 30.81 -25.37
N ILE A 74 10.08 30.89 -24.06
CA ILE A 74 11.31 30.53 -23.37
C ILE A 74 11.49 29.02 -23.28
N GLU A 75 10.43 28.30 -23.61
CA GLU A 75 10.46 26.84 -23.57
C GLU A 75 10.64 26.33 -22.14
N ALA A 76 11.78 26.66 -21.56
CA ALA A 76 12.08 26.26 -20.19
C ALA A 76 11.71 24.79 -19.97
N ASP A 77 11.44 24.44 -18.72
CA ASP A 77 11.08 23.07 -18.37
C ASP A 77 9.58 22.82 -18.56
N SER A 78 8.94 23.71 -19.31
CA SER A 78 7.50 23.59 -19.57
C SER A 78 7.26 22.76 -20.82
N GLU A 79 7.89 21.59 -20.89
CA GLU A 79 7.74 20.69 -22.03
C GLU A 79 6.41 19.96 -21.97
N SER A 80 6.14 19.30 -20.84
CA SER A 80 4.90 18.55 -20.67
C SER A 80 4.84 17.91 -19.29
N GLN A 81 3.64 17.82 -18.74
CA GLN A 81 3.43 17.23 -17.42
C GLN A 81 4.03 15.82 -17.37
N GLU A 82 3.86 15.07 -18.45
CA GLU A 82 4.38 13.71 -18.53
C GLU A 82 5.90 13.73 -18.58
N ASP A 83 6.45 14.87 -18.96
CA ASP A 83 7.90 15.01 -19.04
C ASP A 83 8.52 15.09 -17.65
N ILE A 84 7.96 15.97 -16.82
CA ILE A 84 8.43 16.13 -15.46
C ILE A 84 8.23 14.86 -14.65
N ILE A 85 6.99 14.37 -14.63
CA ILE A 85 6.67 13.15 -13.90
C ILE A 85 7.58 12.00 -14.30
N ARG A 86 7.90 11.93 -15.58
CA ARG A 86 8.78 10.88 -16.09
C ARG A 86 10.24 11.15 -15.69
N ASN A 87 10.70 12.36 -15.98
CA ASN A 87 12.07 12.74 -15.65
C ASN A 87 12.30 12.61 -14.16
N ILE A 88 11.26 12.87 -13.38
CA ILE A 88 11.32 12.78 -11.93
C ILE A 88 11.43 11.31 -11.50
N ALA A 89 10.52 10.50 -12.02
CA ALA A 89 10.50 9.08 -11.70
C ALA A 89 11.83 8.41 -12.05
N ARG A 90 12.33 8.70 -13.26
CA ARG A 90 13.59 8.11 -13.71
C ARG A 90 14.72 8.51 -12.78
N HIS A 91 14.83 9.80 -12.52
CA HIS A 91 15.87 10.33 -11.65
C HIS A 91 15.88 9.58 -10.32
N LEU A 92 14.80 9.72 -9.56
CA LEU A 92 14.68 9.06 -8.28
C LEU A 92 14.78 7.54 -8.44
N ALA A 93 14.07 7.02 -9.42
CA ALA A 93 14.08 5.59 -9.69
C ALA A 93 15.50 5.11 -9.96
N GLN A 94 16.32 6.01 -10.51
CA GLN A 94 17.71 5.70 -10.82
C GLN A 94 18.51 5.54 -9.53
N VAL A 95 18.29 6.44 -8.58
CA VAL A 95 18.99 6.39 -7.31
C VAL A 95 18.61 5.14 -6.52
N GLY A 96 17.31 4.88 -6.40
CA GLY A 96 16.84 3.71 -5.68
C GLY A 96 17.43 2.43 -6.23
N ASP A 97 17.16 2.16 -7.51
CA ASP A 97 17.68 0.97 -8.16
C ASP A 97 19.20 0.96 -8.13
N SER A 98 19.79 2.14 -8.11
CA SER A 98 21.25 2.26 -8.08
C SER A 98 21.82 1.56 -6.86
N MET A 99 21.19 1.78 -5.71
CA MET A 99 21.64 1.16 -4.47
C MET A 99 21.17 -0.29 -4.37
N ASP A 100 20.02 -0.57 -5.00
CA ASP A 100 19.47 -1.91 -4.98
C ASP A 100 20.12 -2.80 -6.05
N ARG A 101 20.84 -2.16 -6.97
CA ARG A 101 21.51 -2.88 -8.04
C ARG A 101 22.34 -4.03 -7.48
N SER A 102 22.70 -3.93 -6.20
CA SER A 102 23.50 -4.96 -5.55
C SER A 102 22.61 -6.05 -4.97
N ILE A 103 21.61 -6.47 -5.75
CA ILE A 103 20.69 -7.51 -5.32
C ILE A 103 21.41 -8.58 -4.49
N PRO A 104 20.97 -8.79 -3.24
CA PRO A 104 21.56 -9.77 -2.34
C PRO A 104 21.63 -11.17 -2.97
N PRO A 105 21.96 -12.18 -2.16
CA PRO A 105 22.06 -13.57 -2.64
C PRO A 105 20.81 -13.99 -3.40
N GLY A 106 19.71 -13.26 -3.20
CA GLY A 106 18.48 -13.59 -3.88
C GLY A 106 17.28 -12.93 -3.23
N LEU A 107 17.24 -11.61 -3.22
CA LEU A 107 16.12 -10.87 -2.63
C LEU A 107 15.01 -10.71 -3.64
N VAL A 108 15.24 -9.90 -4.66
CA VAL A 108 14.26 -9.68 -5.70
C VAL A 108 13.63 -11.00 -6.10
N ASN A 109 14.46 -12.02 -6.22
CA ASN A 109 14.01 -13.33 -6.62
C ASN A 109 12.63 -13.62 -6.03
N GLY A 110 12.51 -13.55 -4.71
CA GLY A 110 11.24 -13.79 -4.06
C GLY A 110 10.14 -12.92 -4.62
N LEU A 111 10.32 -11.60 -4.51
CA LEU A 111 9.35 -10.67 -5.04
C LEU A 111 9.10 -10.99 -6.49
N ALA A 112 10.15 -11.49 -7.14
CA ALA A 112 10.06 -11.89 -8.53
C ALA A 112 9.31 -13.20 -8.63
N LEU A 113 9.40 -14.00 -7.57
CA LEU A 113 8.70 -15.28 -7.52
C LEU A 113 7.21 -15.04 -7.40
N GLN A 114 6.86 -14.01 -6.63
CA GLN A 114 5.47 -13.66 -6.41
C GLN A 114 4.87 -13.06 -7.68
N LEU A 115 5.52 -12.01 -8.19
CA LEU A 115 5.06 -11.35 -9.41
C LEU A 115 5.01 -12.35 -10.56
N ARG A 116 6.10 -13.08 -10.75
CA ARG A 116 6.19 -14.08 -11.82
C ARG A 116 4.82 -14.59 -12.25
N ASN A 117 3.98 -14.88 -11.26
CA ASN A 117 2.62 -15.38 -11.50
C ASN A 117 2.10 -14.93 -12.85
N THR A 118 2.30 -15.78 -13.85
CA THR A 118 1.87 -15.52 -15.22
C THR A 118 0.66 -14.59 -15.29
N SER A 119 -0.52 -15.15 -15.55
CA SER A 119 -1.75 -14.35 -15.67
C SER A 119 -2.35 -14.05 -14.31
N ARG A 120 -1.87 -14.72 -13.28
CA ARG A 120 -2.36 -14.50 -11.93
C ARG A 120 -1.84 -13.18 -11.39
N SER A 121 -0.62 -12.85 -11.81
CA SER A 121 0.05 -11.62 -11.40
C SER A 121 -0.92 -10.54 -10.93
N GLU A 122 -1.53 -9.83 -11.86
CA GLU A 122 -2.46 -8.75 -11.52
C GLU A 122 -3.13 -9.01 -10.17
N GLU A 123 -3.62 -10.23 -9.99
CA GLU A 123 -4.28 -10.62 -8.74
C GLU A 123 -3.25 -11.20 -7.77
N ASP A 124 -2.58 -12.25 -8.22
CA ASP A 124 -1.56 -12.90 -7.42
C ASP A 124 -0.62 -11.86 -6.83
N ARG A 125 -0.27 -10.87 -7.64
CA ARG A 125 0.61 -9.80 -7.19
C ARG A 125 -0.14 -8.86 -6.26
N ASN A 126 -1.40 -8.60 -6.57
CA ASN A 126 -2.21 -7.72 -5.74
C ASN A 126 -2.34 -8.28 -4.34
N ARG A 127 -2.86 -9.49 -4.22
CA ARG A 127 -3.01 -10.12 -2.93
C ARG A 127 -1.64 -10.47 -2.35
N ASP A 128 -0.63 -10.41 -3.20
CA ASP A 128 0.73 -10.72 -2.78
C ASP A 128 1.31 -9.57 -1.97
N LEU A 129 1.43 -8.41 -2.61
CA LEU A 129 1.96 -7.23 -1.95
C LEU A 129 1.02 -6.81 -0.83
N ALA A 130 -0.26 -6.73 -1.15
CA ALA A 130 -1.27 -6.36 -0.16
C ALA A 130 -1.10 -7.21 1.09
N THR A 131 -0.76 -8.48 0.90
CA THR A 131 -0.55 -9.39 2.01
C THR A 131 0.81 -9.14 2.67
N ALA A 132 1.84 -8.98 1.84
CA ALA A 132 3.18 -8.72 2.35
C ALA A 132 3.21 -7.37 3.04
N LEU A 133 2.41 -6.46 2.52
CA LEU A 133 2.31 -5.12 3.07
C LEU A 133 1.69 -5.14 4.45
N GLU A 134 0.40 -5.45 4.49
CA GLU A 134 -0.33 -5.53 5.74
C GLU A 134 0.48 -6.30 6.77
N GLN A 135 1.36 -7.18 6.28
CA GLN A 135 2.20 -7.98 7.15
C GLN A 135 3.22 -7.09 7.85
N LEU A 136 4.19 -6.59 7.08
CA LEU A 136 5.22 -5.71 7.64
C LEU A 136 4.57 -4.56 8.38
N LEU A 137 3.39 -4.14 7.89
CA LEU A 137 2.65 -3.04 8.50
C LEU A 137 1.94 -3.51 9.76
N GLN A 138 1.56 -4.79 9.77
CA GLN A 138 0.88 -5.38 10.91
C GLN A 138 1.67 -5.21 12.19
N ALA A 139 2.94 -4.87 12.06
CA ALA A 139 3.81 -4.67 13.21
C ALA A 139 4.23 -3.20 13.30
N TYR A 140 4.02 -2.48 12.22
CA TYR A 140 4.37 -1.07 12.16
C TYR A 140 3.13 -0.20 11.95
N PRO A 141 2.08 -0.44 12.76
CA PRO A 141 0.84 0.34 12.67
C PRO A 141 1.08 1.83 12.85
N ARG A 142 0.58 2.62 11.90
CA ARG A 142 0.73 4.06 11.94
C ARG A 142 -0.61 4.76 12.08
N ASP A 143 -1.66 4.13 11.56
CA ASP A 143 -3.00 4.69 11.62
C ASP A 143 -3.11 5.93 10.74
N MET A 144 -2.25 6.89 10.98
CA MET A 144 -2.24 8.13 10.22
C MET A 144 -2.35 7.84 8.72
N GLU A 145 -1.32 7.21 8.17
CA GLU A 145 -1.32 6.87 6.75
C GLU A 145 -0.26 5.81 6.45
N LYS A 146 -0.67 4.77 5.74
CA LYS A 146 0.24 3.69 5.39
C LYS A 146 0.90 3.97 4.04
N GLU A 147 0.24 4.81 3.25
CA GLU A 147 0.73 5.18 1.92
C GLU A 147 2.25 5.10 1.82
N LYS A 148 2.94 6.08 2.37
CA LYS A 148 4.39 6.13 2.33
C LYS A 148 5.02 4.76 2.64
N THR A 149 5.08 4.43 3.91
CA THR A 149 5.68 3.16 4.35
C THR A 149 5.13 1.97 3.55
N MET A 150 3.81 1.91 3.40
CA MET A 150 3.18 0.83 2.67
C MET A 150 3.60 0.83 1.22
N LEU A 151 3.42 1.96 0.56
CA LEU A 151 3.78 2.11 -0.85
C LEU A 151 5.28 1.95 -1.05
N VAL A 152 6.05 2.82 -0.38
CA VAL A 152 7.50 2.76 -0.51
C VAL A 152 7.97 1.31 -0.50
N LEU A 153 7.44 0.53 0.43
CA LEU A 153 7.78 -0.87 0.54
C LEU A 153 7.23 -1.64 -0.65
N ALA A 154 5.94 -1.98 -0.56
CA ALA A 154 5.27 -2.72 -1.62
C ALA A 154 5.73 -2.25 -3.00
N LEU A 155 5.58 -0.96 -3.27
CA LEU A 155 5.98 -0.41 -4.56
C LEU A 155 7.40 -0.84 -4.92
N LEU A 156 8.34 -0.62 -4.01
CA LEU A 156 9.73 -0.99 -4.24
C LEU A 156 9.83 -2.48 -4.57
N LEU A 157 8.97 -3.27 -3.94
CA LEU A 157 8.94 -4.71 -4.16
C LEU A 157 8.76 -5.03 -5.64
N ALA A 158 7.69 -4.53 -6.21
CA ALA A 158 7.40 -4.75 -7.63
C ALA A 158 8.54 -4.24 -8.49
N LYS A 159 8.68 -2.92 -8.58
CA LYS A 159 9.75 -2.32 -9.36
C LYS A 159 11.06 -3.06 -9.14
N LYS A 160 11.20 -3.69 -7.98
CA LYS A 160 12.42 -4.44 -7.66
C LYS A 160 12.58 -5.65 -8.55
N VAL A 161 11.70 -6.65 -8.39
CA VAL A 161 11.79 -7.87 -9.19
C VAL A 161 12.17 -7.52 -10.63
N ALA A 162 11.48 -6.53 -11.19
CA ALA A 162 11.75 -6.10 -12.56
C ALA A 162 13.25 -5.91 -12.78
N SER A 163 13.94 -5.44 -11.74
CA SER A 163 15.37 -5.21 -11.81
C SER A 163 16.09 -6.53 -12.09
N HIS A 164 15.44 -7.63 -11.73
CA HIS A 164 16.02 -8.95 -11.94
C HIS A 164 15.23 -9.71 -13.01
N THR A 165 13.91 -9.52 -13.00
CA THR A 165 13.04 -10.18 -13.97
C THR A 165 12.40 -9.15 -14.91
N PRO A 166 13.01 -8.93 -16.09
CA PRO A 166 12.52 -7.97 -17.07
C PRO A 166 11.36 -8.53 -17.90
N SER A 167 10.93 -9.74 -17.57
CA SER A 167 9.83 -10.37 -18.28
C SER A 167 8.50 -10.12 -17.57
N LEU A 168 8.53 -9.28 -16.55
CA LEU A 168 7.34 -8.97 -15.78
C LEU A 168 7.03 -7.47 -15.82
N LEU A 169 7.81 -6.74 -16.62
CA LEU A 169 7.64 -5.29 -16.75
C LEU A 169 6.17 -4.90 -16.62
N ARG A 170 5.42 -5.05 -17.70
CA ARG A 170 4.01 -4.71 -17.70
C ARG A 170 3.37 -5.13 -16.38
N ASP A 171 3.66 -6.37 -15.98
CA ASP A 171 3.13 -6.90 -14.72
C ASP A 171 3.57 -6.02 -13.55
N VAL A 172 4.87 -5.71 -13.51
CA VAL A 172 5.41 -4.88 -12.45
C VAL A 172 4.77 -3.49 -12.47
N PHE A 173 4.73 -2.90 -13.67
CA PHE A 173 4.14 -1.59 -13.84
C PHE A 173 2.85 -1.49 -13.04
N HIS A 174 1.82 -2.18 -13.51
CA HIS A 174 0.54 -2.18 -12.84
C HIS A 174 0.71 -2.47 -11.36
N THR A 175 1.59 -3.41 -11.03
CA THR A 175 1.82 -3.77 -9.64
C THR A 175 1.76 -2.55 -8.72
N THR A 176 2.60 -1.55 -9.01
CA THR A 176 2.64 -0.33 -8.20
C THR A 176 1.47 0.60 -8.49
N VAL A 177 0.95 0.55 -9.71
CA VAL A 177 -0.16 1.43 -10.09
C VAL A 177 -1.54 0.81 -9.85
N ASN A 178 -1.58 -0.49 -9.57
CA ASN A 178 -2.85 -1.18 -9.34
C ASN A 178 -3.22 -1.16 -7.86
N PHE A 179 -2.53 -1.98 -7.07
CA PHE A 179 -2.79 -2.04 -5.63
C PHE A 179 -3.14 -0.66 -5.09
N ILE A 180 -2.57 0.36 -5.70
CA ILE A 180 -2.82 1.74 -5.31
C ILE A 180 -4.17 2.22 -5.83
N ASN A 181 -4.28 2.28 -7.16
CA ASN A 181 -5.51 2.72 -7.80
C ASN A 181 -6.74 2.26 -7.04
N GLN A 182 -6.62 1.12 -6.38
CA GLN A 182 -7.74 0.57 -5.61
C GLN A 182 -8.29 1.60 -4.62
N ASN A 183 -7.42 2.12 -3.78
CA ASN A 183 -7.82 3.10 -2.78
C ASN A 183 -6.72 4.15 -2.55
N LEU A 184 -5.47 3.71 -2.57
CA LEU A 184 -4.33 4.61 -2.35
C LEU A 184 -3.96 5.38 -3.61
N ARG A 185 -4.84 5.29 -4.62
CA ARG A 185 -4.61 5.96 -5.90
C ARG A 185 -3.80 7.25 -5.74
N THR A 186 -4.47 8.29 -5.25
CA THR A 186 -3.85 9.60 -5.05
C THR A 186 -2.37 9.50 -4.68
N TYR A 187 -1.99 8.43 -4.00
CA TYR A 187 -0.60 8.26 -3.58
C TYR A 187 0.38 8.29 -4.74
N VAL A 188 0.16 7.45 -5.75
CA VAL A 188 1.05 7.40 -6.90
C VAL A 188 1.44 8.81 -7.34
N ARG A 189 0.45 9.68 -7.46
CA ARG A 189 0.71 11.04 -7.85
C ARG A 189 1.92 11.55 -7.10
N SER A 190 2.09 11.05 -5.89
CA SER A 190 3.21 11.41 -5.04
C SER A 190 4.47 10.69 -5.52
N LEU A 191 4.32 9.40 -5.85
CA LEU A 191 5.45 8.62 -6.33
C LEU A 191 6.29 9.47 -7.27
N ALA A 192 5.61 10.26 -8.09
CA ALA A 192 6.29 11.14 -9.04
C ALA A 192 6.59 12.50 -8.40
N ARG A 193 5.68 12.97 -7.58
CA ARG A 193 5.84 14.25 -6.90
C ARG A 193 7.08 14.22 -6.00
N ASN A 194 7.47 13.02 -5.59
CA ASN A 194 8.64 12.84 -4.73
C ASN A 194 9.57 11.77 -5.27
N GLY A 195 9.19 11.18 -6.41
CA GLY A 195 10.02 10.15 -6.99
C GLY A 195 10.13 8.91 -6.13
N MET A 196 9.31 8.88 -5.09
CA MET A 196 9.29 7.76 -4.15
C MET A 196 9.66 6.45 -4.82
N ASP A 197 9.17 6.25 -6.04
CA ASP A 197 9.45 5.03 -6.79
C ASP A 197 10.56 5.28 -7.81
N GLY A 1 8.49 36.54 16.67
CA GLY A 1 9.92 36.18 16.51
C GLY A 1 10.20 34.73 16.87
N SER A 2 11.37 34.23 16.47
CA SER A 2 11.76 32.86 16.76
C SER A 2 11.14 31.90 15.75
N MET A 3 9.81 31.91 15.67
CA MET A 3 9.09 31.04 14.75
C MET A 3 8.25 31.85 13.78
N ASP A 4 8.71 33.07 13.48
CA ASP A 4 8.01 33.95 12.55
C ASP A 4 7.90 33.31 11.16
N CYS A 5 6.67 33.10 10.71
CA CYS A 5 6.43 32.51 9.40
C CYS A 5 4.94 32.27 9.18
N GLU A 6 4.27 33.27 8.64
CA GLU A 6 2.83 33.18 8.37
C GLU A 6 2.41 34.18 7.31
N VAL A 7 2.62 33.82 6.05
CA VAL A 7 2.25 34.71 4.93
C VAL A 7 2.03 33.90 3.66
N ASN A 8 0.79 33.47 3.44
CA ASN A 8 0.44 32.70 2.25
C ASN A 8 -1.04 32.82 1.92
N ASN A 9 -1.88 32.31 2.82
CA ASN A 9 -3.32 32.38 2.63
C ASN A 9 -4.05 31.64 3.75
N GLY A 10 -5.09 32.26 4.28
CA GLY A 10 -5.85 31.63 5.35
C GLY A 10 -7.24 32.21 5.51
N SER A 11 -7.32 33.51 5.77
CA SER A 11 -8.60 34.18 5.95
C SER A 11 -8.80 35.30 4.93
N SER A 12 -9.98 35.91 4.96
CA SER A 12 -10.31 37.00 4.04
C SER A 12 -10.73 38.25 4.82
N LEU A 13 -10.22 38.37 6.03
CA LEU A 13 -10.54 39.52 6.88
C LEU A 13 -9.30 40.38 7.13
N ARG A 14 -9.01 41.28 6.20
CA ARG A 14 -7.86 42.16 6.31
C ARG A 14 -8.14 43.54 5.74
N ASP A 15 -7.22 44.47 5.96
CA ASP A 15 -7.38 45.84 5.46
C ASP A 15 -6.03 46.52 5.31
N GLU A 16 -5.04 45.78 4.81
CA GLU A 16 -3.71 46.32 4.61
C GLU A 16 -3.68 47.34 3.48
N CYS A 17 -4.52 47.13 2.46
CA CYS A 17 -4.59 48.03 1.31
C CYS A 17 -4.39 49.48 1.76
N ILE A 18 -4.81 49.78 2.98
CA ILE A 18 -4.70 51.12 3.52
C ILE A 18 -3.28 51.44 4.00
N THR A 19 -2.70 50.52 4.75
CA THR A 19 -1.35 50.71 5.25
C THR A 19 -0.42 51.11 4.11
N ASN A 20 -0.41 50.29 3.06
CA ASN A 20 0.43 50.58 1.90
C ASN A 20 0.02 51.90 1.30
N LEU A 21 -1.28 52.09 1.13
CA LEU A 21 -1.82 53.33 0.59
C LEU A 21 -1.13 54.52 1.26
N LEU A 22 -1.16 54.50 2.58
CA LEU A 22 -0.54 55.57 3.36
C LEU A 22 0.87 55.82 2.86
N VAL A 23 1.80 54.92 3.20
CA VAL A 23 3.19 55.07 2.79
C VAL A 23 3.29 55.70 1.41
N PHE A 24 2.51 55.22 0.46
CA PHE A 24 2.54 55.79 -0.88
C PHE A 24 2.42 57.30 -0.79
N GLY A 25 1.22 57.77 -0.51
CA GLY A 25 0.99 59.18 -0.37
C GLY A 25 1.85 59.78 0.72
N PHE A 26 1.96 59.06 1.82
CA PHE A 26 2.76 59.47 2.97
C PHE A 26 4.20 59.76 2.54
N LEU A 27 4.84 58.75 1.96
CA LEU A 27 6.21 58.90 1.50
C LEU A 27 6.26 59.74 0.23
N GLN A 28 5.09 59.92 -0.40
CA GLN A 28 5.00 60.71 -1.62
C GLN A 28 5.38 62.16 -1.33
N SER A 29 4.75 62.73 -0.31
CA SER A 29 5.01 64.10 0.09
C SER A 29 6.36 64.19 0.80
N CYS A 30 6.73 63.12 1.50
CA CYS A 30 7.99 63.07 2.21
C CYS A 30 9.12 63.62 1.34
N SER A 31 9.16 63.19 0.08
CA SER A 31 10.18 63.64 -0.85
C SER A 31 9.58 64.47 -1.97
N ASP A 32 8.34 64.90 -1.78
CA ASP A 32 7.65 65.70 -2.79
C ASP A 32 7.98 65.21 -4.19
N ASN A 33 7.74 66.07 -5.18
CA ASN A 33 8.00 65.73 -6.57
C ASN A 33 9.50 65.51 -6.80
N SER A 34 9.87 65.27 -8.05
CA SER A 34 11.27 65.05 -8.40
C SER A 34 11.71 63.64 -7.99
N PHE A 35 10.75 62.73 -7.89
CA PHE A 35 11.03 61.35 -7.50
C PHE A 35 9.81 60.49 -7.71
N ARG A 36 9.00 60.89 -8.68
CA ARG A 36 7.78 60.17 -9.00
C ARG A 36 8.08 58.79 -9.56
N ARG A 37 8.82 58.74 -10.66
CA ARG A 37 9.19 57.50 -11.29
C ARG A 37 9.54 56.47 -10.23
N GLU A 38 10.11 56.96 -9.15
CA GLU A 38 10.51 56.12 -8.04
C GLU A 38 9.30 55.36 -7.47
N LEU A 39 8.41 56.09 -6.82
CA LEU A 39 7.21 55.50 -6.24
C LEU A 39 6.50 54.65 -7.30
N ASP A 40 6.64 55.05 -8.55
CA ASP A 40 6.02 54.34 -9.66
C ASP A 40 6.51 52.89 -9.68
N ALA A 41 7.82 52.71 -9.53
CA ALA A 41 8.41 51.38 -9.52
C ALA A 41 7.98 50.61 -8.28
N LEU A 42 7.80 51.33 -7.17
CA LEU A 42 7.38 50.73 -5.91
C LEU A 42 6.06 49.98 -6.08
N GLY A 43 5.00 50.72 -6.38
CA GLY A 43 3.71 50.11 -6.57
C GLY A 43 3.64 49.20 -7.78
N HIS A 44 4.51 49.45 -8.75
CA HIS A 44 4.54 48.64 -9.97
C HIS A 44 4.46 47.15 -9.62
N GLU A 45 4.94 46.80 -8.44
CA GLU A 45 4.91 45.41 -7.99
C GLU A 45 4.19 45.30 -6.65
N LEU A 46 4.38 46.30 -5.81
CA LEU A 46 3.75 46.33 -4.49
C LEU A 46 2.37 45.69 -4.52
N PRO A 47 2.13 44.73 -3.62
CA PRO A 47 0.84 44.02 -3.54
C PRO A 47 -0.29 44.92 -3.06
N VAL A 48 -1.33 45.03 -3.88
CA VAL A 48 -2.48 45.86 -3.55
C VAL A 48 -3.75 45.29 -4.16
N LEU A 49 -4.67 46.14 -4.60
CA LEU A 49 -5.92 45.70 -5.19
C LEU A 49 -5.86 45.75 -6.72
N ALA A 50 -5.10 46.71 -7.24
CA ALA A 50 -4.96 46.86 -8.68
C ALA A 50 -3.59 46.38 -9.15
N PRO A 51 -3.52 45.15 -9.66
CA PRO A 51 -2.27 44.55 -10.15
C PRO A 51 -1.93 44.99 -11.57
N GLN A 52 -2.95 45.39 -12.32
CA GLN A 52 -2.76 45.83 -13.71
C GLN A 52 -3.41 47.19 -13.94
N TRP A 53 -2.65 48.25 -13.68
CA TRP A 53 -3.15 49.60 -13.86
C TRP A 53 -3.46 49.87 -15.34
N GLU A 54 -2.50 49.56 -16.19
CA GLU A 54 -2.66 49.75 -17.64
C GLU A 54 -3.23 51.12 -17.95
N GLY A 55 -2.37 52.01 -18.46
CA GLY A 55 -2.81 53.34 -18.82
C GLY A 55 -3.27 53.45 -20.25
N TYR A 56 -2.73 52.59 -21.11
CA TYR A 56 -3.09 52.59 -22.53
C TYR A 56 -4.60 52.52 -22.70
N ASP A 57 -5.21 51.48 -22.14
CA ASP A 57 -6.65 51.30 -22.22
C ASP A 57 -7.12 51.33 -23.68
N GLU A 58 -8.32 50.81 -23.92
CA GLU A 58 -8.88 50.77 -25.26
C GLU A 58 -10.23 51.48 -25.31
N LEU A 59 -10.78 51.78 -24.15
CA LEU A 59 -12.06 52.46 -24.05
C LEU A 59 -11.91 53.95 -24.35
N GLN A 60 -12.80 54.75 -23.78
CA GLN A 60 -12.78 56.19 -23.98
C GLN A 60 -11.43 56.78 -23.59
N THR A 61 -10.94 57.70 -24.41
CA THR A 61 -9.65 58.34 -24.15
C THR A 61 -9.85 59.79 -23.68
N ASP A 62 -11.09 60.12 -23.34
CA ASP A 62 -11.43 61.46 -22.87
C ASP A 62 -11.60 62.42 -24.05
N GLY A 63 -11.48 61.89 -25.27
CA GLY A 63 -11.63 62.72 -26.44
C GLY A 63 -10.98 64.08 -26.28
N ASN A 64 -9.70 64.17 -26.58
CA ASN A 64 -8.96 65.42 -26.46
C ASN A 64 -9.25 66.09 -25.12
N ARG A 65 -8.79 67.33 -24.97
CA ARG A 65 -8.99 68.08 -23.74
C ARG A 65 -9.83 69.33 -23.99
N SER A 66 -10.73 69.64 -23.06
CA SER A 66 -11.60 70.80 -23.18
C SER A 66 -10.87 72.06 -22.70
N SER A 67 -11.08 73.16 -23.42
CA SER A 67 -10.44 74.43 -23.06
C SER A 67 -11.49 75.52 -22.87
N HIS A 68 -12.40 75.63 -23.82
CA HIS A 68 -13.46 76.64 -23.75
C HIS A 68 -14.68 76.10 -23.01
N SER A 69 -14.47 75.04 -22.23
CA SER A 69 -15.55 74.43 -21.47
C SER A 69 -15.33 74.62 -19.97
N ARG A 70 -16.40 74.51 -19.20
CA ARG A 70 -16.32 74.67 -17.75
C ARG A 70 -15.56 73.52 -17.12
N LEU A 71 -15.47 73.51 -15.79
CA LEU A 71 -14.76 72.47 -15.07
C LEU A 71 -14.40 72.93 -13.66
N GLY A 72 -15.31 72.72 -12.71
CA GLY A 72 -15.07 73.11 -11.34
C GLY A 72 -15.48 72.05 -10.35
N ARG A 73 -15.37 70.79 -10.77
CA ARG A 73 -15.75 69.66 -9.91
C ARG A 73 -14.56 69.19 -9.09
N ILE A 74 -13.56 70.05 -8.99
CA ILE A 74 -12.35 69.74 -8.22
C ILE A 74 -12.67 69.57 -6.75
N GLU A 75 -13.87 69.95 -6.36
CA GLU A 75 -14.31 69.84 -4.97
C GLU A 75 -15.26 68.67 -4.78
N ALA A 76 -15.67 68.07 -5.88
CA ALA A 76 -16.58 66.93 -5.84
C ALA A 76 -15.92 65.70 -6.45
N ASP A 77 -14.62 65.55 -6.20
CA ASP A 77 -13.86 64.42 -6.72
C ASP A 77 -12.65 64.12 -5.85
N SER A 78 -12.67 64.63 -4.62
CA SER A 78 -11.58 64.42 -3.68
C SER A 78 -12.10 64.02 -2.32
N GLU A 79 -13.12 63.17 -2.31
CA GLU A 79 -13.71 62.70 -1.06
C GLU A 79 -13.51 61.21 -0.87
N SER A 80 -13.40 60.49 -1.99
CA SER A 80 -13.19 59.05 -1.96
C SER A 80 -12.22 58.67 -0.86
N GLN A 81 -12.50 57.56 -0.19
CA GLN A 81 -11.65 57.07 0.89
C GLN A 81 -10.17 57.15 0.50
N GLU A 82 -9.88 56.78 -0.75
CA GLU A 82 -8.52 56.80 -1.26
C GLU A 82 -8.05 58.23 -1.48
N ASP A 83 -9.00 59.11 -1.75
CA ASP A 83 -8.69 60.52 -1.98
C ASP A 83 -8.42 61.25 -0.67
N ILE A 84 -9.17 60.88 0.36
CA ILE A 84 -9.01 61.50 1.67
C ILE A 84 -7.70 61.08 2.32
N ILE A 85 -7.33 59.82 2.15
CA ILE A 85 -6.09 59.30 2.71
C ILE A 85 -4.87 59.81 1.95
N ARG A 86 -5.05 60.08 0.66
CA ARG A 86 -3.97 60.56 -0.17
C ARG A 86 -3.68 62.04 0.10
N ASN A 87 -4.74 62.85 0.13
CA ASN A 87 -4.59 64.28 0.38
C ASN A 87 -4.18 64.54 1.82
N ILE A 88 -4.46 63.58 2.70
CA ILE A 88 -4.12 63.71 4.11
C ILE A 88 -2.65 63.37 4.34
N ALA A 89 -2.21 62.25 3.79
CA ALA A 89 -0.82 61.83 3.94
C ALA A 89 0.12 62.77 3.22
N ARG A 90 -0.36 63.37 2.14
CA ARG A 90 0.44 64.31 1.36
C ARG A 90 0.48 65.68 2.02
N HIS A 91 -0.63 66.04 2.67
CA HIS A 91 -0.72 67.32 3.36
C HIS A 91 0.15 67.31 4.62
N LEU A 92 -0.19 66.43 5.55
CA LEU A 92 0.56 66.31 6.79
C LEU A 92 2.03 66.09 6.50
N ALA A 93 2.32 65.11 5.64
CA ALA A 93 3.69 64.81 5.27
C ALA A 93 4.37 66.05 4.71
N GLN A 94 3.57 66.91 4.08
CA GLN A 94 4.07 68.15 3.51
C GLN A 94 4.66 69.05 4.59
N VAL A 95 3.90 69.22 5.67
CA VAL A 95 4.34 70.04 6.78
C VAL A 95 5.54 69.41 7.49
N GLY A 96 5.43 68.11 7.77
CA GLY A 96 6.52 67.41 8.44
C GLY A 96 7.86 67.68 7.79
N ASP A 97 7.90 67.56 6.46
CA ASP A 97 9.13 67.80 5.72
C ASP A 97 9.50 69.28 5.73
N SER A 98 8.48 70.13 5.66
CA SER A 98 8.69 71.57 5.67
C SER A 98 9.54 71.99 6.87
N MET A 99 9.37 71.28 7.98
CA MET A 99 10.11 71.57 9.20
C MET A 99 11.47 70.86 9.19
N ASP A 100 11.47 69.62 8.71
CA ASP A 100 12.70 68.83 8.65
C ASP A 100 13.62 69.34 7.54
N ARG A 101 13.05 70.13 6.63
CA ARG A 101 13.82 70.68 5.51
C ARG A 101 15.18 71.19 5.99
N SER A 102 15.23 71.63 7.25
CA SER A 102 16.47 72.15 7.81
C SER A 102 17.34 71.03 8.37
N ILE A 103 17.52 69.98 7.58
CA ILE A 103 18.34 68.85 7.99
C ILE A 103 19.65 69.32 8.61
N PRO A 104 19.83 69.07 9.92
CA PRO A 104 21.04 69.47 10.64
C PRO A 104 22.31 69.03 9.92
N PRO A 105 23.46 69.08 10.60
CA PRO A 105 24.74 68.67 10.01
C PRO A 105 24.64 67.31 9.33
N GLY A 106 23.64 66.54 9.74
CA GLY A 106 23.44 65.21 9.16
C GLY A 106 22.63 64.31 10.05
N LEU A 107 21.34 64.63 10.20
CA LEU A 107 20.45 63.81 11.03
C LEU A 107 19.93 62.62 10.25
N VAL A 108 19.06 62.90 9.27
CA VAL A 108 18.51 61.84 8.44
C VAL A 108 19.59 60.87 8.02
N ASN A 109 20.75 61.42 7.68
CA ASN A 109 21.88 60.62 7.24
C ASN A 109 21.99 59.36 8.09
N GLY A 110 22.22 59.53 9.39
CA GLY A 110 22.34 58.40 10.28
C GLY A 110 21.27 57.37 10.03
N LEU A 111 20.01 57.78 10.18
CA LEU A 111 18.90 56.88 9.94
C LEU A 111 19.10 56.20 8.60
N ALA A 112 19.49 56.99 7.61
CA ALA A 112 19.74 56.47 6.28
C ALA A 112 20.97 55.56 6.31
N LEU A 113 21.86 55.81 7.28
CA LEU A 113 23.05 54.99 7.42
C LEU A 113 22.69 53.62 7.96
N GLN A 114 21.61 53.58 8.74
CA GLN A 114 21.13 52.34 9.33
C GLN A 114 20.13 51.64 8.39
N LEU A 115 19.16 52.41 7.91
CA LEU A 115 18.14 51.87 7.01
C LEU A 115 18.78 51.37 5.72
N ARG A 116 19.61 52.21 5.11
CA ARG A 116 20.30 51.87 3.86
C ARG A 116 20.43 50.37 3.67
N ASN A 117 21.02 49.71 4.66
CA ASN A 117 21.23 48.26 4.65
C ASN A 117 20.31 47.56 3.66
N THR A 118 20.71 47.53 2.40
CA THR A 118 19.93 46.90 1.35
C THR A 118 19.74 45.40 1.61
N SER A 119 18.50 44.95 1.57
CA SER A 119 18.18 43.54 1.79
C SER A 119 18.00 43.25 3.27
N ARG A 120 18.93 43.74 4.08
CA ARG A 120 18.87 43.53 5.53
C ARG A 120 17.80 44.40 6.15
N SER A 121 17.70 45.63 5.66
CA SER A 121 16.73 46.61 6.14
C SER A 121 15.53 45.95 6.79
N GLU A 122 14.77 45.19 6.04
CA GLU A 122 13.59 44.54 6.61
C GLU A 122 13.89 44.04 8.03
N GLU A 123 15.01 43.36 8.18
CA GLU A 123 15.42 42.85 9.48
C GLU A 123 16.28 43.87 10.21
N ASP A 124 17.37 44.26 9.57
CA ASP A 124 18.28 45.24 10.13
C ASP A 124 17.52 46.48 10.57
N ARG A 125 16.57 46.90 9.76
CA ARG A 125 15.75 48.07 10.06
C ARG A 125 14.79 47.76 11.20
N ASN A 126 14.13 46.61 11.10
CA ASN A 126 13.19 46.20 12.11
C ASN A 126 13.81 46.26 13.50
N ARG A 127 14.93 45.57 13.68
CA ARG A 127 15.61 45.57 14.96
C ARG A 127 16.28 46.92 15.20
N ASP A 128 16.38 47.70 14.13
CA ASP A 128 17.00 49.01 14.22
C ASP A 128 16.03 50.02 14.82
N LEU A 129 14.92 50.25 14.12
CA LEU A 129 13.91 51.17 14.59
C LEU A 129 13.31 50.70 15.90
N ALA A 130 12.93 49.42 15.93
CA ALA A 130 12.35 48.84 17.13
C ALA A 130 13.31 49.02 18.31
N THR A 131 14.61 48.85 18.04
CA THR A 131 15.61 49.01 19.08
C THR A 131 15.84 50.48 19.36
N ALA A 132 15.88 51.28 18.29
CA ALA A 132 16.08 52.72 18.43
C ALA A 132 14.90 53.35 19.15
N LEU A 133 13.72 52.81 18.87
CA LEU A 133 12.49 53.27 19.50
C LEU A 133 12.56 53.03 21.00
N GLU A 134 12.49 51.76 21.37
CA GLU A 134 12.55 51.37 22.78
C GLU A 134 13.65 52.12 23.50
N GLN A 135 14.65 52.56 22.74
CA GLN A 135 15.78 53.30 23.30
C GLN A 135 15.34 54.68 23.77
N LEU A 136 14.93 55.52 22.82
CA LEU A 136 14.48 56.87 23.15
C LEU A 136 13.26 56.82 24.06
N LEU A 137 12.43 55.79 23.88
CA LEU A 137 11.23 55.61 24.68
C LEU A 137 11.58 55.06 26.05
N GLN A 138 12.70 54.32 26.11
CA GLN A 138 13.16 53.73 27.35
C GLN A 138 13.24 54.76 28.47
N ALA A 139 13.27 56.04 28.08
CA ALA A 139 13.34 57.11 29.05
C ALA A 139 12.01 57.86 29.09
N TYR A 140 11.27 57.73 27.99
CA TYR A 140 9.98 58.38 27.86
C TYR A 140 8.85 57.42 28.24
N PRO A 141 8.17 57.69 29.36
CA PRO A 141 7.07 56.85 29.84
C PRO A 141 6.01 56.61 28.77
N ARG A 142 5.20 55.58 28.98
CA ARG A 142 4.15 55.23 28.03
C ARG A 142 2.99 56.21 28.13
N ASP A 143 2.71 56.67 29.34
CA ASP A 143 1.63 57.61 29.59
C ASP A 143 0.27 56.96 29.36
N MET A 144 0.07 56.42 28.17
CA MET A 144 -1.19 55.78 27.82
C MET A 144 -1.02 54.85 26.63
N GLU A 145 -0.29 55.31 25.61
CA GLU A 145 -0.05 54.53 24.41
C GLU A 145 1.27 54.94 23.76
N LYS A 146 1.96 53.97 23.19
CA LYS A 146 3.24 54.23 22.53
C LYS A 146 3.02 54.57 21.06
N GLU A 147 1.94 54.02 20.51
CA GLU A 147 1.58 54.23 19.12
C GLU A 147 2.11 55.54 18.56
N LYS A 148 1.39 56.62 18.84
CA LYS A 148 1.75 57.96 18.35
C LYS A 148 3.25 58.24 18.52
N THR A 149 3.66 58.54 19.74
CA THR A 149 5.06 58.87 20.02
C THR A 149 6.01 57.81 19.46
N MET A 150 5.69 56.54 19.66
CA MET A 150 6.53 55.45 19.19
C MET A 150 6.62 55.43 17.66
N LEU A 151 5.47 55.44 17.01
CA LEU A 151 5.42 55.41 15.55
C LEU A 151 5.83 56.76 14.98
N VAL A 152 5.20 57.83 15.45
CA VAL A 152 5.52 59.16 14.98
C VAL A 152 7.03 59.30 14.86
N LEU A 153 7.75 58.84 15.88
CA LEU A 153 9.20 58.91 15.88
C LEU A 153 9.77 57.93 14.86
N ALA A 154 9.85 56.67 15.26
CA ALA A 154 10.37 55.62 14.39
C ALA A 154 9.97 55.85 12.93
N LEU A 155 8.67 55.98 12.68
CA LEU A 155 8.18 56.22 11.33
C LEU A 155 8.87 57.42 10.70
N LEU A 156 8.89 58.53 11.44
CA LEU A 156 9.54 59.74 10.96
C LEU A 156 10.97 59.43 10.53
N LEU A 157 11.65 58.63 11.34
CA LEU A 157 13.01 58.22 11.06
C LEU A 157 13.15 57.74 9.63
N ALA A 158 12.36 56.74 9.28
CA ALA A 158 12.38 56.20 7.93
C ALA A 158 12.09 57.30 6.92
N LYS A 159 10.81 57.68 6.82
CA LYS A 159 10.40 58.74 5.90
C LYS A 159 11.47 59.82 5.83
N LYS A 160 12.15 60.07 6.94
CA LYS A 160 13.19 61.08 7.00
C LYS A 160 14.31 60.79 6.00
N VAL A 161 15.04 59.71 6.24
CA VAL A 161 16.14 59.34 5.35
C VAL A 161 15.68 59.41 3.90
N ALA A 162 14.44 58.97 3.66
CA ALA A 162 13.88 58.99 2.32
C ALA A 162 14.00 60.38 1.69
N SER A 163 13.93 61.40 2.53
CA SER A 163 14.04 62.78 2.07
C SER A 163 15.46 63.07 1.59
N HIS A 164 16.44 62.69 2.40
CA HIS A 164 17.84 62.91 2.05
C HIS A 164 18.33 61.85 1.07
N THR A 165 17.97 60.59 1.34
CA THR A 165 18.36 59.49 0.48
C THR A 165 17.19 59.03 -0.38
N PRO A 166 17.14 59.48 -1.64
CA PRO A 166 16.07 59.13 -2.57
C PRO A 166 16.28 57.77 -3.25
N SER A 167 16.80 56.81 -2.48
CA SER A 167 17.05 55.47 -3.00
C SER A 167 16.67 54.42 -1.97
N LEU A 168 15.97 54.84 -0.93
CA LEU A 168 15.56 53.93 0.13
C LEU A 168 14.03 53.91 0.26
N LEU A 169 13.36 54.56 -0.69
CA LEU A 169 11.90 54.62 -0.68
C LEU A 169 11.32 53.28 -0.25
N ARG A 170 11.39 52.30 -1.15
CA ARG A 170 10.88 50.97 -0.86
C ARG A 170 11.07 50.62 0.60
N ASP A 171 12.19 51.04 1.16
CA ASP A 171 12.50 50.79 2.57
C ASP A 171 11.54 51.55 3.49
N VAL A 172 11.57 52.87 3.42
CA VAL A 172 10.70 53.69 4.24
C VAL A 172 9.27 53.16 4.19
N PHE A 173 8.82 52.81 2.99
CA PHE A 173 7.49 52.26 2.82
C PHE A 173 7.29 51.11 3.79
N HIS A 174 8.03 50.03 3.56
CA HIS A 174 7.95 48.87 4.44
C HIS A 174 8.26 49.28 5.88
N THR A 175 9.33 50.07 6.05
CA THR A 175 9.74 50.53 7.38
C THR A 175 8.54 50.72 8.29
N THR A 176 7.86 51.86 8.14
CA THR A 176 6.70 52.16 8.98
C THR A 176 5.63 51.09 8.85
N VAL A 177 5.34 50.69 7.62
CA VAL A 177 4.32 49.71 7.35
C VAL A 177 4.66 48.34 7.95
N ASN A 178 5.91 48.16 8.38
CA ASN A 178 6.33 46.91 8.98
C ASN A 178 6.14 46.95 10.49
N PHE A 179 6.94 47.78 11.16
CA PHE A 179 6.86 47.92 12.61
C PHE A 179 5.40 47.92 13.05
N ILE A 180 4.54 48.60 12.29
CA ILE A 180 3.14 48.67 12.61
C ILE A 180 2.43 47.36 12.30
N ASN A 181 2.61 46.87 11.07
CA ASN A 181 2.00 45.61 10.65
C ASN A 181 2.34 44.49 11.62
N GLN A 182 3.41 44.67 12.38
CA GLN A 182 3.85 43.67 13.35
C GLN A 182 2.91 43.62 14.54
N ASN A 183 2.59 44.78 15.09
CA ASN A 183 1.70 44.87 16.24
C ASN A 183 0.65 45.97 16.04
N LEU A 184 1.04 47.21 16.32
CA LEU A 184 0.14 48.36 16.19
C LEU A 184 -0.83 48.16 15.02
N ARG A 185 -0.27 47.93 13.83
CA ARG A 185 -1.07 47.71 12.64
C ARG A 185 -2.09 48.81 12.43
N THR A 186 -3.21 48.69 13.12
CA THR A 186 -4.28 49.67 13.02
C THR A 186 -3.74 51.09 13.16
N TYR A 187 -2.54 51.21 13.72
CA TYR A 187 -1.93 52.52 13.90
C TYR A 187 -1.86 53.29 12.58
N VAL A 188 -1.27 52.69 11.57
CA VAL A 188 -1.15 53.34 10.27
C VAL A 188 -2.46 53.99 9.87
N ARG A 189 -3.57 53.26 10.08
CA ARG A 189 -4.87 53.80 9.75
C ARG A 189 -4.96 55.21 10.31
N SER A 190 -4.26 55.41 11.42
CA SER A 190 -4.20 56.71 12.07
C SER A 190 -3.33 57.65 11.25
N LEU A 191 -2.20 57.13 10.76
CA LEU A 191 -1.30 57.94 9.94
C LEU A 191 -2.11 58.79 8.97
N ALA A 192 -3.10 58.16 8.36
CA ALA A 192 -3.96 58.85 7.41
C ALA A 192 -5.08 59.61 8.13
N ARG A 193 -5.59 59.02 9.20
CA ARG A 193 -6.66 59.63 9.98
C ARG A 193 -6.30 61.06 10.38
N ASN A 194 -5.02 61.28 10.69
CA ASN A 194 -4.56 62.60 11.09
C ASN A 194 -3.43 63.08 10.17
N GLY A 195 -3.00 62.21 9.26
CA GLY A 195 -1.94 62.57 8.35
C GLY A 195 -0.55 62.23 8.89
N MET A 196 -0.36 62.50 10.17
CA MET A 196 0.93 62.21 10.81
C MET A 196 0.76 61.27 12.00
N ASP A 197 0.18 61.78 13.08
CA ASP A 197 -0.03 60.98 14.28
C ASP A 197 -0.56 59.59 13.92
#